data_3SLD
#
_entry.id   3SLD
#
_cell.length_a   244.537
_cell.length_b   341.456
_cell.length_c   124.772
_cell.angle_alpha   90.00
_cell.angle_beta   90.00
_cell.angle_gamma   90.00
#
_symmetry.space_group_name_H-M   'C 2 2 21'
#
loop_
_entity.id
_entity.type
_entity.pdbx_description
1 polymer Capsid
2 branched alpha-L-fucopyranose-(1-2)-[2-acetamido-2-deoxy-alpha-D-galactopyranose-(1-3)]beta-D-galactopyranose
3 water water
#
_entity_poly.entity_id   1
_entity_poly.type   'polypeptide(L)'
_entity_poly.pdbx_seq_one_letter_code
;ESRTKPFTVPILTVEEMTNSRFPIPLEKLFTGPSSAFVVQPQNGRCTTDGALLGTTQLSPVDICTFRGDVTHIAGTQNYT
MNLASQNWNNYDPTEEIPAPLGTPDFVGKIQGVLTQTTRRDGSTRGHKATVSTGSVHFTPKLGSVQFSTDTSNDFETGQN
TRFTPVGVVQDGSTTHQNEPQQWVLPDYSGRDSHNVHLAPAVAPTFPGEQLLFFRSTMPGCSGYPNMNLDCLLPQEWVQH
FYQESAPAQSDVALLRFVNPDTGRVLFECKLHKSGYVTVAHTGQHDLVIPPNGYFRFDSWVNQFYTLAPMG
;
_entity_poly.pdbx_strand_id   A,B,C,D,E,F,G,H,I,J
#
loop_
_chem_comp.id
_chem_comp.type
_chem_comp.name
_chem_comp.formula
A2G D-saccharide, alpha linking 2-acetamido-2-deoxy-alpha-D-galactopyranose 'C8 H15 N O6'
FUC L-saccharide, alpha linking alpha-L-fucopyranose 'C6 H12 O5'
GAL D-saccharide, beta linking beta-D-galactopyranose 'C6 H12 O6'
#
# COMPACT_ATOMS: atom_id res chain seq x y z
N ARG A 3 28.66 20.86 -29.81
CA ARG A 3 29.24 19.51 -29.67
C ARG A 3 28.87 19.01 -28.25
N THR A 4 29.65 18.12 -27.69
CA THR A 4 29.29 17.55 -26.40
C THR A 4 29.73 18.51 -25.26
N LYS A 5 29.08 18.41 -24.12
CA LYS A 5 29.42 19.28 -23.00
C LYS A 5 30.94 19.20 -22.63
N PRO A 6 31.68 20.34 -22.71
CA PRO A 6 33.16 20.23 -22.53
C PRO A 6 33.61 19.82 -21.11
N PHE A 7 34.61 18.94 -21.04
CA PHE A 7 35.04 18.39 -19.79
C PHE A 7 36.02 19.40 -19.10
N THR A 8 36.00 19.39 -17.76
CA THR A 8 36.86 20.26 -16.97
C THR A 8 37.14 19.65 -15.59
N VAL A 9 38.28 20.08 -14.99
CA VAL A 9 38.53 19.77 -13.55
C VAL A 9 38.41 21.08 -12.88
N PRO A 10 38.04 21.12 -11.60
CA PRO A 10 37.95 22.37 -10.81
C PRO A 10 39.24 23.20 -10.90
N ILE A 11 39.16 24.50 -10.84
CA ILE A 11 40.39 25.27 -10.81
C ILE A 11 40.64 25.42 -9.35
N LEU A 12 41.39 24.57 -8.72
CA LEU A 12 41.58 24.68 -7.26
C LEU A 12 42.99 24.19 -6.95
N THR A 13 43.74 24.86 -6.10
CA THR A 13 45.08 24.37 -5.79
C THR A 13 44.89 23.10 -4.98
N VAL A 14 45.95 22.31 -4.90
CA VAL A 14 45.95 21.14 -4.05
C VAL A 14 45.53 21.49 -2.60
N GLU A 15 46.08 22.57 -2.02
CA GLU A 15 45.76 22.93 -0.59
C GLU A 15 44.34 23.45 -0.37
N GLU A 16 43.63 23.82 -1.42
CA GLU A 16 42.27 24.24 -1.24
C GLU A 16 41.35 23.06 -1.32
N MET A 17 41.85 21.85 -1.52
CA MET A 17 40.99 20.70 -1.73
C MET A 17 40.99 19.68 -0.56
N THR A 18 40.10 18.70 -0.64
CA THR A 18 39.86 17.84 0.51
C THR A 18 40.18 16.39 0.19
N ASN A 19 40.71 15.65 1.14
CA ASN A 19 40.99 14.23 0.89
C ASN A 19 39.68 13.50 0.71
N SER A 20 39.55 12.63 -0.27
CA SER A 20 38.25 11.95 -0.45
C SER A 20 38.06 10.70 0.42
N ARG A 21 39.08 10.34 1.21
CA ARG A 21 39.04 9.08 1.99
C ARG A 21 39.07 9.37 3.45
N PHE A 22 39.24 10.62 3.84
CA PHE A 22 39.08 10.92 5.27
C PHE A 22 38.90 12.45 5.31
N PRO A 23 38.05 12.96 6.19
CA PRO A 23 37.67 14.36 6.11
C PRO A 23 38.79 15.31 6.63
N ILE A 24 39.84 15.51 5.84
CA ILE A 24 40.83 16.53 6.14
C ILE A 24 41.33 17.03 4.80
N PRO A 25 42.06 18.15 4.80
CA PRO A 25 42.48 18.80 3.52
C PRO A 25 43.57 18.00 2.84
N LEU A 26 43.73 18.09 1.52
CA LEU A 26 44.92 17.51 0.87
C LEU A 26 46.12 18.35 1.30
N GLU A 27 47.32 17.78 1.37
CA GLU A 27 48.52 18.56 1.63
C GLU A 27 49.49 18.55 0.44
N LYS A 28 49.57 17.45 -0.31
CA LYS A 28 50.63 17.32 -1.29
C LYS A 28 50.37 16.27 -2.38
N LEU A 29 51.24 16.24 -3.39
CA LEU A 29 51.15 15.24 -4.44
C LEU A 29 52.32 14.26 -4.30
N PHE A 30 52.05 12.97 -4.40
CA PHE A 30 53.08 11.99 -4.20
C PHE A 30 52.95 10.98 -5.29
N THR A 31 54.06 10.47 -5.81
CA THR A 31 54.01 9.32 -6.75
C THR A 31 55.02 8.23 -6.31
N GLY A 32 54.74 6.99 -6.67
CA GLY A 32 55.65 5.90 -6.37
C GLY A 32 55.18 4.64 -7.09
N PRO A 33 56.06 3.68 -7.19
CA PRO A 33 55.64 2.44 -7.85
C PRO A 33 54.58 1.75 -6.99
N SER A 34 53.60 1.06 -7.58
CA SER A 34 52.56 0.42 -6.81
C SER A 34 52.31 -1.05 -7.13
N SER A 35 53.28 -1.78 -7.59
CA SER A 35 52.97 -3.21 -7.86
C SER A 35 53.06 -4.10 -6.62
N ALA A 36 53.62 -3.54 -5.57
CA ALA A 36 53.80 -4.29 -4.32
C ALA A 36 52.61 -4.12 -3.39
N PHE A 37 51.57 -3.38 -3.81
CA PHE A 37 50.38 -3.32 -3.00
C PHE A 37 49.16 -3.14 -3.88
N VAL A 38 47.99 -3.28 -3.28
CA VAL A 38 46.76 -3.30 -4.05
C VAL A 38 46.07 -1.95 -3.90
N VAL A 39 45.93 -1.23 -5.01
CA VAL A 39 45.33 0.08 -4.94
C VAL A 39 43.88 -0.06 -5.36
N GLN A 40 43.05 -0.31 -4.37
CA GLN A 40 41.64 -0.50 -4.60
C GLN A 40 40.76 0.27 -3.55
N PRO A 41 41.04 1.54 -3.31
CA PRO A 41 40.20 2.27 -2.35
C PRO A 41 38.77 2.35 -2.83
N GLN A 42 37.83 2.49 -1.91
CA GLN A 42 36.45 2.53 -2.36
C GLN A 42 35.78 3.92 -2.21
N ASN A 43 36.42 4.79 -1.42
CA ASN A 43 36.02 6.20 -1.34
C ASN A 43 36.85 7.04 -2.37
N GLY A 44 36.32 8.16 -2.86
CA GLY A 44 37.09 8.92 -3.78
C GLY A 44 37.16 8.23 -5.14
N ARG A 45 36.09 7.50 -5.49
CA ARG A 45 36.00 6.81 -6.76
C ARG A 45 34.81 7.27 -7.57
N CYS A 46 35.10 7.77 -8.78
CA CYS A 46 34.15 8.44 -9.63
C CYS A 46 34.71 8.45 -11.05
N THR A 47 33.92 8.15 -12.07
CA THR A 47 34.38 8.29 -13.45
C THR A 47 34.40 9.76 -13.83
N THR A 48 35.18 10.13 -14.83
CA THR A 48 35.22 11.50 -15.28
C THR A 48 33.85 11.97 -15.80
N ASP A 49 32.90 11.08 -16.08
CA ASP A 49 31.63 11.58 -16.52
C ASP A 49 30.60 11.52 -15.40
N GLY A 50 31.03 11.19 -14.22
CA GLY A 50 30.19 11.50 -13.13
C GLY A 50 29.54 10.34 -12.44
N ALA A 51 29.91 9.11 -12.76
CA ALA A 51 29.32 7.95 -12.03
C ALA A 51 30.09 7.72 -10.75
N LEU A 52 29.44 7.74 -9.60
CA LEU A 52 30.11 7.37 -8.36
C LEU A 52 30.36 5.84 -8.31
N LEU A 53 31.45 5.36 -7.73
CA LEU A 53 31.68 3.94 -7.60
C LEU A 53 32.02 3.58 -6.17
N GLY A 54 32.00 2.28 -5.86
CA GLY A 54 32.43 1.78 -4.56
C GLY A 54 31.51 2.28 -3.45
N THR A 55 32.04 2.94 -2.42
CA THR A 55 31.20 3.42 -1.36
C THR A 55 31.29 4.93 -1.35
N THR A 56 31.57 5.50 -2.53
CA THR A 56 31.79 6.95 -2.63
C THR A 56 30.52 7.79 -2.61
N GLN A 57 30.50 8.89 -1.86
CA GLN A 57 29.31 9.77 -1.84
C GLN A 57 29.74 11.24 -1.90
N LEU A 58 28.84 12.21 -1.79
CA LEU A 58 29.22 13.61 -2.08
C LEU A 58 29.82 14.36 -0.92
N SER A 59 29.41 14.03 0.29
CA SER A 59 29.77 14.79 1.47
C SER A 59 31.22 14.60 1.82
N PRO A 60 31.93 15.73 1.91
CA PRO A 60 33.31 15.75 2.35
C PRO A 60 33.36 15.54 3.84
N VAL A 61 32.27 15.79 4.60
CA VAL A 61 32.42 15.61 6.05
C VAL A 61 31.91 14.29 6.55
N ASP A 62 30.91 13.73 5.90
CA ASP A 62 30.48 12.40 6.27
C ASP A 62 31.33 11.29 5.76
N ILE A 63 32.64 11.34 5.86
CA ILE A 63 33.44 10.19 5.46
C ILE A 63 33.99 9.54 6.76
N CYS A 64 33.94 8.23 6.91
CA CYS A 64 34.30 7.65 8.18
C CYS A 64 33.46 8.14 9.35
N THR A 65 32.23 8.60 9.11
CA THR A 65 31.28 8.80 10.18
C THR A 65 30.38 7.57 10.32
N PHE A 66 29.58 7.49 11.38
CA PHE A 66 28.62 6.38 11.65
C PHE A 66 27.47 6.95 12.49
N ARG A 67 26.26 6.49 12.22
CA ARG A 67 25.08 6.89 12.98
C ARG A 67 24.23 5.65 13.25
N GLY A 68 23.60 5.61 14.41
CA GLY A 68 22.72 4.51 14.76
C GLY A 68 22.34 4.48 16.23
N ASP A 69 21.93 3.33 16.73
CA ASP A 69 21.62 3.22 18.13
C ASP A 69 22.63 2.28 18.74
N VAL A 70 23.02 2.51 19.98
CA VAL A 70 24.04 1.71 20.53
C VAL A 70 23.45 0.81 21.61
N THR A 71 24.18 -0.25 21.94
CA THR A 71 23.79 -1.27 22.89
C THR A 71 25.04 -1.63 23.64
N HIS A 72 25.02 -1.58 24.95
CA HIS A 72 26.22 -1.85 25.69
C HIS A 72 26.54 -3.31 25.57
N ILE A 73 27.82 -3.67 25.57
CA ILE A 73 28.20 -5.06 25.68
C ILE A 73 28.61 -5.35 27.14
N ALA A 74 27.77 -6.13 27.82
CA ALA A 74 27.92 -6.33 29.27
C ALA A 74 29.34 -6.78 29.63
N GLY A 75 29.90 -6.23 30.71
CA GLY A 75 31.24 -6.56 31.16
C GLY A 75 32.42 -5.97 30.40
N THR A 76 32.19 -4.97 29.54
CA THR A 76 33.26 -4.38 28.79
C THR A 76 33.03 -2.90 28.71
N GLN A 77 33.95 -2.21 28.06
CA GLN A 77 33.71 -0.82 27.71
C GLN A 77 33.39 -0.58 26.22
N ASN A 78 32.68 -1.52 25.61
CA ASN A 78 32.36 -1.42 24.17
C ASN A 78 30.88 -1.39 23.86
N TYR A 79 30.54 -0.85 22.72
CA TYR A 79 29.18 -0.76 22.34
C TYR A 79 29.02 -1.27 20.91
N THR A 80 27.89 -1.93 20.65
CA THR A 80 27.52 -2.26 19.29
C THR A 80 26.64 -1.18 18.71
N MET A 81 26.93 -0.68 17.52
CA MET A 81 26.05 0.27 16.93
C MET A 81 25.32 -0.40 15.77
N ASN A 82 24.00 -0.38 15.74
CA ASN A 82 23.25 -0.71 14.53
C ASN A 82 23.13 0.48 13.66
N LEU A 83 23.76 0.37 12.48
CA LEU A 83 23.86 1.49 11.54
C LEU A 83 22.50 1.96 11.00
N ALA A 84 22.33 3.24 10.84
CA ALA A 84 21.16 3.83 10.22
C ALA A 84 21.80 4.57 9.07
N SER A 85 20.99 5.07 8.15
CA SER A 85 21.45 5.82 7.02
C SER A 85 21.82 7.23 7.34
N GLN A 86 22.43 7.90 6.38
CA GLN A 86 22.95 9.24 6.49
C GLN A 86 21.84 10.18 6.97
N ASN A 87 20.60 9.84 6.69
CA ASN A 87 19.44 10.61 7.15
C ASN A 87 18.64 9.99 8.27
N TRP A 88 19.19 9.00 8.95
CA TRP A 88 18.51 8.34 10.06
C TRP A 88 17.52 7.29 9.64
N ASN A 89 17.40 7.07 8.34
CA ASN A 89 16.63 5.90 7.82
C ASN A 89 17.29 4.56 8.12
N ASN A 90 16.56 3.48 7.88
CA ASN A 90 17.24 2.19 7.98
C ASN A 90 18.23 1.95 6.87
N TYR A 91 19.33 1.32 7.26
CA TYR A 91 20.30 0.93 6.28
C TYR A 91 19.86 -0.40 5.70
N ASP A 92 19.88 -0.49 4.38
CA ASP A 92 19.60 -1.72 3.66
C ASP A 92 20.82 -2.54 3.27
N PRO A 93 20.99 -3.74 3.87
CA PRO A 93 22.16 -4.57 3.53
C PRO A 93 22.09 -5.13 2.11
N THR A 94 20.93 -5.07 1.48
CA THR A 94 20.76 -5.71 0.17
C THR A 94 20.99 -4.72 -0.97
N GLU A 95 21.20 -3.44 -0.66
CA GLU A 95 21.59 -2.52 -1.72
C GLU A 95 22.94 -2.96 -2.33
N GLU A 96 23.14 -2.69 -3.61
CA GLU A 96 24.29 -3.30 -4.24
C GLU A 96 25.54 -2.44 -4.16
N ILE A 97 26.04 -2.26 -2.93
CA ILE A 97 27.25 -1.51 -2.67
C ILE A 97 28.02 -2.34 -1.66
N PRO A 98 29.31 -2.03 -1.50
CA PRO A 98 30.17 -2.89 -0.63
C PRO A 98 29.80 -2.72 0.82
N ALA A 99 29.25 -1.56 1.13
CA ALA A 99 29.08 -1.12 2.52
C ALA A 99 28.36 0.22 2.47
N PRO A 100 27.81 0.70 3.58
CA PRO A 100 27.22 2.06 3.55
C PRO A 100 28.17 3.05 2.92
N LEU A 101 27.67 3.94 2.06
CA LEU A 101 28.52 4.96 1.50
C LEU A 101 29.27 5.72 2.60
N GLY A 102 30.51 6.10 2.33
CA GLY A 102 31.35 6.71 3.34
C GLY A 102 32.03 5.75 4.29
N THR A 103 31.73 4.46 4.26
CA THR A 103 32.42 3.58 5.18
C THR A 103 33.99 3.68 5.04
N PRO A 104 34.69 3.66 6.15
CA PRO A 104 36.15 3.71 5.93
C PRO A 104 36.63 2.55 5.04
N ASP A 105 37.63 2.83 4.20
CA ASP A 105 38.12 1.87 3.23
C ASP A 105 39.55 1.45 3.46
N PHE A 106 40.03 1.44 4.70
CA PHE A 106 41.35 0.91 4.99
C PHE A 106 41.23 0.16 6.33
N VAL A 107 42.18 -0.73 6.62
CA VAL A 107 42.25 -1.37 7.90
C VAL A 107 43.09 -0.50 8.85
N GLY A 108 42.50 -0.16 10.00
CA GLY A 108 43.15 0.74 10.93
C GLY A 108 42.25 0.95 12.12
N LYS A 109 42.77 1.57 13.16
CA LYS A 109 42.00 1.93 14.33
C LYS A 109 41.79 3.45 14.33
N ILE A 110 40.52 3.83 14.23
CA ILE A 110 40.17 5.22 14.00
C ILE A 110 39.59 5.73 15.30
N GLN A 111 40.18 6.79 15.82
CA GLN A 111 39.69 7.29 17.04
C GLN A 111 38.81 8.49 16.75
N GLY A 112 37.73 8.62 17.53
CA GLY A 112 36.81 9.72 17.36
C GLY A 112 35.86 9.71 18.53
N VAL A 113 34.79 10.49 18.47
CA VAL A 113 33.95 10.78 19.63
C VAL A 113 32.54 10.29 19.35
N LEU A 114 32.01 9.53 20.26
CA LEU A 114 30.65 9.10 20.10
C LEU A 114 29.71 10.13 20.85
N THR A 115 28.70 10.70 20.19
CA THR A 115 27.78 11.60 20.88
C THR A 115 26.31 11.14 20.86
N GLN A 116 25.47 11.70 21.72
CA GLN A 116 24.08 11.21 21.79
C GLN A 116 23.22 12.26 22.43
N THR A 117 22.04 12.47 21.87
CA THR A 117 21.03 13.29 22.47
C THR A 117 19.92 12.35 22.92
N THR A 118 19.32 12.60 24.07
CA THR A 118 18.22 11.80 24.47
C THR A 118 16.97 12.44 23.93
N ARG A 119 16.13 11.72 23.21
CA ARG A 119 14.97 12.41 22.67
C ARG A 119 13.94 13.08 23.64
N ARG A 120 13.54 12.46 24.74
CA ARG A 120 12.53 13.07 25.58
C ARG A 120 12.91 14.38 26.25
N ASP A 121 14.20 14.68 26.38
CA ASP A 121 14.56 15.89 27.07
C ASP A 121 15.64 16.79 26.40
N GLY A 122 16.34 16.26 25.41
CA GLY A 122 17.38 17.00 24.73
C GLY A 122 18.77 16.94 25.37
N SER A 123 18.90 16.07 26.35
CA SER A 123 20.14 15.80 27.06
C SER A 123 21.18 15.15 26.19
N THR A 124 22.42 15.48 26.47
CA THR A 124 23.51 15.22 25.61
C THR A 124 24.71 14.59 26.27
N ARG A 125 25.39 13.71 25.57
CA ARG A 125 26.58 13.09 26.07
C ARG A 125 27.61 12.81 24.97
N GLY A 126 28.89 12.87 25.31
CA GLY A 126 29.95 12.63 24.36
C GLY A 126 31.14 11.94 25.01
N HIS A 127 31.71 10.95 24.32
CA HIS A 127 32.79 10.16 24.85
C HIS A 127 33.76 9.70 23.78
N LYS A 128 35.03 9.67 24.15
CA LYS A 128 36.06 9.12 23.32
C LYS A 128 35.74 7.67 22.88
N ALA A 129 35.92 7.38 21.59
CA ALA A 129 35.60 6.05 21.13
C ALA A 129 36.54 5.64 19.96
N THR A 130 36.90 4.36 19.88
CA THR A 130 37.69 3.87 18.72
C THR A 130 36.93 2.81 17.96
N VAL A 131 37.05 2.82 16.65
CA VAL A 131 36.48 1.73 15.86
C VAL A 131 37.65 1.10 15.15
N SER A 132 37.74 -0.22 15.28
CA SER A 132 38.80 -1.00 14.72
C SER A 132 38.31 -1.79 13.48
N THR A 133 38.77 -1.36 12.31
CA THR A 133 38.14 -1.79 11.09
C THR A 133 38.60 -3.16 10.62
N GLY A 134 39.63 -3.73 11.22
CA GLY A 134 40.09 -5.05 10.81
C GLY A 134 39.55 -6.02 11.85
N SER A 135 38.84 -5.47 12.81
CA SER A 135 38.27 -6.29 13.81
C SER A 135 37.16 -7.16 13.23
N VAL A 136 37.08 -8.32 13.83
CA VAL A 136 36.08 -9.30 13.53
C VAL A 136 34.64 -8.73 13.72
N HIS A 137 34.48 -7.69 14.53
CA HIS A 137 33.15 -7.08 14.69
C HIS A 137 32.92 -5.87 13.81
N PHE A 138 33.83 -5.55 12.92
CA PHE A 138 33.55 -4.54 11.95
C PHE A 138 32.77 -5.17 10.85
N THR A 139 31.46 -5.06 10.86
CA THR A 139 30.62 -5.67 9.81
C THR A 139 29.60 -4.67 9.28
N PRO A 140 30.10 -3.53 8.81
CA PRO A 140 29.21 -2.50 8.28
C PRO A 140 28.25 -3.02 7.24
N LYS A 141 28.68 -3.89 6.35
CA LYS A 141 27.79 -4.36 5.32
C LYS A 141 26.60 -5.15 5.88
N LEU A 142 26.74 -5.79 7.07
CA LEU A 142 25.62 -6.46 7.75
C LEU A 142 24.82 -5.50 8.60
N GLY A 143 25.33 -4.27 8.83
CA GLY A 143 24.53 -3.22 9.45
C GLY A 143 24.97 -2.90 10.87
N SER A 144 26.16 -3.32 11.25
CA SER A 144 26.55 -3.34 12.62
C SER A 144 28.06 -3.05 12.74
N VAL A 145 28.49 -2.30 13.72
CA VAL A 145 29.87 -2.01 13.89
C VAL A 145 30.11 -1.89 15.40
N GLN A 146 31.35 -2.03 15.82
CA GLN A 146 31.56 -1.95 17.25
C GLN A 146 32.64 -0.97 17.74
N PHE A 147 32.34 -0.23 18.82
CA PHE A 147 33.20 0.85 19.33
C PHE A 147 33.72 0.53 20.67
N SER A 148 34.98 0.81 20.91
CA SER A 148 35.43 0.69 22.26
C SER A 148 35.55 2.11 22.83
N THR A 149 35.07 2.30 24.05
CA THR A 149 34.99 3.62 24.64
C THR A 149 35.64 3.67 25.99
N ASP A 150 35.55 4.84 26.61
CA ASP A 150 36.00 4.98 27.99
C ASP A 150 34.83 5.08 29.00
N THR A 151 33.68 4.51 28.66
CA THR A 151 32.57 4.48 29.61
C THR A 151 31.85 3.14 29.59
N SER A 152 31.18 3.01 30.62
CA SER A 152 30.42 1.77 30.71
C SER A 152 28.96 1.94 31.02
N ASN A 153 28.54 3.13 31.41
CA ASN A 153 27.16 3.28 31.74
C ASN A 153 26.49 4.47 31.13
N ASP A 154 27.26 5.35 30.51
CA ASP A 154 26.68 6.58 29.98
C ASP A 154 25.73 6.60 28.81
N PHE A 155 26.01 5.87 27.75
CA PHE A 155 25.16 5.90 26.58
C PHE A 155 23.84 5.20 26.78
N GLU A 156 22.77 5.67 26.19
CA GLU A 156 21.46 5.12 26.39
C GLU A 156 21.04 4.30 25.20
N THR A 157 20.09 3.16 25.42
CA THR A 157 19.62 2.42 24.27
C THR A 157 18.51 3.22 23.63
N GLY A 158 18.25 2.93 22.36
CA GLY A 158 17.21 3.56 21.59
C GLY A 158 17.36 5.04 21.29
N GLN A 159 18.56 5.60 21.41
CA GLN A 159 18.73 7.02 21.16
C GLN A 159 19.65 7.29 20.00
N ASN A 160 19.36 8.30 19.20
CA ASN A 160 20.29 8.69 18.16
C ASN A 160 21.72 8.91 18.62
N THR A 161 22.68 8.09 18.12
CA THR A 161 24.14 8.19 18.42
C THR A 161 25.00 8.34 17.19
N ARG A 162 26.08 9.14 17.26
CA ARG A 162 26.83 9.55 16.08
C ARG A 162 28.32 9.41 16.38
N PHE A 163 29.13 8.93 15.45
CA PHE A 163 30.55 8.92 15.69
C PHE A 163 31.20 10.00 14.81
N THR A 164 32.04 10.86 15.41
CA THR A 164 32.79 11.81 14.59
C THR A 164 34.22 11.35 14.51
N PRO A 165 34.78 11.11 13.30
CA PRO A 165 36.17 10.64 13.29
C PRO A 165 37.18 11.75 13.64
N VAL A 166 38.28 11.43 14.31
CA VAL A 166 39.31 12.44 14.50
C VAL A 166 40.63 12.05 13.86
N GLY A 167 41.18 10.90 14.22
CA GLY A 167 42.45 10.47 13.61
C GLY A 167 42.68 9.01 13.87
N VAL A 168 43.94 8.60 13.84
CA VAL A 168 44.29 7.18 13.94
C VAL A 168 45.36 6.90 14.98
N VAL A 169 45.52 5.63 15.33
CA VAL A 169 46.13 5.20 16.57
C VAL A 169 47.00 3.99 16.22
N GLN A 170 48.15 3.78 16.86
CA GLN A 170 48.82 2.51 16.71
C GLN A 170 49.47 2.15 18.00
N ASP A 171 49.69 0.85 18.22
CA ASP A 171 50.20 0.40 19.51
C ASP A 171 51.75 0.47 19.69
N GLY A 172 52.20 1.39 20.54
CA GLY A 172 53.55 1.92 20.51
C GLY A 172 54.67 0.95 20.81
N SER A 173 54.29 -0.14 21.46
CA SER A 173 55.22 -1.20 21.84
C SER A 173 55.39 -2.22 20.71
N THR A 174 54.88 -1.91 19.52
CA THR A 174 55.10 -2.79 18.37
C THR A 174 55.79 -1.93 17.33
N THR A 175 55.99 -2.47 16.14
CA THR A 175 56.71 -1.77 15.07
C THR A 175 56.04 -0.45 14.66
N HIS A 176 56.81 0.63 14.85
CA HIS A 176 56.41 1.92 14.33
C HIS A 176 55.83 1.87 12.90
N GLN A 177 54.72 2.59 12.71
CA GLN A 177 54.04 2.76 11.43
C GLN A 177 53.51 1.50 10.80
N ASN A 178 53.28 0.46 11.62
CA ASN A 178 52.65 -0.76 11.15
C ASN A 178 51.13 -0.67 10.99
N GLU A 179 50.53 0.46 11.32
CA GLU A 179 49.11 0.62 11.07
C GLU A 179 48.82 2.11 11.21
N PRO A 180 47.77 2.59 10.53
CA PRO A 180 46.87 1.81 9.66
C PRO A 180 47.52 1.31 8.37
N GLN A 181 46.78 0.47 7.65
CA GLN A 181 47.24 -0.07 6.37
C GLN A 181 46.28 0.43 5.32
N GLN A 182 46.67 1.56 4.75
CA GLN A 182 45.78 2.31 3.88
C GLN A 182 45.42 1.53 2.61
N TRP A 183 46.23 0.53 2.23
CA TRP A 183 45.94 -0.25 1.04
C TRP A 183 45.40 -1.68 1.30
N VAL A 184 44.85 -1.96 2.46
CA VAL A 184 44.12 -3.15 2.60
C VAL A 184 42.65 -2.80 2.96
N LEU A 185 41.68 -3.22 2.14
CA LEU A 185 40.25 -3.04 2.47
C LEU A 185 39.89 -3.90 3.66
N PRO A 186 38.95 -3.45 4.51
CA PRO A 186 38.42 -4.23 5.62
C PRO A 186 37.55 -5.31 5.02
N ASP A 187 37.16 -6.30 5.82
CA ASP A 187 36.10 -7.20 5.40
C ASP A 187 34.74 -6.61 5.78
N TYR A 188 34.06 -6.00 4.82
CA TYR A 188 32.85 -5.31 5.09
C TYR A 188 31.79 -6.14 5.79
N SER A 189 31.91 -7.47 5.74
CA SER A 189 30.91 -8.39 6.31
C SER A 189 31.52 -9.32 7.33
N GLY A 190 32.77 -9.11 7.65
CA GLY A 190 33.47 -9.95 8.59
C GLY A 190 34.27 -11.09 7.97
N ARG A 191 34.90 -11.85 8.88
CA ARG A 191 35.64 -13.07 8.59
C ARG A 191 34.94 -14.02 7.66
N ASP A 192 35.70 -14.56 6.71
CA ASP A 192 35.13 -15.55 5.80
C ASP A 192 33.80 -15.06 5.17
N SER A 193 33.98 -14.03 4.31
CA SER A 193 32.91 -13.50 3.52
C SER A 193 33.56 -12.56 2.55
N HIS A 194 33.03 -12.44 1.34
CA HIS A 194 33.75 -11.77 0.32
C HIS A 194 33.16 -10.42 0.26
N ASN A 195 34.00 -9.39 0.09
CA ASN A 195 33.48 -8.07 -0.24
C ASN A 195 32.79 -8.12 -1.60
N VAL A 196 31.74 -7.34 -1.82
CA VAL A 196 31.04 -7.33 -3.10
C VAL A 196 30.93 -5.90 -3.70
N HIS A 197 30.74 -5.84 -5.02
CA HIS A 197 30.50 -4.60 -5.70
C HIS A 197 31.58 -3.56 -5.52
N LEU A 198 32.82 -3.99 -5.37
CA LEU A 198 33.94 -3.07 -5.22
C LEU A 198 34.23 -2.24 -6.45
N ALA A 199 34.66 -1.01 -6.29
CA ALA A 199 35.28 -0.30 -7.40
C ALA A 199 36.61 -1.05 -7.76
N PRO A 200 36.94 -1.12 -9.08
CA PRO A 200 38.05 -1.93 -9.59
C PRO A 200 39.35 -1.46 -9.00
N ALA A 201 40.26 -2.38 -8.69
CA ALA A 201 41.64 -2.04 -8.39
C ALA A 201 42.23 -1.32 -9.64
N VAL A 202 43.22 -0.43 -9.43
CA VAL A 202 43.70 0.31 -10.54
C VAL A 202 45.19 0.16 -10.57
N ALA A 203 45.79 0.47 -11.73
CA ALA A 203 47.26 0.31 -11.96
C ALA A 203 47.75 1.10 -13.19
N PRO A 204 49.04 1.55 -13.18
CA PRO A 204 49.62 2.16 -14.41
C PRO A 204 49.53 1.14 -15.50
N THR A 205 49.34 1.49 -16.74
CA THR A 205 49.31 0.43 -17.71
C THR A 205 50.08 0.95 -18.92
N PHE A 206 51.16 1.69 -18.68
CA PHE A 206 51.94 2.23 -19.75
C PHE A 206 53.38 2.30 -19.26
N PRO A 207 54.39 1.97 -20.09
CA PRO A 207 55.78 1.97 -19.61
C PRO A 207 56.22 3.33 -19.11
N GLY A 208 56.91 3.42 -17.98
CA GLY A 208 57.39 4.71 -17.52
C GLY A 208 56.44 5.36 -16.54
N GLU A 209 55.20 4.86 -16.45
CA GLU A 209 54.16 5.53 -15.71
C GLU A 209 53.87 4.99 -14.33
N GLN A 210 53.51 5.91 -13.43
CA GLN A 210 53.16 5.62 -12.05
C GLN A 210 51.85 6.36 -11.70
N LEU A 211 51.10 5.81 -10.75
CA LEU A 211 49.94 6.49 -10.24
C LEU A 211 50.36 7.86 -9.66
N LEU A 212 49.47 8.86 -9.67
CA LEU A 212 49.72 10.07 -8.92
C LEU A 212 48.75 10.15 -7.77
N PHE A 213 49.20 10.36 -6.56
CA PHE A 213 48.29 10.29 -5.45
C PHE A 213 48.07 11.69 -4.87
N PHE A 214 46.85 11.94 -4.46
CA PHE A 214 46.62 13.12 -3.67
C PHE A 214 46.69 12.76 -2.18
N ARG A 215 47.68 13.33 -1.48
CA ARG A 215 48.11 12.86 -0.18
C ARG A 215 47.76 13.81 0.95
N SER A 216 47.26 13.23 2.05
CA SER A 216 47.12 13.99 3.29
C SER A 216 47.88 13.28 4.38
N THR A 217 48.09 13.99 5.47
CA THR A 217 48.49 13.36 6.70
C THR A 217 47.35 13.20 7.74
N MET A 218 46.94 11.97 8.03
CA MET A 218 45.98 11.80 9.13
C MET A 218 46.50 12.28 10.51
N PRO A 219 45.61 12.94 11.30
CA PRO A 219 46.00 13.23 12.73
C PRO A 219 46.26 11.94 13.45
N GLY A 220 47.22 11.92 14.33
CA GLY A 220 47.51 10.76 15.11
C GLY A 220 47.13 11.03 16.54
N CYS A 221 46.46 10.09 17.12
CA CYS A 221 45.97 10.22 18.45
C CYS A 221 46.75 9.48 19.49
N SER A 222 47.48 8.47 19.11
CA SER A 222 48.28 7.78 20.05
C SER A 222 49.24 6.91 19.30
N GLY A 223 50.43 6.70 19.79
CA GLY A 223 51.34 5.82 19.11
C GLY A 223 52.20 6.35 18.01
N TYR A 224 52.62 5.46 17.14
CA TYR A 224 53.43 5.86 15.99
C TYR A 224 52.77 5.33 14.72
N PRO A 225 51.57 5.83 14.40
CA PRO A 225 50.78 5.30 13.31
C PRO A 225 51.37 5.75 12.01
N ASN A 226 51.11 5.04 10.94
CA ASN A 226 51.41 5.55 9.62
C ASN A 226 50.30 6.50 9.22
N MET A 227 50.64 7.76 9.22
CA MET A 227 49.65 8.82 8.92
C MET A 227 49.33 9.14 7.45
N ASN A 228 50.11 8.57 6.50
CA ASN A 228 49.89 8.84 5.08
C ASN A 228 48.53 8.40 4.56
N LEU A 229 47.83 9.25 3.81
CA LEU A 229 46.57 8.77 3.21
C LEU A 229 46.50 9.27 1.79
N ASP A 230 46.61 8.36 0.81
CA ASP A 230 46.60 8.73 -0.57
C ASP A 230 45.22 8.52 -1.19
N CYS A 231 44.69 9.54 -1.85
CA CYS A 231 43.46 9.24 -2.57
C CYS A 231 43.70 9.41 -4.06
N LEU A 232 42.79 8.88 -4.89
CA LEU A 232 42.96 8.91 -6.33
C LEU A 232 42.32 10.14 -6.98
N LEU A 233 41.38 10.77 -6.29
CA LEU A 233 40.73 11.96 -6.80
C LEU A 233 40.43 12.82 -5.60
N PRO A 234 40.66 14.10 -5.71
CA PRO A 234 40.25 14.96 -4.60
C PRO A 234 38.72 14.83 -4.43
N GLN A 235 38.17 15.00 -3.22
CA GLN A 235 36.72 15.01 -3.07
C GLN A 235 36.10 16.05 -3.98
N GLU A 236 36.75 17.20 -4.09
CA GLU A 236 36.18 18.24 -4.94
C GLU A 236 36.07 17.81 -6.40
N TRP A 237 36.90 16.85 -6.86
CA TRP A 237 36.82 16.39 -8.24
C TRP A 237 35.62 15.46 -8.42
N VAL A 238 35.50 14.50 -7.50
CA VAL A 238 34.31 13.73 -7.48
C VAL A 238 33.09 14.65 -7.54
N GLN A 239 33.02 15.61 -6.63
CA GLN A 239 31.84 16.52 -6.65
C GLN A 239 31.67 17.15 -7.99
N HIS A 240 32.78 17.54 -8.62
CA HIS A 240 32.69 18.27 -9.90
C HIS A 240 32.21 17.33 -11.01
N PHE A 241 32.82 16.15 -11.19
CA PHE A 241 32.43 15.26 -12.25
C PHE A 241 30.96 14.92 -12.11
N TYR A 242 30.49 14.75 -10.86
CA TYR A 242 29.08 14.45 -10.62
C TYR A 242 28.18 15.56 -11.08
N GLN A 243 28.46 16.79 -10.74
CA GLN A 243 27.72 17.96 -11.29
C GLN A 243 27.76 18.01 -12.82
N GLU A 244 28.96 17.96 -13.42
CA GLU A 244 29.13 18.21 -14.88
C GLU A 244 28.66 17.11 -15.78
N SER A 245 28.89 15.89 -15.36
CA SER A 245 28.54 14.75 -16.20
C SER A 245 29.05 14.84 -17.62
N ALA A 246 30.21 15.45 -17.88
CA ALA A 246 30.69 15.58 -19.26
C ALA A 246 31.11 14.19 -19.80
N PRO A 247 30.62 13.82 -21.00
CA PRO A 247 30.92 12.58 -21.71
C PRO A 247 32.41 12.52 -22.03
N ALA A 248 33.06 11.37 -21.84
CA ALA A 248 34.49 11.30 -22.03
C ALA A 248 34.70 11.06 -23.50
N GLN A 249 35.58 11.77 -24.15
CA GLN A 249 35.71 11.62 -25.59
C GLN A 249 36.77 10.71 -26.10
N SER A 250 37.68 10.31 -25.25
CA SER A 250 38.64 9.29 -25.54
C SER A 250 39.03 8.70 -24.24
N ASP A 251 40.10 7.95 -24.28
CA ASP A 251 40.64 7.22 -23.17
C ASP A 251 41.11 8.03 -21.99
N VAL A 252 41.77 9.13 -22.24
CA VAL A 252 42.39 9.87 -21.18
C VAL A 252 42.17 11.36 -21.32
N ALA A 253 42.01 12.09 -20.23
CA ALA A 253 42.01 13.51 -20.39
C ALA A 253 43.37 14.00 -19.94
N LEU A 254 44.03 14.78 -20.78
CA LEU A 254 45.39 15.20 -20.50
C LEU A 254 45.35 16.47 -19.63
N LEU A 255 45.97 16.49 -18.47
CA LEU A 255 45.90 17.68 -17.66
C LEU A 255 47.26 18.33 -17.62
N ARG A 256 47.30 19.65 -17.56
CA ARG A 256 48.51 20.37 -17.31
C ARG A 256 48.52 20.93 -15.88
N PHE A 257 49.57 20.76 -15.11
CA PHE A 257 49.67 21.44 -13.82
C PHE A 257 50.48 22.72 -14.04
N VAL A 258 49.86 23.87 -13.88
CA VAL A 258 50.48 25.15 -14.18
C VAL A 258 50.89 25.89 -12.92
N ASN A 259 52.03 26.56 -12.98
CA ASN A 259 52.39 27.61 -12.06
C ASN A 259 51.95 28.99 -12.54
N PRO A 260 50.98 29.62 -11.87
CA PRO A 260 50.45 30.87 -12.38
C PRO A 260 51.45 32.03 -12.27
N ASP A 261 52.43 31.93 -11.39
CA ASP A 261 53.37 33.02 -11.28
C ASP A 261 54.30 33.15 -12.49
N THR A 262 54.78 32.02 -13.01
CA THR A 262 55.64 31.99 -14.16
C THR A 262 54.82 31.80 -15.39
N GLY A 263 53.62 31.25 -15.26
CA GLY A 263 52.77 30.95 -16.42
C GLY A 263 53.23 29.67 -17.10
N ARG A 264 54.10 28.93 -16.46
CA ARG A 264 54.72 27.74 -17.02
C ARG A 264 54.07 26.40 -16.62
N VAL A 265 53.94 25.50 -17.57
CA VAL A 265 53.51 24.18 -17.22
C VAL A 265 54.59 23.45 -16.47
N LEU A 266 54.26 22.98 -15.31
CA LEU A 266 55.19 22.26 -14.56
C LEU A 266 55.30 20.76 -14.87
N PHE A 267 54.20 20.07 -15.12
CA PHE A 267 54.25 18.68 -15.57
C PHE A 267 52.92 18.42 -16.21
N GLU A 268 52.82 17.36 -16.98
CA GLU A 268 51.51 16.94 -17.42
C GLU A 268 51.15 15.54 -16.88
N CYS A 269 49.86 15.25 -16.83
CA CYS A 269 49.45 13.95 -16.39
C CYS A 269 48.24 13.44 -17.14
N LYS A 270 47.94 12.15 -16.96
CA LYS A 270 46.78 11.51 -17.57
C LYS A 270 45.70 11.26 -16.53
N LEU A 271 44.53 11.84 -16.75
CA LEU A 271 43.37 11.50 -15.96
C LEU A 271 42.59 10.47 -16.75
N HIS A 272 42.68 9.22 -16.35
CA HIS A 272 41.98 8.13 -17.02
C HIS A 272 40.46 8.28 -16.81
N LYS A 273 39.69 7.82 -17.77
CA LYS A 273 38.25 8.01 -17.73
C LYS A 273 37.55 7.43 -16.50
N SER A 274 38.09 6.38 -15.91
CA SER A 274 37.40 5.72 -14.84
C SER A 274 37.90 6.22 -13.47
N GLY A 275 38.72 7.27 -13.48
CA GLY A 275 38.90 8.05 -12.28
C GLY A 275 40.22 8.21 -11.57
N TYR A 276 41.33 7.76 -12.12
CA TYR A 276 42.58 8.10 -11.50
C TYR A 276 43.63 8.74 -12.40
N VAL A 277 44.80 9.09 -11.83
CA VAL A 277 45.81 9.83 -12.55
C VAL A 277 47.15 9.09 -12.67
N THR A 278 47.80 9.19 -13.84
CA THR A 278 49.17 8.73 -13.89
C THR A 278 50.13 9.81 -14.34
N VAL A 279 51.41 9.65 -13.98
CA VAL A 279 52.49 10.58 -14.44
C VAL A 279 53.70 9.79 -14.96
N ALA A 280 54.61 10.41 -15.69
CA ALA A 280 55.82 9.67 -16.19
C ALA A 280 56.94 9.84 -15.17
N HIS A 281 57.15 8.82 -14.37
CA HIS A 281 58.16 8.88 -13.37
C HIS A 281 58.46 7.49 -12.87
N THR A 282 59.72 7.24 -12.55
CA THR A 282 60.16 6.01 -11.89
C THR A 282 60.78 6.29 -10.49
N GLY A 283 60.07 5.93 -9.43
CA GLY A 283 60.56 6.06 -8.10
C GLY A 283 59.57 6.81 -7.23
N GLN A 284 59.78 6.74 -5.94
CA GLN A 284 58.95 7.45 -5.03
C GLN A 284 59.36 8.90 -5.07
N HIS A 285 58.40 9.79 -5.14
CA HIS A 285 58.72 11.23 -5.24
C HIS A 285 57.68 12.14 -4.61
N ASP A 286 58.09 12.93 -3.61
CA ASP A 286 57.20 13.99 -3.15
C ASP A 286 57.25 15.15 -4.12
N LEU A 287 56.19 15.46 -4.87
CA LEU A 287 56.32 16.57 -5.84
C LEU A 287 56.63 17.93 -5.18
N VAL A 288 57.43 18.76 -5.82
CA VAL A 288 57.65 20.07 -5.26
C VAL A 288 56.83 20.97 -6.15
N ILE A 289 55.86 21.62 -5.54
CA ILE A 289 54.96 22.44 -6.29
C ILE A 289 54.78 23.82 -5.69
N PRO A 290 54.50 24.82 -6.53
CA PRO A 290 54.14 26.12 -5.99
C PRO A 290 52.74 26.00 -5.38
N PRO A 291 52.57 26.50 -4.17
CA PRO A 291 51.31 26.42 -3.45
C PRO A 291 50.08 27.01 -4.18
N ASN A 292 50.27 27.86 -5.17
CA ASN A 292 49.15 28.39 -5.89
C ASN A 292 49.07 27.73 -7.32
N GLY A 293 49.78 26.61 -7.52
CA GLY A 293 49.66 25.89 -8.79
C GLY A 293 48.32 25.18 -8.85
N TYR A 294 47.88 24.84 -10.06
CA TYR A 294 46.55 24.27 -10.28
C TYR A 294 46.51 23.39 -11.57
N PHE A 295 45.52 22.50 -11.67
CA PHE A 295 45.39 21.60 -12.78
C PHE A 295 44.46 22.24 -13.80
N ARG A 296 44.71 22.13 -15.10
CA ARG A 296 43.74 22.57 -16.15
C ARG A 296 43.66 21.47 -17.21
N PHE A 297 42.47 21.18 -17.69
CA PHE A 297 42.30 20.21 -18.73
C PHE A 297 42.81 20.73 -20.02
N ASP A 298 43.42 19.87 -20.79
CA ASP A 298 43.93 20.22 -22.08
C ASP A 298 43.17 19.64 -23.23
N SER A 299 43.13 18.34 -23.31
CA SER A 299 42.47 17.63 -24.36
C SER A 299 42.24 16.20 -24.01
N TRP A 300 41.49 15.53 -24.84
CA TRP A 300 41.23 14.13 -24.74
C TRP A 300 42.16 13.48 -25.71
N VAL A 301 42.90 12.49 -25.25
CA VAL A 301 43.92 11.80 -26.04
C VAL A 301 43.79 10.31 -25.82
N ASN A 302 44.49 9.57 -26.62
CA ASN A 302 44.61 8.14 -26.53
C ASN A 302 45.48 7.64 -25.42
N GLN A 303 45.18 6.48 -24.85
CA GLN A 303 46.08 5.81 -23.95
C GLN A 303 47.54 5.95 -24.37
N PHE A 304 47.88 5.77 -25.67
CA PHE A 304 49.27 5.71 -26.07
C PHE A 304 49.96 7.10 -26.08
N TYR A 305 49.30 8.13 -25.63
CA TYR A 305 49.96 9.42 -25.52
C TYR A 305 51.15 9.31 -24.60
N THR A 306 52.27 9.87 -25.00
CA THR A 306 53.47 9.85 -24.20
C THR A 306 53.69 11.12 -23.38
N LEU A 307 53.63 11.03 -22.06
CA LEU A 307 53.90 12.17 -21.21
C LEU A 307 55.36 12.52 -21.21
N ALA A 308 55.66 13.80 -21.35
CA ALA A 308 56.89 14.42 -20.86
C ALA A 308 57.16 13.97 -19.42
N PRO A 309 58.42 13.55 -19.15
CA PRO A 309 58.80 13.11 -17.82
C PRO A 309 58.44 14.19 -16.84
N MET A 310 57.85 13.82 -15.71
CA MET A 310 57.48 14.75 -14.69
C MET A 310 58.76 15.19 -14.04
N GLY A 311 58.89 16.47 -13.73
CA GLY A 311 60.21 16.97 -13.34
C GLY A 311 61.08 15.77 -12.97
N THR B 4 -8.25 -14.68 60.67
CA THR B 4 -8.67 -14.60 59.21
C THR B 4 -9.24 -13.26 58.87
N LYS B 5 -8.49 -12.42 58.16
CA LYS B 5 -8.93 -11.05 57.83
C LYS B 5 -10.26 -10.96 57.00
N PRO B 6 -11.36 -10.44 57.61
CA PRO B 6 -12.71 -10.59 57.05
C PRO B 6 -12.96 -9.72 55.82
N PHE B 7 -13.49 -10.33 54.77
CA PHE B 7 -13.73 -9.59 53.57
C PHE B 7 -14.79 -8.49 53.80
N THR B 8 -14.68 -7.36 53.12
CA THR B 8 -15.73 -6.33 53.11
C THR B 8 -15.68 -5.59 51.79
N VAL B 9 -16.77 -4.86 51.47
CA VAL B 9 -16.75 -3.93 50.34
C VAL B 9 -16.93 -2.54 50.93
N PRO B 10 -16.50 -1.46 50.25
CA PRO B 10 -16.62 -0.09 50.77
C PRO B 10 -18.05 0.20 51.19
N ILE B 11 -18.29 1.07 52.13
CA ILE B 11 -19.69 1.42 52.41
C ILE B 11 -19.93 2.67 51.63
N LEU B 12 -20.39 2.59 50.41
CA LEU B 12 -20.42 3.79 49.60
C LEU B 12 -21.55 3.60 48.61
N THR B 13 -22.30 4.66 48.34
CA THR B 13 -23.48 4.52 47.50
C THR B 13 -22.94 4.56 46.08
N VAL B 14 -23.70 4.06 45.11
CA VAL B 14 -23.25 4.06 43.75
C VAL B 14 -22.81 5.47 43.31
N GLU B 15 -23.62 6.49 43.58
CA GLU B 15 -23.29 7.78 43.07
C GLU B 15 -22.07 8.35 43.73
N GLU B 16 -21.65 7.76 44.85
CA GLU B 16 -20.43 8.28 45.49
C GLU B 16 -19.17 7.68 44.91
N MET B 17 -19.26 6.76 43.97
CA MET B 17 -18.08 5.99 43.51
C MET B 17 -17.69 6.39 42.11
N THR B 18 -16.64 5.79 41.60
CA THR B 18 -16.11 6.22 40.32
C THR B 18 -16.04 5.09 39.29
N ASN B 19 -16.25 5.42 38.02
CA ASN B 19 -16.17 4.41 37.00
C ASN B 19 -14.72 4.08 36.88
N SER B 20 -14.34 2.82 36.72
CA SER B 20 -12.93 2.44 36.67
C SER B 20 -12.39 2.34 35.26
N ARG B 21 -13.24 2.63 34.28
CA ARG B 21 -12.76 2.52 32.89
C ARG B 21 -12.63 3.89 32.25
N PHE B 22 -13.04 4.96 32.97
CA PHE B 22 -12.91 6.37 32.51
C PHE B 22 -13.09 7.21 33.76
N PRO B 23 -12.26 8.23 33.94
CA PRO B 23 -12.33 9.10 35.17
C PRO B 23 -13.61 9.97 35.22
N ILE B 24 -14.74 9.32 35.50
CA ILE B 24 -15.98 9.97 35.83
C ILE B 24 -16.78 9.18 36.89
N PRO B 25 -17.73 9.85 37.54
CA PRO B 25 -18.46 9.19 38.65
C PRO B 25 -19.38 8.08 38.10
N LEU B 26 -19.70 7.05 38.91
CA LEU B 26 -20.70 6.05 38.54
C LEU B 26 -22.03 6.78 38.55
N GLU B 27 -23.00 6.35 37.75
CA GLU B 27 -24.32 6.99 37.82
C GLU B 27 -25.38 6.02 38.25
N LYS B 28 -25.27 4.76 37.81
CA LYS B 28 -26.35 3.77 37.95
C LYS B 28 -25.88 2.30 37.77
N LEU B 29 -26.77 1.34 38.07
CA LEU B 29 -26.51 -0.07 37.90
C LEU B 29 -27.31 -0.65 36.72
N PHE B 30 -26.71 -1.51 35.93
CA PHE B 30 -27.46 -1.97 34.80
C PHE B 30 -27.18 -3.43 34.56
N THR B 31 -28.19 -4.18 34.12
CA THR B 31 -28.01 -5.60 33.83
C THR B 31 -28.57 -6.00 32.45
N GLY B 32 -27.88 -6.91 31.78
CA GLY B 32 -28.37 -7.39 30.50
C GLY B 32 -27.69 -8.67 30.11
N PRO B 33 -28.27 -9.42 29.20
CA PRO B 33 -27.58 -10.62 28.66
C PRO B 33 -26.32 -10.20 27.92
N SER B 34 -25.28 -11.01 28.01
CA SER B 34 -24.00 -10.65 27.45
C SER B 34 -23.37 -11.71 26.53
N SER B 35 -24.15 -12.68 26.09
CA SER B 35 -23.58 -13.64 25.15
C SER B 35 -23.36 -13.04 23.77
N ALA B 36 -24.02 -11.93 23.43
CA ALA B 36 -23.80 -11.34 22.11
C ALA B 36 -22.54 -10.50 22.01
N PHE B 37 -21.78 -10.33 23.08
CA PHE B 37 -20.52 -9.57 22.94
C PHE B 37 -19.52 -10.07 23.98
N VAL B 38 -18.27 -9.69 23.81
CA VAL B 38 -17.19 -10.19 24.65
C VAL B 38 -16.94 -9.20 25.81
N VAL B 39 -17.01 -9.70 27.03
CA VAL B 39 -16.84 -8.81 28.13
C VAL B 39 -15.46 -9.00 28.72
N GLN B 40 -14.52 -8.23 28.20
CA GLN B 40 -13.13 -8.39 28.54
C GLN B 40 -12.44 -7.07 28.76
N PRO B 41 -13.02 -6.21 29.58
CA PRO B 41 -12.39 -4.95 29.94
C PRO B 41 -11.08 -5.19 30.68
N GLN B 42 -10.11 -4.31 30.50
CA GLN B 42 -8.79 -4.52 31.07
C GLN B 42 -8.53 -3.56 32.25
N ASN B 43 -9.30 -2.48 32.32
CA ASN B 43 -9.29 -1.61 33.51
C ASN B 43 -10.36 -2.04 34.48
N GLY B 44 -10.34 -1.62 35.72
CA GLY B 44 -11.35 -2.11 36.67
C GLY B 44 -11.27 -3.62 36.87
N ARG B 45 -10.09 -4.22 36.80
CA ARG B 45 -10.05 -5.68 36.94
C ARG B 45 -9.22 -6.01 38.15
N CYS B 46 -9.78 -6.67 39.16
CA CYS B 46 -9.01 -6.98 40.35
C CYS B 46 -9.69 -8.13 41.06
N THR B 47 -8.95 -8.99 41.76
CA THR B 47 -9.61 -10.10 42.46
C THR B 47 -10.06 -9.64 43.81
N THR B 48 -11.00 -10.34 44.40
CA THR B 48 -11.51 -9.88 45.64
C THR B 48 -10.38 -9.87 46.67
N ASP B 49 -9.31 -10.57 46.46
CA ASP B 49 -8.18 -10.52 47.43
C ASP B 49 -7.03 -9.58 46.96
N GLY B 50 -7.28 -8.77 45.94
CA GLY B 50 -6.51 -7.57 45.71
C GLY B 50 -5.36 -7.71 44.76
N ALA B 51 -5.41 -8.73 43.90
CA ALA B 51 -4.49 -8.79 42.74
C ALA B 51 -5.05 -8.00 41.59
N LEU B 52 -4.38 -6.94 41.19
CA LEU B 52 -4.85 -6.19 40.02
C LEU B 52 -4.61 -6.99 38.79
N LEU B 53 -5.38 -6.75 37.73
CA LEU B 53 -5.24 -7.49 36.50
C LEU B 53 -5.27 -6.61 35.25
N GLY B 54 -4.88 -7.23 34.13
CA GLY B 54 -4.93 -6.56 32.87
C GLY B 54 -4.17 -5.27 32.94
N THR B 55 -4.81 -4.12 32.69
CA THR B 55 -4.07 -2.85 32.75
C THR B 55 -4.47 -2.07 34.00
N THR B 56 -5.01 -2.76 35.02
CA THR B 56 -5.68 -1.99 36.04
C THR B 56 -4.71 -1.30 36.99
N GLN B 57 -4.95 -0.03 37.33
CA GLN B 57 -4.02 0.59 38.29
C GLN B 57 -4.81 1.39 39.36
N LEU B 58 -4.16 2.12 40.28
CA LEU B 58 -4.92 2.54 41.46
C LEU B 58 -5.60 3.85 41.30
N SER B 59 -5.03 4.72 40.47
CA SER B 59 -5.47 6.12 40.33
C SER B 59 -6.78 6.26 39.63
N PRO B 60 -7.70 6.96 40.25
CA PRO B 60 -8.96 7.16 39.60
C PRO B 60 -8.90 8.20 38.51
N VAL B 61 -7.83 9.00 38.47
CA VAL B 61 -7.83 10.10 37.51
C VAL B 61 -6.94 9.78 36.31
N ASP B 62 -6.02 8.87 36.50
CA ASP B 62 -5.02 8.63 35.49
C ASP B 62 -5.46 7.50 34.60
N ILE B 63 -6.67 7.54 34.06
CA ILE B 63 -7.16 6.45 33.26
C ILE B 63 -7.55 7.07 31.96
N CYS B 64 -7.11 6.48 30.86
CA CYS B 64 -7.15 7.15 29.57
C CYS B 64 -6.35 8.44 29.49
N THR B 65 -5.28 8.60 30.27
CA THR B 65 -4.35 9.71 30.14
C THR B 65 -3.09 9.21 29.42
N PHE B 66 -2.25 10.10 28.91
CA PHE B 66 -1.00 9.67 28.31
C PHE B 66 0.01 10.78 28.58
N ARG B 67 1.26 10.43 28.75
CA ARG B 67 2.38 11.31 28.98
C ARG B 67 3.54 10.98 28.14
N GLY B 68 4.23 11.94 27.60
CA GLY B 68 5.50 11.58 26.95
C GLY B 68 6.04 12.74 26.18
N ASP B 69 6.86 12.52 25.15
CA ASP B 69 7.31 13.63 24.30
C ASP B 69 6.67 13.44 22.99
N VAL B 70 6.57 14.51 22.23
CA VAL B 70 5.84 14.45 20.98
C VAL B 70 6.71 14.88 19.80
N THR B 71 6.27 14.48 18.63
CA THR B 71 6.98 14.62 17.38
C THR B 71 5.92 14.97 16.40
N HIS B 72 6.14 16.00 15.61
CA HIS B 72 5.11 16.47 14.69
C HIS B 72 5.14 15.63 13.46
N ILE B 73 3.96 15.30 12.93
CA ILE B 73 3.84 14.63 11.63
C ILE B 73 3.62 15.60 10.46
N ALA B 74 4.68 15.71 9.68
CA ALA B 74 4.80 16.74 8.66
C ALA B 74 3.66 16.70 7.67
N GLY B 75 3.11 17.86 7.37
CA GLY B 75 2.04 17.92 6.44
C GLY B 75 0.67 17.80 7.06
N THR B 76 0.58 17.53 8.35
CA THR B 76 -0.71 17.28 8.98
C THR B 76 -0.86 18.10 10.24
N GLN B 77 -1.97 17.90 10.94
CA GLN B 77 -2.02 18.44 12.27
C GLN B 77 -1.98 17.34 13.35
N ASN B 78 -1.11 16.33 13.21
CA ASN B 78 -1.11 15.20 14.10
C ASN B 78 0.23 15.12 14.70
N TYR B 79 0.30 14.52 15.88
CA TYR B 79 1.53 14.26 16.56
C TYR B 79 1.64 12.78 17.00
N THR B 80 2.86 12.32 17.14
CA THR B 80 3.07 11.03 17.73
C THR B 80 3.53 11.36 19.11
N MET B 81 2.91 10.76 20.11
CA MET B 81 3.49 10.81 21.42
C MET B 81 4.29 9.58 21.69
N ASN B 82 5.53 9.72 22.13
CA ASN B 82 6.27 8.58 22.65
C ASN B 82 6.09 8.47 24.13
N LEU B 83 5.33 7.46 24.55
CA LEU B 83 4.90 7.32 25.92
C LEU B 83 6.02 7.18 26.95
N ALA B 84 5.88 7.87 28.07
CA ALA B 84 6.63 7.59 29.26
C ALA B 84 5.64 6.94 30.22
N SER B 85 6.14 6.46 31.33
CA SER B 85 5.34 5.93 32.40
C SER B 85 4.65 6.93 33.26
N GLN B 86 3.84 6.44 34.18
CA GLN B 86 3.04 7.33 34.99
C GLN B 86 3.86 8.41 35.70
N ASN B 87 5.12 8.15 35.94
CA ASN B 87 5.88 9.11 36.68
C ASN B 87 7.00 9.70 35.82
N TRP B 88 6.81 9.72 34.50
CA TRP B 88 7.84 10.24 33.60
C TRP B 88 9.04 9.35 33.45
N ASN B 89 9.00 8.17 34.04
CA ASN B 89 10.03 7.16 33.81
C ASN B 89 9.81 6.59 32.44
N ASN B 90 10.75 5.81 31.92
CA ASN B 90 10.53 5.12 30.64
C ASN B 90 9.54 3.93 30.72
N TYR B 91 8.75 3.74 29.67
CA TYR B 91 7.82 2.67 29.50
C TYR B 91 8.64 1.53 28.99
N ASP B 92 8.48 0.38 29.62
CA ASP B 92 9.12 -0.79 29.14
C ASP B 92 8.13 -1.72 28.45
N PRO B 93 8.27 -1.88 27.14
CA PRO B 93 7.35 -2.77 26.41
C PRO B 93 7.46 -4.25 26.73
N THR B 94 8.42 -4.67 27.53
CA THR B 94 8.56 -6.10 27.71
C THR B 94 8.04 -6.45 29.06
N GLU B 95 7.55 -5.47 29.79
CA GLU B 95 6.84 -5.81 31.02
C GLU B 95 5.59 -6.60 30.56
N GLU B 96 5.22 -7.57 31.37
CA GLU B 96 4.15 -8.51 31.03
C GLU B 96 2.76 -8.02 31.36
N ILE B 97 2.33 -7.01 30.63
CA ILE B 97 1.01 -6.43 30.77
C ILE B 97 0.62 -6.15 29.34
N PRO B 98 -0.68 -5.99 29.08
CA PRO B 98 -1.22 -5.75 27.75
C PRO B 98 -0.79 -4.42 27.13
N ALA B 99 -0.55 -3.41 27.99
CA ALA B 99 -0.29 -2.06 27.54
C ALA B 99 0.00 -1.29 28.81
N PRO B 100 0.51 -0.06 28.70
CA PRO B 100 0.75 0.71 29.88
C PRO B 100 -0.52 0.67 30.80
N LEU B 101 -0.32 0.53 32.14
CA LEU B 101 -1.43 0.63 33.07
C LEU B 101 -2.27 1.88 32.83
N GLY B 102 -3.60 1.75 32.90
CA GLY B 102 -4.55 2.84 32.61
C GLY B 102 -4.90 3.11 31.14
N THR B 103 -4.25 2.45 30.19
CA THR B 103 -4.60 2.63 28.77
C THR B 103 -6.11 2.39 28.45
N PRO B 104 -6.71 3.19 27.53
CA PRO B 104 -8.11 2.83 27.21
C PRO B 104 -8.37 1.34 26.81
N ASP B 105 -9.43 0.75 27.36
CA ASP B 105 -9.72 -0.59 26.97
C ASP B 105 -10.92 -0.65 26.04
N PHE B 106 -11.04 0.30 25.12
CA PHE B 106 -12.13 0.17 24.20
C PHE B 106 -11.82 0.92 22.96
N VAL B 107 -12.48 0.53 21.85
CA VAL B 107 -12.25 1.14 20.58
C VAL B 107 -13.17 2.32 20.45
N GLY B 108 -12.54 3.48 20.23
CA GLY B 108 -13.28 4.71 19.99
C GLY B 108 -12.43 5.94 19.92
N LYS B 109 -13.07 7.09 19.76
CA LYS B 109 -12.32 8.33 19.56
C LYS B 109 -12.43 9.19 20.82
N ILE B 110 -11.31 9.34 21.53
CA ILE B 110 -11.32 10.08 22.80
C ILE B 110 -10.81 11.52 22.59
N GLN B 111 -11.61 12.47 23.02
CA GLN B 111 -11.23 13.83 22.89
C GLN B 111 -10.88 14.43 24.26
N GLY B 112 -9.89 15.32 24.24
CA GLY B 112 -9.34 15.89 25.47
C GLY B 112 -8.37 17.01 25.09
N VAL B 113 -7.40 17.25 25.95
CA VAL B 113 -6.55 18.34 25.69
C VAL B 113 -5.16 17.88 25.91
N LEU B 114 -4.30 18.21 24.97
CA LEU B 114 -2.92 17.90 25.07
C LEU B 114 -2.29 19.19 25.60
N THR B 115 -1.56 19.08 26.70
CA THR B 115 -0.92 20.23 27.31
C THR B 115 0.60 20.05 27.35
N GLN B 116 1.35 21.13 27.35
CA GLN B 116 2.80 21.00 27.36
C GLN B 116 3.42 22.13 28.18
N THR B 117 4.46 21.82 28.94
CA THR B 117 5.36 22.83 29.50
C THR B 117 6.79 22.81 28.88
N THR B 118 7.35 23.98 28.57
CA THR B 118 8.74 24.08 28.15
C THR B 118 9.63 24.25 29.38
N ARG B 119 10.48 23.27 29.61
CA ARG B 119 11.25 23.15 30.82
C ARG B 119 12.11 24.40 31.12
N ARG B 120 12.76 24.95 30.12
CA ARG B 120 13.77 25.95 30.37
C ARG B 120 13.18 27.29 30.88
N ASP B 121 11.91 27.57 30.61
CA ASP B 121 11.32 28.88 30.91
C ASP B 121 9.84 28.84 31.41
N GLY B 122 9.28 27.65 31.71
CA GLY B 122 7.93 27.53 32.21
C GLY B 122 6.85 28.13 31.35
N SER B 123 7.10 28.36 30.08
CA SER B 123 5.97 28.69 29.20
C SER B 123 5.14 27.44 28.95
N THR B 124 3.88 27.60 28.56
CA THR B 124 2.96 26.46 28.46
C THR B 124 1.93 26.60 27.35
N ARG B 125 1.33 25.51 26.92
CA ARG B 125 0.36 25.53 25.83
C ARG B 125 -0.60 24.32 25.90
N GLY B 126 -1.83 24.51 25.48
CA GLY B 126 -2.82 23.43 25.48
C GLY B 126 -3.63 23.46 24.22
N HIS B 127 -3.85 22.34 23.59
CA HIS B 127 -4.75 22.28 22.44
C HIS B 127 -5.66 21.08 22.50
N LYS B 128 -6.84 21.25 21.92
CA LYS B 128 -7.76 20.17 21.67
C LYS B 128 -7.11 18.98 20.92
N ALA B 129 -7.32 17.77 21.38
CA ALA B 129 -6.69 16.61 20.72
C ALA B 129 -7.61 15.41 20.73
N THR B 130 -7.48 14.53 19.74
CA THR B 130 -8.20 13.27 19.75
C THR B 130 -7.29 12.08 19.53
N VAL B 131 -7.47 11.07 20.35
CA VAL B 131 -6.83 9.81 20.09
C VAL B 131 -7.90 8.78 19.70
N SER B 132 -7.62 8.11 18.59
CA SER B 132 -8.52 7.19 17.98
C SER B 132 -8.00 5.81 18.24
N THR B 133 -8.57 5.10 19.21
CA THR B 133 -8.00 3.85 19.68
C THR B 133 -8.17 2.70 18.70
N GLY B 134 -8.92 2.93 17.63
CA GLY B 134 -9.12 1.89 16.64
C GLY B 134 -8.14 2.06 15.53
N SER B 135 -7.37 3.13 15.60
CA SER B 135 -6.53 3.53 14.49
C SER B 135 -5.33 2.58 14.39
N VAL B 136 -4.73 2.49 13.19
CA VAL B 136 -3.51 1.73 13.04
C VAL B 136 -2.37 2.34 13.84
N HIS B 137 -2.45 3.64 14.16
CA HIS B 137 -1.37 4.27 14.85
C HIS B 137 -1.45 4.16 16.35
N PHE B 138 -2.53 3.55 16.83
CA PHE B 138 -2.65 3.26 18.25
C PHE B 138 -1.85 2.03 18.71
N THR B 139 -0.64 2.27 19.22
CA THR B 139 0.24 1.14 19.54
C THR B 139 0.89 1.42 20.89
N PRO B 140 0.04 1.70 21.87
CA PRO B 140 0.56 1.88 23.22
C PRO B 140 1.49 0.77 23.62
N LYS B 141 1.18 -0.49 23.31
CA LYS B 141 2.06 -1.54 23.84
C LYS B 141 3.46 -1.45 23.21
N LEU B 142 3.54 -0.90 22.00
CA LEU B 142 4.81 -0.63 21.41
C LEU B 142 5.37 0.68 21.95
N GLY B 143 4.63 1.46 22.73
CA GLY B 143 5.27 2.63 23.32
C GLY B 143 4.89 3.92 22.61
N SER B 144 3.79 3.93 21.88
CA SER B 144 3.59 4.99 20.96
C SER B 144 2.13 5.17 20.49
N VAL B 145 1.68 6.38 20.32
CA VAL B 145 0.27 6.63 20.06
C VAL B 145 0.22 7.94 19.27
N GLN B 146 -0.83 8.16 18.50
CA GLN B 146 -0.90 9.33 17.65
C GLN B 146 -2.11 10.16 17.94
N PHE B 147 -1.97 11.48 18.02
CA PHE B 147 -3.10 12.36 18.36
C PHE B 147 -3.37 13.24 17.17
N SER B 148 -4.62 13.59 16.93
CA SER B 148 -4.86 14.61 15.96
C SER B 148 -5.25 15.92 16.67
N THR B 149 -4.91 17.07 16.11
CA THR B 149 -5.11 18.29 16.85
C THR B 149 -5.47 19.38 15.91
N ASP B 150 -5.57 20.55 16.48
CA ASP B 150 -5.86 21.73 15.72
C ASP B 150 -4.67 22.66 15.50
N THR B 151 -3.49 22.24 15.90
CA THR B 151 -2.26 22.98 15.67
C THR B 151 -1.26 22.20 14.80
N SER B 152 -0.57 23.02 14.06
CA SER B 152 0.49 22.44 13.25
C SER B 152 1.87 22.85 13.70
N ASN B 153 2.04 23.93 14.51
CA ASN B 153 3.39 24.24 14.91
C ASN B 153 3.63 24.47 16.38
N ASP B 154 2.58 24.50 17.19
CA ASP B 154 2.73 24.90 18.58
C ASP B 154 3.52 24.05 19.52
N PHE B 155 3.36 22.73 19.43
CA PHE B 155 4.01 21.84 20.35
C PHE B 155 5.50 21.68 20.08
N GLU B 156 6.31 21.63 21.05
CA GLU B 156 7.75 21.50 20.89
C GLU B 156 8.25 20.05 21.03
N THR B 157 9.46 19.78 20.57
CA THR B 157 9.98 18.44 20.73
C THR B 157 10.78 18.45 22.00
N GLY B 158 11.07 17.29 22.55
CA GLY B 158 11.80 17.22 23.79
C GLY B 158 11.19 17.88 25.02
N GLN B 159 9.87 18.06 25.03
CA GLN B 159 9.17 18.56 26.21
C GLN B 159 8.07 17.67 26.77
N ASN B 160 7.99 17.55 28.08
CA ASN B 160 6.86 16.86 28.72
C ASN B 160 5.51 17.27 28.20
N THR B 161 4.68 16.31 27.77
CA THR B 161 3.40 16.63 27.14
C THR B 161 2.41 15.68 27.73
N ARG B 162 1.20 16.17 28.05
CA ARG B 162 0.23 15.43 28.84
C ARG B 162 -1.09 15.40 28.11
N PHE B 163 -1.79 14.27 28.16
CA PHE B 163 -3.13 14.25 27.57
C PHE B 163 -4.23 14.08 28.65
N THR B 164 -5.16 14.99 28.76
CA THR B 164 -6.28 14.83 29.68
C THR B 164 -7.55 14.45 28.94
N PRO B 165 -8.12 13.31 29.28
CA PRO B 165 -9.27 12.88 28.49
C PRO B 165 -10.53 13.64 28.95
N VAL B 166 -11.42 14.00 28.04
CA VAL B 166 -12.64 14.69 28.41
C VAL B 166 -13.90 13.84 28.08
N GLY B 167 -14.06 13.41 26.83
CA GLY B 167 -15.21 12.60 26.44
C GLY B 167 -14.97 11.90 25.10
N VAL B 168 -16.06 11.57 24.41
CA VAL B 168 -15.95 10.78 23.21
C VAL B 168 -16.81 11.38 22.10
N VAL B 169 -16.58 10.93 20.88
CA VAL B 169 -16.96 11.70 19.72
C VAL B 169 -17.46 10.71 18.67
N GLN B 170 -18.24 11.15 17.69
CA GLN B 170 -18.75 10.23 16.67
C GLN B 170 -19.12 11.01 15.45
N ASP B 171 -19.09 10.34 14.29
CA ASP B 171 -19.33 11.00 13.02
C ASP B 171 -20.81 11.02 12.67
N GLY B 172 -21.37 12.22 12.76
CA GLY B 172 -22.81 12.45 12.64
C GLY B 172 -23.50 12.01 11.35
N SER B 173 -22.76 11.91 10.26
CA SER B 173 -23.41 11.56 9.02
C SER B 173 -23.52 10.03 8.85
N THR B 174 -23.09 9.29 9.87
CA THR B 174 -23.12 7.83 9.85
C THR B 174 -24.14 7.35 10.93
N THR B 175 -24.34 6.05 11.15
CA THR B 175 -25.35 5.62 12.15
C THR B 175 -25.12 6.03 13.61
N HIS B 176 -26.11 6.71 14.13
CA HIS B 176 -26.05 7.17 15.52
C HIS B 176 -25.69 6.12 16.56
N GLN B 177 -24.71 6.39 17.39
CA GLN B 177 -24.30 5.46 18.45
C GLN B 177 -23.43 4.29 17.94
N ASN B 178 -23.02 4.34 16.68
CA ASN B 178 -22.12 3.31 16.23
C ASN B 178 -20.72 3.36 16.89
N GLU B 179 -20.40 4.37 17.69
CA GLU B 179 -19.11 4.42 18.41
C GLU B 179 -19.22 5.39 19.56
N PRO B 180 -18.44 5.18 20.61
CA PRO B 180 -17.46 4.09 20.78
C PRO B 180 -18.08 2.70 20.87
N GLN B 181 -17.22 1.70 20.91
CA GLN B 181 -17.63 0.32 21.01
C GLN B 181 -16.96 -0.22 22.26
N GLN B 182 -17.71 -0.23 23.37
CA GLN B 182 -17.10 -0.42 24.65
C GLN B 182 -16.70 -1.86 24.88
N TRP B 183 -17.21 -2.80 24.08
CA TRP B 183 -16.77 -4.18 24.31
C TRP B 183 -15.77 -4.69 23.33
N VAL B 184 -15.09 -3.77 22.63
CA VAL B 184 -14.03 -4.23 21.74
C VAL B 184 -12.71 -3.67 22.22
N LEU B 185 -11.86 -4.54 22.70
CA LEU B 185 -10.46 -4.17 22.99
C LEU B 185 -9.75 -3.60 21.75
N PRO B 186 -8.98 -2.52 21.95
CA PRO B 186 -8.04 -1.96 20.95
C PRO B 186 -6.98 -3.03 20.59
N ASP B 187 -6.29 -2.91 19.45
CA ASP B 187 -5.14 -3.76 19.26
C ASP B 187 -3.95 -3.04 19.81
N TYR B 188 -3.63 -3.27 21.08
CA TYR B 188 -2.60 -2.55 21.79
C TYR B 188 -1.26 -2.46 21.09
N SER B 189 -0.93 -3.43 20.22
CA SER B 189 0.30 -3.37 19.45
C SER B 189 0.11 -3.07 18.01
N GLY B 190 -1.02 -2.54 17.61
CA GLY B 190 -1.26 -2.20 16.23
C GLY B 190 -1.82 -3.38 15.48
N ARG B 191 -1.82 -3.26 14.17
CA ARG B 191 -2.37 -4.27 13.24
C ARG B 191 -1.62 -5.57 13.20
N ASP B 192 -2.41 -6.64 13.11
CA ASP B 192 -1.84 -7.98 12.93
C ASP B 192 -0.82 -8.29 14.05
N SER B 193 -1.31 -8.31 15.29
CA SER B 193 -0.44 -8.49 16.40
C SER B 193 -1.36 -8.90 17.46
N HIS B 194 -1.01 -9.88 18.27
CA HIS B 194 -1.95 -10.38 19.24
C HIS B 194 -1.84 -9.64 20.56
N ASN B 195 -2.94 -9.20 21.13
CA ASN B 195 -2.89 -8.68 22.46
C ASN B 195 -2.37 -9.78 23.39
N VAL B 196 -1.66 -9.41 24.46
CA VAL B 196 -1.10 -10.40 25.35
C VAL B 196 -1.37 -10.06 26.80
N HIS B 197 -1.24 -11.04 27.68
CA HIS B 197 -1.44 -10.87 29.17
C HIS B 197 -2.76 -10.25 29.60
N LEU B 198 -3.80 -10.50 28.80
CA LEU B 198 -5.14 -10.02 29.08
C LEU B 198 -5.74 -10.59 30.37
N ALA B 199 -6.39 -9.75 31.18
CA ALA B 199 -7.39 -10.24 32.12
C ALA B 199 -8.46 -11.02 31.31
N PRO B 200 -8.89 -12.15 31.83
CA PRO B 200 -9.87 -13.07 31.24
C PRO B 200 -11.21 -12.41 30.92
N ALA B 201 -11.85 -12.84 29.82
CA ALA B 201 -13.23 -12.51 29.49
C ALA B 201 -14.12 -13.08 30.60
N VAL B 202 -15.31 -12.53 30.81
CA VAL B 202 -16.12 -13.02 31.94
C VAL B 202 -17.54 -13.29 31.49
N ALA B 203 -18.28 -14.12 32.20
CA ALA B 203 -19.60 -14.51 31.71
C ALA B 203 -20.38 -15.10 32.84
N PRO B 204 -21.71 -14.99 32.79
CA PRO B 204 -22.45 -15.64 33.86
C PRO B 204 -22.34 -17.15 33.70
N THR B 205 -22.33 -17.91 34.78
CA THR B 205 -22.15 -19.34 34.65
C THR B 205 -23.21 -20.01 35.47
N PHE B 206 -24.35 -19.37 35.61
CA PHE B 206 -25.37 -19.96 36.39
C PHE B 206 -26.71 -19.70 35.77
N PRO B 207 -27.58 -20.73 35.68
CA PRO B 207 -28.89 -20.48 35.05
C PRO B 207 -29.62 -19.34 35.70
N GLY B 208 -30.15 -18.43 34.88
CA GLY B 208 -30.95 -17.28 35.38
C GLY B 208 -30.11 -16.06 35.75
N GLU B 209 -28.79 -16.21 35.79
CA GLU B 209 -27.94 -15.08 36.15
C GLU B 209 -27.44 -14.26 34.96
N GLN B 210 -27.16 -12.98 35.21
CA GLN B 210 -26.55 -12.08 34.23
C GLN B 210 -25.55 -11.23 35.03
N LEU B 211 -24.63 -10.58 34.33
CA LEU B 211 -23.68 -9.73 34.95
C LEU B 211 -24.40 -8.52 35.47
N LEU B 212 -23.90 -7.98 36.59
CA LEU B 212 -24.26 -6.64 37.01
C LEU B 212 -23.19 -5.61 36.63
N PHE B 213 -23.60 -4.56 35.93
CA PHE B 213 -22.62 -3.63 35.42
C PHE B 213 -22.77 -2.34 36.18
N PHE B 214 -21.66 -1.66 36.47
CA PHE B 214 -21.75 -0.33 37.10
C PHE B 214 -21.54 0.64 35.99
N ARG B 215 -22.49 1.54 35.79
CA ARG B 215 -22.59 2.31 34.55
C ARG B 215 -22.44 3.83 34.67
N SER B 216 -21.80 4.45 33.67
CA SER B 216 -21.73 5.91 33.67
C SER B 216 -22.01 6.33 32.28
N THR B 217 -22.31 7.61 32.10
CA THR B 217 -22.46 8.17 30.76
C THR B 217 -21.24 9.01 30.44
N MET B 218 -20.46 8.67 29.42
CA MET B 218 -19.29 9.47 29.11
C MET B 218 -19.79 10.74 28.51
N PRO B 219 -19.07 11.85 28.70
CA PRO B 219 -19.37 13.08 28.02
C PRO B 219 -19.24 12.92 26.52
N GLY B 220 -20.15 13.53 25.78
CA GLY B 220 -20.01 13.59 24.31
C GLY B 220 -19.45 14.93 23.92
N CYS B 221 -18.50 14.95 23.01
CA CYS B 221 -17.91 16.16 22.54
C CYS B 221 -18.27 16.51 21.12
N SER B 222 -18.84 15.59 20.39
CA SER B 222 -19.30 15.83 19.04
C SER B 222 -20.22 14.72 18.63
N GLY B 223 -21.08 14.95 17.66
CA GLY B 223 -21.92 13.92 17.07
C GLY B 223 -22.91 13.09 17.84
N TYR B 224 -23.03 11.82 17.51
CA TYR B 224 -23.96 11.01 18.27
C TYR B 224 -23.34 9.75 18.91
N PRO B 225 -22.38 9.92 19.82
CA PRO B 225 -21.65 8.76 20.31
C PRO B 225 -22.52 7.90 21.21
N ASN B 226 -22.31 6.62 21.20
CA ASN B 226 -22.84 5.80 22.26
C ASN B 226 -22.11 6.11 23.58
N MET B 227 -22.82 6.72 24.51
CA MET B 227 -22.13 7.15 25.73
C MET B 227 -22.09 6.18 26.89
N ASN B 228 -22.75 5.01 26.79
CA ASN B 228 -22.70 4.05 27.91
C ASN B 228 -21.33 3.47 28.21
N LEU B 229 -20.93 3.45 29.47
CA LEU B 229 -19.65 2.87 29.82
C LEU B 229 -19.90 2.08 31.08
N ASP B 230 -19.71 0.76 31.00
CA ASP B 230 -20.04 -0.18 32.01
C ASP B 230 -18.78 -0.76 32.58
N CYS B 231 -18.67 -0.86 33.90
CA CYS B 231 -17.46 -1.53 34.37
C CYS B 231 -17.86 -2.58 35.31
N LEU B 232 -16.95 -3.47 35.61
CA LEU B 232 -17.27 -4.61 36.42
C LEU B 232 -17.11 -4.33 37.93
N LEU B 233 -16.15 -3.49 38.32
CA LEU B 233 -15.96 -3.09 39.72
C LEU B 233 -15.79 -1.59 39.76
N PRO B 234 -16.43 -0.94 40.73
CA PRO B 234 -16.14 0.48 40.84
C PRO B 234 -14.63 0.66 41.11
N GLN B 235 -14.04 1.79 40.68
CA GLN B 235 -12.66 2.02 41.02
C GLN B 235 -12.39 1.90 42.50
N GLU B 236 -13.31 2.44 43.32
CA GLU B 236 -13.22 2.33 44.78
C GLU B 236 -13.11 0.90 45.30
N TRP B 237 -13.81 -0.08 44.68
CA TRP B 237 -13.69 -1.50 45.07
C TRP B 237 -12.32 -2.06 44.75
N VAL B 238 -11.79 -1.81 43.55
CA VAL B 238 -10.40 -2.14 43.25
C VAL B 238 -9.45 -1.60 44.32
N GLN B 239 -9.62 -0.31 44.63
CA GLN B 239 -8.75 0.33 45.61
C GLN B 239 -8.89 -0.38 46.97
N HIS B 240 -10.12 -0.75 47.31
CA HIS B 240 -10.37 -1.41 48.57
C HIS B 240 -9.75 -2.82 48.69
N PHE B 241 -9.92 -3.63 47.65
CA PHE B 241 -9.50 -4.97 47.72
C PHE B 241 -7.95 -4.93 47.80
N TYR B 242 -7.33 -4.14 46.94
CA TYR B 242 -5.89 -3.96 47.05
C TYR B 242 -5.52 -3.63 48.49
N GLN B 243 -6.08 -2.59 49.13
CA GLN B 243 -5.67 -2.33 50.55
C GLN B 243 -5.88 -3.52 51.46
N GLU B 244 -7.10 -4.02 51.51
CA GLU B 244 -7.44 -5.12 52.42
C GLU B 244 -6.76 -6.42 52.16
N SER B 245 -6.66 -6.87 50.92
CA SER B 245 -6.18 -8.25 50.66
C SER B 245 -6.80 -9.40 51.42
N ALA B 246 -8.10 -9.33 51.69
CA ALA B 246 -8.76 -10.42 52.36
C ALA B 246 -8.79 -11.72 51.52
N PRO B 247 -8.33 -12.81 52.08
CA PRO B 247 -8.40 -14.10 51.34
C PRO B 247 -9.83 -14.56 51.08
N ALA B 248 -10.12 -15.04 49.89
CA ALA B 248 -11.48 -15.49 49.57
C ALA B 248 -11.77 -16.83 50.27
N GLN B 249 -12.86 -16.91 51.03
CA GLN B 249 -13.13 -18.14 51.78
C GLN B 249 -13.96 -19.17 51.02
N SER B 250 -14.61 -18.75 49.94
CA SER B 250 -15.10 -19.70 49.00
C SER B 250 -15.35 -19.04 47.67
N ASP B 251 -16.33 -19.47 46.92
CA ASP B 251 -16.32 -19.13 45.53
C ASP B 251 -16.82 -17.72 45.19
N VAL B 252 -17.71 -17.23 46.03
CA VAL B 252 -18.52 -16.09 45.72
C VAL B 252 -18.83 -15.39 47.04
N ALA B 253 -18.60 -14.08 47.06
CA ALA B 253 -18.98 -13.29 48.21
C ALA B 253 -20.42 -12.82 48.04
N LEU B 254 -21.32 -13.24 48.91
CA LEU B 254 -22.69 -12.79 48.74
C LEU B 254 -22.90 -11.38 49.31
N LEU B 255 -23.42 -10.44 48.50
CA LEU B 255 -23.65 -9.05 48.94
C LEU B 255 -25.15 -8.74 48.98
N ARG B 256 -25.63 -7.98 49.96
CA ARG B 256 -27.00 -7.46 49.91
C ARG B 256 -26.91 -6.01 49.48
N PHE B 257 -27.76 -5.51 48.59
CA PHE B 257 -27.79 -4.07 48.37
C PHE B 257 -28.92 -3.51 49.23
N VAL B 258 -28.56 -2.75 50.25
CA VAL B 258 -29.54 -2.27 51.23
C VAL B 258 -30.03 -0.85 50.97
N ASN B 259 -31.32 -0.60 51.25
CA ASN B 259 -31.85 0.77 51.30
C ASN B 259 -31.97 1.35 52.71
N PRO B 260 -31.19 2.31 53.07
CA PRO B 260 -31.21 2.80 54.42
C PRO B 260 -32.58 3.34 54.85
N ASP B 261 -33.45 3.75 53.92
CA ASP B 261 -34.78 4.16 54.31
C ASP B 261 -35.63 2.91 54.19
N THR B 262 -36.15 2.42 55.31
CA THR B 262 -36.94 1.20 55.29
C THR B 262 -36.08 -0.02 55.61
N GLY B 263 -34.76 0.17 55.59
CA GLY B 263 -33.85 -0.80 56.15
C GLY B 263 -33.96 -2.13 55.49
N ARG B 264 -34.61 -2.17 54.38
CA ARG B 264 -34.83 -3.40 53.65
C ARG B 264 -33.73 -3.73 52.61
N VAL B 265 -33.51 -5.02 52.37
CA VAL B 265 -32.63 -5.48 51.31
C VAL B 265 -33.35 -5.35 49.97
N LEU B 266 -32.83 -4.56 49.06
CA LEU B 266 -33.46 -4.44 47.78
C LEU B 266 -33.20 -5.65 46.87
N PHE B 267 -31.98 -6.23 46.91
CA PHE B 267 -31.61 -7.37 46.09
C PHE B 267 -30.26 -7.91 46.52
N GLU B 268 -29.96 -9.19 46.25
CA GLU B 268 -28.71 -9.75 46.65
C GLU B 268 -27.93 -10.17 45.43
N CYS B 269 -26.60 -10.26 45.50
CA CYS B 269 -25.89 -10.58 44.29
C CYS B 269 -24.62 -11.31 44.60
N LYS B 270 -23.94 -11.80 43.56
CA LYS B 270 -22.76 -12.60 43.81
C LYS B 270 -21.56 -11.80 43.43
N LEU B 271 -20.64 -11.55 44.34
CA LEU B 271 -19.39 -11.01 43.93
C LEU B 271 -18.42 -12.17 43.72
N HIS B 272 -18.04 -12.47 42.49
CA HIS B 272 -17.16 -13.63 42.29
C HIS B 272 -15.73 -13.27 42.66
N LYS B 273 -15.08 -14.21 43.31
CA LYS B 273 -13.70 -14.04 43.72
C LYS B 273 -12.76 -13.47 42.66
N SER B 274 -12.94 -13.77 41.41
CA SER B 274 -12.05 -13.14 40.46
C SER B 274 -12.48 -11.71 40.01
N GLY B 275 -13.59 -11.17 40.50
CA GLY B 275 -13.79 -9.75 40.37
C GLY B 275 -14.95 -9.04 39.76
N TYR B 276 -15.96 -9.80 39.33
CA TYR B 276 -17.24 -9.25 38.90
C TYR B 276 -18.49 -9.72 39.62
N VAL B 277 -19.64 -9.17 39.22
CA VAL B 277 -20.86 -9.41 39.95
C VAL B 277 -21.93 -9.99 39.04
N THR B 278 -22.68 -10.97 39.55
CA THR B 278 -23.88 -11.42 38.81
C THR B 278 -25.12 -11.24 39.64
N VAL B 279 -26.24 -11.16 38.94
CA VAL B 279 -27.56 -11.12 39.60
C VAL B 279 -28.47 -12.11 38.87
N ALA B 280 -29.61 -12.38 39.52
CA ALA B 280 -30.64 -13.28 38.99
C ALA B 280 -31.68 -12.42 38.29
N HIS B 281 -31.64 -12.37 36.97
CA HIS B 281 -32.55 -11.58 36.19
C HIS B 281 -32.41 -12.01 34.76
N THR B 282 -33.44 -11.84 33.95
CA THR B 282 -33.33 -12.13 32.51
C THR B 282 -33.85 -10.89 31.79
N GLY B 283 -33.13 -10.37 30.79
CA GLY B 283 -33.57 -9.16 30.07
C GLY B 283 -32.75 -7.91 30.44
N GLN B 284 -32.83 -6.87 29.62
CA GLN B 284 -32.10 -5.65 29.92
C GLN B 284 -32.85 -4.88 30.96
N HIS B 285 -32.15 -4.33 31.94
CA HIS B 285 -32.85 -3.61 32.99
C HIS B 285 -31.95 -2.58 33.64
N ASP B 286 -32.46 -1.36 33.74
CA ASP B 286 -31.87 -0.30 34.58
C ASP B 286 -32.34 -0.42 35.99
N LEU B 287 -31.47 -0.77 36.93
CA LEU B 287 -32.02 -0.98 38.26
C LEU B 287 -32.60 0.33 38.79
N VAL B 288 -33.60 0.28 39.60
CA VAL B 288 -34.07 1.51 40.22
C VAL B 288 -33.69 1.41 41.68
N ILE B 289 -32.90 2.38 42.15
CA ILE B 289 -32.35 2.26 43.50
C ILE B 289 -32.58 3.54 44.26
N PRO B 290 -32.74 3.44 45.58
CA PRO B 290 -32.73 4.68 46.37
C PRO B 290 -31.29 5.25 46.28
N PRO B 291 -31.14 6.52 45.92
CA PRO B 291 -29.81 7.14 45.82
C PRO B 291 -28.89 6.93 47.04
N ASN B 292 -29.45 6.79 48.24
CA ASN B 292 -28.60 6.54 49.44
C ASN B 292 -28.41 5.05 49.73
N GLY B 293 -28.81 4.22 48.79
CA GLY B 293 -28.54 2.78 48.92
C GLY B 293 -27.07 2.39 48.74
N TYR B 294 -26.65 1.36 49.47
CA TYR B 294 -25.27 0.89 49.48
C TYR B 294 -25.24 -0.69 49.48
N PHE B 295 -24.10 -1.26 49.06
CA PHE B 295 -23.74 -2.71 49.14
C PHE B 295 -23.13 -3.17 50.48
N ARG B 296 -23.49 -4.32 51.03
CA ARG B 296 -22.84 -4.87 52.25
C ARG B 296 -22.57 -6.39 52.07
N PHE B 297 -21.34 -6.81 52.37
CA PHE B 297 -20.99 -8.20 52.42
C PHE B 297 -21.74 -8.98 53.52
N ASP B 298 -22.41 -10.05 53.14
CA ASP B 298 -23.07 -10.91 54.10
C ASP B 298 -22.27 -12.19 54.48
N SER B 299 -21.74 -12.91 53.50
CA SER B 299 -21.04 -14.21 53.70
C SER B 299 -20.44 -14.82 52.41
N TRP B 300 -19.46 -15.70 52.59
CA TRP B 300 -18.91 -16.50 51.54
C TRP B 300 -19.74 -17.75 51.26
N VAL B 301 -20.18 -17.96 50.02
CA VAL B 301 -21.06 -19.08 49.72
C VAL B 301 -20.52 -19.83 48.52
N ASN B 302 -21.17 -20.94 48.18
CA ASN B 302 -20.82 -21.72 47.00
C ASN B 302 -21.24 -20.95 45.76
N GLN B 303 -20.74 -21.33 44.60
CA GLN B 303 -21.23 -20.81 43.36
C GLN B 303 -22.63 -21.25 43.06
N PHE B 304 -23.06 -22.32 43.68
CA PHE B 304 -24.33 -22.94 43.43
C PHE B 304 -25.39 -22.35 44.27
N TYR B 305 -25.06 -21.35 45.02
CA TYR B 305 -26.03 -20.65 45.81
C TYR B 305 -27.00 -20.03 44.87
N THR B 306 -28.28 -20.13 45.18
CA THR B 306 -29.31 -19.50 44.39
C THR B 306 -29.79 -18.15 44.87
N LEU B 307 -29.63 -17.11 44.07
CA LEU B 307 -30.07 -15.76 44.39
C LEU B 307 -31.58 -15.62 44.32
N ALA B 308 -32.19 -14.86 45.23
CA ALA B 308 -33.57 -14.42 45.05
C ALA B 308 -33.73 -13.60 43.76
N PRO B 309 -34.83 -13.80 43.03
CA PRO B 309 -34.90 -12.94 41.82
C PRO B 309 -34.64 -11.48 42.19
N MET B 310 -33.88 -10.76 41.38
CA MET B 310 -33.74 -9.31 41.57
C MET B 310 -35.01 -8.54 41.14
N GLY B 311 -35.89 -8.22 42.11
CA GLY B 311 -37.25 -7.68 41.84
C GLY B 311 -37.61 -7.73 40.36
N GLU C 1 19.96 41.99 -20.43
CA GLU C 1 20.65 43.04 -21.28
C GLU C 1 22.04 42.62 -21.76
N SER C 2 22.68 41.73 -20.99
CA SER C 2 24.13 41.58 -20.94
C SER C 2 24.70 40.16 -21.26
N ARG C 3 25.46 39.97 -22.37
CA ARG C 3 25.80 38.58 -22.80
C ARG C 3 26.98 37.88 -22.09
N THR C 4 26.68 37.27 -20.97
CA THR C 4 27.64 36.66 -20.08
C THR C 4 27.24 35.22 -19.75
N LYS C 5 28.14 34.50 -19.13
CA LYS C 5 27.94 33.10 -18.74
C LYS C 5 26.79 32.97 -17.73
N PRO C 6 25.82 32.09 -18.01
CA PRO C 6 24.62 32.04 -17.17
C PRO C 6 24.96 31.62 -15.76
N PHE C 7 24.45 32.37 -14.78
CA PHE C 7 24.45 32.01 -13.37
C PHE C 7 23.67 30.69 -13.04
N THR C 8 24.16 29.90 -12.07
CA THR C 8 23.52 28.67 -11.69
C THR C 8 23.80 28.31 -10.26
N VAL C 9 22.98 27.42 -9.70
CA VAL C 9 23.24 26.81 -8.41
C VAL C 9 23.46 25.33 -8.56
N PRO C 10 24.24 24.72 -7.68
CA PRO C 10 24.53 23.28 -7.81
C PRO C 10 23.25 22.46 -7.85
N ILE C 11 23.22 21.41 -8.65
CA ILE C 11 22.06 20.53 -8.56
C ILE C 11 22.33 19.55 -7.41
N LEU C 12 21.98 19.94 -6.19
CA LEU C 12 22.15 19.11 -5.00
C LEU C 12 20.87 19.27 -4.13
N THR C 13 20.35 18.15 -3.64
CA THR C 13 19.24 18.17 -2.63
C THR C 13 19.77 18.73 -1.32
N VAL C 14 18.89 19.27 -0.50
CA VAL C 14 19.32 19.73 0.81
C VAL C 14 20.19 18.71 1.53
N GLU C 15 19.74 17.46 1.61
CA GLU C 15 20.55 16.47 2.37
C GLU C 15 21.91 16.11 1.77
N GLU C 16 22.12 16.43 0.50
CA GLU C 16 23.39 16.15 -0.11
C GLU C 16 24.38 17.25 0.19
N MET C 17 23.96 18.30 0.87
CA MET C 17 24.79 19.45 1.08
C MET C 17 25.30 19.65 2.53
N THR C 18 26.26 20.54 2.71
CA THR C 18 26.96 20.62 3.99
C THR C 18 26.74 21.96 4.67
N ASN C 19 26.65 21.98 6.00
CA ASN C 19 26.43 23.29 6.65
C ASN C 19 27.70 24.16 6.46
N SER C 20 27.58 25.46 6.27
CA SER C 20 28.80 26.26 6.04
C SER C 20 29.38 26.95 7.33
N ARG C 21 28.75 26.73 8.49
CA ARG C 21 29.19 27.29 9.77
C ARG C 21 29.72 26.24 10.75
N PHE C 22 29.54 24.96 10.46
CA PHE C 22 30.14 23.85 11.25
C PHE C 22 30.27 22.64 10.33
N PRO C 23 31.35 21.81 10.46
CA PRO C 23 31.49 20.72 9.45
C PRO C 23 30.48 19.59 9.65
N ILE C 24 29.19 19.79 9.36
CA ILE C 24 28.24 18.67 9.34
C ILE C 24 27.25 18.84 8.18
N PRO C 25 26.53 17.78 7.84
CA PRO C 25 25.50 17.87 6.75
C PRO C 25 24.37 18.85 7.06
N LEU C 26 23.75 19.47 6.04
CA LEU C 26 22.42 20.09 6.16
C LEU C 26 21.33 19.06 6.43
N GLU C 27 20.28 19.46 7.13
CA GLU C 27 19.23 18.55 7.50
C GLU C 27 17.97 19.04 6.89
N LYS C 28 17.74 20.36 6.89
CA LYS C 28 16.41 20.85 6.54
C LYS C 28 16.37 22.32 6.29
N LEU C 29 15.26 22.81 5.78
CA LEU C 29 15.09 24.24 5.56
C LEU C 29 14.17 24.85 6.61
N PHE C 30 14.54 26.00 7.13
CA PHE C 30 13.68 26.59 8.11
C PHE C 30 13.58 28.08 7.87
N THR C 31 12.38 28.62 8.06
CA THR C 31 12.14 30.05 8.02
C THR C 31 11.43 30.59 9.30
N GLY C 32 11.68 31.88 9.58
CA GLY C 32 11.14 32.56 10.74
C GLY C 32 11.48 34.05 10.85
N PRO C 33 10.72 34.79 11.64
CA PRO C 33 11.08 36.21 11.79
C PRO C 33 12.47 36.35 12.35
N SER C 34 13.19 37.39 11.99
CA SER C 34 14.50 37.57 12.63
C SER C 34 14.78 39.01 13.10
N SER C 35 13.73 39.80 13.28
CA SER C 35 13.94 41.18 13.74
C SER C 35 14.41 41.28 15.23
N ALA C 36 13.93 40.37 16.07
CA ALA C 36 14.50 40.21 17.45
C ALA C 36 16.04 39.97 17.57
N PHE C 37 16.74 39.47 16.54
CA PHE C 37 18.17 39.24 16.70
C PHE C 37 19.01 39.73 15.47
N VAL C 38 20.33 39.76 15.65
CA VAL C 38 21.18 40.23 14.61
C VAL C 38 21.67 39.05 13.79
N VAL C 39 21.33 38.99 12.51
CA VAL C 39 21.84 37.91 11.72
C VAL C 39 23.11 38.40 11.05
N GLN C 40 24.25 38.05 11.61
CA GLN C 40 25.52 38.42 10.97
C GLN C 40 26.57 37.30 11.02
N PRO C 41 26.23 36.10 10.61
CA PRO C 41 27.29 35.09 10.66
C PRO C 41 28.42 35.50 9.72
N GLN C 42 29.63 35.03 10.00
CA GLN C 42 30.83 35.34 9.19
C GLN C 42 31.33 34.15 8.37
N ASN C 43 30.84 32.94 8.63
CA ASN C 43 31.12 31.80 7.75
C ASN C 43 29.89 31.55 6.85
N GLY C 44 30.10 30.89 5.70
CA GLY C 44 28.98 30.73 4.77
C GLY C 44 28.46 32.05 4.23
N ARG C 45 29.39 32.97 3.93
CA ARG C 45 29.14 34.30 3.35
C ARG C 45 29.85 34.47 2.01
N CYS C 46 29.10 34.69 0.94
CA CYS C 46 29.76 34.73 -0.33
C CYS C 46 28.85 35.43 -1.31
N THR C 47 29.35 36.22 -2.28
CA THR C 47 28.37 36.91 -3.17
C THR C 47 27.99 35.96 -4.30
N THR C 48 26.85 36.18 -4.95
CA THR C 48 26.47 35.26 -6.02
C THR C 48 27.53 35.20 -7.13
N ASP C 49 28.36 36.21 -7.22
CA ASP C 49 29.36 36.25 -8.29
C ASP C 49 30.76 36.02 -7.72
N GLY C 50 30.85 35.28 -6.64
CA GLY C 50 32.13 34.71 -6.26
C GLY C 50 33.05 35.40 -5.26
N ALA C 51 32.57 36.31 -4.42
CA ALA C 51 33.48 37.07 -3.51
C ALA C 51 33.27 36.55 -2.09
N LEU C 52 34.30 35.86 -1.59
CA LEU C 52 34.17 35.29 -0.27
C LEU C 52 34.20 36.47 0.69
N LEU C 53 33.47 36.40 1.79
CA LEU C 53 33.24 37.51 2.70
C LEU C 53 33.42 36.98 4.09
N GLY C 54 33.51 37.90 5.03
CA GLY C 54 33.73 37.53 6.41
C GLY C 54 34.97 36.68 6.57
N THR C 55 34.83 35.57 7.33
CA THR C 55 35.93 34.66 7.61
C THR C 55 35.72 33.39 6.82
N THR C 56 34.91 33.47 5.74
CA THR C 56 34.51 32.32 4.94
C THR C 56 35.57 31.81 3.96
N GLN C 57 35.88 30.50 3.97
CA GLN C 57 36.91 29.96 3.04
C GLN C 57 36.31 28.71 2.33
N LEU C 58 37.07 27.87 1.57
CA LEU C 58 36.40 26.91 0.66
C LEU C 58 36.23 25.57 1.29
N SER C 59 37.09 25.23 2.24
CA SER C 59 37.11 23.88 2.75
C SER C 59 35.87 23.58 3.61
N PRO C 60 35.15 22.49 3.29
CA PRO C 60 34.09 22.09 4.24
C PRO C 60 34.59 21.50 5.54
N VAL C 61 35.78 20.94 5.57
CA VAL C 61 36.26 20.34 6.83
C VAL C 61 37.02 21.33 7.68
N ASP C 62 37.61 22.34 7.12
CA ASP C 62 38.32 23.27 7.97
C ASP C 62 37.51 24.37 8.66
N ILE C 63 36.22 24.24 8.91
CA ILE C 63 35.47 25.28 9.61
C ILE C 63 35.52 24.97 11.10
N CYS C 64 35.83 25.93 11.95
CA CYS C 64 35.92 25.62 13.36
C CYS C 64 37.11 24.75 13.73
N THR C 65 38.15 24.72 12.92
CA THR C 65 39.36 24.01 13.32
C THR C 65 40.40 25.05 13.73
N PHE C 66 41.55 24.61 14.20
CA PHE C 66 42.59 25.51 14.62
C PHE C 66 43.86 24.67 14.54
N ARG C 67 44.94 25.30 14.13
CA ARG C 67 46.25 24.69 14.00
C ARG C 67 47.20 25.64 14.66
N GLY C 68 48.30 25.17 15.18
CA GLY C 68 49.32 26.06 15.71
C GLY C 68 50.24 25.30 16.64
N ASP C 69 50.99 25.99 17.48
CA ASP C 69 51.76 25.29 18.51
C ASP C 69 51.09 25.56 19.83
N VAL C 70 51.30 24.69 20.81
CA VAL C 70 50.70 24.95 22.11
C VAL C 70 51.66 25.18 23.27
N THR C 71 51.14 25.80 24.31
CA THR C 71 51.89 26.18 25.50
C THR C 71 51.03 25.96 26.74
N HIS C 72 51.51 25.19 27.70
CA HIS C 72 50.76 24.91 28.91
C HIS C 72 50.62 26.15 29.80
N ILE C 73 49.51 26.24 30.52
CA ILE C 73 49.34 27.28 31.52
C ILE C 73 49.47 26.68 32.92
N ALA C 74 50.48 27.15 33.65
CA ALA C 74 50.91 26.57 34.92
C ALA C 74 49.77 26.40 35.94
N GLY C 75 49.72 25.22 36.56
CA GLY C 75 48.67 24.91 37.50
C GLY C 75 47.25 24.79 36.93
N THR C 76 47.09 24.62 35.62
CA THR C 76 45.76 24.38 35.09
C THR C 76 45.77 23.26 34.14
N GLN C 77 44.65 23.08 33.50
CA GLN C 77 44.55 22.10 32.43
C GLN C 77 44.28 22.77 31.09
N ASN C 78 44.76 24.00 30.96
CA ASN C 78 44.52 24.79 29.79
C ASN C 78 45.76 24.99 28.99
N TYR C 79 45.60 25.11 27.68
CA TYR C 79 46.73 25.47 26.87
C TYR C 79 46.42 26.69 26.06
N THR C 80 47.45 27.52 25.89
CA THR C 80 47.39 28.57 24.89
C THR C 80 47.94 28.08 23.51
N MET C 81 47.16 28.26 22.45
CA MET C 81 47.60 27.92 21.09
C MET C 81 47.95 29.19 20.28
N ASN C 82 49.14 29.24 19.71
CA ASN C 82 49.41 30.25 18.71
C ASN C 82 49.03 29.78 17.35
N LEU C 83 48.15 30.51 16.70
CA LEU C 83 47.49 29.99 15.53
C LEU C 83 48.45 30.08 14.38
N ALA C 84 48.42 29.11 13.46
CA ALA C 84 49.05 29.33 12.17
C ALA C 84 47.92 29.33 11.17
N SER C 85 48.21 29.47 9.90
CA SER C 85 47.11 29.37 8.95
C SER C 85 46.91 27.97 8.51
N GLN C 86 45.87 27.79 7.71
CA GLN C 86 45.52 26.52 7.11
C GLN C 86 46.72 25.77 6.50
N ASN C 87 47.77 26.48 6.12
CA ASN C 87 48.96 25.78 5.61
C ASN C 87 50.17 25.73 6.53
N TRP C 88 49.99 26.10 7.80
CA TRP C 88 51.07 26.06 8.77
C TRP C 88 52.02 27.23 8.64
N ASN C 89 51.73 28.12 7.71
CA ASN C 89 52.43 29.39 7.72
C ASN C 89 51.99 30.29 8.87
N ASN C 90 52.59 31.43 9.05
CA ASN C 90 52.18 32.24 10.17
C ASN C 90 50.88 32.97 9.95
N TYR C 91 50.05 33.08 10.99
CA TYR C 91 48.82 33.84 10.87
C TYR C 91 49.23 35.32 10.67
N ASP C 92 48.67 35.97 9.68
CA ASP C 92 48.95 37.35 9.54
C ASP C 92 47.80 38.17 10.10
N PRO C 93 47.99 38.72 11.31
CA PRO C 93 46.93 39.46 11.99
C PRO C 93 46.46 40.72 11.22
N THR C 94 47.20 41.15 10.20
CA THR C 94 46.86 42.42 9.51
C THR C 94 46.23 42.20 8.18
N GLU C 95 46.00 40.95 7.84
CA GLU C 95 45.24 40.67 6.65
C GLU C 95 43.85 41.21 6.89
N GLU C 96 43.21 41.78 5.87
CA GLU C 96 41.94 42.41 6.13
C GLU C 96 40.72 41.51 6.26
N ILE C 97 40.69 40.64 7.26
CA ILE C 97 39.53 39.78 7.56
C ILE C 97 39.29 39.77 9.10
N PRO C 98 38.08 39.43 9.54
CA PRO C 98 37.77 39.56 10.95
C PRO C 98 38.56 38.62 11.89
N ALA C 99 39.08 37.52 11.38
CA ALA C 99 39.77 36.55 12.21
C ALA C 99 40.26 35.61 11.15
N PRO C 100 41.12 34.66 11.50
CA PRO C 100 41.64 33.63 10.60
C PRO C 100 40.50 32.91 9.88
N LEU C 101 40.62 32.69 8.57
CA LEU C 101 39.49 32.09 7.85
C LEU C 101 39.02 30.81 8.55
N GLY C 102 37.70 30.59 8.66
CA GLY C 102 37.21 29.39 9.29
C GLY C 102 36.95 29.47 10.79
N THR C 103 37.52 30.44 11.48
CA THR C 103 37.19 30.70 12.87
C THR C 103 35.66 30.66 13.15
N PRO C 104 35.27 30.03 14.27
CA PRO C 104 33.88 29.94 14.69
C PRO C 104 33.22 31.32 14.69
N ASP C 105 31.97 31.43 14.22
CA ASP C 105 31.32 32.73 14.24
C ASP C 105 30.18 32.82 15.24
N PHE C 106 30.33 32.20 16.38
CA PHE C 106 29.29 32.35 17.37
C PHE C 106 29.88 32.11 18.75
N VAL C 107 29.13 32.53 19.76
CA VAL C 107 29.56 32.40 21.12
C VAL C 107 29.07 31.10 21.70
N GLY C 108 30.01 30.29 22.15
CA GLY C 108 29.62 28.98 22.68
C GLY C 108 30.85 28.23 23.05
N LYS C 109 30.67 27.11 23.74
CA LYS C 109 31.77 26.25 24.00
C LYS C 109 31.70 25.05 23.09
N ILE C 110 32.66 24.96 22.16
CA ILE C 110 32.80 23.87 21.22
C ILE C 110 33.75 22.80 21.73
N GLN C 111 33.26 21.58 21.88
CA GLN C 111 34.12 20.47 22.31
C GLN C 111 34.67 19.65 21.14
N GLY C 112 35.89 19.15 21.26
CA GLY C 112 36.56 18.51 20.14
C GLY C 112 37.77 17.79 20.65
N VAL C 113 38.77 17.61 19.81
CA VAL C 113 39.95 16.88 20.22
C VAL C 113 41.18 17.59 19.70
N LEU C 114 42.17 17.71 20.56
CA LEU C 114 43.41 18.31 20.20
C LEU C 114 44.39 17.15 19.97
N THR C 115 45.05 17.14 18.83
CA THR C 115 46.00 16.11 18.54
C THR C 115 47.37 16.71 18.21
N GLN C 116 48.37 15.86 18.30
CA GLN C 116 49.71 16.36 18.16
C GLN C 116 50.61 15.24 17.69
N THR C 117 51.57 15.61 16.86
CA THR C 117 52.67 14.75 16.43
C THR C 117 54.03 15.37 16.80
N THR C 118 54.93 14.59 17.37
CA THR C 118 56.30 15.05 17.56
C THR C 118 57.14 14.89 16.28
N ARG C 119 57.53 16.00 15.69
CA ARG C 119 58.14 16.01 14.38
C ARG C 119 59.21 14.93 14.18
N ARG C 120 60.07 14.72 15.18
CA ARG C 120 61.33 13.96 14.95
C ARG C 120 61.22 12.48 15.10
N ASP C 121 60.17 11.95 15.69
CA ASP C 121 60.11 10.51 15.91
C ASP C 121 58.72 9.97 15.58
N GLY C 122 57.85 10.82 15.06
CA GLY C 122 56.53 10.37 14.71
C GLY C 122 55.59 9.98 15.83
N SER C 123 55.91 10.32 17.08
CA SER C 123 54.99 9.98 18.19
C SER C 123 53.74 10.90 18.26
N THR C 124 52.61 10.42 18.78
CA THR C 124 51.38 11.17 18.66
C THR C 124 50.52 11.10 19.84
N ARG C 125 49.78 12.15 20.10
CA ARG C 125 48.90 12.19 21.28
C ARG C 125 47.62 12.95 20.95
N GLY C 126 46.53 12.62 21.61
CA GLY C 126 45.22 13.27 21.37
C GLY C 126 44.44 13.33 22.67
N HIS C 127 43.81 14.47 22.95
CA HIS C 127 43.07 14.65 24.19
C HIS C 127 41.84 15.45 23.98
N LYS C 128 40.81 15.13 24.75
CA LYS C 128 39.60 15.92 24.75
C LYS C 128 39.89 17.37 25.13
N ALA C 129 39.28 18.30 24.41
CA ALA C 129 39.57 19.72 24.58
C ALA C 129 38.37 20.60 24.22
N THR C 130 38.15 21.71 24.92
CA THR C 130 37.00 22.59 24.63
C THR C 130 37.49 24.00 24.41
N VAL C 131 36.88 24.72 23.47
CA VAL C 131 37.30 26.09 23.31
C VAL C 131 36.07 26.91 23.57
N SER C 132 36.19 27.95 24.36
CA SER C 132 35.06 28.73 24.75
C SER C 132 35.10 30.14 24.04
N THR C 133 34.21 30.36 23.07
CA THR C 133 34.47 31.43 22.16
C THR C 133 34.07 32.81 22.71
N GLY C 134 33.52 32.80 23.92
CA GLY C 134 33.04 34.00 24.54
C GLY C 134 34.02 34.37 25.60
N SER C 135 34.89 33.44 25.96
CA SER C 135 35.96 33.65 26.93
C SER C 135 36.81 34.88 26.64
N VAL C 136 37.31 35.54 27.69
CA VAL C 136 38.22 36.68 27.46
C VAL C 136 39.48 36.24 26.74
N HIS C 137 39.86 34.97 26.86
CA HIS C 137 41.02 34.42 26.15
C HIS C 137 40.80 34.01 24.68
N PHE C 138 39.61 34.21 24.18
CA PHE C 138 39.34 33.97 22.76
C PHE C 138 39.70 35.19 21.85
N THR C 139 40.94 35.15 21.37
CA THR C 139 41.52 36.29 20.65
C THR C 139 42.15 35.80 19.33
N PRO C 140 41.36 35.13 18.49
CA PRO C 140 41.91 34.62 17.25
C PRO C 140 42.43 35.70 16.32
N LYS C 141 41.81 36.86 16.28
CA LYS C 141 42.31 37.86 15.36
C LYS C 141 43.67 38.40 15.86
N LEU C 142 44.03 38.13 17.12
CA LEU C 142 45.32 38.57 17.63
C LEU C 142 46.30 37.40 17.53
N GLY C 143 45.90 36.31 16.86
CA GLY C 143 46.76 35.11 16.73
C GLY C 143 46.70 34.09 17.88
N SER C 144 45.75 34.23 18.78
CA SER C 144 45.83 33.42 19.98
C SER C 144 44.46 32.98 20.48
N VAL C 145 44.39 31.76 21.02
CA VAL C 145 43.16 31.20 21.54
C VAL C 145 43.45 30.19 22.66
N GLN C 146 42.47 29.85 23.50
CA GLN C 146 42.77 28.98 24.63
C GLN C 146 41.90 27.74 24.73
N PHE C 147 42.46 26.62 25.21
CA PHE C 147 41.70 25.36 25.28
C PHE C 147 41.71 24.82 26.70
N SER C 148 40.57 24.30 27.17
CA SER C 148 40.59 23.56 28.42
C SER C 148 40.71 22.08 28.09
N THR C 149 41.39 21.28 28.88
CA THR C 149 41.57 19.88 28.57
C THR C 149 41.58 18.96 29.79
N ASP C 150 42.01 17.72 29.58
CA ASP C 150 42.09 16.76 30.69
C ASP C 150 43.48 16.21 30.91
N THR C 151 44.46 17.08 30.76
CA THR C 151 45.84 16.73 30.95
C THR C 151 46.66 17.98 31.20
N SER C 152 47.78 17.83 31.92
CA SER C 152 48.66 18.98 32.31
C SER C 152 50.12 18.78 31.97
N ASN C 153 50.42 17.67 31.31
CA ASN C 153 51.79 17.30 31.07
C ASN C 153 52.00 16.58 29.75
N ASP C 154 50.94 16.38 28.95
CA ASP C 154 51.14 15.60 27.73
C ASP C 154 51.57 16.42 26.53
N PHE C 155 51.00 17.58 26.29
CA PHE C 155 51.39 18.28 25.10
C PHE C 155 52.76 18.90 25.17
N GLU C 156 53.50 18.81 24.08
CA GLU C 156 54.84 19.36 23.94
C GLU C 156 54.83 20.77 23.33
N THR C 157 55.89 21.53 23.52
CA THR C 157 55.95 22.82 22.90
C THR C 157 56.60 22.68 21.53
N GLY C 158 56.41 23.69 20.69
CA GLY C 158 57.09 23.75 19.41
C GLY C 158 56.64 22.72 18.39
N GLN C 159 55.64 21.92 18.72
CA GLN C 159 55.16 20.86 17.83
C GLN C 159 53.77 21.15 17.18
N ASN C 160 53.61 20.78 15.91
CA ASN C 160 52.33 20.94 15.23
C ASN C 160 51.14 20.32 15.95
N THR C 161 50.20 21.19 16.30
CA THR C 161 49.02 20.79 17.01
C THR C 161 47.71 21.25 16.30
N ARG C 162 46.65 20.43 16.42
CA ARG C 162 45.45 20.56 15.58
C ARG C 162 44.17 20.35 16.43
N PHE C 163 43.15 21.14 16.17
CA PHE C 163 41.92 20.90 16.93
C PHE C 163 40.81 20.52 15.99
N THR C 164 40.20 19.35 16.18
CA THR C 164 39.06 18.96 15.40
C THR C 164 37.77 19.18 16.17
N PRO C 165 36.86 20.00 15.64
CA PRO C 165 35.62 20.22 16.35
C PRO C 165 34.72 18.99 16.30
N VAL C 166 33.90 18.82 17.32
CA VAL C 166 33.01 17.69 17.36
C VAL C 166 31.66 18.25 17.68
N GLY C 167 31.56 19.03 18.73
CA GLY C 167 30.25 19.52 19.04
C GLY C 167 30.20 20.61 20.06
N VAL C 168 29.02 20.78 20.64
CA VAL C 168 28.87 21.80 21.63
C VAL C 168 28.33 21.33 23.01
N VAL C 169 28.48 22.20 24.00
CA VAL C 169 28.31 21.80 25.37
C VAL C 169 27.45 22.87 26.08
N GLN C 170 26.75 22.52 27.15
CA GLN C 170 26.16 23.54 27.99
C GLN C 170 26.07 23.04 29.42
N ASP C 171 26.02 23.98 30.37
CA ASP C 171 26.01 23.65 31.80
C ASP C 171 24.56 23.40 32.36
N GLY C 172 24.28 22.12 32.68
CA GLY C 172 22.93 21.61 32.95
C GLY C 172 22.27 22.19 34.19
N SER C 173 23.09 22.62 35.12
CA SER C 173 22.59 23.27 36.32
C SER C 173 22.25 24.71 36.01
N THR C 174 22.40 25.17 34.76
CA THR C 174 21.85 26.49 34.35
C THR C 174 20.76 26.37 33.28
N THR C 175 20.17 27.50 32.89
CA THR C 175 19.03 27.47 31.96
C THR C 175 19.28 26.61 30.68
N HIS C 176 18.49 25.57 30.52
CA HIS C 176 18.56 24.74 29.35
C HIS C 176 18.53 25.53 28.03
N GLN C 177 19.28 25.07 27.04
CA GLN C 177 19.40 25.74 25.75
C GLN C 177 19.96 27.20 25.80
N ASN C 178 20.55 27.59 26.92
CA ASN C 178 20.98 28.96 27.04
C ASN C 178 22.23 29.26 26.19
N GLU C 179 22.91 28.22 25.74
CA GLU C 179 24.12 28.36 24.95
C GLU C 179 24.22 27.07 24.11
N PRO C 180 24.87 27.12 22.95
CA PRO C 180 25.50 28.26 22.37
C PRO C 180 24.50 29.29 21.92
N GLN C 181 24.99 30.40 21.41
CA GLN C 181 24.14 31.51 21.02
C GLN C 181 24.52 31.80 19.62
N GLN C 182 23.87 31.10 18.72
CA GLN C 182 24.30 31.09 17.35
C GLN C 182 24.24 32.48 16.64
N TRP C 183 23.54 33.46 17.20
CA TRP C 183 23.55 34.71 16.51
C TRP C 183 24.37 35.76 17.22
N VAL C 184 25.18 35.40 18.20
CA VAL C 184 26.04 36.38 18.78
C VAL C 184 27.50 36.19 18.28
N LEU C 185 28.09 37.21 17.64
CA LEU C 185 29.52 37.12 17.25
C LEU C 185 30.49 37.07 18.46
N PRO C 186 31.51 36.21 18.40
CA PRO C 186 32.58 36.29 19.42
C PRO C 186 33.21 37.67 19.31
N ASP C 187 34.01 38.05 20.30
CA ASP C 187 34.85 39.24 20.13
C ASP C 187 36.19 38.76 19.65
N TYR C 188 36.46 38.86 18.36
CA TYR C 188 37.64 38.21 17.78
C TYR C 188 39.00 38.68 18.36
N SER C 189 39.03 39.91 18.88
CA SER C 189 40.25 40.43 19.40
C SER C 189 40.17 40.55 20.93
N GLY C 190 39.13 39.99 21.53
CA GLY C 190 38.96 40.05 22.98
C GLY C 190 38.14 41.27 23.33
N ARG C 191 38.05 41.52 24.63
CA ARG C 191 37.27 42.67 25.14
C ARG C 191 37.98 43.96 24.83
N ASP C 192 37.22 45.01 24.53
CA ASP C 192 37.84 46.36 24.37
C ASP C 192 38.80 46.35 23.18
N SER C 193 38.22 45.93 22.05
CA SER C 193 38.80 46.00 20.74
C SER C 193 37.60 45.61 19.90
N HIS C 194 37.26 46.36 18.86
CA HIS C 194 36.04 46.08 18.09
C HIS C 194 36.28 45.02 16.99
N ASN C 195 35.22 44.35 16.53
CA ASN C 195 35.30 43.48 15.34
C ASN C 195 35.52 44.25 14.07
N VAL C 196 36.35 43.79 13.16
CA VAL C 196 36.60 44.53 11.91
C VAL C 196 36.33 43.69 10.68
N HIS C 197 36.10 44.34 9.55
CA HIS C 197 35.91 43.63 8.29
C HIS C 197 34.75 42.59 8.25
N LEU C 198 33.74 42.79 9.08
CA LEU C 198 32.63 41.88 9.08
C LEU C 198 31.87 41.85 7.77
N ALA C 199 31.46 40.68 7.33
CA ALA C 199 30.36 40.59 6.39
C ALA C 199 29.14 41.19 7.08
N PRO C 200 28.36 42.00 6.35
CA PRO C 200 27.24 42.74 6.95
C PRO C 200 26.13 41.85 7.54
N ALA C 201 25.44 42.38 8.56
CA ALA C 201 24.15 41.88 9.04
C ALA C 201 23.16 41.81 7.87
N VAL C 202 22.26 40.81 7.89
CA VAL C 202 21.22 40.72 6.84
C VAL C 202 19.80 40.77 7.33
N ALA C 203 18.93 41.34 6.51
CA ALA C 203 17.51 41.36 6.89
C ALA C 203 16.62 41.41 5.66
N PRO C 204 15.52 40.67 5.72
CA PRO C 204 14.52 40.70 4.63
C PRO C 204 13.94 42.10 4.62
N THR C 205 14.06 42.85 3.56
CA THR C 205 13.54 44.21 3.73
C THR C 205 12.30 44.37 2.87
N PHE C 206 11.68 43.28 2.50
CA PHE C 206 10.67 43.40 1.49
C PHE C 206 9.40 42.98 2.22
N PRO C 207 8.33 43.77 2.13
CA PRO C 207 7.13 43.42 2.92
C PRO C 207 6.73 41.96 2.68
N GLY C 208 6.35 41.24 3.73
CA GLY C 208 5.93 39.84 3.60
C GLY C 208 7.00 38.74 3.62
N GLU C 209 8.28 39.16 3.69
CA GLU C 209 9.41 38.27 3.39
C GLU C 209 10.23 37.88 4.63
N GLN C 210 10.76 36.65 4.66
CA GLN C 210 11.62 36.19 5.77
C GLN C 210 12.88 35.57 5.22
N LEU C 211 13.89 35.43 6.08
CA LEU C 211 15.09 34.69 5.68
C LEU C 211 14.69 33.21 5.55
N LEU C 212 15.34 32.54 4.59
CA LEU C 212 15.27 31.11 4.51
C LEU C 212 16.60 30.66 5.08
N PHE C 213 16.55 29.82 6.09
CA PHE C 213 17.76 29.25 6.66
C PHE C 213 17.98 27.77 6.29
N PHE C 214 19.24 27.45 6.03
CA PHE C 214 19.71 26.08 5.88
C PHE C 214 20.18 25.59 7.23
N ARG C 215 19.49 24.61 7.75
CA ARG C 215 19.61 24.22 9.14
C ARG C 215 20.17 22.80 9.35
N SER C 216 21.06 22.70 10.34
CA SER C 216 21.55 21.42 10.83
C SER C 216 21.40 21.41 12.36
N THR C 217 21.78 20.30 12.98
CA THR C 217 21.69 20.08 14.39
C THR C 217 23.08 19.70 14.87
N MET C 218 23.79 20.59 15.58
CA MET C 218 25.12 20.25 16.06
C MET C 218 25.02 19.13 17.05
N PRO C 219 26.05 18.24 17.07
CA PRO C 219 26.14 17.20 18.10
C PRO C 219 26.27 17.88 19.45
N GLY C 220 25.62 17.36 20.49
CA GLY C 220 25.77 17.84 21.84
C GLY C 220 26.67 16.88 22.62
N CYS C 221 27.65 17.38 23.36
CA CYS C 221 28.48 16.49 24.11
C CYS C 221 28.24 16.60 25.58
N SER C 222 27.31 17.44 26.03
CA SER C 222 27.10 17.53 27.48
C SER C 222 26.01 18.48 27.81
N GLY C 223 25.20 18.25 28.85
CA GLY C 223 24.16 19.23 29.20
C GLY C 223 23.03 19.41 28.17
N TYR C 224 22.37 20.56 28.19
CA TYR C 224 21.17 20.76 27.38
C TYR C 224 21.35 21.95 26.45
N PRO C 225 22.27 21.84 25.49
CA PRO C 225 22.68 22.92 24.69
C PRO C 225 21.69 23.22 23.58
N ASN C 226 21.76 24.41 22.98
CA ASN C 226 20.86 24.71 21.88
C ASN C 226 21.59 24.30 20.60
N MET C 227 21.09 23.26 19.94
CA MET C 227 21.87 22.66 18.90
C MET C 227 21.51 23.11 17.49
N ASN C 228 20.56 24.03 17.35
CA ASN C 228 20.27 24.48 16.03
C ASN C 228 21.40 25.34 15.46
N LEU C 229 21.74 25.15 14.19
CA LEU C 229 22.70 25.98 13.54
C LEU C 229 22.23 26.28 12.11
N ASP C 230 21.90 27.54 11.85
CA ASP C 230 21.36 27.98 10.59
C ASP C 230 22.41 28.69 9.76
N CYS C 231 22.48 28.40 8.47
CA CYS C 231 23.44 29.13 7.70
C CYS C 231 22.75 29.72 6.53
N LEU C 232 23.35 30.73 5.93
CA LEU C 232 22.64 31.50 4.93
C LEU C 232 22.81 30.90 3.52
N LEU C 233 23.87 30.10 3.34
CA LEU C 233 24.24 29.47 2.06
C LEU C 233 24.93 28.22 2.42
N PRO C 234 24.49 27.13 1.82
CA PRO C 234 25.19 25.87 1.97
C PRO C 234 26.63 26.06 1.52
N GLN C 235 27.54 25.34 2.15
CA GLN C 235 28.93 25.37 1.70
C GLN C 235 29.09 25.07 0.20
N GLU C 236 28.26 24.19 -0.37
CA GLU C 236 28.54 23.83 -1.76
C GLU C 236 28.17 25.01 -2.70
N TRP C 237 27.31 25.92 -2.22
CA TRP C 237 26.94 27.09 -3.02
C TRP C 237 28.08 28.07 -2.95
N VAL C 238 28.68 28.25 -1.77
CA VAL C 238 29.84 29.13 -1.65
C VAL C 238 30.94 28.63 -2.57
N GLN C 239 31.21 27.31 -2.48
CA GLN C 239 32.17 26.68 -3.39
C GLN C 239 31.82 26.90 -4.89
N HIS C 240 30.56 26.68 -5.27
CA HIS C 240 30.14 26.83 -6.65
C HIS C 240 30.33 28.30 -7.08
N PHE C 241 29.83 29.25 -6.27
CA PHE C 241 29.89 30.64 -6.66
C PHE C 241 31.37 31.10 -6.83
N TYR C 242 32.23 30.68 -5.92
CA TYR C 242 33.60 31.09 -6.05
C TYR C 242 34.19 30.55 -7.37
N GLN C 243 33.87 29.30 -7.73
CA GLN C 243 34.44 28.68 -8.93
C GLN C 243 33.89 29.35 -10.19
N GLU C 244 32.59 29.59 -10.22
CA GLU C 244 31.90 29.97 -11.40
C GLU C 244 32.02 31.48 -11.65
N SER C 245 31.77 32.28 -10.61
CA SER C 245 31.95 33.70 -10.75
C SER C 245 31.05 34.27 -11.82
N ALA C 246 29.82 33.81 -11.90
CA ALA C 246 28.99 34.28 -12.99
C ALA C 246 28.46 35.67 -12.73
N PRO C 247 28.58 36.53 -13.71
CA PRO C 247 28.19 37.93 -13.40
C PRO C 247 26.68 38.07 -13.10
N ALA C 248 26.34 38.87 -12.10
CA ALA C 248 24.97 39.05 -11.63
C ALA C 248 24.32 40.04 -12.55
N GLN C 249 23.14 39.77 -13.08
CA GLN C 249 22.55 40.83 -13.95
C GLN C 249 21.55 41.65 -13.18
N SER C 250 21.26 41.29 -11.95
CA SER C 250 20.46 42.17 -11.13
C SER C 250 20.88 41.86 -9.70
N ASP C 251 20.14 42.35 -8.69
CA ASP C 251 20.48 42.10 -7.31
C ASP C 251 19.78 40.87 -6.75
N VAL C 252 18.89 40.27 -7.53
CA VAL C 252 18.07 39.23 -7.04
C VAL C 252 17.96 38.12 -8.06
N ALA C 253 18.34 36.92 -7.66
CA ALA C 253 18.17 35.74 -8.49
C ALA C 253 16.91 35.01 -8.06
N LEU C 254 16.02 34.74 -9.00
CA LEU C 254 14.85 33.98 -8.65
C LEU C 254 15.13 32.49 -8.69
N LEU C 255 15.00 31.75 -7.59
CA LEU C 255 15.19 30.28 -7.58
C LEU C 255 13.80 29.61 -7.45
N ARG C 256 13.63 28.47 -8.08
CA ARG C 256 12.53 27.59 -7.82
C ARG C 256 13.11 26.34 -7.19
N PHE C 257 12.45 25.87 -6.13
CA PHE C 257 12.74 24.58 -5.57
C PHE C 257 11.89 23.50 -6.28
N VAL C 258 12.52 22.59 -6.99
CA VAL C 258 11.81 21.67 -7.91
C VAL C 258 11.78 20.22 -7.41
N ASN C 259 10.70 19.51 -7.69
CA ASN C 259 10.72 18.07 -7.49
C ASN C 259 11.00 17.44 -8.81
N PRO C 260 12.19 16.86 -9.02
CA PRO C 260 12.49 16.37 -10.39
C PRO C 260 11.66 15.13 -10.82
N ASP C 261 10.95 14.48 -9.91
CA ASP C 261 10.18 13.32 -10.30
C ASP C 261 9.04 13.78 -11.17
N THR C 262 8.33 14.76 -10.65
CA THR C 262 7.05 15.23 -11.16
C THR C 262 7.24 16.46 -12.05
N GLY C 263 8.34 17.17 -11.92
CA GLY C 263 8.49 18.43 -12.59
C GLY C 263 7.94 19.60 -11.78
N ARG C 264 7.13 19.32 -10.76
CA ARG C 264 6.46 20.38 -10.01
C ARG C 264 7.40 21.29 -9.20
N VAL C 265 6.97 22.54 -9.06
CA VAL C 265 7.68 23.55 -8.31
C VAL C 265 7.05 23.64 -6.96
N LEU C 266 7.83 23.45 -5.92
CA LEU C 266 7.33 23.52 -4.61
C LEU C 266 7.10 24.95 -4.13
N PHE C 267 8.10 25.83 -4.26
CA PHE C 267 8.02 27.22 -3.84
C PHE C 267 9.10 27.95 -4.56
N GLU C 268 9.14 29.26 -4.47
CA GLU C 268 10.17 29.96 -5.20
C GLU C 268 10.82 30.86 -4.16
N CYS C 269 12.07 31.30 -4.35
CA CYS C 269 12.69 32.18 -3.33
C CYS C 269 13.70 33.12 -3.94
N LYS C 270 14.05 34.18 -3.23
CA LYS C 270 14.99 35.15 -3.79
C LYS C 270 16.38 34.82 -3.28
N LEU C 271 17.34 34.71 -4.17
CA LEU C 271 18.73 34.53 -3.74
C LEU C 271 19.38 35.87 -4.00
N HIS C 272 19.66 36.59 -2.94
CA HIS C 272 20.13 37.94 -3.13
C HIS C 272 21.58 37.94 -3.57
N LYS C 273 21.97 38.96 -4.31
CA LYS C 273 23.30 39.04 -4.81
C LYS C 273 24.35 39.05 -3.75
N SER C 274 24.10 39.75 -2.69
CA SER C 274 25.05 39.77 -1.60
C SER C 274 25.06 38.44 -0.82
N GLY C 275 24.12 37.54 -1.08
CA GLY C 275 24.32 36.16 -0.62
C GLY C 275 23.45 35.29 0.28
N TYR C 276 22.29 35.81 0.71
CA TYR C 276 21.28 35.03 1.45
C TYR C 276 19.91 34.84 0.75
N VAL C 277 19.04 34.02 1.35
CA VAL C 277 17.79 33.68 0.69
C VAL C 277 16.54 34.23 1.43
N THR C 278 15.53 34.73 0.71
CA THR C 278 14.30 35.07 1.42
C THR C 278 13.14 34.34 0.77
N VAL C 279 12.07 34.09 1.55
CA VAL C 279 10.81 33.54 1.05
C VAL C 279 9.62 34.39 1.54
N ALA C 280 8.49 34.23 0.91
CA ALA C 280 7.35 34.98 1.32
C ALA C 280 6.57 34.19 2.35
N HIS C 281 6.73 34.55 3.61
CA HIS C 281 6.08 33.87 4.67
C HIS C 281 6.11 34.63 5.96
N THR C 282 5.16 34.39 6.84
CA THR C 282 5.13 35.02 8.15
C THR C 282 5.01 33.95 9.17
N GLY C 283 5.86 33.91 10.17
CA GLY C 283 5.78 32.81 11.12
C GLY C 283 6.92 31.81 10.97
N GLN C 284 7.10 31.02 12.03
CA GLN C 284 8.16 30.05 12.09
C GLN C 284 7.69 28.85 11.30
N HIS C 285 8.51 28.26 10.43
CA HIS C 285 8.03 27.10 9.65
C HIS C 285 9.10 26.18 9.17
N ASP C 286 8.93 24.90 9.46
CA ASP C 286 9.85 23.84 9.03
C ASP C 286 9.43 23.39 7.63
N LEU C 287 10.21 23.67 6.59
CA LEU C 287 9.65 23.36 5.25
C LEU C 287 9.46 21.83 5.05
N VAL C 288 8.38 21.39 4.42
CA VAL C 288 8.27 19.98 4.12
C VAL C 288 8.72 19.76 2.70
N ILE C 289 9.78 19.01 2.48
CA ILE C 289 10.23 18.93 1.10
C ILE C 289 10.39 17.51 0.68
N PRO C 290 10.14 17.22 -0.59
CA PRO C 290 10.50 15.91 -1.11
C PRO C 290 12.00 15.72 -1.04
N PRO C 291 12.39 14.55 -0.56
CA PRO C 291 13.82 14.41 -0.25
C PRO C 291 14.74 14.53 -1.51
N ASN C 292 14.17 14.53 -2.71
CA ASN C 292 15.00 14.62 -3.90
C ASN C 292 14.88 15.98 -4.59
N GLY C 293 14.10 16.88 -3.97
CA GLY C 293 14.00 18.25 -4.49
C GLY C 293 15.34 18.97 -4.51
N TYR C 294 15.45 20.00 -5.32
CA TYR C 294 16.68 20.78 -5.38
C TYR C 294 16.36 22.15 -5.93
N PHE C 295 17.30 23.09 -5.80
CA PHE C 295 17.04 24.47 -6.21
C PHE C 295 17.43 24.73 -7.67
N ARG C 296 16.74 25.61 -8.40
CA ARG C 296 17.08 25.85 -9.81
C ARG C 296 16.98 27.33 -10.10
N PHE C 297 18.04 27.94 -10.61
CA PHE C 297 18.00 29.38 -10.88
C PHE C 297 17.07 29.57 -12.04
N ASP C 298 16.12 30.49 -12.00
CA ASP C 298 15.33 30.73 -13.23
C ASP C 298 15.55 32.07 -13.92
N SER C 299 15.71 33.15 -13.19
CA SER C 299 16.12 34.39 -13.80
C SER C 299 16.37 35.48 -12.81
N TRP C 300 17.01 36.48 -13.35
CA TRP C 300 17.28 37.67 -12.61
C TRP C 300 16.02 38.54 -12.62
N VAL C 301 15.63 39.02 -11.44
CA VAL C 301 14.48 39.90 -11.35
C VAL C 301 14.83 41.25 -10.69
N ASN C 302 13.95 42.23 -10.81
CA ASN C 302 14.27 43.52 -10.22
C ASN C 302 13.86 43.64 -8.78
N GLN C 303 13.97 44.87 -8.28
CA GLN C 303 13.69 45.24 -6.90
C GLN C 303 12.20 45.08 -6.54
N PHE C 304 11.34 45.06 -7.55
CA PHE C 304 9.90 45.15 -7.29
C PHE C 304 9.21 43.79 -7.38
N TYR C 305 9.93 42.67 -7.33
CA TYR C 305 9.31 41.35 -7.66
C TYR C 305 8.62 40.72 -6.43
N THR C 306 7.38 40.28 -6.56
CA THR C 306 6.73 39.68 -5.42
C THR C 306 6.68 38.18 -5.60
N LEU C 307 7.21 37.44 -4.64
CA LEU C 307 7.24 35.97 -4.65
C LEU C 307 5.86 35.39 -4.36
N ALA C 308 5.43 34.40 -5.12
CA ALA C 308 4.30 33.55 -4.76
C ALA C 308 4.46 33.12 -3.32
N PRO C 309 3.41 33.21 -2.50
CA PRO C 309 3.56 32.76 -1.12
C PRO C 309 4.12 31.35 -1.06
N MET C 310 5.05 31.09 -0.15
CA MET C 310 5.60 29.75 0.06
C MET C 310 4.60 28.92 0.84
N GLY C 311 4.42 27.64 0.53
CA GLY C 311 3.46 26.87 1.37
C GLY C 311 3.24 27.48 2.77
N LYS D 5 18.52 17.75 -29.76
CA LYS D 5 17.84 16.52 -30.29
C LYS D 5 18.79 15.31 -30.16
N PRO D 6 18.63 14.47 -29.13
CA PRO D 6 19.66 13.46 -28.90
C PRO D 6 19.58 12.33 -29.90
N PHE D 7 20.70 11.86 -30.41
CA PHE D 7 20.78 10.77 -31.37
C PHE D 7 20.37 9.45 -30.72
N THR D 8 19.95 8.47 -31.52
CA THR D 8 19.56 7.14 -30.96
C THR D 8 19.56 6.08 -32.04
N VAL D 9 19.51 4.82 -31.61
CA VAL D 9 19.27 3.72 -32.52
C VAL D 9 18.06 2.94 -32.08
N PRO D 10 17.37 2.33 -33.04
CA PRO D 10 16.12 1.66 -32.69
C PRO D 10 16.38 0.61 -31.66
N ILE D 11 15.51 0.48 -30.67
CA ILE D 11 15.56 -0.67 -29.78
C ILE D 11 14.99 -1.87 -30.51
N LEU D 12 15.83 -2.54 -31.28
CA LEU D 12 15.42 -3.74 -31.99
C LEU D 12 16.55 -4.81 -31.90
N THR D 13 16.22 -6.10 -31.80
CA THR D 13 17.30 -7.08 -31.74
C THR D 13 17.80 -7.38 -33.14
N VAL D 14 18.95 -8.00 -33.28
CA VAL D 14 19.30 -8.28 -34.65
C VAL D 14 18.31 -9.14 -35.34
N GLU D 15 17.82 -10.22 -34.76
CA GLU D 15 16.71 -10.93 -35.45
C GLU D 15 15.42 -10.11 -35.75
N GLU D 16 15.14 -9.00 -35.07
CA GLU D 16 13.95 -8.25 -35.47
C GLU D 16 14.21 -7.34 -36.66
N MET D 17 15.39 -7.38 -37.25
CA MET D 17 15.67 -6.34 -38.20
C MET D 17 15.86 -6.94 -39.59
N THR D 18 16.04 -6.08 -40.58
CA THR D 18 16.00 -6.49 -41.95
C THR D 18 17.23 -6.13 -42.66
N ASN D 19 17.70 -7.01 -43.52
CA ASN D 19 18.89 -6.72 -44.32
C ASN D 19 18.61 -5.58 -45.26
N SER D 20 19.54 -4.66 -45.46
CA SER D 20 19.31 -3.49 -46.29
C SER D 20 19.75 -3.69 -47.78
N ARG D 21 20.29 -4.87 -48.12
CA ARG D 21 20.78 -5.12 -49.51
C ARG D 21 19.97 -6.20 -50.24
N PHE D 22 19.16 -6.95 -49.51
CA PHE D 22 18.23 -7.90 -50.12
C PHE D 22 17.05 -7.99 -49.16
N PRO D 23 15.81 -8.19 -49.67
CA PRO D 23 14.70 -8.09 -48.72
C PRO D 23 14.50 -9.38 -47.96
N ILE D 24 15.37 -9.65 -47.00
CA ILE D 24 15.14 -10.75 -46.05
C ILE D 24 15.64 -10.25 -44.67
N PRO D 25 15.24 -10.93 -43.60
CA PRO D 25 15.59 -10.52 -42.24
C PRO D 25 17.09 -10.70 -41.98
N LEU D 26 17.64 -9.94 -41.05
CA LEU D 26 19.02 -10.19 -40.63
C LEU D 26 19.03 -11.51 -39.80
N GLU D 27 20.14 -12.26 -39.83
CA GLU D 27 20.30 -13.47 -39.03
C GLU D 27 21.32 -13.25 -37.91
N LYS D 28 22.40 -12.47 -38.17
CA LYS D 28 23.51 -12.49 -37.23
C LYS D 28 24.52 -11.38 -37.47
N LEU D 29 25.45 -11.22 -36.53
CA LEU D 29 26.60 -10.32 -36.64
C LEU D 29 27.88 -11.03 -37.06
N PHE D 30 28.60 -10.45 -38.01
CA PHE D 30 29.88 -11.02 -38.42
C PHE D 30 30.93 -9.94 -38.49
N THR D 31 32.15 -10.26 -38.07
CA THR D 31 33.33 -9.41 -38.33
C THR D 31 34.48 -10.19 -39.00
N GLY D 32 35.24 -9.49 -39.84
CA GLY D 32 36.51 -10.00 -40.34
C GLY D 32 37.32 -8.88 -40.99
N PRO D 33 38.59 -9.19 -41.31
CA PRO D 33 39.49 -8.25 -42.03
C PRO D 33 38.97 -7.92 -43.44
N SER D 34 39.28 -6.74 -43.94
CA SER D 34 38.60 -6.39 -45.15
C SER D 34 39.51 -5.65 -46.11
N SER D 35 40.81 -5.79 -45.95
CA SER D 35 41.74 -5.15 -46.89
C SER D 35 41.87 -5.90 -48.21
N ALA D 36 41.49 -7.17 -48.21
CA ALA D 36 41.64 -7.98 -49.45
C ALA D 36 40.48 -7.82 -50.41
N PHE D 37 39.46 -7.00 -50.06
CA PHE D 37 38.29 -6.73 -50.95
C PHE D 37 37.78 -5.33 -50.71
N VAL D 38 36.91 -4.87 -51.56
CA VAL D 38 36.46 -3.51 -51.54
C VAL D 38 35.05 -3.45 -50.98
N VAL D 39 34.84 -2.75 -49.86
CA VAL D 39 33.53 -2.71 -49.30
C VAL D 39 32.91 -1.39 -49.72
N GLN D 40 32.15 -1.45 -50.81
CA GLN D 40 31.46 -0.27 -51.33
C GLN D 40 29.99 -0.52 -51.70
N PRO D 41 29.23 -1.15 -50.85
CA PRO D 41 27.85 -1.41 -51.21
C PRO D 41 27.08 -0.10 -51.42
N GLN D 42 26.02 -0.15 -52.23
CA GLN D 42 25.26 1.05 -52.48
C GLN D 42 23.88 1.11 -51.81
N ASN D 43 23.37 -0.03 -51.38
CA ASN D 43 22.16 -0.08 -50.57
C ASN D 43 22.50 -0.15 -49.07
N GLY D 44 21.56 0.20 -48.19
CA GLY D 44 21.93 0.30 -46.78
C GLY D 44 23.04 1.32 -46.51
N ARG D 45 23.03 2.46 -47.19
CA ARG D 45 24.03 3.44 -46.88
C ARG D 45 23.33 4.72 -46.50
N CYS D 46 23.71 5.29 -45.35
CA CYS D 46 23.01 6.44 -44.79
C CYS D 46 23.89 7.08 -43.72
N THR D 47 23.92 8.43 -43.67
CA THR D 47 24.67 9.06 -42.62
C THR D 47 23.85 9.00 -41.33
N THR D 48 24.48 9.19 -40.19
CA THR D 48 23.74 9.14 -38.92
C THR D 48 22.71 10.24 -38.77
N ASP D 49 22.91 11.35 -39.49
CA ASP D 49 21.95 12.46 -39.39
C ASP D 49 21.03 12.41 -40.58
N GLY D 50 21.14 11.34 -41.33
CA GLY D 50 19.99 10.92 -42.09
C GLY D 50 19.93 11.28 -43.54
N ALA D 51 21.09 11.43 -44.17
CA ALA D 51 21.24 11.59 -45.59
C ALA D 51 21.50 10.22 -46.22
N LEU D 52 20.60 9.82 -47.12
CA LEU D 52 20.79 8.61 -47.89
C LEU D 52 21.96 8.70 -48.88
N LEU D 53 22.73 7.64 -49.00
CA LEU D 53 23.79 7.57 -50.01
C LEU D 53 23.56 6.50 -51.08
N GLY D 54 24.37 6.56 -52.13
CA GLY D 54 24.36 5.58 -53.23
C GLY D 54 22.97 5.40 -53.74
N THR D 55 22.52 4.14 -53.78
CA THR D 55 21.20 3.83 -54.30
C THR D 55 20.21 3.49 -53.21
N THR D 56 20.50 3.92 -51.98
CA THR D 56 19.63 3.56 -50.87
C THR D 56 18.29 4.29 -50.86
N GLN D 57 17.22 3.57 -50.52
CA GLN D 57 15.93 4.18 -50.35
C GLN D 57 15.25 3.53 -49.16
N LEU D 58 14.02 3.91 -48.80
CA LEU D 58 13.49 3.59 -47.48
C LEU D 58 12.76 2.29 -47.40
N SER D 59 12.35 1.78 -48.56
CA SER D 59 11.42 0.65 -48.56
C SER D 59 12.17 -0.63 -48.33
N PRO D 60 11.84 -1.36 -47.26
CA PRO D 60 12.56 -2.60 -47.11
C PRO D 60 12.10 -3.60 -48.18
N VAL D 61 10.98 -3.40 -48.88
CA VAL D 61 10.61 -4.48 -49.83
C VAL D 61 11.02 -4.12 -51.26
N ASP D 62 11.22 -2.85 -51.56
CA ASP D 62 11.68 -2.53 -52.90
C ASP D 62 13.18 -2.75 -53.19
N ILE D 63 13.87 -3.59 -52.48
CA ILE D 63 15.30 -3.65 -52.77
C ILE D 63 15.58 -4.77 -53.73
N CYS D 64 16.29 -4.51 -54.81
CA CYS D 64 16.52 -5.59 -55.75
C CYS D 64 15.27 -5.94 -56.51
N THR D 65 14.29 -5.03 -56.58
CA THR D 65 13.16 -5.21 -57.43
C THR D 65 13.32 -4.36 -58.70
N PHE D 66 12.57 -4.66 -59.76
CA PHE D 66 12.46 -3.73 -60.90
C PHE D 66 11.00 -3.56 -61.35
N ARG D 67 10.72 -2.45 -62.04
CA ARG D 67 9.43 -2.08 -62.55
C ARG D 67 9.62 -1.56 -63.95
N GLY D 68 8.71 -1.88 -64.81
CA GLY D 68 8.62 -1.12 -66.07
C GLY D 68 7.84 -1.83 -67.17
N ASP D 69 8.21 -1.57 -68.40
CA ASP D 69 7.55 -2.31 -69.47
C ASP D 69 8.53 -3.24 -70.15
N VAL D 70 8.04 -4.37 -70.62
CA VAL D 70 8.89 -5.35 -71.26
C VAL D 70 8.71 -5.45 -72.79
N THR D 71 9.66 -6.20 -73.35
CA THR D 71 9.82 -6.35 -74.77
C THR D 71 10.55 -7.63 -75.02
N HIS D 72 9.94 -8.52 -75.78
CA HIS D 72 10.59 -9.78 -76.08
C HIS D 72 11.76 -9.59 -77.06
N ILE D 73 12.79 -10.42 -76.93
CA ILE D 73 13.97 -10.41 -77.83
C ILE D 73 13.88 -11.69 -78.66
N ALA D 74 13.56 -11.54 -79.95
CA ALA D 74 12.90 -12.64 -80.70
C ALA D 74 13.88 -13.77 -80.92
N GLY D 75 13.28 -14.96 -80.93
CA GLY D 75 14.01 -16.23 -81.04
C GLY D 75 14.68 -16.70 -79.76
N THR D 76 14.39 -16.01 -78.65
CA THR D 76 14.93 -16.41 -77.34
C THR D 76 13.84 -16.45 -76.27
N GLN D 77 14.28 -16.64 -75.04
CA GLN D 77 13.41 -16.54 -73.90
C GLN D 77 13.75 -15.34 -73.04
N ASN D 78 14.19 -14.26 -73.67
CA ASN D 78 14.63 -13.09 -72.93
C ASN D 78 13.80 -11.93 -73.26
N TYR D 79 13.62 -11.06 -72.26
CA TYR D 79 13.01 -9.77 -72.40
C TYR D 79 13.94 -8.65 -71.91
N THR D 80 13.77 -7.48 -72.52
CA THR D 80 14.31 -6.23 -72.08
C THR D 80 13.25 -5.39 -71.33
N MET D 81 13.65 -4.82 -70.18
CA MET D 81 12.73 -4.02 -69.40
C MET D 81 13.17 -2.60 -69.48
N ASN D 82 12.30 -1.70 -69.92
CA ASN D 82 12.56 -0.25 -69.73
C ASN D 82 12.10 0.16 -68.36
N LEU D 83 13.02 0.74 -67.61
CA LEU D 83 12.83 0.90 -66.20
C LEU D 83 11.95 2.09 -65.87
N ALA D 84 11.06 1.89 -64.90
CA ALA D 84 10.29 2.99 -64.36
C ALA D 84 10.79 3.19 -62.98
N SER D 85 10.54 4.34 -62.38
CA SER D 85 10.90 4.56 -60.99
C SER D 85 9.89 3.91 -60.09
N GLN D 86 10.15 3.96 -58.78
CA GLN D 86 9.33 3.27 -57.80
C GLN D 86 7.82 3.57 -57.88
N ASN D 87 7.43 4.78 -58.22
CA ASN D 87 6.00 5.07 -58.33
C ASN D 87 5.46 4.98 -59.75
N TRP D 88 6.01 4.10 -60.57
CA TRP D 88 5.76 4.05 -62.02
C TRP D 88 6.06 5.30 -62.83
N ASN D 89 6.61 6.29 -62.18
CA ASN D 89 7.01 7.49 -62.87
C ASN D 89 8.20 7.08 -63.68
N ASN D 90 8.47 7.67 -64.83
CA ASN D 90 9.65 7.19 -65.53
C ASN D 90 10.95 7.58 -64.91
N TYR D 91 11.94 6.78 -65.21
CA TYR D 91 13.27 6.94 -64.69
C TYR D 91 14.06 7.95 -65.49
N ASP D 92 14.66 8.87 -64.78
CA ASP D 92 15.52 9.88 -65.32
C ASP D 92 17.02 9.51 -65.18
N PRO D 93 17.63 9.00 -66.25
CA PRO D 93 19.04 8.64 -66.17
C PRO D 93 20.04 9.78 -65.82
N THR D 94 19.58 11.01 -65.78
CA THR D 94 20.49 12.09 -65.48
C THR D 94 20.42 12.41 -64.01
N GLU D 95 19.49 11.81 -63.31
CA GLU D 95 19.42 12.09 -61.92
C GLU D 95 20.74 11.60 -61.32
N GLU D 96 21.26 12.36 -60.35
CA GLU D 96 22.59 12.12 -59.77
C GLU D 96 22.61 11.00 -58.75
N ILE D 97 22.23 9.82 -59.20
CA ILE D 97 22.38 8.60 -58.44
C ILE D 97 23.14 7.59 -59.31
N PRO D 98 23.64 6.52 -58.68
CA PRO D 98 24.44 5.61 -59.47
C PRO D 98 23.56 4.74 -60.35
N ALA D 99 22.31 4.57 -59.94
CA ALA D 99 21.35 3.76 -60.70
C ALA D 99 20.04 3.97 -60.03
N PRO D 100 18.95 3.43 -60.58
CA PRO D 100 17.64 3.62 -59.95
C PRO D 100 17.71 3.14 -58.51
N LEU D 101 17.02 3.82 -57.58
CA LEU D 101 17.12 3.49 -56.14
C LEU D 101 16.75 2.03 -55.90
N GLY D 102 17.50 1.31 -55.09
CA GLY D 102 17.16 -0.10 -54.78
C GLY D 102 17.74 -1.15 -55.73
N THR D 103 18.41 -0.72 -56.81
CA THR D 103 19.06 -1.61 -57.72
C THR D 103 20.05 -2.54 -56.99
N PRO D 104 20.18 -3.79 -57.43
CA PRO D 104 21.10 -4.71 -56.76
C PRO D 104 22.51 -4.12 -56.74
N ASP D 105 23.22 -4.25 -55.64
CA ASP D 105 24.61 -3.76 -55.58
C ASP D 105 25.71 -4.86 -55.55
N PHE D 106 25.52 -5.99 -56.21
CA PHE D 106 26.59 -6.94 -56.27
C PHE D 106 26.47 -7.67 -57.58
N VAL D 107 27.57 -8.25 -58.04
CA VAL D 107 27.55 -9.06 -59.26
C VAL D 107 27.07 -10.49 -58.93
N GLY D 108 25.98 -10.91 -59.57
CA GLY D 108 25.38 -12.19 -59.30
C GLY D 108 24.19 -12.43 -60.21
N LYS D 109 23.63 -13.64 -60.09
CA LYS D 109 22.48 -13.96 -60.86
C LYS D 109 21.32 -14.14 -59.90
N ILE D 110 20.35 -13.20 -59.97
CA ILE D 110 19.25 -13.18 -59.03
C ILE D 110 18.04 -13.75 -59.69
N GLN D 111 17.40 -14.65 -58.98
CA GLN D 111 16.23 -15.26 -59.52
C GLN D 111 14.99 -14.82 -58.82
N GLY D 112 13.96 -14.62 -59.63
CA GLY D 112 12.67 -14.25 -59.08
C GLY D 112 11.59 -14.56 -60.11
N VAL D 113 10.56 -13.70 -60.09
CA VAL D 113 9.37 -13.91 -60.86
C VAL D 113 8.97 -12.56 -61.49
N LEU D 114 8.62 -12.58 -62.77
CA LEU D 114 8.23 -11.38 -63.45
C LEU D 114 6.72 -11.51 -63.49
N THR D 115 5.98 -10.51 -63.04
CA THR D 115 4.56 -10.60 -63.11
C THR D 115 4.05 -9.42 -63.93
N GLN D 116 2.84 -9.59 -64.47
CA GLN D 116 2.28 -8.59 -65.35
C GLN D 116 0.75 -8.53 -65.27
N THR D 117 0.19 -7.33 -65.41
CA THR D 117 -1.26 -7.13 -65.44
C THR D 117 -1.60 -6.36 -66.72
N THR D 118 -2.52 -6.90 -67.52
CA THR D 118 -3.04 -6.15 -68.69
C THR D 118 -4.11 -5.19 -68.19
N ARG D 119 -3.80 -3.92 -68.37
CA ARG D 119 -4.58 -2.91 -67.73
C ARG D 119 -6.05 -2.92 -68.22
N ARG D 120 -6.31 -3.20 -69.50
CA ARG D 120 -7.66 -3.09 -70.04
C ARG D 120 -8.68 -4.08 -69.46
N ASP D 121 -8.22 -5.30 -69.17
CA ASP D 121 -9.10 -6.38 -68.71
C ASP D 121 -8.71 -7.15 -67.39
N GLY D 122 -7.67 -6.61 -66.72
CA GLY D 122 -7.24 -7.12 -65.43
C GLY D 122 -6.76 -8.55 -65.49
N SER D 123 -6.25 -8.98 -66.66
CA SER D 123 -5.69 -10.32 -66.73
C SER D 123 -4.17 -10.35 -66.35
N THR D 124 -3.70 -11.47 -65.82
CA THR D 124 -2.38 -11.51 -65.21
C THR D 124 -1.56 -12.79 -65.51
N ARG D 125 -0.26 -12.68 -65.32
CA ARG D 125 0.67 -13.75 -65.59
C ARG D 125 1.95 -13.63 -64.76
N GLY D 126 2.62 -14.72 -64.43
CA GLY D 126 3.93 -14.63 -63.86
C GLY D 126 4.81 -15.68 -64.45
N HIS D 127 6.10 -15.35 -64.58
CA HIS D 127 7.10 -16.35 -64.99
C HIS D 127 8.44 -16.27 -64.29
N LYS D 128 8.96 -17.45 -63.90
CA LYS D 128 10.29 -17.52 -63.34
C LYS D 128 11.19 -16.70 -64.26
N ALA D 129 12.10 -15.94 -63.67
CA ALA D 129 12.95 -15.05 -64.41
C ALA D 129 14.22 -14.79 -63.60
N THR D 130 15.32 -14.52 -64.29
CA THR D 130 16.60 -14.35 -63.67
C THR D 130 17.24 -13.11 -64.25
N VAL D 131 17.97 -12.39 -63.43
CA VAL D 131 18.74 -11.27 -63.90
C VAL D 131 20.18 -11.45 -63.47
N SER D 132 21.05 -11.26 -64.45
CA SER D 132 22.45 -11.51 -64.26
C SER D 132 23.07 -10.13 -64.19
N THR D 133 23.52 -9.73 -63.00
CA THR D 133 23.92 -8.34 -62.84
C THR D 133 25.28 -8.09 -63.47
N GLY D 134 25.98 -9.15 -63.85
CA GLY D 134 27.29 -8.99 -64.43
C GLY D 134 27.21 -8.93 -65.94
N SER D 135 26.06 -9.29 -66.49
CA SER D 135 25.81 -9.31 -67.92
C SER D 135 26.05 -7.95 -68.59
N VAL D 136 26.47 -7.96 -69.86
CA VAL D 136 26.61 -6.74 -70.67
C VAL D 136 25.29 -6.05 -70.81
N HIS D 137 24.18 -6.75 -70.56
CA HIS D 137 22.83 -6.18 -70.81
C HIS D 137 22.26 -5.51 -69.57
N PHE D 138 22.98 -5.65 -68.46
CA PHE D 138 22.60 -4.98 -67.24
C PHE D 138 23.02 -3.50 -67.26
N THR D 139 22.14 -2.63 -67.70
CA THR D 139 22.46 -1.21 -67.76
C THR D 139 21.34 -0.38 -67.12
N PRO D 140 21.10 -0.62 -65.83
CA PRO D 140 20.04 0.10 -65.16
C PRO D 140 20.23 1.61 -65.22
N LYS D 141 21.47 2.10 -65.11
CA LYS D 141 21.65 3.54 -65.08
C LYS D 141 21.22 4.09 -66.42
N LEU D 142 21.31 3.25 -67.45
CA LEU D 142 20.90 3.63 -68.78
C LEU D 142 19.40 3.48 -68.96
N GLY D 143 18.72 2.75 -68.12
CA GLY D 143 17.27 2.69 -68.23
C GLY D 143 16.78 1.31 -68.59
N SER D 144 17.65 0.33 -68.51
CA SER D 144 17.35 -0.89 -69.20
C SER D 144 18.14 -2.08 -68.64
N VAL D 145 17.48 -3.20 -68.54
CA VAL D 145 18.03 -4.36 -67.91
C VAL D 145 17.48 -5.55 -68.70
N GLN D 146 18.12 -6.69 -68.62
CA GLN D 146 17.59 -7.85 -69.31
C GLN D 146 17.38 -9.10 -68.43
N PHE D 147 16.22 -9.73 -68.59
CA PHE D 147 15.87 -10.95 -67.86
C PHE D 147 15.82 -12.18 -68.75
N SER D 148 16.20 -13.31 -68.19
CA SER D 148 16.00 -14.54 -68.90
C SER D 148 14.90 -15.36 -68.21
N THR D 149 13.91 -15.77 -68.98
CA THR D 149 12.65 -16.27 -68.45
C THR D 149 12.42 -17.64 -69.04
N ASP D 150 11.36 -18.35 -68.61
CA ASP D 150 11.04 -19.65 -69.25
C ASP D 150 9.78 -19.60 -70.19
N THR D 151 9.59 -18.47 -70.89
CA THR D 151 8.48 -18.26 -71.80
C THR D 151 8.91 -17.46 -73.01
N SER D 152 8.36 -17.80 -74.16
CA SER D 152 8.68 -17.09 -75.39
C SER D 152 7.63 -16.13 -75.84
N ASN D 153 6.40 -16.29 -75.39
CA ASN D 153 5.36 -15.38 -75.84
C ASN D 153 4.37 -14.71 -74.92
N ASP D 154 4.35 -15.04 -73.64
CA ASP D 154 3.34 -14.50 -72.72
C ASP D 154 3.30 -13.00 -72.43
N PHE D 155 4.44 -12.39 -72.20
CA PHE D 155 4.41 -11.00 -71.80
C PHE D 155 4.11 -10.08 -72.94
N GLU D 156 3.17 -9.18 -72.72
CA GLU D 156 2.74 -8.20 -73.71
C GLU D 156 3.50 -6.91 -73.51
N THR D 157 3.60 -6.07 -74.50
CA THR D 157 4.25 -4.80 -74.34
C THR D 157 3.33 -3.75 -73.84
N GLY D 158 3.86 -2.68 -73.31
CA GLY D 158 3.08 -1.55 -72.89
C GLY D 158 2.38 -1.74 -71.58
N GLN D 159 2.54 -2.93 -71.03
CA GLN D 159 1.90 -3.31 -69.80
C GLN D 159 2.88 -3.30 -68.64
N ASN D 160 2.47 -2.80 -67.50
CA ASN D 160 3.34 -2.74 -66.34
C ASN D 160 3.84 -4.12 -65.92
N THR D 161 5.13 -4.20 -65.62
CA THR D 161 5.75 -5.42 -65.17
C THR D 161 6.66 -5.24 -63.94
N ARG D 162 6.61 -6.19 -63.04
CA ARG D 162 7.33 -6.16 -61.77
C ARG D 162 8.26 -7.34 -61.69
N PHE D 163 9.48 -7.13 -61.19
CA PHE D 163 10.31 -8.28 -60.86
C PHE D 163 10.35 -8.40 -59.36
N THR D 164 10.11 -9.60 -58.86
CA THR D 164 10.21 -9.85 -57.44
C THR D 164 11.38 -10.76 -57.19
N PRO D 165 12.36 -10.30 -56.39
CA PRO D 165 13.54 -11.15 -56.23
C PRO D 165 13.21 -12.29 -55.29
N VAL D 166 13.91 -13.41 -55.39
CA VAL D 166 13.72 -14.48 -54.42
C VAL D 166 15.06 -14.92 -53.85
N GLY D 167 16.06 -15.09 -54.69
CA GLY D 167 17.27 -15.67 -54.21
C GLY D 167 18.23 -15.75 -55.36
N VAL D 168 19.32 -16.49 -55.17
CA VAL D 168 20.46 -16.37 -56.10
C VAL D 168 20.89 -17.72 -56.63
N VAL D 169 21.53 -17.73 -57.77
CA VAL D 169 21.82 -18.95 -58.46
C VAL D 169 23.37 -19.06 -58.72
N GLN D 170 23.89 -20.27 -58.90
CA GLN D 170 25.25 -20.42 -59.42
C GLN D 170 25.41 -21.74 -60.13
N ASP D 171 26.46 -21.81 -60.95
CA ASP D 171 26.65 -22.93 -61.87
C ASP D 171 27.49 -24.07 -61.22
N GLY D 172 26.77 -25.18 -60.98
CA GLY D 172 27.27 -26.42 -60.39
C GLY D 172 28.53 -27.01 -61.00
N SER D 173 28.63 -27.09 -62.32
CA SER D 173 29.90 -27.56 -62.91
C SER D 173 31.05 -26.73 -62.36
N THR D 174 30.96 -25.39 -62.46
CA THR D 174 32.12 -24.60 -62.05
C THR D 174 32.29 -24.68 -60.52
N THR D 175 33.36 -24.07 -60.03
CA THR D 175 33.74 -24.22 -58.62
C THR D 175 32.84 -23.49 -57.56
N HIS D 176 32.56 -24.19 -56.47
CA HIS D 176 31.50 -23.84 -55.53
C HIS D 176 31.57 -22.47 -54.82
N GLN D 177 30.40 -21.97 -54.46
CA GLN D 177 30.34 -20.64 -53.93
C GLN D 177 31.24 -19.71 -54.69
N ASN D 178 31.33 -19.79 -56.02
CA ASN D 178 32.10 -18.74 -56.76
C ASN D 178 31.23 -17.58 -57.20
N GLU D 179 29.93 -17.63 -57.00
CA GLU D 179 29.12 -16.45 -57.18
C GLU D 179 27.88 -16.62 -56.28
N PRO D 180 27.14 -15.53 -55.99
CA PRO D 180 27.43 -14.13 -56.35
C PRO D 180 28.68 -13.58 -55.66
N GLN D 181 29.05 -12.38 -56.07
CA GLN D 181 30.21 -11.72 -55.52
C GLN D 181 29.81 -10.45 -54.73
N GLN D 182 29.48 -10.63 -53.45
CA GLN D 182 28.72 -9.62 -52.80
C GLN D 182 29.49 -8.29 -52.73
N TRP D 183 30.80 -8.34 -52.99
CA TRP D 183 31.59 -7.11 -52.84
C TRP D 183 32.13 -6.62 -54.16
N VAL D 184 31.52 -6.96 -55.28
CA VAL D 184 31.92 -6.34 -56.50
C VAL D 184 30.70 -5.62 -57.02
N LEU D 185 30.79 -4.32 -57.26
CA LEU D 185 29.67 -3.59 -57.83
C LEU D 185 29.45 -3.99 -59.32
N PRO D 186 28.19 -4.02 -59.78
CA PRO D 186 27.89 -4.15 -61.20
C PRO D 186 28.38 -2.88 -61.91
N ASP D 187 28.52 -2.96 -63.23
CA ASP D 187 28.77 -1.76 -63.99
C ASP D 187 27.40 -1.19 -64.31
N TYR D 188 26.94 -0.26 -63.50
CA TYR D 188 25.65 0.28 -63.68
C TYR D 188 25.37 0.76 -65.11
N SER D 189 26.37 1.24 -65.84
CA SER D 189 26.11 1.54 -67.25
C SER D 189 26.66 0.60 -68.31
N GLY D 190 26.88 -0.68 -67.98
CA GLY D 190 27.37 -1.64 -68.96
C GLY D 190 28.87 -1.51 -69.12
N ARG D 191 29.42 -2.19 -70.11
CA ARG D 191 30.86 -2.20 -70.31
C ARG D 191 31.49 -0.89 -70.67
N ASP D 192 32.73 -0.71 -70.18
CA ASP D 192 33.47 0.52 -70.45
C ASP D 192 32.67 1.73 -70.01
N SER D 193 32.01 1.61 -68.87
CA SER D 193 31.27 2.70 -68.26
C SER D 193 31.97 3.05 -66.92
N HIS D 194 31.81 4.26 -66.41
CA HIS D 194 32.25 4.52 -65.07
C HIS D 194 31.04 4.69 -64.18
N ASN D 195 30.94 3.91 -63.12
CA ASN D 195 29.95 4.19 -62.12
C ASN D 195 30.08 5.63 -61.58
N VAL D 196 28.97 6.25 -61.22
CA VAL D 196 29.02 7.61 -60.72
C VAL D 196 28.19 7.81 -59.45
N HIS D 197 28.39 8.94 -58.77
CA HIS D 197 27.77 9.27 -57.48
C HIS D 197 27.69 8.11 -56.48
N LEU D 198 28.71 7.27 -56.47
CA LEU D 198 28.79 6.15 -55.54
C LEU D 198 28.87 6.59 -54.06
N ALA D 199 28.17 5.85 -53.20
CA ALA D 199 28.47 5.94 -51.79
C ALA D 199 29.94 5.47 -51.63
N PRO D 200 30.67 6.07 -50.71
CA PRO D 200 32.10 5.87 -50.62
C PRO D 200 32.42 4.48 -50.13
N ALA D 201 33.57 3.95 -50.55
CA ALA D 201 34.12 2.70 -50.02
C ALA D 201 34.49 2.89 -48.54
N VAL D 202 34.45 1.85 -47.71
CA VAL D 202 34.69 2.07 -46.30
C VAL D 202 35.74 1.12 -45.80
N ALA D 203 36.35 1.45 -44.66
CA ALA D 203 37.44 0.64 -44.03
C ALA D 203 37.63 1.01 -42.58
N PRO D 204 38.11 0.04 -41.79
CA PRO D 204 38.55 0.43 -40.44
C PRO D 204 39.71 1.42 -40.54
N THR D 205 39.87 2.35 -39.63
CA THR D 205 41.02 3.20 -39.80
C THR D 205 41.55 3.45 -38.41
N PHE D 206 41.73 2.39 -37.66
CA PHE D 206 42.14 2.46 -36.29
C PHE D 206 42.78 1.15 -35.97
N PRO D 207 43.85 1.18 -35.21
CA PRO D 207 44.56 -0.08 -35.08
C PRO D 207 43.76 -1.13 -34.29
N GLY D 208 43.77 -2.39 -34.74
CA GLY D 208 43.03 -3.43 -34.10
C GLY D 208 41.54 -3.39 -34.43
N GLU D 209 41.10 -2.50 -35.30
CA GLU D 209 39.68 -2.50 -35.57
C GLU D 209 39.29 -3.23 -36.85
N GLN D 210 38.05 -3.70 -36.96
CA GLN D 210 37.51 -4.30 -38.17
C GLN D 210 36.06 -3.88 -38.31
N LEU D 211 35.54 -3.87 -39.54
CA LEU D 211 34.12 -3.63 -39.77
C LEU D 211 33.27 -4.73 -39.11
N LEU D 212 32.07 -4.34 -38.67
CA LEU D 212 31.10 -5.26 -38.14
C LEU D 212 30.03 -5.30 -39.18
N PHE D 213 29.69 -6.48 -39.68
CA PHE D 213 28.67 -6.58 -40.75
C PHE D 213 27.42 -7.18 -40.22
N PHE D 214 26.29 -6.65 -40.62
CA PHE D 214 25.02 -7.28 -40.31
C PHE D 214 24.70 -8.27 -41.41
N ARG D 215 24.61 -9.54 -41.02
CA ARG D 215 24.66 -10.65 -41.97
C ARG D 215 23.34 -11.44 -42.11
N SER D 216 22.98 -11.75 -43.37
CA SER D 216 21.87 -12.68 -43.68
C SER D 216 22.46 -13.76 -44.59
N THR D 217 21.69 -14.82 -44.80
CA THR D 217 21.97 -15.81 -45.79
C THR D 217 20.93 -15.70 -46.91
N MET D 218 21.28 -15.35 -48.14
CA MET D 218 20.21 -15.29 -49.16
C MET D 218 19.70 -16.70 -49.50
N PRO D 219 18.41 -16.85 -49.84
CA PRO D 219 17.98 -18.13 -50.41
C PRO D 219 18.72 -18.50 -51.69
N GLY D 220 19.09 -19.76 -51.78
CA GLY D 220 19.62 -20.29 -53.03
C GLY D 220 18.55 -21.07 -53.77
N CYS D 221 18.54 -20.88 -55.09
CA CYS D 221 17.55 -21.46 -56.00
C CYS D 221 18.10 -22.57 -56.86
N SER D 222 19.39 -22.62 -56.98
CA SER D 222 19.98 -23.67 -57.75
C SER D 222 21.51 -23.63 -57.64
N GLY D 223 22.19 -24.76 -57.81
CA GLY D 223 23.65 -24.73 -57.87
C GLY D 223 24.19 -24.65 -56.45
N TYR D 224 25.42 -24.14 -56.33
CA TYR D 224 26.09 -23.95 -55.02
C TYR D 224 26.51 -22.46 -54.80
N PRO D 225 25.53 -21.56 -54.67
CA PRO D 225 25.82 -20.13 -54.53
C PRO D 225 26.52 -19.73 -53.20
N ASN D 226 27.38 -18.72 -53.21
CA ASN D 226 27.75 -18.12 -51.94
C ASN D 226 26.54 -17.34 -51.46
N MET D 227 25.89 -17.79 -50.38
CA MET D 227 24.70 -17.13 -49.93
C MET D 227 24.87 -16.03 -48.90
N ASN D 228 26.08 -15.75 -48.45
CA ASN D 228 26.34 -14.61 -47.53
C ASN D 228 26.05 -13.26 -48.14
N LEU D 229 25.27 -12.48 -47.40
CA LEU D 229 25.07 -11.10 -47.76
C LEU D 229 25.26 -10.22 -46.50
N ASP D 230 26.20 -9.28 -46.54
CA ASP D 230 26.56 -8.43 -45.39
C ASP D 230 26.23 -6.99 -45.67
N CYS D 231 25.51 -6.34 -44.72
CA CYS D 231 25.26 -4.92 -44.87
C CYS D 231 25.88 -4.15 -43.71
N LEU D 232 26.09 -2.85 -43.92
CA LEU D 232 26.83 -2.00 -43.01
C LEU D 232 25.84 -1.44 -42.00
N LEU D 233 24.56 -1.34 -42.37
CA LEU D 233 23.49 -0.82 -41.49
C LEU D 233 22.22 -1.62 -41.76
N PRO D 234 21.54 -2.05 -40.72
CA PRO D 234 20.23 -2.65 -40.96
C PRO D 234 19.24 -1.64 -41.61
N GLN D 235 18.32 -2.11 -42.47
CA GLN D 235 17.36 -1.21 -43.05
C GLN D 235 16.68 -0.32 -41.97
N GLU D 236 16.30 -0.91 -40.83
CA GLU D 236 15.58 -0.10 -39.84
C GLU D 236 16.41 1.05 -39.29
N TRP D 237 17.76 0.90 -39.22
CA TRP D 237 18.66 2.00 -38.81
C TRP D 237 18.62 3.16 -39.84
N VAL D 238 18.70 2.78 -41.12
CA VAL D 238 18.59 3.72 -42.21
C VAL D 238 17.27 4.49 -42.06
N GLN D 239 16.18 3.75 -41.85
CA GLN D 239 14.86 4.40 -41.79
C GLN D 239 14.81 5.36 -40.58
N HIS D 240 15.52 5.00 -39.50
CA HIS D 240 15.37 5.70 -38.28
C HIS D 240 16.20 6.96 -38.45
N PHE D 241 17.41 6.81 -38.98
CA PHE D 241 18.23 8.00 -39.15
C PHE D 241 17.51 8.96 -40.07
N TYR D 242 16.75 8.46 -41.04
CA TYR D 242 16.12 9.40 -42.01
C TYR D 242 15.01 10.20 -41.35
N GLN D 243 14.26 9.54 -40.46
CA GLN D 243 13.21 10.14 -39.64
C GLN D 243 13.77 11.14 -38.68
N GLU D 244 14.61 10.67 -37.76
CA GLU D 244 15.15 11.50 -36.67
C GLU D 244 16.00 12.62 -37.13
N SER D 245 16.80 12.36 -38.14
CA SER D 245 17.76 13.41 -38.54
C SER D 245 18.62 14.06 -37.44
N ALA D 246 19.05 13.34 -36.42
CA ALA D 246 19.71 13.98 -35.29
C ALA D 246 21.10 14.46 -35.73
N PRO D 247 21.53 15.67 -35.35
CA PRO D 247 22.88 16.12 -35.80
C PRO D 247 23.99 15.39 -35.03
N ALA D 248 25.04 15.02 -35.76
CA ALA D 248 26.18 14.34 -35.22
C ALA D 248 27.05 15.26 -34.36
N GLN D 249 27.30 14.94 -33.11
CA GLN D 249 28.14 15.83 -32.30
C GLN D 249 29.63 15.61 -32.40
N SER D 250 30.06 14.53 -33.07
CA SER D 250 31.48 14.27 -33.36
C SER D 250 31.61 13.20 -34.41
N ASP D 251 32.78 12.63 -34.51
CA ASP D 251 33.00 11.73 -35.62
C ASP D 251 32.38 10.34 -35.47
N VAL D 252 32.12 9.96 -34.22
CA VAL D 252 31.87 8.58 -33.87
C VAL D 252 30.85 8.45 -32.73
N ALA D 253 29.84 7.61 -32.92
CA ALA D 253 28.87 7.37 -31.87
C ALA D 253 29.22 6.05 -31.21
N LEU D 254 29.44 6.07 -29.90
CA LEU D 254 29.72 4.85 -29.19
C LEU D 254 28.42 4.09 -28.92
N LEU D 255 28.28 2.86 -29.38
CA LEU D 255 27.13 2.03 -29.07
C LEU D 255 27.57 0.91 -28.13
N ARG D 256 26.70 0.49 -27.23
CA ARG D 256 26.97 -0.69 -26.42
C ARG D 256 25.93 -1.63 -26.83
N PHE D 257 26.31 -2.87 -27.03
CA PHE D 257 25.36 -3.91 -27.29
C PHE D 257 25.00 -4.59 -25.96
N VAL D 258 23.75 -4.45 -25.55
CA VAL D 258 23.33 -4.78 -24.22
C VAL D 258 22.39 -5.95 -24.19
N ASN D 259 22.47 -6.74 -23.12
CA ASN D 259 21.48 -7.81 -22.92
C ASN D 259 20.47 -7.31 -21.90
N PRO D 260 19.22 -7.05 -22.32
CA PRO D 260 18.30 -6.45 -21.32
C PRO D 260 17.87 -7.41 -20.15
N ASP D 261 18.21 -8.69 -20.19
CA ASP D 261 17.80 -9.55 -19.10
C ASP D 261 18.73 -9.31 -17.96
N THR D 262 20.03 -9.35 -18.25
CA THR D 262 21.05 -9.22 -17.23
C THR D 262 21.39 -7.77 -16.97
N GLY D 263 21.00 -6.84 -17.82
CA GLY D 263 21.55 -5.48 -17.70
C GLY D 263 22.97 -5.32 -18.25
N ARG D 264 23.57 -6.40 -18.73
CA ARG D 264 25.02 -6.40 -18.94
C ARG D 264 25.49 -6.14 -20.38
N VAL D 265 26.54 -5.31 -20.52
CA VAL D 265 27.11 -4.96 -21.83
C VAL D 265 27.93 -6.10 -22.37
N LEU D 266 27.70 -6.46 -23.61
CA LEU D 266 28.33 -7.61 -24.15
C LEU D 266 29.55 -7.17 -24.91
N PHE D 267 29.47 -6.09 -25.68
CA PHE D 267 30.63 -5.52 -26.36
C PHE D 267 30.22 -4.11 -26.70
N GLU D 268 31.20 -3.26 -27.02
CA GLU D 268 30.90 -1.91 -27.45
C GLU D 268 31.37 -1.77 -28.90
N CYS D 269 30.88 -0.81 -29.67
CA CYS D 269 31.40 -0.67 -31.03
C CYS D 269 31.22 0.77 -31.40
N LYS D 270 31.87 1.18 -32.51
CA LYS D 270 31.81 2.53 -33.03
C LYS D 270 30.95 2.54 -34.25
N LEU D 271 30.00 3.51 -34.27
CA LEU D 271 29.14 3.79 -35.41
C LEU D 271 29.61 5.09 -36.01
N HIS D 272 30.33 5.01 -37.11
CA HIS D 272 30.86 6.18 -37.73
C HIS D 272 29.73 7.03 -38.35
N LYS D 273 29.84 8.32 -38.14
CA LYS D 273 28.85 9.25 -38.64
C LYS D 273 28.41 9.07 -40.12
N SER D 274 29.27 8.61 -41.00
CA SER D 274 28.84 8.41 -42.38
C SER D 274 28.26 6.99 -42.61
N GLY D 275 28.13 6.25 -41.52
CA GLY D 275 27.16 5.19 -41.57
C GLY D 275 27.52 3.73 -41.47
N TYR D 276 28.78 3.42 -41.20
CA TYR D 276 29.10 2.08 -40.75
C TYR D 276 29.62 1.80 -39.34
N VAL D 277 29.83 0.54 -39.00
CA VAL D 277 30.22 0.14 -37.64
C VAL D 277 31.58 -0.61 -37.57
N THR D 278 32.40 -0.31 -36.55
CA THR D 278 33.67 -1.04 -36.33
C THR D 278 33.68 -1.59 -34.91
N VAL D 279 34.42 -2.68 -34.69
CA VAL D 279 34.65 -3.32 -33.38
C VAL D 279 36.14 -3.57 -33.31
N ALA D 280 36.59 -3.92 -32.11
CA ALA D 280 38.00 -4.14 -31.89
C ALA D 280 38.15 -5.67 -31.83
N HIS D 281 38.55 -6.30 -32.93
CA HIS D 281 38.78 -7.69 -32.98
C HIS D 281 39.72 -7.93 -34.14
N THR D 282 40.48 -9.03 -34.06
CA THR D 282 41.35 -9.39 -35.18
C THR D 282 41.02 -10.80 -35.64
N GLY D 283 40.63 -11.00 -36.89
CA GLY D 283 40.28 -12.33 -37.36
C GLY D 283 38.82 -12.42 -37.76
N GLN D 284 38.48 -13.45 -38.51
CA GLN D 284 37.10 -13.75 -38.79
C GLN D 284 36.39 -14.29 -37.56
N HIS D 285 35.17 -13.80 -37.31
CA HIS D 285 34.40 -14.19 -36.16
C HIS D 285 32.88 -14.08 -36.27
N ASP D 286 32.16 -15.20 -36.10
CA ASP D 286 30.71 -15.16 -36.01
C ASP D 286 30.29 -14.78 -34.59
N LEU D 287 29.67 -13.62 -34.37
CA LEU D 287 29.43 -13.23 -33.00
C LEU D 287 28.35 -14.12 -32.37
N VAL D 288 28.49 -14.40 -31.08
CA VAL D 288 27.47 -15.16 -30.38
C VAL D 288 26.79 -14.16 -29.47
N ILE D 289 25.47 -14.02 -29.58
CA ILE D 289 24.84 -12.93 -28.86
C ILE D 289 23.60 -13.47 -28.26
N PRO D 290 23.18 -12.92 -27.13
CA PRO D 290 21.86 -13.34 -26.60
C PRO D 290 20.76 -12.90 -27.56
N PRO D 291 19.79 -13.75 -27.81
CA PRO D 291 18.82 -13.38 -28.83
C PRO D 291 17.94 -12.13 -28.51
N ASN D 292 17.88 -11.62 -27.31
CA ASN D 292 17.18 -10.35 -27.17
C ASN D 292 18.14 -9.15 -26.94
N GLY D 293 19.41 -9.33 -27.27
CA GLY D 293 20.34 -8.23 -27.25
C GLY D 293 19.97 -7.13 -28.22
N TYR D 294 20.41 -5.89 -27.96
CA TYR D 294 20.15 -4.81 -28.90
C TYR D 294 21.18 -3.72 -28.67
N PHE D 295 21.25 -2.79 -29.62
CA PHE D 295 22.25 -1.78 -29.61
C PHE D 295 21.72 -0.54 -28.94
N ARG D 296 22.57 0.15 -28.19
CA ARG D 296 22.15 1.35 -27.44
C ARG D 296 23.17 2.47 -27.62
N PHE D 297 22.75 3.68 -27.95
CA PHE D 297 23.76 4.73 -28.13
C PHE D 297 24.13 5.27 -26.77
N ASP D 298 25.42 5.32 -26.40
CA ASP D 298 25.81 5.96 -25.14
C ASP D 298 26.47 7.34 -25.28
N SER D 299 27.42 7.61 -26.17
CA SER D 299 27.91 9.00 -26.28
C SER D 299 28.64 9.30 -27.57
N TRP D 300 28.77 10.57 -27.94
CA TRP D 300 29.72 10.94 -28.98
C TRP D 300 31.14 10.88 -28.40
N VAL D 301 32.07 10.30 -29.14
CA VAL D 301 33.44 10.25 -28.75
C VAL D 301 34.30 10.64 -29.95
N ASN D 302 35.59 10.86 -29.76
CA ASN D 302 36.46 11.21 -30.89
C ASN D 302 37.11 10.01 -31.66
N GLN D 303 37.81 10.29 -32.75
CA GLN D 303 38.39 9.18 -33.50
C GLN D 303 39.49 8.43 -32.76
N PHE D 304 39.94 8.97 -31.62
CA PHE D 304 40.94 8.32 -30.80
C PHE D 304 40.44 7.52 -29.62
N TYR D 305 39.16 7.25 -29.55
CA TYR D 305 38.66 6.50 -28.44
C TYR D 305 38.97 5.02 -28.70
N THR D 306 39.57 4.32 -27.76
CA THR D 306 39.88 2.91 -27.91
C THR D 306 38.72 2.03 -27.44
N LEU D 307 38.24 1.07 -28.25
CA LEU D 307 37.14 0.17 -27.84
C LEU D 307 37.68 -0.89 -26.97
N ALA D 308 36.91 -1.26 -25.95
CA ALA D 308 37.24 -2.49 -25.19
C ALA D 308 37.24 -3.68 -26.15
N PRO D 309 38.19 -4.63 -26.01
CA PRO D 309 38.14 -5.75 -26.99
C PRO D 309 36.82 -6.45 -27.00
N MET D 310 36.27 -6.71 -28.18
CA MET D 310 35.02 -7.44 -28.31
C MET D 310 35.17 -8.92 -27.90
N GLY D 311 34.41 -9.41 -26.95
CA GLY D 311 34.78 -10.78 -26.52
C GLY D 311 35.55 -11.49 -27.66
N SER E 2 -9.15 3.43 75.61
CA SER E 2 -10.39 3.26 74.87
C SER E 2 -10.38 2.02 74.01
N ARG E 3 -11.29 1.10 74.28
CA ARG E 3 -11.30 -0.10 73.48
C ARG E 3 -12.10 0.23 72.23
N THR E 4 -11.34 0.55 71.22
CA THR E 4 -11.81 1.12 70.01
C THR E 4 -11.01 0.65 68.81
N LYS E 5 -11.64 0.70 67.64
CA LYS E 5 -11.04 0.32 66.38
C LYS E 5 -9.75 1.15 66.15
N PRO E 6 -8.63 0.47 65.85
CA PRO E 6 -7.33 1.17 65.70
C PRO E 6 -7.33 2.09 64.47
N PHE E 7 -6.67 3.22 64.56
CA PHE E 7 -6.57 4.09 63.41
C PHE E 7 -5.47 3.66 62.43
N THR E 8 -5.61 4.02 61.16
CA THR E 8 -4.62 3.63 60.17
C THR E 8 -4.53 4.67 59.05
N VAL E 9 -3.43 4.68 58.30
CA VAL E 9 -3.43 5.35 57.00
C VAL E 9 -3.25 4.31 55.93
N PRO E 10 -3.76 4.60 54.76
CA PRO E 10 -3.72 3.67 53.66
C PRO E 10 -2.27 3.24 53.37
N ILE E 11 -2.04 2.00 52.99
CA ILE E 11 -0.72 1.64 52.49
C ILE E 11 -0.50 2.01 51.01
N LEU E 12 -0.02 3.22 50.75
CA LEU E 12 0.04 3.76 49.39
C LEU E 12 1.27 4.63 49.26
N THR E 13 2.03 4.47 48.21
CA THR E 13 3.20 5.31 48.03
C THR E 13 2.72 6.67 47.61
N VAL E 14 3.57 7.68 47.69
CA VAL E 14 3.19 9.02 47.21
C VAL E 14 2.76 8.98 45.72
N GLU E 15 3.55 8.37 44.90
CA GLU E 15 3.11 8.31 43.53
C GLU E 15 1.81 7.57 43.23
N GLU E 16 1.33 6.68 44.11
CA GLU E 16 0.06 6.01 43.86
C GLU E 16 -1.15 6.85 44.24
N MET E 17 -0.91 8.02 44.83
CA MET E 17 -2.00 8.78 45.43
C MET E 17 -2.40 9.98 44.62
N THR E 18 -3.48 10.62 45.03
CA THR E 18 -4.04 11.66 44.21
C THR E 18 -4.15 13.01 44.89
N ASN E 19 -3.98 14.11 44.16
CA ASN E 19 -4.12 15.42 44.79
C ASN E 19 -5.54 15.63 45.18
N SER E 20 -5.74 16.15 46.38
CA SER E 20 -7.11 16.43 46.81
C SER E 20 -7.64 17.82 46.43
N ARG E 21 -6.83 18.67 45.79
CA ARG E 21 -7.35 19.99 45.34
C ARG E 21 -7.51 20.14 43.81
N PHE E 22 -7.01 19.19 43.04
CA PHE E 22 -7.23 19.22 41.61
C PHE E 22 -7.10 17.73 41.19
N PRO E 23 -7.86 17.25 40.17
CA PRO E 23 -7.91 15.80 39.91
C PRO E 23 -6.66 15.35 39.09
N ILE E 24 -5.51 15.30 39.74
CA ILE E 24 -4.27 14.80 39.13
C ILE E 24 -3.48 14.07 40.22
N PRO E 25 -2.54 13.20 39.83
CA PRO E 25 -1.73 12.40 40.84
C PRO E 25 -0.84 13.29 41.71
N LEU E 26 -0.50 12.85 42.92
CA LEU E 26 0.59 13.46 43.71
C LEU E 26 1.97 13.26 43.05
N GLU E 27 2.95 14.13 43.23
CA GLU E 27 4.22 13.83 42.60
C GLU E 27 5.29 13.72 43.62
N LYS E 28 5.18 14.49 44.71
CA LYS E 28 6.30 14.61 45.64
C LYS E 28 5.88 15.30 46.94
N LEU E 29 6.76 15.25 47.92
CA LEU E 29 6.51 15.84 49.22
C LEU E 29 7.39 17.04 49.38
N PHE E 30 6.83 18.14 49.86
CA PHE E 30 7.54 19.38 49.94
C PHE E 30 7.22 19.98 51.27
N THR E 31 8.25 20.58 51.87
CA THR E 31 8.05 21.33 53.09
C THR E 31 8.68 22.68 52.93
N GLY E 32 8.10 23.64 53.63
CA GLY E 32 8.59 25.02 53.69
C GLY E 32 7.92 25.86 54.80
N PRO E 33 8.51 27.01 55.10
CA PRO E 33 7.94 27.96 56.08
C PRO E 33 6.62 28.50 55.58
N SER E 34 5.61 28.60 56.44
CA SER E 34 4.38 29.10 55.90
C SER E 34 3.84 30.43 56.48
N SER E 35 4.60 31.17 57.29
CA SER E 35 3.96 32.34 57.86
C SER E 35 3.64 33.45 56.89
N ALA E 36 4.26 33.43 55.72
CA ALA E 36 4.02 34.49 54.78
C ALA E 36 2.74 34.31 53.96
N PHE E 37 1.99 33.23 54.21
CA PHE E 37 0.72 33.03 53.51
C PHE E 37 -0.28 32.26 54.37
N VAL E 38 -1.55 32.42 54.02
CA VAL E 38 -2.63 31.82 54.79
C VAL E 38 -2.95 30.43 54.25
N VAL E 39 -2.63 29.42 55.01
CA VAL E 39 -2.91 28.07 54.53
C VAL E 39 -4.29 27.61 54.94
N GLN E 40 -5.25 27.92 54.11
CA GLN E 40 -6.62 27.55 54.38
C GLN E 40 -7.34 26.88 53.19
N PRO E 41 -6.79 25.77 52.69
CA PRO E 41 -7.51 25.12 51.57
C PRO E 41 -8.84 24.55 52.08
N GLN E 42 -9.87 24.58 51.24
CA GLN E 42 -11.19 24.03 51.57
C GLN E 42 -11.47 22.63 51.00
N ASN E 43 -10.61 22.14 50.08
CA ASN E 43 -10.74 20.80 49.51
C ASN E 43 -9.58 20.01 50.12
N GLY E 44 -9.71 18.68 50.22
CA GLY E 44 -8.68 17.89 50.93
C GLY E 44 -8.68 18.23 52.43
N ARG E 45 -9.84 18.47 53.02
CA ARG E 45 -9.93 18.74 54.43
C ARG E 45 -10.77 17.70 55.13
N CYS E 46 -10.19 17.00 56.08
CA CYS E 46 -10.90 15.95 56.76
C CYS E 46 -10.23 15.63 58.08
N THR E 47 -10.97 15.26 59.12
CA THR E 47 -10.30 14.99 60.38
C THR E 47 -9.90 13.53 60.36
N THR E 48 -8.98 13.16 61.21
CA THR E 48 -8.59 11.76 61.20
C THR E 48 -9.71 10.80 61.62
N ASP E 49 -10.83 11.28 62.13
CA ASP E 49 -11.91 10.35 62.46
C ASP E 49 -13.08 10.59 61.54
N GLY E 50 -12.83 11.18 60.38
CA GLY E 50 -13.76 10.95 59.29
C GLY E 50 -14.81 12.00 59.10
N ALA E 51 -14.50 13.22 59.54
CA ALA E 51 -15.42 14.38 59.42
C ALA E 51 -14.95 15.23 58.27
N LEU E 52 -15.66 15.20 57.15
CA LEU E 52 -15.21 16.06 56.07
C LEU E 52 -15.43 17.52 56.42
N LEU E 53 -14.48 18.41 56.13
CA LEU E 53 -14.65 19.87 56.32
C LEU E 53 -14.67 20.68 55.03
N GLY E 54 -14.92 21.98 55.14
CA GLY E 54 -14.75 22.84 54.00
C GLY E 54 -15.63 22.47 52.82
N THR E 55 -15.07 22.37 51.62
CA THR E 55 -15.87 21.96 50.48
C THR E 55 -15.51 20.50 50.10
N THR E 56 -14.92 19.78 51.03
CA THR E 56 -14.36 18.54 50.66
C THR E 56 -15.40 17.43 50.44
N GLN E 57 -15.27 16.63 49.38
CA GLN E 57 -16.14 15.48 49.17
C GLN E 57 -15.26 14.36 48.67
N LEU E 58 -15.84 13.25 48.22
CA LEU E 58 -15.00 12.02 48.21
C LEU E 58 -14.49 11.75 46.86
N SER E 59 -15.19 12.21 45.86
CA SER E 59 -14.87 11.78 44.53
C SER E 59 -13.58 12.43 44.07
N PRO E 60 -12.62 11.61 43.69
CA PRO E 60 -11.36 12.16 43.27
C PRO E 60 -11.44 12.83 41.92
N VAL E 61 -12.52 12.69 41.19
CA VAL E 61 -12.50 13.25 39.82
C VAL E 61 -13.37 14.48 39.73
N ASP E 62 -14.32 14.57 40.64
CA ASP E 62 -15.25 15.67 40.70
C ASP E 62 -14.71 16.90 41.40
N ILE E 63 -13.40 17.13 41.44
CA ILE E 63 -12.87 18.32 42.12
C ILE E 63 -12.62 19.38 41.04
N CYS E 64 -13.00 20.63 41.29
CA CYS E 64 -13.01 21.63 40.22
C CYS E 64 -13.91 21.29 39.02
N THR E 65 -14.89 20.40 39.17
CA THR E 65 -15.87 20.28 38.07
C THR E 65 -17.11 21.15 38.27
N PHE E 66 -17.97 21.30 37.27
CA PHE E 66 -19.26 21.96 37.50
C PHE E 66 -20.31 21.34 36.61
N ARG E 67 -21.55 21.36 37.07
CA ARG E 67 -22.65 20.78 36.35
C ARG E 67 -23.76 21.81 36.36
N GLY E 68 -24.51 21.92 35.29
CA GLY E 68 -25.75 22.69 35.35
C GLY E 68 -26.32 23.03 33.99
N ASP E 69 -27.05 24.14 33.89
CA ASP E 69 -27.52 24.61 32.60
C ASP E 69 -26.87 25.97 32.34
N VAL E 70 -26.79 26.30 31.06
CA VAL E 70 -26.04 27.47 30.68
C VAL E 70 -26.91 28.43 29.86
N THR E 71 -26.62 29.72 30.02
CA THR E 71 -27.30 30.78 29.31
C THR E 71 -26.17 31.57 28.73
N HIS E 72 -26.27 31.84 27.43
CA HIS E 72 -25.37 32.77 26.73
C HIS E 72 -25.55 34.20 27.23
N ILE E 73 -24.46 34.96 27.22
CA ILE E 73 -24.50 36.38 27.60
C ILE E 73 -24.33 37.19 26.32
N ALA E 74 -25.41 37.88 25.94
CA ALA E 74 -25.48 38.51 24.60
C ALA E 74 -24.22 39.32 24.25
N GLY E 75 -23.70 39.08 23.06
CA GLY E 75 -22.61 39.90 22.53
C GLY E 75 -21.24 39.54 23.07
N THR E 76 -21.16 38.42 23.78
CA THR E 76 -19.90 37.95 24.30
C THR E 76 -19.71 36.52 23.90
N GLN E 77 -18.55 36.00 24.24
CA GLN E 77 -18.38 34.57 24.15
C GLN E 77 -18.48 33.87 25.52
N ASN E 78 -19.17 34.50 26.44
CA ASN E 78 -19.33 33.93 27.75
C ASN E 78 -20.69 33.31 27.98
N TYR E 79 -20.73 32.42 28.97
CA TYR E 79 -21.95 31.78 29.37
C TYR E 79 -22.08 31.80 30.87
N THR E 80 -23.32 31.91 31.37
CA THR E 80 -23.57 31.75 32.79
C THR E 80 -24.06 30.32 33.04
N MET E 81 -23.41 29.61 33.94
CA MET E 81 -23.88 28.30 34.33
C MET E 81 -24.72 28.36 35.64
N ASN E 82 -25.95 27.86 35.60
CA ASN E 82 -26.71 27.70 36.82
C ASN E 82 -26.43 26.35 37.55
N LEU E 83 -25.77 26.39 38.70
CA LEU E 83 -25.18 25.15 39.22
C LEU E 83 -26.19 24.17 39.70
N ALA E 84 -25.94 22.90 39.37
CA ALA E 84 -26.71 21.78 39.97
C ALA E 84 -25.83 21.01 40.93
N SER E 85 -26.39 20.08 41.68
CA SER E 85 -25.51 19.33 42.59
C SER E 85 -24.86 18.16 41.90
N GLN E 86 -24.03 17.41 42.63
CA GLN E 86 -23.34 16.25 42.00
C GLN E 86 -24.33 15.28 41.24
N ASN E 87 -25.50 15.02 41.82
CA ASN E 87 -26.57 14.20 41.23
C ASN E 87 -27.54 14.95 40.30
N TRP E 88 -27.18 16.16 39.88
CA TRP E 88 -28.07 16.97 39.02
C TRP E 88 -29.36 17.51 39.66
N ASN E 89 -29.49 17.44 40.98
CA ASN E 89 -30.58 18.16 41.66
C ASN E 89 -30.20 19.61 41.79
N ASN E 90 -31.15 20.50 42.04
CA ASN E 90 -30.74 21.91 42.14
C ASN E 90 -29.81 22.12 43.32
N TYR E 91 -28.89 23.07 43.20
CA TYR E 91 -27.94 23.26 44.31
C TYR E 91 -28.69 24.03 45.38
N ASP E 92 -28.49 23.63 46.62
CA ASP E 92 -29.17 24.31 47.66
C ASP E 92 -28.18 25.19 48.40
N PRO E 93 -28.36 26.53 48.34
CA PRO E 93 -27.47 27.54 48.91
C PRO E 93 -27.45 27.56 50.43
N THR E 94 -28.38 26.93 51.10
CA THR E 94 -28.48 27.17 52.53
C THR E 94 -27.87 26.04 53.29
N GLU E 95 -27.19 25.16 52.58
CA GLU E 95 -26.54 24.09 53.25
C GLU E 95 -25.28 24.70 53.88
N GLU E 96 -24.93 24.21 55.06
CA GLU E 96 -23.94 24.89 55.82
C GLU E 96 -22.53 24.55 55.41
N ILE E 97 -22.22 24.91 54.18
CA ILE E 97 -20.89 24.72 53.58
C ILE E 97 -20.53 26.00 52.80
N PRO E 98 -19.27 26.15 52.40
CA PRO E 98 -18.80 27.43 51.89
C PRO E 98 -19.22 27.68 50.47
N ALA E 99 -19.40 26.57 49.75
CA ALA E 99 -19.89 26.49 48.34
C ALA E 99 -20.18 25.03 48.02
N PRO E 100 -20.69 24.75 46.80
CA PRO E 100 -20.98 23.35 46.42
C PRO E 100 -19.70 22.57 46.66
N LEU E 101 -19.82 21.32 47.10
CA LEU E 101 -18.64 20.46 47.30
C LEU E 101 -17.74 20.35 46.04
N GLY E 102 -16.41 20.32 46.21
CA GLY E 102 -15.49 20.17 45.12
C GLY E 102 -15.26 21.45 44.34
N THR E 103 -15.93 22.55 44.70
CA THR E 103 -15.58 23.86 44.13
C THR E 103 -14.09 24.26 44.23
N PRO E 104 -13.54 24.89 43.20
CA PRO E 104 -12.12 25.22 43.28
C PRO E 104 -11.82 26.07 44.53
N ASP E 105 -10.64 25.93 45.14
CA ASP E 105 -10.40 26.62 46.40
C ASP E 105 -9.19 27.52 46.30
N PHE E 106 -8.99 28.09 45.12
CA PHE E 106 -7.91 29.05 44.90
C PHE E 106 -8.28 30.02 43.81
N VAL E 107 -7.71 31.20 43.87
CA VAL E 107 -8.03 32.17 42.87
C VAL E 107 -7.10 31.90 41.72
N GLY E 108 -7.69 31.64 40.57
CA GLY E 108 -6.90 31.57 39.34
C GLY E 108 -7.81 31.27 38.13
N LYS E 109 -7.19 31.11 36.97
CA LYS E 109 -7.94 30.85 35.79
C LYS E 109 -7.83 29.38 35.40
N ILE E 110 -8.94 28.69 35.56
CA ILE E 110 -8.97 27.28 35.23
C ILE E 110 -9.48 27.00 33.80
N GLN E 111 -8.67 26.36 32.99
CA GLN E 111 -9.06 25.98 31.65
C GLN E 111 -9.51 24.52 31.54
N GLY E 112 -10.56 24.31 30.78
CA GLY E 112 -11.17 23.03 30.61
C GLY E 112 -12.07 23.02 29.42
N VAL E 113 -12.91 22.01 29.35
CA VAL E 113 -13.84 21.88 28.28
C VAL E 113 -15.25 21.79 28.81
N LEU E 114 -16.19 22.45 28.19
CA LEU E 114 -17.58 22.33 28.61
C LEU E 114 -18.23 21.38 27.58
N THR E 115 -18.99 20.39 28.06
CA THR E 115 -19.58 19.46 27.13
C THR E 115 -21.06 19.46 27.37
N GLN E 116 -21.81 19.05 26.38
CA GLN E 116 -23.24 19.20 26.47
C GLN E 116 -23.91 18.15 25.59
N THR E 117 -24.90 17.49 26.14
CA THR E 117 -25.66 16.54 25.39
C THR E 117 -27.06 17.03 25.32
N THR E 118 -27.63 16.99 24.11
CA THR E 118 -29.05 17.33 24.03
C THR E 118 -30.01 16.14 24.16
N ARG E 119 -30.87 16.23 25.17
CA ARG E 119 -31.68 15.09 25.66
C ARG E 119 -32.57 14.43 24.59
N ARG E 120 -33.33 15.24 23.83
CA ARG E 120 -34.26 14.72 22.83
C ARG E 120 -33.57 13.66 22.02
N ASP E 121 -32.37 13.95 21.51
CA ASP E 121 -31.88 13.25 20.31
C ASP E 121 -30.45 12.70 20.42
N GLY E 122 -29.80 12.97 21.55
CA GLY E 122 -28.45 12.42 21.76
C GLY E 122 -27.32 13.15 21.09
N SER E 123 -27.55 14.36 20.64
CA SER E 123 -26.50 15.04 19.91
C SER E 123 -25.64 15.66 20.98
N THR E 124 -24.36 15.90 20.66
CA THR E 124 -23.42 16.36 21.68
C THR E 124 -22.49 17.46 21.18
N ARG E 125 -21.94 18.24 22.10
CA ARG E 125 -20.97 19.27 21.72
C ARG E 125 -20.03 19.55 22.87
N GLY E 126 -18.78 19.90 22.56
CA GLY E 126 -17.86 20.28 23.61
C GLY E 126 -17.02 21.47 23.17
N HIS E 127 -16.76 22.41 24.08
CA HIS E 127 -15.93 23.58 23.74
C HIS E 127 -14.99 23.97 24.82
N LYS E 128 -13.85 24.48 24.41
CA LYS E 128 -12.83 24.99 25.34
C LYS E 128 -13.45 26.12 26.16
N ALA E 129 -13.18 26.12 27.45
CA ALA E 129 -13.83 27.08 28.34
C ALA E 129 -12.89 27.42 29.48
N THR E 130 -13.03 28.62 30.07
CA THR E 130 -12.20 28.98 31.18
C THR E 130 -13.05 29.56 32.27
N VAL E 131 -12.91 29.09 33.50
CA VAL E 131 -13.51 29.83 34.58
C VAL E 131 -12.43 30.54 35.37
N SER E 132 -12.78 31.75 35.80
CA SER E 132 -11.84 32.64 36.43
C SER E 132 -12.28 32.79 37.85
N THR E 133 -11.60 32.16 38.77
CA THR E 133 -12.15 32.07 40.12
C THR E 133 -12.11 33.38 40.89
N GLY E 134 -11.25 34.32 40.48
CA GLY E 134 -11.22 35.65 41.10
C GLY E 134 -12.25 36.61 40.50
N SER E 135 -12.95 36.19 39.46
CA SER E 135 -13.89 37.09 38.80
C SER E 135 -14.99 37.56 39.77
N VAL E 136 -15.61 38.72 39.47
CA VAL E 136 -16.82 39.13 40.24
C VAL E 136 -18.04 38.28 39.88
N HIS E 137 -18.01 37.57 38.75
CA HIS E 137 -19.09 36.61 38.42
C HIS E 137 -18.86 35.22 38.98
N PHE E 138 -17.78 35.05 39.73
CA PHE E 138 -17.58 33.79 40.35
C PHE E 138 -18.37 33.70 41.65
N THR E 139 -19.59 33.15 41.58
CA THR E 139 -20.47 33.18 42.75
C THR E 139 -21.12 31.79 42.90
N PRO E 140 -20.28 30.78 43.12
CA PRO E 140 -20.86 29.43 43.23
C PRO E 140 -21.74 29.35 44.46
N LYS E 141 -21.29 29.90 45.59
CA LYS E 141 -22.11 29.84 46.79
C LYS E 141 -23.54 30.43 46.53
N LEU E 142 -23.70 31.37 45.60
CA LEU E 142 -25.05 31.82 45.17
C LEU E 142 -25.74 30.89 44.08
N GLY E 143 -25.07 29.83 43.61
CA GLY E 143 -25.61 28.93 42.57
C GLY E 143 -25.16 29.27 41.15
N SER E 144 -24.16 30.15 41.02
CA SER E 144 -23.92 30.70 39.72
C SER E 144 -22.44 31.01 39.45
N VAL E 145 -22.00 30.64 38.27
CA VAL E 145 -20.61 30.82 37.89
C VAL E 145 -20.53 31.16 36.37
N GLN E 146 -19.42 31.71 35.90
CA GLN E 146 -19.39 32.16 34.51
C GLN E 146 -18.15 31.68 33.77
N PHE E 147 -18.30 31.36 32.48
CA PHE E 147 -17.25 30.71 31.66
C PHE E 147 -16.94 31.56 30.46
N SER E 148 -15.69 31.67 30.03
CA SER E 148 -15.43 32.24 28.73
C SER E 148 -15.08 31.15 27.75
N THR E 149 -15.61 31.23 26.55
CA THR E 149 -15.44 30.14 25.63
C THR E 149 -15.14 30.69 24.27
N ASP E 150 -15.03 29.78 23.31
CA ASP E 150 -14.69 30.19 21.97
C ASP E 150 -15.91 30.03 21.05
N THR E 151 -17.08 30.35 21.57
CA THR E 151 -18.31 30.11 20.83
C THR E 151 -19.46 31.02 21.29
N SER E 152 -20.14 31.61 20.33
CA SER E 152 -21.29 32.46 20.59
C SER E 152 -22.65 31.83 20.35
N ASN E 153 -22.74 30.67 19.74
CA ASN E 153 -24.06 30.14 19.61
C ASN E 153 -24.28 28.66 19.76
N ASP E 154 -23.25 27.89 20.04
CA ASP E 154 -23.43 26.46 20.11
C ASP E 154 -24.21 25.82 21.23
N PHE E 155 -23.99 26.27 22.45
CA PHE E 155 -24.63 25.65 23.58
C PHE E 155 -26.07 26.03 23.59
N GLU E 156 -26.88 25.15 24.14
CA GLU E 156 -28.31 25.30 24.20
C GLU E 156 -28.79 25.50 25.59
N THR E 157 -29.96 26.07 25.71
CA THR E 157 -30.48 26.33 27.05
C THR E 157 -31.20 25.08 27.56
N GLY E 158 -31.44 25.02 28.85
CA GLY E 158 -32.07 23.86 29.47
C GLY E 158 -31.43 22.49 29.30
N GLN E 159 -30.19 22.39 28.87
CA GLN E 159 -29.60 21.08 28.64
C GLN E 159 -28.46 20.84 29.60
N ASN E 160 -28.36 19.61 30.06
CA ASN E 160 -27.26 19.25 30.92
C ASN E 160 -25.94 19.63 30.33
N THR E 161 -25.13 20.28 31.18
CA THR E 161 -23.88 20.84 30.73
C THR E 161 -22.87 20.60 31.82
N ARG E 162 -21.70 20.15 31.36
CA ARG E 162 -20.63 19.67 32.28
C ARG E 162 -19.29 20.36 31.98
N PHE E 163 -18.54 20.71 33.01
CA PHE E 163 -17.21 21.27 32.78
C PHE E 163 -16.15 20.32 33.34
N THR E 164 -15.17 20.00 32.54
CA THR E 164 -14.08 19.16 32.93
C THR E 164 -12.81 20.04 32.98
N PRO E 165 -12.12 20.02 34.12
CA PRO E 165 -10.97 20.91 34.26
C PRO E 165 -9.77 20.21 33.65
N VAL E 166 -8.81 20.97 33.14
CA VAL E 166 -7.62 20.42 32.59
C VAL E 166 -6.39 21.08 33.22
N GLY E 167 -6.42 22.40 33.31
CA GLY E 167 -5.22 23.09 33.78
C GLY E 167 -5.44 24.56 34.01
N VAL E 168 -4.34 25.31 34.15
CA VAL E 168 -4.38 26.72 34.55
C VAL E 168 -3.60 27.57 33.57
N VAL E 169 -3.89 28.84 33.54
CA VAL E 169 -3.48 29.70 32.45
C VAL E 169 -2.89 30.98 33.06
N GLN E 170 -2.00 31.72 32.42
CA GLN E 170 -1.66 33.07 32.94
C GLN E 170 -1.31 34.01 31.85
N ASP E 171 -1.39 35.31 32.14
CA ASP E 171 -1.10 36.31 31.13
C ASP E 171 0.41 36.58 30.96
N GLY E 172 0.97 36.05 29.87
CA GLY E 172 2.39 36.00 29.65
C GLY E 172 3.00 37.36 29.59
N SER E 173 2.21 38.36 29.28
CA SER E 173 2.72 39.73 29.27
C SER E 173 2.76 40.42 30.67
N THR E 174 2.34 39.72 31.73
CA THR E 174 2.49 40.21 33.07
C THR E 174 3.54 39.37 33.75
N THR E 175 3.71 39.56 35.05
CA THR E 175 4.72 38.82 35.76
C THR E 175 4.53 37.29 35.76
N HIS E 176 5.61 36.65 35.31
CA HIS E 176 5.66 35.21 35.26
C HIS E 176 5.36 34.62 36.63
N GLN E 177 4.55 33.55 36.65
CA GLN E 177 4.08 32.88 37.85
C GLN E 177 3.14 33.65 38.78
N ASN E 178 2.62 34.77 38.30
CA ASN E 178 1.77 35.62 39.12
C ASN E 178 0.39 35.04 39.42
N GLU E 179 -0.11 34.12 38.62
CA GLU E 179 -1.30 33.38 38.98
C GLU E 179 -1.11 31.93 38.50
N PRO E 180 -1.90 30.99 39.01
CA PRO E 180 -2.89 31.21 40.04
C PRO E 180 -2.25 31.39 41.36
N GLN E 181 -3.07 31.68 42.37
CA GLN E 181 -2.58 31.88 43.73
C GLN E 181 -3.14 30.80 44.63
N GLN E 182 -2.35 29.78 44.86
CA GLN E 182 -2.88 28.61 45.48
C GLN E 182 -3.35 28.88 46.90
N TRP E 183 -2.90 30.00 47.47
CA TRP E 183 -3.21 30.23 48.88
C TRP E 183 -4.20 31.38 49.09
N VAL E 184 -4.97 31.74 48.06
CA VAL E 184 -5.96 32.76 48.27
C VAL E 184 -7.34 32.18 47.94
N LEU E 185 -8.24 32.14 48.91
CA LEU E 185 -9.58 31.61 48.66
C LEU E 185 -10.28 32.57 47.72
N PRO E 186 -11.05 32.05 46.74
CA PRO E 186 -12.04 32.90 46.04
C PRO E 186 -13.04 33.48 47.04
N ASP E 187 -13.80 34.47 46.59
CA ASP E 187 -14.95 34.97 47.35
C ASP E 187 -16.16 34.18 46.86
N TYR E 188 -16.52 33.15 47.60
CA TYR E 188 -17.50 32.20 47.08
C TYR E 188 -18.87 32.82 46.74
N SER E 189 -19.20 33.90 47.46
CA SER E 189 -20.43 34.66 47.25
C SER E 189 -20.25 35.94 46.42
N GLY E 190 -19.12 36.12 45.75
CA GLY E 190 -18.83 37.39 45.06
C GLY E 190 -18.35 38.54 45.96
N ARG E 191 -18.25 39.74 45.40
CA ARG E 191 -17.77 40.91 46.16
C ARG E 191 -18.72 41.20 47.32
N ASP E 192 -18.24 41.84 48.35
CA ASP E 192 -19.16 42.29 49.34
C ASP E 192 -20.08 41.24 49.91
N SER E 193 -19.54 40.06 50.16
CA SER E 193 -20.17 39.07 51.00
C SER E 193 -19.07 38.21 51.51
N HIS E 194 -19.00 37.96 52.80
CA HIS E 194 -17.89 37.20 53.35
C HIS E 194 -18.02 35.70 53.17
N ASN E 195 -16.92 34.94 53.17
CA ASN E 195 -17.01 33.50 53.08
C ASN E 195 -17.58 32.94 54.38
N VAL E 196 -18.32 31.82 54.33
CA VAL E 196 -18.83 31.16 55.53
C VAL E 196 -18.43 29.70 55.65
N HIS E 197 -18.66 29.11 56.82
CA HIS E 197 -18.34 27.68 57.08
C HIS E 197 -17.00 27.14 56.63
N LEU E 198 -15.96 27.97 56.66
CA LEU E 198 -14.64 27.59 56.22
C LEU E 198 -13.98 26.59 57.12
N ALA E 199 -13.25 25.63 56.52
CA ALA E 199 -12.30 24.82 57.26
C ALA E 199 -11.22 25.82 57.75
N PRO E 200 -10.78 25.63 58.98
CA PRO E 200 -9.91 26.64 59.58
C PRO E 200 -8.59 26.70 58.83
N ALA E 201 -7.83 27.79 59.05
CA ALA E 201 -6.41 27.93 58.59
C ALA E 201 -5.53 27.11 59.50
N VAL E 202 -4.36 26.69 59.06
CA VAL E 202 -3.55 25.81 59.86
C VAL E 202 -2.15 26.32 59.80
N ALA E 203 -1.35 25.99 60.79
CA ALA E 203 0.04 26.43 60.84
C ALA E 203 0.79 25.50 61.76
N PRO E 204 2.08 25.35 61.57
CA PRO E 204 2.85 24.57 62.54
C PRO E 204 2.86 25.33 63.88
N THR E 205 2.64 24.65 64.98
CA THR E 205 2.64 25.38 66.22
C THR E 205 3.68 24.80 67.20
N PHE E 206 4.89 24.56 66.74
CA PHE E 206 5.84 23.79 67.50
C PHE E 206 7.25 24.10 67.02
N PRO E 207 8.17 24.34 67.96
CA PRO E 207 9.52 24.82 67.56
C PRO E 207 10.19 23.96 66.45
N GLY E 208 10.72 24.58 65.40
CA GLY E 208 11.38 23.79 64.38
C GLY E 208 10.46 23.06 63.40
N GLU E 209 9.15 23.14 63.55
CA GLU E 209 8.31 22.36 62.67
C GLU E 209 7.74 23.14 61.47
N GLN E 210 7.52 22.45 60.37
CA GLN E 210 6.83 23.05 59.21
C GLN E 210 5.71 22.11 58.71
N LEU E 211 4.74 22.66 57.99
CA LEU E 211 3.79 21.82 57.30
C LEU E 211 4.55 20.99 56.29
N LEU E 212 4.00 19.81 56.02
CA LEU E 212 4.48 18.90 55.01
C LEU E 212 3.37 18.91 53.97
N PHE E 213 3.69 19.38 52.78
CA PHE E 213 2.69 19.47 51.76
C PHE E 213 2.76 18.28 50.80
N PHE E 214 1.61 17.83 50.33
CA PHE E 214 1.59 16.77 49.34
C PHE E 214 1.40 17.47 48.05
N ARG E 215 2.40 17.43 47.15
CA ARG E 215 2.47 18.39 46.01
C ARG E 215 2.32 17.82 44.57
N SER E 216 1.74 18.59 43.65
CA SER E 216 1.54 18.17 42.27
C SER E 216 1.87 19.35 41.44
N THR E 217 2.04 19.17 40.14
CA THR E 217 2.23 20.30 39.27
C THR E 217 0.98 20.32 38.41
N MET E 218 0.18 21.38 38.48
CA MET E 218 -0.99 21.41 37.60
C MET E 218 -0.62 21.60 36.11
N PRO E 219 -1.36 20.94 35.19
CA PRO E 219 -1.01 21.30 33.77
C PRO E 219 -1.21 22.79 33.47
N GLY E 220 -0.28 23.40 32.74
CA GLY E 220 -0.49 24.77 32.20
C GLY E 220 -0.95 24.75 30.73
N CYS E 221 -1.91 25.58 30.41
CA CYS E 221 -2.45 25.63 29.10
C CYS E 221 -2.18 26.91 28.37
N SER E 222 -1.56 27.87 29.01
CA SER E 222 -1.18 29.09 28.35
C SER E 222 -0.35 29.88 29.30
N GLY E 223 0.48 30.77 28.82
CA GLY E 223 1.25 31.60 29.71
C GLY E 223 2.37 31.02 30.50
N TYR E 224 2.67 31.66 31.62
CA TYR E 224 3.72 31.21 32.49
C TYR E 224 3.11 31.03 33.84
N PRO E 225 2.15 30.12 33.95
CA PRO E 225 1.45 30.03 35.27
C PRO E 225 2.28 29.43 36.36
N ASN E 226 1.90 29.70 37.59
CA ASN E 226 2.48 28.96 38.66
C ASN E 226 1.70 27.67 38.90
N MET E 227 2.34 26.54 38.65
CA MET E 227 1.68 25.23 38.54
C MET E 227 1.73 24.39 39.80
N ASN E 228 2.33 24.89 40.86
CA ASN E 228 2.38 24.11 42.13
C ASN E 228 1.06 24.03 42.79
N LEU E 229 0.66 22.83 43.20
CA LEU E 229 -0.56 22.69 43.98
C LEU E 229 -0.23 21.83 45.17
N ASP E 230 -0.39 22.39 46.36
CA ASP E 230 -0.10 21.68 47.59
C ASP E 230 -1.39 21.37 48.29
N CYS E 231 -1.57 20.11 48.67
CA CYS E 231 -2.72 19.79 49.51
C CYS E 231 -2.23 19.28 50.83
N LEU E 232 -3.09 19.27 51.84
CA LEU E 232 -2.68 18.87 53.20
C LEU E 232 -2.89 17.42 53.42
N LEU E 233 -3.71 16.81 52.56
CA LEU E 233 -4.01 15.39 52.71
C LEU E 233 -4.23 14.79 51.33
N PRO E 234 -3.68 13.61 51.10
CA PRO E 234 -3.95 13.00 49.79
C PRO E 234 -5.44 12.66 49.76
N GLN E 235 -6.08 12.76 48.58
CA GLN E 235 -7.49 12.37 48.51
C GLN E 235 -7.69 10.98 49.13
N GLU E 236 -6.77 10.06 48.87
CA GLU E 236 -7.02 8.71 49.37
C GLU E 236 -7.06 8.70 50.87
N TRP E 237 -6.39 9.64 51.54
CA TRP E 237 -6.47 9.70 53.01
C TRP E 237 -7.84 10.25 53.47
N VAL E 238 -8.36 11.26 52.80
CA VAL E 238 -9.77 11.69 53.02
C VAL E 238 -10.71 10.46 52.89
N GLN E 239 -10.66 9.77 51.74
CA GLN E 239 -11.50 8.64 51.53
C GLN E 239 -11.32 7.69 52.66
N HIS E 240 -10.07 7.48 53.11
CA HIS E 240 -9.81 6.39 54.02
C HIS E 240 -10.37 6.76 55.43
N PHE E 241 -10.27 8.03 55.84
CA PHE E 241 -10.75 8.40 57.16
C PHE E 241 -12.30 8.41 57.16
N TYR E 242 -12.92 8.78 56.06
CA TYR E 242 -14.35 8.79 56.09
C TYR E 242 -14.87 7.32 56.28
N GLN E 243 -14.29 6.38 55.53
CA GLN E 243 -14.73 5.00 55.59
C GLN E 243 -14.47 4.52 57.00
N GLU E 244 -13.26 4.70 57.50
CA GLU E 244 -12.84 4.04 58.76
C GLU E 244 -13.40 4.67 60.03
N SER E 245 -13.47 6.00 60.09
CA SER E 245 -13.83 6.72 61.34
C SER E 245 -13.16 6.21 62.60
N ALA E 246 -11.87 5.98 62.58
CA ALA E 246 -11.26 5.49 63.78
C ALA E 246 -11.18 6.58 64.86
N PRO E 247 -11.80 6.31 66.01
CA PRO E 247 -11.78 7.41 67.04
C PRO E 247 -10.35 7.87 67.35
N ALA E 248 -10.11 9.17 67.50
CA ALA E 248 -8.73 9.66 67.70
C ALA E 248 -8.32 9.50 69.17
N GLN E 249 -7.26 8.81 69.50
CA GLN E 249 -6.99 8.74 70.94
C GLN E 249 -6.25 9.96 71.46
N SER E 250 -5.87 10.92 70.63
CA SER E 250 -5.16 12.10 71.14
C SER E 250 -5.20 13.11 70.04
N ASP E 251 -4.46 14.18 70.12
CA ASP E 251 -4.58 15.13 69.03
C ASP E 251 -3.49 14.90 68.02
N VAL E 252 -2.61 13.91 68.24
CA VAL E 252 -1.48 13.74 67.33
C VAL E 252 -1.13 12.31 67.04
N ALA E 253 -1.22 11.93 65.77
CA ALA E 253 -0.88 10.61 65.32
C ALA E 253 0.55 10.65 64.79
N LEU E 254 1.45 9.89 65.38
CA LEU E 254 2.80 9.81 64.86
C LEU E 254 2.88 8.89 63.63
N LEU E 255 3.36 9.37 62.47
CA LEU E 255 3.55 8.48 61.31
C LEU E 255 5.01 8.24 61.02
N ARG E 256 5.39 7.07 60.57
CA ARG E 256 6.79 6.87 60.07
C ARG E 256 6.76 6.69 58.60
N PHE E 257 7.72 7.23 57.88
CA PHE E 257 7.72 6.98 56.45
C PHE E 257 8.70 5.85 56.25
N VAL E 258 8.22 4.74 55.69
CA VAL E 258 8.98 3.50 55.65
C VAL E 258 9.32 3.08 54.28
N ASN E 259 10.53 2.60 54.09
CA ASN E 259 10.94 2.04 52.80
C ASN E 259 10.75 0.55 52.92
N PRO E 260 9.72 0.00 52.30
CA PRO E 260 9.48 -1.42 52.59
C PRO E 260 10.52 -2.37 52.00
N ASP E 261 11.36 -1.94 51.06
CA ASP E 261 12.51 -2.80 50.68
C ASP E 261 13.39 -3.09 51.90
N THR E 262 14.08 -2.07 52.43
CA THR E 262 15.02 -2.26 53.53
C THR E 262 14.35 -2.36 54.88
N GLY E 263 13.09 -1.97 54.96
CA GLY E 263 12.41 -1.91 56.25
C GLY E 263 12.83 -0.72 57.11
N ARG E 264 13.64 0.21 56.59
CA ARG E 264 14.07 1.34 57.43
C ARG E 264 13.23 2.66 57.32
N VAL E 265 13.17 3.39 58.42
CA VAL E 265 12.32 4.54 58.51
C VAL E 265 13.10 5.70 57.94
N LEU E 266 12.56 6.39 56.93
CA LEU E 266 13.20 7.56 56.34
C LEU E 266 13.05 8.81 57.22
N PHE E 267 11.82 9.20 57.55
CA PHE E 267 11.62 10.28 58.51
C PHE E 267 10.32 9.98 59.24
N GLU E 268 10.02 10.75 60.28
CA GLU E 268 8.71 10.61 60.97
C GLU E 268 8.00 11.97 60.94
N CYS E 269 6.70 12.01 61.23
CA CYS E 269 5.98 13.27 61.12
C CYS E 269 4.67 13.20 61.90
N LYS E 270 4.06 14.36 62.16
CA LYS E 270 2.86 14.34 62.95
C LYS E 270 1.70 14.56 62.04
N LEU E 271 0.68 13.74 62.21
CA LEU E 271 -0.54 13.91 61.47
C LEU E 271 -1.49 14.37 62.52
N HIS E 272 -1.86 15.64 62.42
CA HIS E 272 -2.71 16.24 63.48
C HIS E 272 -4.15 15.80 63.38
N LYS E 273 -4.77 15.54 64.50
CA LYS E 273 -6.12 15.03 64.46
C LYS E 273 -7.03 15.85 63.52
N SER E 274 -6.89 17.15 63.45
CA SER E 274 -7.77 17.91 62.57
C SER E 274 -7.33 17.95 61.08
N GLY E 275 -6.29 17.20 60.74
CA GLY E 275 -6.15 16.80 59.37
C GLY E 275 -5.01 17.22 58.48
N TYR E 276 -4.02 17.90 59.05
CA TYR E 276 -2.77 18.06 58.37
C TYR E 276 -1.50 17.52 58.98
N VAL E 277 -0.38 17.71 58.29
CA VAL E 277 0.85 17.06 58.67
C VAL E 277 2.02 18.00 58.96
N THR E 278 2.82 17.75 59.98
CA THR E 278 4.01 18.61 60.12
C THR E 278 5.30 17.81 60.24
N VAL E 279 6.42 18.44 59.93
CA VAL E 279 7.71 17.78 60.06
C VAL E 279 8.72 18.70 60.74
N ALA E 280 9.74 18.07 61.31
CA ALA E 280 10.79 18.83 61.99
C ALA E 280 11.79 19.12 60.90
N HIS E 281 11.69 20.31 60.31
CA HIS E 281 12.65 20.81 59.34
C HIS E 281 12.52 22.34 59.14
N THR E 282 13.62 23.01 58.76
CA THR E 282 13.64 24.47 58.51
C THR E 282 14.11 24.85 57.13
N GLY E 283 13.29 25.56 56.37
CA GLY E 283 13.62 25.93 54.95
C GLY E 283 12.82 25.16 53.89
N GLN E 284 12.80 25.68 52.66
CA GLN E 284 12.14 24.96 51.57
C GLN E 284 12.87 23.68 51.28
N HIS E 285 12.16 22.60 50.98
CA HIS E 285 12.80 21.32 50.69
C HIS E 285 11.90 20.29 49.98
N ASP E 286 12.41 19.82 48.84
CA ASP E 286 11.75 18.78 48.09
C ASP E 286 12.23 17.49 48.70
N LEU E 287 11.35 16.65 49.24
CA LEU E 287 11.85 15.45 49.88
C LEU E 287 12.41 14.46 48.85
N VAL E 288 13.47 13.77 49.21
CA VAL E 288 14.02 12.76 48.30
C VAL E 288 13.67 11.42 48.93
N ILE E 289 12.83 10.66 48.26
CA ILE E 289 12.30 9.42 48.82
C ILE E 289 12.47 8.22 47.91
N PRO E 290 12.59 7.05 48.49
CA PRO E 290 12.49 5.84 47.68
C PRO E 290 11.08 5.76 47.06
N PRO E 291 10.96 5.53 45.76
CA PRO E 291 9.59 5.58 45.20
C PRO E 291 8.64 4.51 45.72
N ASN E 292 9.11 3.52 46.46
CA ASN E 292 8.18 2.57 47.04
C ASN E 292 7.83 2.80 48.53
N GLY E 293 8.19 3.97 49.07
CA GLY E 293 7.98 4.28 50.46
C GLY E 293 6.54 4.62 50.75
N TYR E 294 6.12 4.48 52.01
CA TYR E 294 4.77 4.86 52.32
C TYR E 294 4.64 5.15 53.80
N PHE E 295 3.51 5.72 54.21
CA PHE E 295 3.33 6.22 55.58
C PHE E 295 2.76 5.14 56.49
N ARG E 296 3.26 4.99 57.68
CA ARG E 296 2.70 4.01 58.57
C ARG E 296 2.33 4.68 59.93
N PHE E 297 1.09 4.49 60.38
CA PHE E 297 0.73 5.01 61.69
C PHE E 297 1.33 4.12 62.78
N ASP E 298 2.04 4.69 63.74
CA ASP E 298 2.76 3.92 64.76
C ASP E 298 2.26 4.16 66.19
N SER E 299 1.75 5.37 66.48
CA SER E 299 1.05 5.61 67.76
C SER E 299 0.59 7.04 68.01
N TRP E 300 -0.38 7.16 68.91
CA TRP E 300 -0.85 8.48 69.30
C TRP E 300 0.15 9.01 70.32
N VAL E 301 0.52 10.26 70.18
CA VAL E 301 1.41 10.85 71.09
C VAL E 301 0.70 12.07 71.61
N ASN E 302 1.26 12.72 72.61
CA ASN E 302 0.64 13.93 73.05
C ASN E 302 1.24 15.13 72.31
N GLN E 303 0.92 16.30 72.83
CA GLN E 303 1.24 17.56 72.16
C GLN E 303 2.73 17.93 72.33
N PHE E 304 3.36 17.25 73.28
CA PHE E 304 4.71 17.62 73.67
C PHE E 304 5.79 16.69 73.12
N TYR E 305 5.41 15.79 72.20
CA TYR E 305 6.35 14.97 71.38
C TYR E 305 7.23 15.78 70.39
N THR E 306 8.53 15.49 70.42
CA THR E 306 9.53 16.11 69.55
C THR E 306 9.99 15.14 68.45
N LEU E 307 9.78 15.50 67.19
CA LEU E 307 10.15 14.62 66.09
C LEU E 307 11.65 14.55 65.97
N ALA E 308 12.18 13.43 65.51
CA ALA E 308 13.57 13.40 65.01
C ALA E 308 13.63 14.24 63.73
N PRO E 309 14.71 15.01 63.56
CA PRO E 309 14.83 15.97 62.43
C PRO E 309 14.70 15.27 61.07
N MET E 310 13.95 15.84 60.13
CA MET E 310 13.73 15.13 58.89
C MET E 310 15.00 14.66 58.11
N THR F 4 6.34 12.13 -19.56
CA THR F 4 4.99 12.11 -20.20
C THR F 4 5.06 12.19 -21.77
N LYS F 5 5.59 11.14 -22.40
CA LYS F 5 6.06 11.15 -23.82
C LYS F 5 5.04 11.46 -24.96
N PRO F 6 5.31 12.47 -25.80
CA PRO F 6 4.31 12.94 -26.80
C PRO F 6 4.10 11.95 -27.97
N PHE F 7 2.85 11.63 -28.30
CA PHE F 7 2.55 10.65 -29.34
C PHE F 7 2.91 11.30 -30.70
N THR F 8 3.25 10.49 -31.72
CA THR F 8 3.59 11.01 -33.07
C THR F 8 3.37 9.88 -34.09
N VAL F 9 3.32 10.23 -35.37
CA VAL F 9 3.37 9.26 -36.45
C VAL F 9 4.56 9.63 -37.40
N PRO F 10 5.14 8.65 -38.08
CA PRO F 10 6.27 8.85 -38.97
C PRO F 10 6.06 9.97 -39.99
N ILE F 11 7.11 10.69 -40.32
CA ILE F 11 7.00 11.70 -41.36
C ILE F 11 7.34 11.01 -42.66
N LEU F 12 6.39 10.23 -43.18
CA LEU F 12 6.62 9.45 -44.39
C LEU F 12 5.44 9.67 -45.35
N THR F 13 5.65 9.89 -46.64
CA THR F 13 4.49 9.93 -47.52
C THR F 13 3.97 8.53 -47.73
N VAL F 14 2.74 8.46 -48.21
CA VAL F 14 2.11 7.18 -48.45
C VAL F 14 2.96 6.33 -49.36
N GLU F 15 3.50 6.89 -50.43
CA GLU F 15 4.33 6.08 -51.35
C GLU F 15 5.60 5.58 -50.71
N GLU F 16 6.07 6.29 -49.69
CA GLU F 16 7.25 5.87 -49.01
C GLU F 16 6.98 4.72 -48.05
N MET F 17 5.71 4.33 -47.85
CA MET F 17 5.41 3.31 -46.84
C MET F 17 5.05 1.93 -47.36
N THR F 18 4.80 0.99 -46.46
CA THR F 18 4.63 -0.40 -46.87
C THR F 18 3.38 -1.08 -46.35
N ASN F 19 2.76 -1.89 -47.19
CA ASN F 19 1.53 -2.52 -46.79
C ASN F 19 1.84 -3.45 -45.66
N SER F 20 1.09 -3.44 -44.57
CA SER F 20 1.39 -4.37 -43.50
C SER F 20 0.75 -5.73 -43.68
N ARG F 21 -0.02 -5.96 -44.75
CA ARG F 21 -0.59 -7.27 -44.91
C ARG F 21 0.05 -8.09 -46.05
N PHE F 22 1.06 -7.56 -46.71
CA PHE F 22 1.74 -8.32 -47.79
C PHE F 22 3.00 -7.51 -48.15
N PRO F 23 4.11 -8.19 -48.46
CA PRO F 23 5.37 -7.38 -48.58
C PRO F 23 5.47 -6.55 -49.87
N ILE F 24 4.71 -5.45 -49.99
CA ILE F 24 4.87 -4.56 -51.13
C ILE F 24 4.48 -3.18 -50.67
N PRO F 25 4.84 -2.16 -51.45
CA PRO F 25 4.63 -0.73 -51.09
C PRO F 25 3.13 -0.35 -50.99
N LEU F 26 2.76 0.58 -50.10
CA LEU F 26 1.44 1.21 -50.22
C LEU F 26 1.48 1.99 -51.52
N GLU F 27 0.31 2.29 -52.07
CA GLU F 27 0.19 3.02 -53.32
C GLU F 27 -0.72 4.22 -53.15
N LYS F 28 -1.80 4.10 -52.36
CA LYS F 28 -2.84 5.14 -52.33
C LYS F 28 -3.75 4.98 -51.10
N LEU F 29 -4.66 5.95 -50.90
CA LEU F 29 -5.60 5.93 -49.74
C LEU F 29 -6.99 5.76 -50.29
N PHE F 30 -7.77 4.87 -49.68
CA PHE F 30 -9.11 4.58 -50.21
C PHE F 30 -10.07 4.51 -49.06
N THR F 31 -11.23 5.13 -49.21
CA THR F 31 -12.33 4.93 -48.27
C THR F 31 -13.61 4.44 -48.97
N GLY F 32 -14.40 3.65 -48.24
CA GLY F 32 -15.70 3.17 -48.70
C GLY F 32 -16.47 2.75 -47.46
N PRO F 33 -17.80 2.60 -47.61
CA PRO F 33 -18.58 1.94 -46.55
C PRO F 33 -18.08 0.52 -46.35
N SER F 34 -18.15 0.01 -45.13
CA SER F 34 -17.64 -1.31 -44.82
C SER F 34 -18.64 -2.18 -44.02
N SER F 35 -19.91 -1.79 -44.00
CA SER F 35 -20.92 -2.71 -43.46
C SER F 35 -21.06 -3.96 -44.31
N ALA F 36 -20.75 -3.89 -45.59
CA ALA F 36 -20.99 -5.11 -46.41
C ALA F 36 -19.94 -6.16 -46.22
N PHE F 37 -19.02 -5.95 -45.29
CA PHE F 37 -18.00 -6.99 -45.06
C PHE F 37 -17.40 -6.84 -43.65
N VAL F 38 -16.86 -7.97 -43.15
CA VAL F 38 -16.20 -8.06 -41.87
C VAL F 38 -14.73 -7.62 -42.00
N VAL F 39 -14.40 -6.49 -41.36
CA VAL F 39 -13.04 -6.01 -41.39
C VAL F 39 -12.29 -6.46 -40.14
N GLN F 40 -11.60 -7.60 -40.22
CA GLN F 40 -10.90 -8.13 -39.06
C GLN F 40 -9.54 -8.73 -39.45
N PRO F 41 -8.74 -7.97 -40.18
CA PRO F 41 -7.40 -8.42 -40.58
C PRO F 41 -6.54 -8.65 -39.32
N GLN F 42 -5.63 -9.63 -39.38
CA GLN F 42 -4.77 -9.94 -38.22
C GLN F 42 -3.32 -9.45 -38.38
N ASN F 43 -2.96 -8.97 -39.58
CA ASN F 43 -1.68 -8.32 -39.75
C ASN F 43 -1.90 -6.81 -39.87
N GLY F 44 -0.87 -6.01 -39.58
CA GLY F 44 -1.04 -4.57 -39.49
C GLY F 44 -2.06 -4.15 -38.38
N ARG F 45 -2.11 -4.94 -37.33
CA ARG F 45 -2.83 -4.56 -36.12
C ARG F 45 -1.88 -4.29 -34.95
N CYS F 46 -2.09 -3.15 -34.32
CA CYS F 46 -1.26 -2.68 -33.24
C CYS F 46 -1.91 -1.42 -32.60
N THR F 47 -1.75 -1.26 -31.29
CA THR F 47 -2.38 -0.05 -30.67
C THR F 47 -1.44 1.12 -30.83
N THR F 48 -1.95 2.30 -30.62
CA THR F 48 -1.11 3.48 -30.71
C THR F 48 0.02 3.60 -29.65
N ASP F 49 -0.02 2.85 -28.56
CA ASP F 49 1.10 2.86 -27.64
C ASP F 49 1.96 1.58 -27.75
N GLY F 50 1.89 0.93 -28.90
CA GLY F 50 2.83 -0.14 -29.27
C GLY F 50 2.42 -1.53 -28.79
N ALA F 51 1.15 -1.84 -28.69
CA ALA F 51 0.88 -3.22 -28.34
C ALA F 51 0.56 -3.99 -29.63
N LEU F 52 1.40 -4.94 -30.02
CA LEU F 52 1.09 -5.67 -31.23
C LEU F 52 -0.13 -6.57 -31.07
N LEU F 53 -1.01 -6.62 -32.07
CA LEU F 53 -2.12 -7.52 -31.93
C LEU F 53 -2.13 -8.61 -33.02
N GLY F 54 -3.03 -9.60 -32.89
CA GLY F 54 -3.39 -10.50 -33.98
C GLY F 54 -2.23 -11.39 -34.26
N THR F 55 -1.87 -11.51 -35.53
CA THR F 55 -0.65 -12.17 -35.95
C THR F 55 0.40 -11.11 -36.35
N THR F 56 0.18 -9.85 -35.98
CA THR F 56 1.14 -8.78 -36.36
C THR F 56 2.59 -8.96 -35.82
N GLN F 57 3.62 -8.64 -36.63
CA GLN F 57 5.01 -8.70 -36.13
C GLN F 57 5.78 -7.59 -36.79
N LEU F 58 7.09 -7.44 -36.52
CA LEU F 58 7.79 -6.20 -36.99
C LEU F 58 8.29 -6.27 -38.43
N SER F 59 8.71 -7.44 -38.87
CA SER F 59 9.36 -7.49 -40.15
C SER F 59 8.42 -7.20 -41.31
N PRO F 60 8.74 -6.23 -42.15
CA PRO F 60 7.95 -6.00 -43.36
C PRO F 60 8.22 -7.03 -44.44
N VAL F 61 9.20 -7.91 -44.27
CA VAL F 61 9.44 -8.89 -45.34
C VAL F 61 8.93 -10.26 -44.97
N ASP F 62 8.83 -10.54 -43.70
CA ASP F 62 8.36 -11.86 -43.32
C ASP F 62 6.86 -11.95 -43.22
N ILE F 63 6.11 -11.44 -44.18
CA ILE F 63 4.67 -11.46 -44.06
C ILE F 63 4.26 -12.34 -45.21
N CYS F 64 3.35 -13.29 -44.91
CA CYS F 64 3.02 -14.33 -45.86
C CYS F 64 4.22 -15.18 -46.27
N THR F 65 5.17 -15.39 -45.35
CA THR F 65 6.32 -16.27 -45.62
C THR F 65 6.19 -17.54 -44.77
N PHE F 66 6.96 -18.58 -45.09
CA PHE F 66 6.86 -19.83 -44.32
C PHE F 66 8.22 -20.48 -44.27
N ARG F 67 8.54 -21.13 -43.16
CA ARG F 67 9.85 -21.75 -42.96
C ARG F 67 9.50 -23.08 -42.36
N GLY F 68 10.22 -24.13 -42.75
CA GLY F 68 10.19 -25.43 -42.05
C GLY F 68 10.86 -26.56 -42.84
N ASP F 69 10.51 -27.81 -42.53
CA ASP F 69 10.91 -28.94 -43.36
C ASP F 69 9.71 -29.37 -44.21
N VAL F 70 9.96 -29.94 -45.39
CA VAL F 70 8.86 -30.35 -46.25
C VAL F 70 8.83 -31.85 -46.45
N THR F 71 7.68 -32.35 -46.91
CA THR F 71 7.51 -33.78 -47.17
C THR F 71 6.74 -34.01 -48.44
N HIS F 72 7.23 -34.90 -49.31
CA HIS F 72 6.41 -35.25 -50.47
C HIS F 72 5.10 -35.97 -50.11
N ILE F 73 4.08 -35.68 -50.91
CA ILE F 73 2.81 -36.41 -50.85
C ILE F 73 2.74 -37.34 -52.05
N ALA F 74 2.75 -38.64 -51.73
CA ALA F 74 2.72 -39.77 -52.69
C ALA F 74 1.90 -39.53 -53.99
N GLY F 75 2.57 -39.56 -55.14
CA GLY F 75 1.88 -39.46 -56.43
C GLY F 75 1.10 -38.17 -56.73
N THR F 76 1.40 -37.10 -56.02
CA THR F 76 0.90 -35.80 -56.43
C THR F 76 2.11 -34.96 -56.78
N GLN F 77 1.87 -33.67 -56.93
CA GLN F 77 2.97 -32.71 -57.00
C GLN F 77 2.96 -31.75 -55.82
N ASN F 78 2.51 -32.25 -54.66
CA ASN F 78 2.32 -31.47 -53.45
C ASN F 78 3.28 -31.78 -52.32
N TYR F 79 3.51 -30.76 -51.47
CA TYR F 79 4.26 -30.96 -50.25
C TYR F 79 3.62 -30.37 -49.01
N THR F 80 3.80 -31.07 -47.91
CA THR F 80 3.39 -30.57 -46.65
C THR F 80 4.57 -29.96 -45.93
N MET F 81 4.36 -28.80 -45.34
CA MET F 81 5.44 -28.15 -44.64
C MET F 81 5.18 -28.14 -43.13
N ASN F 82 6.13 -28.69 -42.39
CA ASN F 82 6.07 -28.58 -40.94
C ASN F 82 6.69 -27.30 -40.42
N LEU F 83 5.83 -26.43 -39.89
CA LEU F 83 6.20 -25.05 -39.69
C LEU F 83 7.25 -24.81 -38.60
N ALA F 84 8.29 -24.06 -38.92
CA ALA F 84 9.26 -23.65 -37.88
C ALA F 84 9.03 -22.17 -37.61
N SER F 85 9.74 -21.63 -36.65
CA SER F 85 9.69 -20.24 -36.28
C SER F 85 10.52 -19.32 -37.15
N GLN F 86 10.32 -18.02 -37.00
CA GLN F 86 11.11 -17.07 -37.77
C GLN F 86 12.63 -17.28 -37.60
N ASN F 87 13.06 -17.87 -36.50
CA ASN F 87 14.48 -18.16 -36.34
C ASN F 87 14.79 -19.65 -36.44
N TRP F 88 13.95 -20.40 -37.15
CA TRP F 88 14.10 -21.87 -37.26
C TRP F 88 13.94 -22.69 -35.99
N ASN F 89 13.43 -22.06 -34.94
CA ASN F 89 13.06 -22.80 -33.74
C ASN F 89 11.80 -23.61 -33.98
N ASN F 90 11.23 -24.18 -32.93
CA ASN F 90 9.99 -24.87 -33.17
C ASN F 90 8.75 -24.01 -33.01
N TYR F 91 7.68 -24.35 -33.71
CA TYR F 91 6.48 -23.55 -33.58
C TYR F 91 5.62 -24.07 -32.41
N ASP F 92 5.34 -23.19 -31.46
CA ASP F 92 4.59 -23.54 -30.27
C ASP F 92 3.07 -23.35 -30.44
N PRO F 93 2.39 -24.40 -30.92
CA PRO F 93 0.96 -24.19 -31.18
C PRO F 93 0.19 -23.82 -29.94
N THR F 94 0.82 -23.78 -28.77
CA THR F 94 0.05 -23.49 -27.55
C THR F 94 0.09 -22.02 -27.23
N GLU F 95 0.85 -21.27 -28.00
CA GLU F 95 1.02 -19.88 -27.67
C GLU F 95 -0.30 -19.18 -27.97
N GLU F 96 -0.67 -18.23 -27.12
CA GLU F 96 -1.87 -17.40 -27.33
C GLU F 96 -1.89 -16.39 -28.52
N ILE F 97 -1.95 -16.93 -29.72
CA ILE F 97 -2.08 -16.12 -30.94
C ILE F 97 -2.84 -16.94 -31.95
N PRO F 98 -3.46 -16.31 -32.95
CA PRO F 98 -4.27 -17.05 -33.91
C PRO F 98 -3.44 -18.02 -34.70
N ALA F 99 -2.17 -17.69 -34.89
CA ALA F 99 -1.34 -18.49 -35.81
C ALA F 99 0.02 -17.91 -35.75
N PRO F 100 1.01 -18.63 -36.31
CA PRO F 100 2.37 -18.09 -36.30
C PRO F 100 2.29 -16.66 -36.81
N LEU F 101 2.93 -15.72 -36.11
CA LEU F 101 3.00 -14.33 -36.54
C LEU F 101 3.33 -14.22 -38.03
N GLY F 102 2.62 -13.38 -38.76
CA GLY F 102 2.96 -13.14 -40.16
C GLY F 102 2.18 -13.98 -41.14
N THR F 103 1.52 -15.03 -40.63
CA THR F 103 0.65 -15.90 -41.43
C THR F 103 -0.34 -15.04 -42.21
N PRO F 104 -0.69 -15.44 -43.46
CA PRO F 104 -1.64 -14.72 -44.29
C PRO F 104 -2.94 -14.52 -43.58
N ASP F 105 -3.58 -13.39 -43.83
CA ASP F 105 -4.84 -13.14 -43.11
C ASP F 105 -6.03 -12.94 -44.05
N PHE F 106 -6.01 -13.64 -45.17
CA PHE F 106 -7.12 -13.61 -46.09
C PHE F 106 -7.15 -14.93 -46.86
N VAL F 107 -8.33 -15.24 -47.42
CA VAL F 107 -8.50 -16.44 -48.18
C VAL F 107 -8.10 -16.10 -49.59
N GLY F 108 -7.16 -16.87 -50.13
CA GLY F 108 -6.75 -16.77 -51.53
C GLY F 108 -5.63 -17.75 -51.90
N LYS F 109 -5.27 -17.73 -53.18
CA LYS F 109 -4.15 -18.54 -53.62
C LYS F 109 -2.94 -17.67 -53.85
N ILE F 110 -1.90 -17.90 -53.06
CA ILE F 110 -0.73 -17.01 -53.07
C ILE F 110 0.37 -17.86 -53.68
N GLN F 111 0.94 -17.34 -54.76
CA GLN F 111 2.03 -18.01 -55.43
C GLN F 111 3.35 -17.31 -55.11
N GLY F 112 4.39 -18.11 -54.90
CA GLY F 112 5.74 -17.61 -54.90
C GLY F 112 6.65 -18.77 -55.24
N VAL F 113 7.75 -18.89 -54.49
CA VAL F 113 8.77 -19.86 -54.82
C VAL F 113 9.21 -20.54 -53.53
N LEU F 114 9.26 -21.85 -53.51
CA LEU F 114 9.83 -22.55 -52.38
C LEU F 114 11.31 -22.74 -52.69
N THR F 115 12.18 -22.42 -51.73
CA THR F 115 13.61 -22.61 -51.94
C THR F 115 14.19 -23.51 -50.86
N GLN F 116 15.31 -24.13 -51.16
CA GLN F 116 15.91 -25.09 -50.23
C GLN F 116 17.45 -25.22 -50.26
N THR F 117 18.03 -25.43 -49.09
CA THR F 117 19.45 -25.71 -49.02
C THR F 117 19.67 -27.06 -48.33
N THR F 118 20.56 -27.87 -48.90
CA THR F 118 21.03 -29.03 -48.21
C THR F 118 22.16 -28.60 -47.28
N ARG F 119 21.93 -28.67 -45.98
CA ARG F 119 22.94 -28.36 -44.99
C ARG F 119 24.32 -28.89 -45.40
N ARG F 120 24.50 -30.20 -45.61
CA ARG F 120 25.85 -30.74 -45.80
C ARG F 120 26.61 -30.24 -47.07
N ASP F 121 25.89 -29.89 -48.12
CA ASP F 121 26.40 -29.62 -49.47
C ASP F 121 26.67 -28.18 -49.82
N GLY F 122 25.76 -27.30 -49.35
CA GLY F 122 25.56 -26.01 -49.93
C GLY F 122 24.78 -26.13 -51.23
N SER F 123 24.25 -27.31 -51.55
CA SER F 123 23.54 -27.46 -52.82
C SER F 123 22.16 -26.82 -52.68
N THR F 124 21.68 -26.16 -53.73
CA THR F 124 20.35 -25.49 -53.68
C THR F 124 19.27 -25.84 -54.74
N ARG F 125 18.05 -25.43 -54.47
CA ARG F 125 16.86 -25.95 -55.11
C ARG F 125 15.83 -24.82 -55.08
N GLY F 126 15.21 -24.51 -56.22
CA GLY F 126 14.04 -23.62 -56.16
C GLY F 126 12.89 -23.90 -57.12
N HIS F 127 11.66 -24.00 -56.61
CA HIS F 127 10.50 -24.29 -57.48
C HIS F 127 9.29 -23.40 -57.19
N LYS F 128 8.57 -23.05 -58.25
CA LYS F 128 7.31 -22.30 -58.13
C LYS F 128 6.32 -23.07 -57.27
N ALA F 129 5.56 -22.37 -56.44
CA ALA F 129 4.74 -23.05 -55.45
C ALA F 129 3.48 -22.24 -55.10
N THR F 130 2.41 -22.89 -54.71
CA THR F 130 1.29 -22.11 -54.28
C THR F 130 0.77 -22.62 -52.94
N VAL F 131 0.24 -21.69 -52.16
CA VAL F 131 -0.47 -22.02 -50.94
C VAL F 131 -1.90 -21.48 -51.06
N SER F 132 -2.82 -22.38 -50.77
CA SER F 132 -4.21 -22.03 -50.92
C SER F 132 -4.83 -21.87 -49.51
N THR F 133 -4.96 -20.61 -49.10
CA THR F 133 -5.24 -20.36 -47.71
C THR F 133 -6.62 -20.79 -47.26
N GLY F 134 -7.53 -21.08 -48.18
CA GLY F 134 -8.83 -21.57 -47.76
C GLY F 134 -8.93 -23.07 -47.90
N SER F 135 -7.84 -23.75 -48.20
CA SER F 135 -7.90 -25.19 -48.46
C SER F 135 -8.10 -25.93 -47.16
N VAL F 136 -8.43 -27.20 -47.20
CA VAL F 136 -8.54 -27.88 -45.91
C VAL F 136 -7.16 -28.15 -45.31
N HIS F 137 -6.13 -28.00 -46.12
CA HIS F 137 -4.79 -28.44 -45.75
C HIS F 137 -3.97 -27.33 -45.09
N PHE F 138 -4.59 -26.16 -45.00
CA PHE F 138 -4.01 -24.98 -44.43
C PHE F 138 -4.30 -25.00 -42.94
N THR F 139 -3.42 -25.57 -42.14
CA THR F 139 -3.64 -25.50 -40.71
C THR F 139 -2.39 -24.96 -40.07
N PRO F 140 -2.07 -23.68 -40.32
CA PRO F 140 -0.84 -23.20 -39.75
C PRO F 140 -0.82 -23.19 -38.20
N LYS F 141 -1.98 -22.92 -37.57
CA LYS F 141 -1.99 -22.90 -36.13
C LYS F 141 -1.79 -24.30 -35.59
N LEU F 142 -2.06 -25.33 -36.37
CA LEU F 142 -1.74 -26.66 -35.87
C LEU F 142 -0.29 -26.92 -36.16
N GLY F 143 0.32 -26.10 -37.02
CA GLY F 143 1.74 -26.31 -37.32
C GLY F 143 2.05 -26.85 -38.71
N SER F 144 1.02 -26.99 -39.54
CA SER F 144 1.24 -27.61 -40.83
C SER F 144 0.50 -26.85 -41.90
N VAL F 145 1.12 -26.77 -43.05
CA VAL F 145 0.55 -26.02 -44.15
C VAL F 145 1.02 -26.72 -45.41
N GLN F 146 0.23 -26.59 -46.48
CA GLN F 146 0.44 -27.42 -47.67
C GLN F 146 0.63 -26.64 -49.00
N PHE F 147 1.56 -27.08 -49.84
CA PHE F 147 1.96 -26.33 -50.99
C PHE F 147 1.76 -27.17 -52.21
N SER F 148 1.34 -26.56 -53.30
CA SER F 148 1.36 -27.31 -54.55
C SER F 148 2.42 -26.77 -55.50
N THR F 149 3.12 -27.69 -56.16
CA THR F 149 4.33 -27.34 -56.90
C THR F 149 4.46 -27.98 -58.28
N ASP F 150 5.65 -27.82 -58.87
CA ASP F 150 5.93 -28.26 -60.25
C ASP F 150 6.99 -29.35 -60.29
N THR F 151 7.44 -29.78 -59.12
CA THR F 151 8.38 -30.89 -59.03
C THR F 151 7.66 -32.04 -58.36
N SER F 152 8.20 -33.24 -58.56
CA SER F 152 7.72 -34.41 -57.85
C SER F 152 8.87 -35.01 -57.05
N ASN F 153 10.10 -34.72 -57.45
CA ASN F 153 11.23 -35.30 -56.75
C ASN F 153 12.37 -34.43 -56.24
N ASP F 154 12.42 -33.15 -56.53
CA ASP F 154 13.57 -32.40 -56.06
C ASP F 154 13.72 -32.15 -54.58
N PHE F 155 12.66 -31.77 -53.92
CA PHE F 155 12.78 -31.39 -52.52
C PHE F 155 13.13 -32.56 -51.66
N GLU F 156 14.03 -32.30 -50.73
CA GLU F 156 14.57 -33.29 -49.84
C GLU F 156 13.95 -33.15 -48.51
N THR F 157 14.07 -34.15 -47.65
CA THR F 157 13.43 -34.05 -46.34
C THR F 157 14.47 -33.54 -45.37
N GLY F 158 14.06 -33.20 -44.14
CA GLY F 158 15.01 -32.72 -43.12
C GLY F 158 15.83 -31.46 -43.46
N GLN F 159 15.53 -30.77 -44.54
CA GLN F 159 16.27 -29.57 -44.91
C GLN F 159 15.46 -28.28 -44.77
N ASN F 160 16.14 -27.24 -44.27
CA ASN F 160 15.52 -25.92 -44.23
C ASN F 160 14.92 -25.52 -45.56
N THR F 161 13.62 -25.21 -45.55
CA THR F 161 12.88 -24.83 -46.78
C THR F 161 12.06 -23.57 -46.53
N ARG F 162 12.18 -22.59 -47.40
CA ARG F 162 11.62 -21.29 -47.16
C ARG F 162 10.57 -21.04 -48.25
N PHE F 163 9.50 -20.31 -47.96
CA PHE F 163 8.58 -19.91 -49.01
C PHE F 163 8.56 -18.36 -49.11
N THR F 164 8.87 -17.82 -50.28
CA THR F 164 8.80 -16.39 -50.52
C THR F 164 7.52 -16.04 -51.34
N PRO F 165 6.65 -15.14 -50.86
CA PRO F 165 5.43 -14.98 -51.70
C PRO F 165 5.77 -13.93 -52.71
N VAL F 166 5.11 -13.98 -53.86
CA VAL F 166 5.21 -13.02 -54.94
C VAL F 166 3.89 -12.41 -55.25
N GLY F 167 2.85 -13.25 -55.32
CA GLY F 167 1.49 -12.71 -55.57
C GLY F 167 0.28 -13.62 -55.55
N VAL F 168 -0.80 -13.18 -56.16
CA VAL F 168 -2.01 -13.97 -56.05
C VAL F 168 -2.50 -14.49 -57.40
N VAL F 169 -3.36 -15.50 -57.36
CA VAL F 169 -3.75 -16.22 -58.55
C VAL F 169 -5.26 -16.41 -58.52
N GLN F 170 -5.89 -16.44 -59.69
CA GLN F 170 -7.31 -16.88 -59.81
C GLN F 170 -7.67 -17.61 -61.11
N ASP F 171 -8.60 -18.55 -61.02
CA ASP F 171 -9.09 -19.38 -62.18
C ASP F 171 -9.91 -18.60 -63.24
N GLY F 172 -9.32 -18.41 -64.42
CA GLY F 172 -9.91 -17.56 -65.47
C GLY F 172 -11.13 -18.12 -66.22
N SER F 173 -11.37 -19.42 -66.09
CA SER F 173 -12.60 -19.93 -66.65
C SER F 173 -13.72 -19.54 -65.67
N THR F 174 -13.42 -19.32 -64.38
CA THR F 174 -14.48 -18.88 -63.42
C THR F 174 -14.65 -17.36 -63.48
N THR F 175 -15.49 -16.82 -62.59
CA THR F 175 -15.77 -15.39 -62.56
C THR F 175 -14.58 -14.52 -62.17
N HIS F 176 -14.50 -13.36 -62.80
CA HIS F 176 -13.49 -12.37 -62.56
C HIS F 176 -13.52 -11.78 -61.15
N GLN F 177 -12.32 -11.64 -60.55
CA GLN F 177 -12.13 -10.98 -59.28
C GLN F 177 -12.88 -11.68 -58.13
N ASN F 178 -12.94 -13.02 -58.17
CA ASN F 178 -13.66 -13.79 -57.13
C ASN F 178 -12.72 -14.26 -56.04
N GLU F 179 -11.43 -14.34 -56.34
CA GLU F 179 -10.47 -14.45 -55.26
C GLU F 179 -9.24 -13.60 -55.58
N PRO F 180 -8.39 -13.40 -54.59
CA PRO F 180 -8.66 -13.74 -53.20
C PRO F 180 -9.79 -12.87 -52.57
N GLN F 181 -10.18 -13.21 -51.35
CA GLN F 181 -11.15 -12.41 -50.63
C GLN F 181 -10.49 -11.79 -49.44
N GLN F 182 -10.15 -10.52 -49.56
CA GLN F 182 -9.30 -9.95 -48.55
C GLN F 182 -9.97 -9.83 -47.19
N TRP F 183 -11.29 -9.94 -47.13
CA TRP F 183 -11.95 -9.75 -45.83
C TRP F 183 -12.46 -11.01 -45.21
N VAL F 184 -12.00 -12.18 -45.67
CA VAL F 184 -12.41 -13.42 -45.06
C VAL F 184 -11.16 -14.06 -44.44
N LEU F 185 -11.09 -14.19 -43.11
CA LEU F 185 -10.00 -14.93 -42.50
C LEU F 185 -9.91 -16.38 -42.94
N PRO F 186 -8.69 -16.89 -43.00
CA PRO F 186 -8.54 -18.29 -43.17
C PRO F 186 -9.08 -19.01 -41.96
N ASP F 187 -9.17 -20.33 -42.06
CA ASP F 187 -9.38 -21.15 -40.89
C ASP F 187 -8.02 -21.55 -40.34
N TYR F 188 -7.50 -20.79 -39.39
CA TYR F 188 -6.14 -21.02 -38.92
C TYR F 188 -5.88 -22.47 -38.52
N SER F 189 -6.93 -23.15 -38.08
CA SER F 189 -6.82 -24.54 -37.68
C SER F 189 -7.50 -25.54 -38.58
N GLY F 190 -8.01 -25.11 -39.74
CA GLY F 190 -8.73 -26.01 -40.68
C GLY F 190 -10.19 -26.19 -40.26
N ARG F 191 -10.94 -26.94 -41.09
CA ARG F 191 -12.41 -27.16 -40.87
C ARG F 191 -12.73 -27.61 -39.45
N ASP F 192 -13.90 -27.19 -38.95
CA ASP F 192 -14.38 -27.71 -37.65
C ASP F 192 -13.37 -27.46 -36.50
N SER F 193 -12.99 -26.18 -36.39
CA SER F 193 -12.25 -25.66 -35.22
C SER F 193 -12.20 -24.15 -35.37
N HIS F 194 -12.31 -23.43 -34.26
CA HIS F 194 -12.55 -21.99 -34.31
C HIS F 194 -11.27 -21.14 -34.24
N ASN F 195 -11.19 -20.09 -35.03
CA ASN F 195 -10.05 -19.18 -34.87
C ASN F 195 -9.95 -18.70 -33.41
N VAL F 196 -8.74 -18.58 -32.86
CA VAL F 196 -8.63 -18.03 -31.49
C VAL F 196 -7.80 -16.76 -31.38
N HIS F 197 -8.03 -16.01 -30.31
CA HIS F 197 -7.23 -14.86 -30.04
C HIS F 197 -7.16 -13.85 -31.17
N LEU F 198 -8.23 -13.68 -31.93
CA LEU F 198 -8.20 -12.70 -33.02
C LEU F 198 -8.12 -11.25 -32.52
N ALA F 199 -7.52 -10.35 -33.29
CA ALA F 199 -7.72 -8.93 -33.03
C ALA F 199 -9.14 -8.64 -33.50
N PRO F 200 -9.82 -7.74 -32.78
CA PRO F 200 -11.24 -7.50 -32.98
C PRO F 200 -11.50 -7.04 -34.39
N ALA F 201 -12.66 -7.46 -34.91
CA ALA F 201 -13.31 -6.79 -36.08
C ALA F 201 -13.45 -5.33 -35.76
N VAL F 202 -13.65 -4.50 -36.78
CA VAL F 202 -13.42 -3.06 -36.70
C VAL F 202 -14.39 -2.28 -37.60
N ALA F 203 -15.00 -1.20 -37.08
CA ALA F 203 -16.01 -0.43 -37.87
C ALA F 203 -16.01 1.03 -37.44
N PRO F 204 -16.42 1.94 -38.36
CA PRO F 204 -16.71 3.34 -37.96
C PRO F 204 -17.87 3.33 -36.95
N THR F 205 -17.80 4.11 -35.91
CA THR F 205 -18.87 4.09 -34.94
C THR F 205 -19.29 5.56 -34.75
N PHE F 206 -19.25 6.31 -35.84
CA PHE F 206 -19.57 7.70 -35.72
C PHE F 206 -20.37 8.11 -36.95
N PRO F 207 -21.52 8.73 -36.71
CA PRO F 207 -22.33 9.16 -37.87
C PRO F 207 -21.44 9.84 -38.89
N GLY F 208 -21.48 9.43 -40.15
CA GLY F 208 -20.79 10.21 -41.16
C GLY F 208 -19.39 9.74 -41.49
N GLU F 209 -18.90 8.74 -40.72
CA GLU F 209 -17.51 8.27 -40.84
C GLU F 209 -17.35 6.97 -41.55
N GLN F 210 -16.20 6.79 -42.21
CA GLN F 210 -15.83 5.52 -42.85
C GLN F 210 -14.37 5.15 -42.48
N LEU F 211 -14.03 3.89 -42.66
CA LEU F 211 -12.65 3.50 -42.44
C LEU F 211 -11.81 4.21 -43.48
N LEU F 212 -10.57 4.56 -43.14
CA LEU F 212 -9.66 4.98 -44.19
C LEU F 212 -8.71 3.81 -44.38
N PHE F 213 -8.56 3.32 -45.61
CA PHE F 213 -7.75 2.16 -45.90
C PHE F 213 -6.43 2.55 -46.57
N PHE F 214 -5.34 1.85 -46.27
CA PHE F 214 -4.08 2.13 -46.90
C PHE F 214 -3.88 1.03 -47.91
N ARG F 215 -3.93 1.38 -49.18
CA ARG F 215 -4.18 0.36 -50.15
C ARG F 215 -3.03 0.06 -51.08
N SER F 216 -2.83 -1.22 -51.37
CA SER F 216 -1.88 -1.63 -52.43
C SER F 216 -2.58 -2.52 -53.46
N THR F 217 -1.95 -2.69 -54.60
CA THR F 217 -2.30 -3.73 -55.55
C THR F 217 -1.39 -4.96 -55.45
N MET F 218 -1.86 -6.09 -54.98
CA MET F 218 -0.94 -7.23 -55.00
C MET F 218 -0.59 -7.64 -56.44
N PRO F 219 0.58 -8.27 -56.65
CA PRO F 219 0.91 -8.74 -58.01
C PRO F 219 -0.01 -9.90 -58.42
N GLY F 220 -0.41 -9.97 -59.69
CA GLY F 220 -1.22 -11.09 -60.10
C GLY F 220 -0.38 -12.01 -60.93
N CYS F 221 -0.44 -13.30 -60.63
CA CYS F 221 0.37 -14.25 -61.39
C CYS F 221 -0.40 -14.97 -62.43
N SER F 222 -1.71 -14.81 -62.44
CA SER F 222 -2.51 -15.64 -63.32
C SER F 222 -3.98 -15.33 -63.17
N GLY F 223 -4.74 -15.58 -64.22
CA GLY F 223 -6.14 -15.36 -64.11
C GLY F 223 -6.51 -13.90 -63.98
N TYR F 224 -7.63 -13.65 -63.29
CA TYR F 224 -8.28 -12.34 -63.09
C TYR F 224 -8.57 -12.14 -61.60
N PRO F 225 -7.52 -12.15 -60.74
CA PRO F 225 -7.68 -12.07 -59.29
C PRO F 225 -8.14 -10.71 -58.88
N ASN F 226 -8.82 -10.64 -57.74
CA ASN F 226 -9.02 -9.36 -57.11
C ASN F 226 -7.73 -8.89 -56.45
N MET F 227 -7.05 -7.91 -57.01
CA MET F 227 -5.72 -7.58 -56.49
C MET F 227 -5.67 -6.58 -55.33
N ASN F 228 -6.80 -5.97 -54.99
CA ASN F 228 -6.79 -4.94 -53.97
C ASN F 228 -6.38 -5.46 -52.59
N LEU F 229 -5.51 -4.75 -51.89
CA LEU F 229 -5.23 -5.14 -50.51
C LEU F 229 -5.25 -3.95 -49.59
N ASP F 230 -6.22 -3.85 -48.69
CA ASP F 230 -6.29 -2.73 -47.77
C ASP F 230 -5.79 -3.09 -46.35
N CYS F 231 -4.97 -2.22 -45.75
CA CYS F 231 -4.52 -2.48 -44.38
C CYS F 231 -4.96 -1.30 -43.51
N LEU F 232 -5.14 -1.52 -42.22
CA LEU F 232 -5.56 -0.43 -41.30
C LEU F 232 -4.42 0.52 -40.89
N LEU F 233 -3.17 0.02 -40.89
CA LEU F 233 -2.01 0.74 -40.46
C LEU F 233 -0.86 0.40 -41.40
N PRO F 234 -0.09 1.41 -41.83
CA PRO F 234 1.12 1.09 -42.61
C PRO F 234 2.04 0.28 -41.71
N GLN F 235 2.86 -0.61 -42.29
CA GLN F 235 3.82 -1.36 -41.47
C GLN F 235 4.72 -0.38 -40.70
N GLU F 236 5.05 0.76 -41.31
CA GLU F 236 5.97 1.69 -40.62
C GLU F 236 5.34 2.24 -39.36
N TRP F 237 4.04 2.54 -39.40
CA TRP F 237 3.32 2.99 -38.19
C TRP F 237 3.29 1.94 -37.14
N VAL F 238 3.14 0.66 -37.56
CA VAL F 238 3.19 -0.41 -36.55
C VAL F 238 4.58 -0.35 -35.93
N GLN F 239 5.59 -0.30 -36.77
CA GLN F 239 6.96 -0.24 -36.26
C GLN F 239 7.17 0.95 -35.32
N HIS F 240 6.64 2.11 -35.71
CA HIS F 240 6.93 3.33 -34.98
C HIS F 240 6.26 3.29 -33.60
N PHE F 241 4.98 2.86 -33.55
CA PHE F 241 4.29 2.74 -32.26
C PHE F 241 4.99 1.76 -31.29
N TYR F 242 5.52 0.67 -31.81
CA TYR F 242 6.17 -0.28 -30.94
C TYR F 242 7.47 0.36 -30.38
N GLN F 243 8.14 1.17 -31.21
CA GLN F 243 9.34 1.91 -30.78
C GLN F 243 8.92 2.95 -29.75
N GLU F 244 8.07 3.87 -30.15
CA GLU F 244 7.73 4.94 -29.26
C GLU F 244 6.99 4.53 -27.97
N SER F 245 5.86 3.83 -28.09
CA SER F 245 5.13 3.47 -26.87
C SER F 245 4.49 4.66 -26.16
N ALA F 246 4.10 5.68 -26.91
CA ALA F 246 3.56 6.87 -26.29
C ALA F 246 2.20 6.57 -25.66
N PRO F 247 2.02 6.96 -24.40
CA PRO F 247 0.72 6.54 -23.80
C PRO F 247 -0.36 7.34 -24.47
N ALA F 248 -1.46 6.67 -24.74
CA ALA F 248 -2.62 7.32 -25.34
C ALA F 248 -3.31 8.20 -24.25
N GLN F 249 -3.69 9.42 -24.61
CA GLN F 249 -4.34 10.31 -23.64
C GLN F 249 -5.84 10.37 -23.78
N SER F 250 -6.38 9.84 -24.86
CA SER F 250 -7.82 9.80 -25.03
C SER F 250 -7.99 8.62 -25.96
N ASP F 251 -9.12 8.50 -26.63
CA ASP F 251 -9.26 7.33 -27.49
C ASP F 251 -8.99 7.66 -28.92
N VAL F 252 -8.74 8.91 -29.21
CA VAL F 252 -8.77 9.30 -30.61
C VAL F 252 -7.70 10.35 -30.86
N ALA F 253 -6.75 10.03 -31.75
CA ALA F 253 -5.68 10.98 -32.05
C ALA F 253 -6.09 11.66 -33.33
N LEU F 254 -6.25 12.98 -33.27
CA LEU F 254 -6.59 13.73 -34.46
C LEU F 254 -5.36 13.90 -35.34
N LEU F 255 -5.39 13.45 -36.58
CA LEU F 255 -4.29 13.67 -37.51
C LEU F 255 -4.72 14.62 -38.59
N ARG F 256 -3.83 15.52 -39.03
CA ARG F 256 -4.04 16.18 -40.31
C ARG F 256 -3.06 15.64 -41.32
N PHE F 257 -3.50 15.66 -42.57
CA PHE F 257 -2.67 15.20 -43.67
C PHE F 257 -2.26 16.47 -44.45
N VAL F 258 -0.99 16.84 -44.39
CA VAL F 258 -0.49 18.15 -44.81
C VAL F 258 0.31 18.08 -46.09
N ASN F 259 0.32 19.16 -46.85
CA ASN F 259 1.25 19.31 -47.94
C ASN F 259 2.41 20.14 -47.42
N PRO F 260 3.62 19.58 -47.40
CA PRO F 260 4.67 20.39 -46.80
C PRO F 260 5.14 21.51 -47.74
N ASP F 261 4.74 21.47 -49.01
CA ASP F 261 5.10 22.55 -49.91
C ASP F 261 4.30 23.77 -49.47
N THR F 262 2.98 23.64 -49.54
CA THR F 262 2.11 24.77 -49.30
C THR F 262 1.95 24.99 -47.81
N GLY F 263 2.41 24.10 -46.96
CA GLY F 263 2.02 24.22 -45.57
C GLY F 263 0.52 23.97 -45.36
N ARG F 264 -0.23 23.61 -46.42
CA ARG F 264 -1.72 23.44 -46.34
C ARG F 264 -2.35 22.06 -46.08
N VAL F 265 -3.44 22.06 -45.30
CA VAL F 265 -4.05 20.81 -44.80
C VAL F 265 -5.07 20.19 -45.75
N LEU F 266 -4.81 18.99 -46.24
CA LEU F 266 -5.71 18.46 -47.24
C LEU F 266 -7.01 17.93 -46.59
N PHE F 267 -6.92 17.28 -45.43
CA PHE F 267 -8.09 16.75 -44.70
C PHE F 267 -7.68 16.34 -43.28
N GLU F 268 -8.64 16.11 -42.37
CA GLU F 268 -8.24 15.53 -41.08
C GLU F 268 -8.83 14.14 -40.87
N CYS F 269 -8.40 13.40 -39.84
CA CYS F 269 -8.99 12.08 -39.65
C CYS F 269 -8.72 11.56 -38.27
N LYS F 270 -9.45 10.52 -37.86
CA LYS F 270 -9.25 9.99 -36.50
C LYS F 270 -8.40 8.75 -36.51
N LEU F 271 -7.40 8.74 -35.65
CA LEU F 271 -6.59 7.56 -35.43
C LEU F 271 -6.99 7.01 -34.08
N HIS F 272 -7.75 5.92 -34.07
CA HIS F 272 -8.27 5.34 -32.83
C HIS F 272 -7.13 4.61 -32.21
N LYS F 273 -7.03 4.74 -30.89
CA LYS F 273 -5.94 4.10 -30.18
C LYS F 273 -5.84 2.61 -30.44
N SER F 274 -6.96 1.89 -30.53
CA SER F 274 -6.85 0.43 -30.82
C SER F 274 -6.28 0.16 -32.22
N GLY F 275 -6.09 1.24 -32.98
CA GLY F 275 -5.27 1.14 -34.18
C GLY F 275 -5.93 1.08 -35.54
N TYR F 276 -6.65 2.12 -35.92
CA TYR F 276 -7.25 2.20 -37.25
C TYR F 276 -7.72 3.63 -37.48
N VAL F 277 -8.01 3.98 -38.72
CA VAL F 277 -8.25 5.37 -39.02
C VAL F 277 -9.65 5.59 -39.61
N THR F 278 -10.36 6.65 -39.24
CA THR F 278 -11.62 6.93 -39.95
C THR F 278 -11.61 8.38 -40.44
N VAL F 279 -12.40 8.67 -41.50
CA VAL F 279 -12.60 10.04 -41.99
C VAL F 279 -14.10 10.30 -42.18
N ALA F 280 -14.45 11.57 -42.28
CA ALA F 280 -15.84 11.94 -42.53
C ALA F 280 -16.06 11.96 -44.05
N HIS F 281 -16.61 10.88 -44.61
CA HIS F 281 -17.03 10.90 -46.00
C HIS F 281 -18.12 9.86 -46.17
N THR F 282 -18.88 9.96 -47.26
CA THR F 282 -19.84 8.88 -47.55
C THR F 282 -19.71 8.37 -48.98
N GLY F 283 -19.48 7.07 -49.15
CA GLY F 283 -19.29 6.55 -50.49
C GLY F 283 -17.86 6.05 -50.71
N GLN F 284 -17.61 5.48 -51.88
CA GLN F 284 -16.32 4.92 -52.20
C GLN F 284 -15.52 6.00 -52.86
N HIS F 285 -14.30 6.24 -52.37
CA HIS F 285 -13.48 7.33 -52.92
C HIS F 285 -11.95 7.02 -52.88
N ASP F 286 -11.30 7.22 -54.02
CA ASP F 286 -9.85 7.08 -54.12
C ASP F 286 -9.25 8.44 -53.79
N LEU F 287 -8.56 8.62 -52.67
CA LEU F 287 -8.17 10.00 -52.35
C LEU F 287 -7.18 10.53 -53.38
N VAL F 288 -7.21 11.81 -53.64
CA VAL F 288 -6.27 12.33 -54.60
C VAL F 288 -5.38 13.20 -53.78
N ILE F 289 -4.14 12.79 -53.61
CA ILE F 289 -3.29 13.47 -52.64
C ILE F 289 -2.01 13.90 -53.31
N PRO F 290 -1.41 14.99 -52.83
CA PRO F 290 -0.15 15.45 -53.43
C PRO F 290 0.94 14.48 -53.01
N PRO F 291 1.78 14.06 -53.96
CA PRO F 291 2.77 12.96 -53.73
C PRO F 291 3.78 13.20 -52.60
N ASN F 292 3.93 14.41 -52.17
CA ASN F 292 4.81 14.73 -51.09
C ASN F 292 4.14 14.87 -49.73
N GLY F 293 2.89 14.51 -49.60
CA GLY F 293 2.14 14.77 -48.38
C GLY F 293 2.20 13.64 -47.37
N TYR F 294 1.89 13.97 -46.11
CA TYR F 294 2.09 13.03 -45.02
C TYR F 294 1.19 13.39 -43.83
N PHE F 295 0.94 12.41 -42.95
CA PHE F 295 0.16 12.61 -41.74
C PHE F 295 0.99 13.18 -40.62
N ARG F 296 0.38 14.06 -39.83
CA ARG F 296 1.03 14.66 -38.66
C ARG F 296 0.06 14.66 -37.47
N PHE F 297 0.44 14.09 -36.33
CA PHE F 297 -0.47 14.13 -35.19
C PHE F 297 -0.70 15.56 -34.72
N ASP F 298 -1.97 15.94 -34.52
CA ASP F 298 -2.32 17.29 -34.04
C ASP F 298 -2.72 17.42 -32.55
N SER F 299 -3.62 16.56 -32.07
CA SER F 299 -4.08 16.56 -30.68
C SER F 299 -4.97 15.39 -30.36
N TRP F 300 -5.08 15.12 -29.05
CA TRP F 300 -5.99 14.10 -28.56
C TRP F 300 -7.38 14.69 -28.40
N VAL F 301 -8.39 13.97 -28.84
CA VAL F 301 -9.75 14.46 -28.72
C VAL F 301 -10.63 13.34 -28.15
N ASN F 302 -11.89 13.65 -27.75
CA ASN F 302 -12.80 12.59 -27.25
C ASN F 302 -13.51 11.85 -28.40
N GLN F 303 -14.15 10.73 -28.06
CA GLN F 303 -14.72 9.86 -29.10
C GLN F 303 -15.93 10.54 -29.86
N PHE F 304 -16.38 11.70 -29.31
CA PHE F 304 -17.43 12.54 -29.94
C PHE F 304 -17.01 13.86 -30.66
N TYR F 305 -15.85 13.85 -31.33
CA TYR F 305 -15.36 15.08 -32.00
C TYR F 305 -15.74 14.94 -33.45
N THR F 306 -16.03 16.05 -34.11
CA THR F 306 -16.59 15.92 -35.44
C THR F 306 -15.62 16.42 -36.46
N LEU F 307 -15.30 15.58 -37.44
CA LEU F 307 -14.24 15.90 -38.41
C LEU F 307 -14.73 16.86 -39.47
N ALA F 308 -13.86 17.72 -40.01
CA ALA F 308 -14.29 18.45 -41.20
C ALA F 308 -14.47 17.42 -42.32
N PRO F 309 -15.54 17.56 -43.14
CA PRO F 309 -15.71 16.59 -44.23
C PRO F 309 -14.43 16.50 -45.08
N MET F 310 -13.97 15.28 -45.36
CA MET F 310 -12.84 15.09 -46.22
C MET F 310 -13.24 15.55 -47.60
N GLY F 311 -12.64 16.60 -48.15
CA GLY F 311 -13.18 17.08 -49.45
C GLY F 311 -14.00 15.97 -50.14
N THR G 4 -43.94 -54.10 14.31
CA THR G 4 -43.47 -53.80 12.92
C THR G 4 -43.38 -52.27 12.71
N LYS G 5 -42.16 -51.74 12.56
CA LYS G 5 -42.02 -50.29 12.35
C LYS G 5 -42.61 -49.85 11.00
N PRO G 6 -43.50 -48.83 10.98
CA PRO G 6 -44.13 -48.29 9.73
C PRO G 6 -43.11 -47.67 8.79
N PHE G 7 -43.14 -48.06 7.52
CA PHE G 7 -42.22 -47.53 6.56
C PHE G 7 -42.63 -46.09 6.27
N THR G 8 -41.70 -45.26 5.80
CA THR G 8 -42.01 -43.85 5.48
C THR G 8 -40.96 -43.25 4.57
N VAL G 9 -41.33 -42.17 3.88
CA VAL G 9 -40.36 -41.39 3.15
C VAL G 9 -40.34 -39.99 3.77
N PRO G 10 -39.21 -39.26 3.65
CA PRO G 10 -39.12 -37.94 4.30
C PRO G 10 -40.16 -37.05 3.71
N ILE G 11 -40.71 -36.14 4.49
CA ILE G 11 -41.55 -35.11 3.96
C ILE G 11 -40.66 -33.97 3.44
N LEU G 12 -40.25 -34.09 2.19
CA LEU G 12 -39.37 -33.08 1.62
C LEU G 12 -39.79 -32.88 0.17
N THR G 13 -39.75 -31.63 -0.30
CA THR G 13 -40.22 -31.35 -1.66
C THR G 13 -39.05 -31.73 -2.51
N VAL G 14 -39.20 -31.86 -3.83
CA VAL G 14 -38.04 -32.34 -4.56
C VAL G 14 -36.97 -31.29 -4.49
N GLU G 15 -37.36 -30.01 -4.50
CA GLU G 15 -36.37 -28.90 -4.44
C GLU G 15 -35.58 -28.79 -3.11
N GLU G 16 -36.12 -29.32 -2.02
CA GLU G 16 -35.36 -29.38 -0.83
C GLU G 16 -34.36 -30.56 -0.79
N MET G 17 -34.28 -31.40 -1.82
CA MET G 17 -33.53 -32.64 -1.65
C MET G 17 -32.32 -32.64 -2.50
N THR G 18 -31.53 -33.69 -2.40
CA THR G 18 -30.19 -33.63 -2.98
C THR G 18 -29.92 -34.80 -3.91
N ASN G 19 -29.21 -34.52 -4.98
CA ASN G 19 -28.90 -35.55 -5.89
C ASN G 19 -28.01 -36.52 -5.23
N SER G 20 -28.28 -37.81 -5.34
CA SER G 20 -27.39 -38.79 -4.75
C SER G 20 -26.19 -39.18 -5.63
N ARG G 21 -25.97 -38.56 -6.81
CA ARG G 21 -24.89 -39.06 -7.72
C ARG G 21 -23.88 -37.97 -7.94
N PHE G 22 -24.17 -36.77 -7.43
CA PHE G 22 -23.25 -35.60 -7.52
C PHE G 22 -23.73 -34.59 -6.45
N PRO G 23 -22.81 -33.85 -5.81
CA PRO G 23 -23.28 -33.02 -4.67
C PRO G 23 -23.91 -31.73 -5.19
N ILE G 24 -25.15 -31.82 -5.67
CA ILE G 24 -25.89 -30.60 -5.97
C ILE G 24 -27.31 -30.88 -5.66
N PRO G 25 -28.15 -29.85 -5.57
CA PRO G 25 -29.60 -30.06 -5.29
C PRO G 25 -30.38 -30.70 -6.47
N LEU G 26 -31.44 -31.43 -6.13
CA LEU G 26 -32.41 -31.88 -7.14
C LEU G 26 -33.11 -30.63 -7.77
N GLU G 27 -33.69 -30.80 -8.96
CA GLU G 27 -34.30 -29.66 -9.63
C GLU G 27 -35.64 -30.11 -10.06
N LYS G 28 -35.76 -31.37 -10.45
CA LYS G 28 -37.03 -31.72 -11.10
C LYS G 28 -37.18 -33.23 -11.31
N LEU G 29 -38.41 -33.65 -11.60
CA LEU G 29 -38.69 -35.05 -11.96
C LEU G 29 -38.75 -35.26 -13.47
N PHE G 30 -38.16 -36.34 -13.96
CA PHE G 30 -38.27 -36.62 -15.37
C PHE G 30 -38.58 -38.08 -15.48
N THR G 31 -39.32 -38.40 -16.54
CA THR G 31 -39.55 -39.81 -16.91
C THR G 31 -39.27 -40.06 -18.39
N GLY G 32 -38.84 -41.29 -18.71
CA GLY G 32 -38.39 -41.64 -20.06
C GLY G 32 -38.25 -43.14 -20.27
N PRO G 33 -38.55 -43.62 -21.49
CA PRO G 33 -38.25 -45.03 -21.81
C PRO G 33 -36.73 -45.24 -21.55
N SER G 34 -36.35 -46.46 -21.16
CA SER G 34 -34.97 -46.74 -20.79
C SER G 34 -34.55 -48.07 -21.43
N SER G 35 -35.27 -48.44 -22.48
CA SER G 35 -34.95 -49.71 -23.10
C SER G 35 -33.73 -49.61 -24.05
N ALA G 36 -33.43 -48.41 -24.56
CA ALA G 36 -32.22 -48.25 -25.40
C ALA G 36 -30.86 -48.27 -24.63
N PHE G 37 -30.86 -48.22 -23.30
CA PHE G 37 -29.59 -48.19 -22.57
C PHE G 37 -29.69 -48.89 -21.21
N VAL G 38 -28.57 -49.01 -20.52
CA VAL G 38 -28.48 -49.72 -19.24
C VAL G 38 -28.53 -48.72 -18.13
N VAL G 39 -29.33 -48.98 -17.11
CA VAL G 39 -29.42 -48.11 -15.97
C VAL G 39 -28.84 -48.87 -14.76
N GLN G 40 -27.54 -48.62 -14.52
CA GLN G 40 -26.84 -49.27 -13.44
C GLN G 40 -26.00 -48.31 -12.53
N PRO G 41 -26.58 -47.16 -12.21
CA PRO G 41 -25.84 -46.29 -11.27
C PRO G 41 -25.37 -47.04 -10.00
N GLN G 42 -24.20 -46.64 -9.49
CA GLN G 42 -23.72 -47.26 -8.28
C GLN G 42 -23.92 -46.37 -7.06
N ASN G 43 -24.06 -45.05 -7.29
CA ASN G 43 -24.40 -44.15 -6.16
C ASN G 43 -25.91 -43.95 -6.05
N GLY G 44 -26.44 -43.54 -4.91
CA GLY G 44 -27.88 -43.43 -4.73
C GLY G 44 -28.53 -44.83 -4.84
N ARG G 45 -27.94 -45.84 -4.24
CA ARG G 45 -28.55 -47.13 -4.30
C ARG G 45 -28.65 -47.66 -2.90
N CYS G 46 -29.88 -48.02 -2.50
CA CYS G 46 -30.21 -48.48 -1.16
C CYS G 46 -31.60 -49.18 -1.14
N THR G 47 -31.75 -50.22 -0.31
CA THR G 47 -33.06 -50.93 -0.25
C THR G 47 -34.00 -50.13 0.65
N THR G 48 -35.29 -50.42 0.62
CA THR G 48 -36.19 -49.51 1.31
C THR G 48 -36.10 -49.80 2.77
N ASP G 49 -35.43 -50.89 3.11
CA ASP G 49 -35.12 -51.11 4.54
C ASP G 49 -33.70 -50.81 4.83
N GLY G 50 -33.07 -50.05 3.96
CA GLY G 50 -31.92 -49.33 4.38
C GLY G 50 -30.65 -50.13 4.31
N ALA G 51 -30.58 -51.11 3.41
CA ALA G 51 -29.29 -51.73 3.08
C ALA G 51 -28.65 -50.92 1.95
N LEU G 52 -27.53 -50.26 2.21
CA LEU G 52 -26.86 -49.55 1.10
C LEU G 52 -26.31 -50.52 0.01
N LEU G 53 -26.21 -50.10 -1.25
CA LEU G 53 -25.64 -50.99 -2.25
C LEU G 53 -24.61 -50.26 -3.12
N GLY G 54 -24.01 -50.98 -4.07
CA GLY G 54 -23.14 -50.33 -5.01
C GLY G 54 -22.02 -49.65 -4.25
N THR G 55 -21.76 -48.37 -4.51
CA THR G 55 -20.69 -47.65 -3.87
C THR G 55 -21.32 -46.57 -2.99
N THR G 56 -22.56 -46.80 -2.56
CA THR G 56 -23.38 -45.73 -1.98
C THR G 56 -23.01 -45.51 -0.52
N GLN G 57 -22.89 -44.26 -0.06
CA GLN G 57 -22.55 -44.03 1.31
C GLN G 57 -23.41 -42.87 1.81
N LEU G 58 -23.31 -42.47 3.06
CA LEU G 58 -24.32 -41.52 3.59
C LEU G 58 -24.06 -40.02 3.30
N SER G 59 -22.82 -39.65 3.01
CA SER G 59 -22.54 -38.23 3.02
C SER G 59 -22.99 -37.65 1.70
N PRO G 60 -23.71 -36.54 1.77
CA PRO G 60 -24.16 -35.85 0.59
C PRO G 60 -23.06 -34.97 -0.04
N VAL G 61 -21.95 -34.75 0.65
CA VAL G 61 -20.94 -33.84 0.07
C VAL G 61 -19.75 -34.62 -0.44
N ASP G 62 -19.56 -35.79 0.13
CA ASP G 62 -18.42 -36.59 -0.19
C ASP G 62 -18.62 -37.56 -1.35
N ILE G 63 -19.23 -37.06 -2.42
CA ILE G 63 -19.56 -37.85 -3.60
C ILE G 63 -18.82 -37.25 -4.77
N CYS G 64 -18.08 -38.07 -5.50
CA CYS G 64 -17.13 -37.56 -6.49
C CYS G 64 -15.95 -36.79 -5.90
N THR G 65 -15.64 -37.00 -4.62
CA THR G 65 -14.49 -36.37 -4.01
C THR G 65 -13.40 -37.37 -3.97
N PHE G 66 -12.19 -36.95 -3.59
CA PHE G 66 -11.04 -37.85 -3.57
C PHE G 66 -9.97 -37.40 -2.54
N ARG G 67 -9.35 -38.33 -1.88
CA ARG G 67 -8.36 -38.01 -0.91
C ARG G 67 -7.16 -38.86 -0.91
N GLY G 68 -6.02 -38.26 -0.63
CA GLY G 68 -4.82 -39.04 -0.31
C GLY G 68 -3.54 -38.31 -0.63
N ASP G 69 -2.48 -39.05 -0.96
CA ASP G 69 -1.24 -38.41 -1.44
C ASP G 69 -1.06 -38.36 -2.96
N VAL G 70 -0.28 -37.39 -3.39
CA VAL G 70 -0.14 -37.13 -4.78
C VAL G 70 1.35 -37.20 -5.30
N THR G 71 1.55 -37.58 -6.55
CA THR G 71 2.89 -37.69 -7.12
C THR G 71 2.89 -37.17 -8.53
N HIS G 72 3.85 -36.31 -8.83
CA HIS G 72 3.98 -35.73 -10.16
C HIS G 72 4.41 -36.75 -11.22
N ILE G 73 4.03 -36.45 -12.45
CA ILE G 73 4.45 -37.30 -13.54
C ILE G 73 5.39 -36.50 -14.42
N ALA G 74 6.65 -36.93 -14.44
CA ALA G 74 7.71 -36.25 -15.21
C ALA G 74 7.32 -35.59 -16.57
N GLY G 75 7.54 -34.27 -16.65
CA GLY G 75 7.37 -33.54 -17.91
C GLY G 75 5.93 -33.46 -18.39
N THR G 76 5.00 -33.53 -17.44
CA THR G 76 3.59 -33.37 -17.72
C THR G 76 3.01 -32.43 -16.71
N GLN G 77 1.74 -32.09 -16.88
CA GLN G 77 1.02 -31.41 -15.82
C GLN G 77 0.04 -32.32 -15.04
N ASN G 78 0.37 -33.60 -14.91
CA ASN G 78 -0.56 -34.53 -14.25
C ASN G 78 -0.04 -35.08 -12.92
N TYR G 79 -0.95 -35.59 -12.07
CA TYR G 79 -0.54 -36.22 -10.83
C TYR G 79 -1.31 -37.46 -10.65
N THR G 80 -0.64 -38.49 -10.19
CA THR G 80 -1.33 -39.67 -9.72
C THR G 80 -1.68 -39.33 -8.29
N MET G 81 -2.92 -39.62 -7.86
CA MET G 81 -3.28 -39.69 -6.46
C MET G 81 -3.37 -41.13 -5.94
N ASN G 82 -2.76 -41.40 -4.79
CA ASN G 82 -2.94 -42.69 -4.10
C ASN G 82 -4.02 -42.57 -3.07
N LEU G 83 -5.03 -43.42 -3.14
CA LEU G 83 -6.26 -43.09 -2.49
C LEU G 83 -6.25 -43.50 -1.06
N ALA G 84 -6.80 -42.64 -0.19
CA ALA G 84 -7.08 -42.98 1.21
C ALA G 84 -8.57 -43.05 1.48
N SER G 85 -8.93 -43.52 2.65
CA SER G 85 -10.33 -43.56 3.05
C SER G 85 -10.86 -42.19 3.34
N GLN G 86 -12.19 -42.12 3.46
CA GLN G 86 -12.87 -40.89 3.89
C GLN G 86 -12.23 -40.38 5.20
N ASN G 87 -11.50 -41.24 5.89
CA ASN G 87 -10.83 -40.81 7.12
C ASN G 87 -9.28 -40.93 7.13
N TRP G 88 -8.67 -40.73 5.96
CA TRP G 88 -7.21 -40.74 5.81
C TRP G 88 -6.59 -42.07 6.10
N ASN G 89 -7.43 -43.07 6.31
CA ASN G 89 -6.89 -44.41 6.41
C ASN G 89 -6.51 -44.93 5.04
N ASN G 90 -5.48 -45.75 4.98
CA ASN G 90 -5.19 -46.47 3.74
C ASN G 90 -6.45 -47.24 3.24
N TYR G 91 -6.73 -47.08 1.93
CA TYR G 91 -7.91 -47.68 1.27
C TYR G 91 -7.63 -49.14 1.04
N ASP G 92 -8.63 -49.97 1.29
CA ASP G 92 -8.44 -51.38 1.19
C ASP G 92 -9.12 -51.91 -0.06
N PRO G 93 -8.34 -52.42 -1.05
CA PRO G 93 -8.96 -52.84 -2.32
C PRO G 93 -9.66 -54.21 -2.25
N THR G 94 -9.47 -54.96 -1.17
CA THR G 94 -10.11 -56.27 -1.07
C THR G 94 -11.54 -56.20 -0.53
N GLU G 95 -12.06 -55.04 -0.16
CA GLU G 95 -13.37 -55.04 0.41
C GLU G 95 -14.37 -55.25 -0.71
N GLU G 96 -15.48 -55.92 -0.40
CA GLU G 96 -16.39 -56.40 -1.44
C GLU G 96 -17.33 -55.34 -2.02
N ILE G 97 -16.72 -54.39 -2.74
CA ILE G 97 -17.44 -53.25 -3.27
C ILE G 97 -16.74 -52.88 -4.57
N PRO G 98 -17.45 -52.16 -5.46
CA PRO G 98 -16.84 -51.97 -6.81
C PRO G 98 -15.68 -50.98 -6.80
N ALA G 99 -15.73 -50.03 -5.87
CA ALA G 99 -14.70 -49.00 -5.71
C ALA G 99 -14.93 -48.36 -4.36
N PRO G 100 -14.01 -47.48 -3.93
CA PRO G 100 -14.28 -46.65 -2.76
C PRO G 100 -15.71 -46.06 -2.82
N LEU G 101 -16.43 -46.14 -1.70
CA LEU G 101 -17.77 -45.57 -1.62
C LEU G 101 -17.70 -44.14 -2.11
N GLY G 102 -18.72 -43.62 -2.80
CA GLY G 102 -18.63 -42.25 -3.30
C GLY G 102 -17.97 -42.09 -4.65
N THR G 103 -17.17 -43.07 -5.10
CA THR G 103 -16.54 -42.90 -6.43
C THR G 103 -17.56 -42.50 -7.52
N PRO G 104 -17.15 -41.67 -8.50
CA PRO G 104 -18.12 -41.31 -9.53
C PRO G 104 -18.62 -42.58 -10.25
N ASP G 105 -19.87 -42.57 -10.74
CA ASP G 105 -20.41 -43.78 -11.36
C ASP G 105 -20.88 -43.47 -12.76
N PHE G 106 -20.17 -42.58 -13.44
CA PHE G 106 -20.47 -42.28 -14.81
C PHE G 106 -19.21 -41.83 -15.51
N VAL G 107 -19.19 -42.00 -16.83
CA VAL G 107 -17.94 -41.82 -17.54
C VAL G 107 -17.91 -40.40 -17.97
N GLY G 108 -16.86 -39.69 -17.64
CA GLY G 108 -16.91 -38.26 -17.85
C GLY G 108 -15.67 -37.56 -17.35
N LYS G 109 -15.57 -36.29 -17.72
CA LYS G 109 -14.48 -35.44 -17.29
C LYS G 109 -15.01 -34.42 -16.30
N ILE G 110 -14.75 -34.73 -15.03
CA ILE G 110 -15.16 -33.92 -13.87
C ILE G 110 -14.05 -32.96 -13.44
N GLN G 111 -14.40 -31.71 -13.42
CA GLN G 111 -13.42 -30.73 -13.08
C GLN G 111 -13.72 -30.22 -11.67
N GLY G 112 -12.66 -30.01 -10.88
CA GLY G 112 -12.78 -29.40 -9.57
C GLY G 112 -11.50 -28.71 -9.16
N VAL G 113 -11.23 -28.73 -7.86
CA VAL G 113 -10.00 -28.16 -7.32
C VAL G 113 -9.21 -29.13 -6.44
N LEU G 114 -7.91 -29.24 -6.67
CA LEU G 114 -7.10 -30.06 -5.78
C LEU G 114 -6.50 -29.11 -4.69
N THR G 115 -6.69 -29.44 -3.42
CA THR G 115 -6.17 -28.59 -2.38
C THR G 115 -5.22 -29.42 -1.55
N GLN G 116 -4.28 -28.73 -0.90
CA GLN G 116 -3.27 -29.40 -0.13
C GLN G 116 -2.74 -28.55 1.04
N THR G 117 -2.43 -29.26 2.12
CA THR G 117 -1.88 -28.63 3.29
C THR G 117 -0.62 -29.36 3.63
N THR G 118 0.44 -28.60 3.88
CA THR G 118 1.67 -29.17 4.39
C THR G 118 1.56 -29.34 5.92
N ARG G 119 1.63 -30.58 6.39
CA ARG G 119 1.40 -30.89 7.80
C ARG G 119 2.32 -30.08 8.73
N ARG G 120 3.56 -29.91 8.31
CA ARG G 120 4.53 -29.36 9.23
C ARG G 120 4.29 -27.88 9.56
N ASP G 121 3.70 -27.11 8.67
CA ASP G 121 3.70 -25.65 8.83
C ASP G 121 2.38 -24.94 8.54
N GLY G 122 1.32 -25.71 8.25
CA GLY G 122 0.02 -25.15 7.86
C GLY G 122 -0.03 -24.41 6.53
N SER G 123 0.95 -24.65 5.66
CA SER G 123 0.90 -23.97 4.38
C SER G 123 -0.05 -24.72 3.42
N THR G 124 -0.62 -23.97 2.47
CA THR G 124 -1.70 -24.51 1.64
C THR G 124 -1.65 -24.11 0.16
N ARG G 125 -2.19 -25.01 -0.66
CA ARG G 125 -2.12 -24.99 -2.11
C ARG G 125 -3.48 -25.40 -2.66
N GLY G 126 -4.03 -24.64 -3.59
CA GLY G 126 -5.13 -25.13 -4.45
C GLY G 126 -4.92 -24.95 -5.96
N HIS G 127 -5.32 -25.94 -6.75
CA HIS G 127 -5.25 -25.77 -8.21
C HIS G 127 -6.39 -26.40 -8.96
N LYS G 128 -6.73 -25.78 -10.08
CA LYS G 128 -7.69 -26.38 -10.99
C LYS G 128 -7.27 -27.82 -11.36
N ALA G 129 -8.23 -28.74 -11.42
CA ALA G 129 -7.86 -30.11 -11.84
C ALA G 129 -9.05 -30.88 -12.44
N THR G 130 -8.76 -31.81 -13.38
CA THR G 130 -9.80 -32.65 -13.96
C THR G 130 -9.54 -34.12 -13.72
N VAL G 131 -10.55 -34.89 -13.39
CA VAL G 131 -10.32 -36.32 -13.39
C VAL G 131 -11.21 -36.86 -14.48
N SER G 132 -10.72 -37.86 -15.17
CA SER G 132 -11.33 -38.26 -16.41
C SER G 132 -11.67 -39.76 -16.30
N THR G 133 -12.90 -40.04 -15.93
CA THR G 133 -13.23 -41.35 -15.39
C THR G 133 -13.26 -42.41 -16.50
N GLY G 134 -13.15 -41.98 -17.75
CA GLY G 134 -13.05 -42.93 -18.85
C GLY G 134 -11.63 -43.30 -19.24
N SER G 135 -10.66 -42.55 -18.75
CA SER G 135 -9.24 -42.81 -19.01
C SER G 135 -8.74 -44.18 -18.43
N VAL G 136 -7.62 -44.67 -18.93
CA VAL G 136 -7.19 -46.00 -18.52
C VAL G 136 -6.56 -45.95 -17.17
N HIS G 137 -6.22 -44.72 -16.75
CA HIS G 137 -5.59 -44.33 -15.47
C HIS G 137 -6.60 -44.08 -14.32
N PHE G 138 -7.87 -44.28 -14.61
CA PHE G 138 -8.86 -44.12 -13.58
C PHE G 138 -9.00 -45.50 -12.98
N THR G 139 -8.35 -45.75 -11.87
CA THR G 139 -8.42 -47.09 -11.36
C THR G 139 -8.73 -47.08 -9.88
N PRO G 140 -9.81 -46.39 -9.48
CA PRO G 140 -10.01 -46.23 -8.04
C PRO G 140 -10.04 -47.61 -7.41
N LYS G 141 -10.65 -48.56 -8.05
CA LYS G 141 -10.77 -49.83 -7.35
C LYS G 141 -9.37 -50.35 -7.01
N LEU G 142 -8.35 -49.99 -7.80
CA LEU G 142 -7.00 -50.39 -7.47
C LEU G 142 -6.38 -49.47 -6.47
N GLY G 143 -6.98 -48.30 -6.26
CA GLY G 143 -6.49 -47.36 -5.26
C GLY G 143 -5.76 -46.16 -5.85
N SER G 144 -5.90 -45.98 -7.14
CA SER G 144 -5.08 -44.99 -7.81
C SER G 144 -5.92 -44.29 -8.87
N VAL G 145 -5.75 -43.00 -8.98
CA VAL G 145 -6.58 -42.25 -9.89
C VAL G 145 -5.71 -41.15 -10.43
N GLN G 146 -6.03 -40.59 -11.58
CA GLN G 146 -5.12 -39.57 -12.09
C GLN G 146 -5.78 -38.25 -12.43
N PHE G 147 -5.10 -37.18 -12.09
CA PHE G 147 -5.61 -35.84 -12.35
C PHE G 147 -4.75 -35.10 -13.34
N SER G 148 -5.37 -34.33 -14.24
CA SER G 148 -4.65 -33.28 -14.98
C SER G 148 -4.89 -31.91 -14.35
N THR G 149 -3.86 -31.07 -14.36
CA THR G 149 -3.90 -29.79 -13.63
C THR G 149 -3.20 -28.69 -14.38
N ASP G 150 -3.22 -27.48 -13.84
CA ASP G 150 -2.42 -26.37 -14.43
C ASP G 150 -1.13 -26.00 -13.65
N THR G 151 -0.54 -26.99 -12.98
CA THR G 151 0.71 -26.83 -12.26
C THR G 151 1.62 -28.01 -12.60
N SER G 152 2.93 -27.80 -12.51
CA SER G 152 3.89 -28.89 -12.70
C SER G 152 4.92 -29.11 -11.55
N ASN G 153 4.93 -28.26 -10.53
CA ASN G 153 5.94 -28.39 -9.49
C ASN G 153 5.52 -27.90 -8.12
N ASP G 154 4.17 -27.77 -7.79
CA ASP G 154 3.69 -27.06 -6.64
C ASP G 154 3.07 -27.95 -5.54
N PHE G 155 2.49 -29.11 -6.00
CA PHE G 155 2.04 -30.00 -4.95
C PHE G 155 3.20 -30.78 -4.43
N GLU G 156 3.28 -30.98 -3.11
CA GLU G 156 4.37 -31.74 -2.53
C GLU G 156 3.94 -33.17 -2.35
N THR G 157 4.88 -34.07 -2.14
CA THR G 157 4.59 -35.49 -2.01
C THR G 157 4.47 -35.86 -0.54
N GLY G 158 3.64 -36.82 -0.18
CA GLY G 158 3.43 -37.17 1.20
C GLY G 158 2.56 -36.22 2.01
N GLN G 159 1.80 -35.36 1.36
CA GLN G 159 0.89 -34.45 2.07
C GLN G 159 -0.57 -34.74 1.77
N ASN G 160 -1.43 -34.65 2.77
CA ASN G 160 -2.88 -34.72 2.51
C ASN G 160 -3.39 -33.82 1.43
N THR G 161 -4.02 -34.45 0.42
CA THR G 161 -4.56 -33.78 -0.76
C THR G 161 -6.02 -34.20 -1.02
N ARG G 162 -6.86 -33.24 -1.34
CA ARG G 162 -8.31 -33.43 -1.46
C ARG G 162 -8.75 -32.97 -2.86
N PHE G 163 -9.78 -33.60 -3.42
CA PHE G 163 -10.34 -33.08 -4.68
C PHE G 163 -11.75 -32.66 -4.45
N THR G 164 -12.13 -31.42 -4.76
CA THR G 164 -13.51 -31.00 -4.62
C THR G 164 -14.13 -30.95 -6.03
N PRO G 165 -15.18 -31.74 -6.25
CA PRO G 165 -15.77 -31.68 -7.57
C PRO G 165 -16.55 -30.40 -7.76
N VAL G 166 -16.62 -29.90 -8.97
CA VAL G 166 -17.43 -28.72 -9.24
C VAL G 166 -18.37 -28.97 -10.38
N GLY G 167 -17.84 -29.52 -11.47
CA GLY G 167 -18.67 -29.71 -12.64
C GLY G 167 -18.06 -30.50 -13.78
N VAL G 168 -18.71 -30.45 -14.93
CA VAL G 168 -18.21 -31.23 -16.05
C VAL G 168 -17.81 -30.40 -17.28
N VAL G 169 -17.05 -31.05 -18.14
CA VAL G 169 -16.44 -30.40 -19.27
C VAL G 169 -16.64 -31.25 -20.52
N GLN G 170 -16.59 -30.62 -21.67
CA GLN G 170 -16.50 -31.37 -22.91
C GLN G 170 -15.73 -30.55 -23.95
N ASP G 171 -15.24 -31.26 -24.96
CA ASP G 171 -14.51 -30.69 -26.09
C ASP G 171 -15.44 -30.07 -27.18
N GLY G 172 -15.42 -28.72 -27.26
CA GLY G 172 -16.25 -27.95 -28.21
C GLY G 172 -16.09 -28.33 -29.69
N SER G 173 -14.86 -28.68 -30.09
CA SER G 173 -14.64 -29.21 -31.43
C SER G 173 -15.70 -30.27 -31.77
N THR G 174 -15.88 -31.24 -30.87
CA THR G 174 -16.56 -32.48 -31.22
C THR G 174 -18.07 -32.33 -30.96
N THR G 175 -18.84 -33.39 -31.23
CA THR G 175 -20.31 -33.33 -31.15
C THR G 175 -20.76 -32.77 -29.78
N HIS G 176 -21.69 -31.81 -29.81
CA HIS G 176 -22.13 -31.19 -28.55
C HIS G 176 -22.87 -32.25 -27.70
N GLN G 177 -22.71 -32.17 -26.37
CA GLN G 177 -23.40 -33.08 -25.41
C GLN G 177 -23.01 -34.54 -25.49
N ASN G 178 -21.92 -34.83 -26.16
CA ASN G 178 -21.60 -36.23 -26.29
C ASN G 178 -20.96 -36.79 -25.02
N GLU G 179 -20.57 -35.91 -24.08
CA GLU G 179 -20.10 -36.35 -22.79
C GLU G 179 -20.54 -35.31 -21.78
N PRO G 180 -20.57 -35.67 -20.48
CA PRO G 180 -20.36 -37.05 -20.02
C PRO G 180 -21.45 -38.02 -20.50
N GLN G 181 -21.30 -39.28 -20.13
CA GLN G 181 -22.24 -40.37 -20.41
C GLN G 181 -22.85 -40.98 -19.13
N GLN G 182 -23.95 -40.41 -18.69
CA GLN G 182 -24.34 -40.56 -17.32
C GLN G 182 -24.68 -42.01 -17.09
N TRP G 183 -24.96 -42.75 -18.15
CA TRP G 183 -25.38 -44.12 -17.93
C TRP G 183 -24.29 -45.13 -18.26
N VAL G 184 -23.03 -44.74 -18.36
CA VAL G 184 -22.03 -45.74 -18.68
C VAL G 184 -21.05 -45.82 -17.51
N LEU G 185 -21.06 -46.92 -16.75
CA LEU G 185 -20.11 -47.12 -15.66
C LEU G 185 -18.67 -47.03 -16.14
N PRO G 186 -17.79 -46.43 -15.32
CA PRO G 186 -16.33 -46.38 -15.48
C PRO G 186 -15.75 -47.77 -15.41
N ASP G 187 -14.47 -47.96 -15.76
CA ASP G 187 -13.88 -49.30 -15.48
C ASP G 187 -13.13 -49.14 -14.15
N TYR G 188 -13.78 -49.50 -13.07
CA TYR G 188 -13.23 -49.13 -11.78
C TYR G 188 -11.84 -49.65 -11.58
N SER G 189 -11.49 -50.78 -12.16
CA SER G 189 -10.16 -51.33 -12.05
C SER G 189 -9.41 -51.14 -13.33
N GLY G 190 -9.91 -50.30 -14.21
CA GLY G 190 -9.27 -50.06 -15.47
C GLY G 190 -9.10 -51.27 -16.35
N ARG G 191 -7.97 -51.35 -17.01
CA ARG G 191 -7.62 -52.44 -17.90
C ARG G 191 -7.48 -53.76 -17.19
N ASP G 192 -7.12 -53.71 -15.92
CA ASP G 192 -6.86 -54.89 -15.13
C ASP G 192 -8.00 -55.90 -14.90
N SER G 193 -9.22 -55.43 -14.70
CA SER G 193 -10.29 -56.32 -14.29
C SER G 193 -11.65 -55.80 -14.68
N HIS G 194 -12.66 -56.66 -14.60
CA HIS G 194 -14.04 -56.31 -14.85
C HIS G 194 -14.60 -55.72 -13.58
N ASN G 195 -15.61 -54.90 -13.67
CA ASN G 195 -16.20 -54.31 -12.51
C ASN G 195 -16.78 -55.45 -11.69
N VAL G 196 -16.72 -55.37 -10.36
CA VAL G 196 -17.23 -56.44 -9.50
C VAL G 196 -18.16 -55.83 -8.48
N HIS G 197 -18.90 -56.70 -7.80
CA HIS G 197 -19.93 -56.30 -6.78
C HIS G 197 -20.88 -55.16 -7.11
N LEU G 198 -21.36 -55.07 -8.35
CA LEU G 198 -22.29 -53.97 -8.64
C LEU G 198 -23.68 -54.10 -8.04
N ALA G 199 -24.24 -52.98 -7.63
CA ALA G 199 -25.67 -52.90 -7.51
C ALA G 199 -26.28 -53.23 -8.93
N PRO G 200 -27.34 -54.08 -8.95
CA PRO G 200 -27.92 -54.54 -10.21
C PRO G 200 -28.43 -53.38 -11.04
N ALA G 201 -28.47 -53.57 -12.37
CA ALA G 201 -29.21 -52.66 -13.25
C ALA G 201 -30.74 -52.78 -12.94
N VAL G 202 -31.54 -51.80 -13.38
CA VAL G 202 -32.96 -51.83 -13.05
C VAL G 202 -33.75 -51.47 -14.29
N ALA G 203 -34.98 -51.98 -14.36
CA ALA G 203 -35.89 -51.78 -15.50
C ALA G 203 -37.36 -51.92 -15.08
N PRO G 204 -38.22 -51.10 -15.70
CA PRO G 204 -39.66 -51.20 -15.52
C PRO G 204 -40.03 -52.60 -15.91
N THR G 205 -40.55 -53.38 -14.96
CA THR G 205 -40.95 -54.77 -15.24
C THR G 205 -42.53 -54.87 -15.15
N PHE G 206 -43.20 -53.94 -15.86
CA PHE G 206 -44.67 -53.89 -15.87
C PHE G 206 -45.20 -53.03 -17.02
N PRO G 207 -46.18 -53.58 -17.77
CA PRO G 207 -46.58 -52.96 -19.07
C PRO G 207 -47.03 -51.53 -18.80
N GLY G 208 -46.50 -50.57 -19.58
CA GLY G 208 -46.90 -49.16 -19.50
C GLY G 208 -46.13 -48.29 -18.52
N GLU G 209 -45.28 -48.91 -17.70
CA GLU G 209 -44.51 -48.19 -16.68
C GLU G 209 -43.15 -47.72 -17.21
N GLN G 210 -42.56 -46.69 -16.61
CA GLN G 210 -41.19 -46.25 -16.91
C GLN G 210 -40.57 -45.83 -15.59
N LEU G 211 -39.25 -45.75 -15.59
CA LEU G 211 -38.56 -45.24 -14.43
C LEU G 211 -39.01 -43.79 -14.20
N LEU G 212 -39.03 -43.40 -12.93
CA LEU G 212 -39.08 -42.01 -12.56
C LEU G 212 -37.69 -41.62 -12.08
N PHE G 213 -37.11 -40.63 -12.74
CA PHE G 213 -35.81 -40.14 -12.34
C PHE G 213 -35.87 -38.83 -11.59
N PHE G 214 -34.97 -38.71 -10.61
CA PHE G 214 -34.81 -37.44 -9.84
C PHE G 214 -33.63 -36.68 -10.50
N ARG G 215 -33.97 -35.58 -11.16
CA ARG G 215 -33.08 -34.93 -12.08
C ARG G 215 -32.40 -33.63 -11.60
N SER G 216 -31.12 -33.48 -11.96
CA SER G 216 -30.37 -32.29 -11.61
C SER G 216 -29.63 -31.84 -12.87
N THR G 217 -29.28 -30.57 -12.90
CA THR G 217 -28.28 -30.11 -13.84
C THR G 217 -26.82 -29.95 -13.29
N MET G 218 -25.87 -30.77 -13.70
CA MET G 218 -24.52 -30.52 -13.23
C MET G 218 -24.09 -29.18 -13.85
N PRO G 219 -23.25 -28.43 -13.13
CA PRO G 219 -22.59 -27.24 -13.69
C PRO G 219 -21.60 -27.63 -14.76
N GLY G 220 -21.53 -26.85 -15.83
CA GLY G 220 -20.54 -27.12 -16.85
C GLY G 220 -19.45 -26.08 -16.80
N CYS G 221 -18.22 -26.57 -16.98
CA CYS G 221 -17.01 -25.73 -16.77
C CYS G 221 -16.31 -25.31 -18.06
N SER G 222 -16.69 -25.96 -19.19
CA SER G 222 -16.08 -25.71 -20.50
C SER G 222 -16.77 -26.56 -21.54
N GLY G 223 -16.96 -25.99 -22.75
CA GLY G 223 -17.60 -26.73 -23.86
C GLY G 223 -19.11 -26.89 -23.70
N TYR G 224 -19.62 -27.95 -24.32
CA TYR G 224 -21.05 -28.18 -24.44
C TYR G 224 -21.34 -29.54 -23.87
N PRO G 225 -20.96 -29.76 -22.59
CA PRO G 225 -21.20 -31.03 -21.90
C PRO G 225 -22.69 -31.35 -21.81
N ASN G 226 -23.03 -32.63 -21.82
CA ASN G 226 -24.42 -33.02 -21.50
C ASN G 226 -24.59 -32.97 -19.97
N MET G 227 -25.46 -32.10 -19.46
CA MET G 227 -25.39 -31.79 -18.04
C MET G 227 -26.42 -32.49 -17.19
N ASN G 228 -27.30 -33.29 -17.80
CA ASN G 228 -28.38 -33.95 -17.06
C ASN G 228 -27.83 -35.02 -16.18
N LEU G 229 -28.31 -35.12 -14.95
CA LEU G 229 -27.82 -36.17 -14.03
C LEU G 229 -29.00 -36.77 -13.28
N ASP G 230 -29.33 -38.03 -13.58
CA ASP G 230 -30.57 -38.59 -13.05
C ASP G 230 -30.22 -39.64 -12.02
N CYS G 231 -30.83 -39.55 -10.84
CA CYS G 231 -30.54 -40.60 -9.85
C CYS G 231 -31.84 -41.29 -9.49
N LEU G 232 -31.71 -42.50 -8.91
CA LEU G 232 -32.88 -43.34 -8.61
C LEU G 232 -33.58 -42.97 -7.33
N LEU G 233 -32.83 -42.43 -6.38
CA LEU G 233 -33.29 -42.18 -5.03
C LEU G 233 -32.54 -40.94 -4.63
N PRO G 234 -33.28 -39.94 -4.13
CA PRO G 234 -32.68 -38.75 -3.54
C PRO G 234 -31.80 -39.18 -2.35
N GLN G 235 -30.67 -38.50 -2.21
CA GLN G 235 -29.80 -38.77 -1.03
C GLN G 235 -30.59 -38.78 0.29
N GLU G 236 -31.54 -37.89 0.47
CA GLU G 236 -32.21 -37.85 1.75
C GLU G 236 -33.00 -39.15 1.90
N TRP G 237 -33.43 -39.75 0.79
CA TRP G 237 -34.13 -41.00 0.94
C TRP G 237 -33.13 -42.08 1.42
N VAL G 238 -31.91 -42.09 0.88
CA VAL G 238 -30.97 -43.12 1.24
C VAL G 238 -30.67 -43.01 2.70
N GLN G 239 -30.51 -41.79 3.15
CA GLN G 239 -30.26 -41.52 4.54
C GLN G 239 -31.46 -41.92 5.39
N HIS G 240 -32.67 -41.66 4.86
CA HIS G 240 -33.86 -41.92 5.65
C HIS G 240 -34.03 -43.42 5.84
N PHE G 241 -33.87 -44.19 4.76
CA PHE G 241 -34.05 -45.64 4.87
C PHE G 241 -32.98 -46.24 5.76
N TYR G 242 -31.78 -45.64 5.75
CA TYR G 242 -30.71 -46.26 6.48
C TYR G 242 -30.96 -46.08 7.99
N GLN G 243 -31.46 -44.93 8.39
CA GLN G 243 -31.78 -44.69 9.77
C GLN G 243 -32.96 -45.55 10.18
N GLU G 244 -34.10 -45.36 9.51
CA GLU G 244 -35.40 -46.05 9.84
C GLU G 244 -35.37 -47.56 9.82
N SER G 245 -34.73 -48.14 8.80
CA SER G 245 -34.70 -49.60 8.66
C SER G 245 -36.09 -50.31 8.72
N ALA G 246 -37.12 -49.69 8.13
CA ALA G 246 -38.44 -50.32 8.12
C ALA G 246 -38.48 -51.56 7.20
N PRO G 247 -38.95 -52.70 7.75
CA PRO G 247 -39.05 -53.98 6.97
C PRO G 247 -40.06 -53.84 5.84
N ALA G 248 -39.74 -54.31 4.66
CA ALA G 248 -40.64 -54.09 3.57
C ALA G 248 -41.73 -55.13 3.76
N GLN G 249 -43.00 -54.72 3.63
CA GLN G 249 -44.13 -55.64 3.77
C GLN G 249 -44.39 -56.44 2.53
N SER G 250 -43.83 -56.02 1.41
CA SER G 250 -44.18 -56.62 0.14
C SER G 250 -43.20 -56.05 -0.87
N ASP G 251 -43.44 -56.15 -2.16
CA ASP G 251 -42.39 -55.80 -3.09
C ASP G 251 -42.42 -54.35 -3.48
N VAL G 252 -43.53 -53.70 -3.22
CA VAL G 252 -43.68 -52.36 -3.75
C VAL G 252 -44.45 -51.48 -2.77
N ALA G 253 -43.87 -50.31 -2.51
CA ALA G 253 -44.49 -49.33 -1.67
C ALA G 253 -45.21 -48.33 -2.59
N LEU G 254 -46.52 -48.22 -2.45
CA LEU G 254 -47.25 -47.23 -3.23
C LEU G 254 -47.09 -45.83 -2.69
N LEU G 255 -46.55 -44.91 -3.49
CA LEU G 255 -46.43 -43.50 -3.08
C LEU G 255 -47.47 -42.65 -3.80
N ARG G 256 -47.96 -41.62 -3.12
CA ARG G 256 -48.72 -40.53 -3.76
C ARG G 256 -47.93 -39.22 -3.64
N PHE G 257 -47.89 -38.44 -4.72
CA PHE G 257 -47.30 -37.12 -4.69
C PHE G 257 -48.42 -36.11 -4.46
N VAL G 258 -48.40 -35.42 -3.32
CA VAL G 258 -49.54 -34.63 -2.87
C VAL G 258 -49.30 -33.10 -2.86
N ASN G 259 -50.31 -32.32 -3.19
CA ASN G 259 -50.22 -30.89 -2.92
C ASN G 259 -50.74 -30.59 -1.52
N PRO G 260 -49.86 -30.20 -0.59
CA PRO G 260 -50.37 -30.01 0.78
C PRO G 260 -51.37 -28.85 1.00
N ASP G 261 -51.42 -27.84 0.11
CA ASP G 261 -52.49 -26.80 0.20
C ASP G 261 -53.81 -27.46 -0.19
N THR G 262 -53.91 -27.87 -1.46
CA THR G 262 -55.18 -28.38 -1.94
C THR G 262 -55.55 -29.73 -1.30
N GLY G 263 -54.57 -30.43 -0.73
CA GLY G 263 -54.81 -31.79 -0.27
C GLY G 263 -54.80 -32.76 -1.44
N ARG G 264 -54.56 -32.29 -2.66
CA ARG G 264 -54.83 -33.16 -3.83
C ARG G 264 -53.69 -33.96 -4.44
N VAL G 265 -53.98 -35.21 -4.79
CA VAL G 265 -52.92 -36.12 -5.29
C VAL G 265 -52.61 -35.77 -6.73
N LEU G 266 -51.36 -35.54 -7.06
CA LEU G 266 -51.04 -35.20 -8.43
C LEU G 266 -50.76 -36.45 -9.22
N PHE G 267 -50.12 -37.44 -8.60
CA PHE G 267 -49.90 -38.75 -9.26
C PHE G 267 -49.45 -39.82 -8.26
N GLU G 268 -49.52 -41.10 -8.66
CA GLU G 268 -49.04 -42.16 -7.79
C GLU G 268 -47.84 -42.84 -8.44
N CYS G 269 -47.08 -43.64 -7.69
CA CYS G 269 -45.97 -44.35 -8.32
C CYS G 269 -45.53 -45.46 -7.42
N LYS G 270 -44.69 -46.35 -7.95
CA LYS G 270 -44.22 -47.53 -7.18
C LYS G 270 -42.81 -47.36 -6.62
N LEU G 271 -42.66 -47.41 -5.30
CA LEU G 271 -41.30 -47.42 -4.79
C LEU G 271 -40.94 -48.88 -4.58
N HIS G 272 -40.07 -49.46 -5.42
CA HIS G 272 -39.83 -50.90 -5.31
C HIS G 272 -38.90 -51.15 -4.15
N LYS G 273 -39.11 -52.26 -3.45
CA LYS G 273 -38.32 -52.47 -2.28
C LYS G 273 -36.82 -52.47 -2.55
N SER G 274 -36.35 -52.93 -3.71
CA SER G 274 -34.92 -52.83 -3.97
C SER G 274 -34.46 -51.39 -4.28
N GLY G 275 -35.39 -50.42 -4.34
CA GLY G 275 -34.94 -49.04 -4.31
C GLY G 275 -34.90 -48.28 -5.60
N TYR G 276 -36.04 -48.20 -6.29
CA TYR G 276 -36.16 -47.26 -7.41
C TYR G 276 -37.62 -47.05 -7.67
N VAL G 277 -37.93 -46.09 -8.53
CA VAL G 277 -39.32 -45.69 -8.72
C VAL G 277 -39.84 -45.83 -10.14
N THR G 278 -41.10 -46.25 -10.30
CA THR G 278 -41.74 -46.26 -11.65
C THR G 278 -43.07 -45.52 -11.67
N VAL G 279 -43.39 -44.93 -12.82
CA VAL G 279 -44.70 -44.32 -13.06
C VAL G 279 -45.33 -44.90 -14.31
N ALA G 280 -46.64 -44.79 -14.41
CA ALA G 280 -47.37 -45.27 -15.60
C ALA G 280 -47.36 -44.09 -16.61
N HIS G 281 -46.49 -44.16 -17.61
CA HIS G 281 -46.48 -43.17 -18.68
C HIS G 281 -45.66 -43.77 -19.82
N THR G 282 -45.86 -43.24 -21.05
CA THR G 282 -45.07 -43.58 -22.25
C THR G 282 -44.44 -42.32 -22.87
N GLY G 283 -43.13 -42.22 -22.84
CA GLY G 283 -42.50 -41.11 -23.50
C GLY G 283 -41.63 -40.30 -22.55
N GLN G 284 -41.11 -39.20 -23.07
CA GLN G 284 -40.18 -38.39 -22.34
C GLN G 284 -40.97 -37.25 -21.84
N HIS G 285 -40.85 -36.98 -20.53
CA HIS G 285 -41.65 -35.96 -19.89
C HIS G 285 -40.97 -35.35 -18.66
N ASP G 286 -40.86 -34.02 -18.70
CA ASP G 286 -40.54 -33.19 -17.54
C ASP G 286 -41.77 -32.98 -16.65
N LEU G 287 -41.79 -33.50 -15.42
CA LEU G 287 -43.09 -33.49 -14.68
C LEU G 287 -43.40 -32.07 -14.30
N VAL G 288 -44.66 -31.68 -14.32
CA VAL G 288 -45.00 -30.35 -13.80
C VAL G 288 -45.61 -30.57 -12.40
N ILE G 289 -44.91 -30.09 -11.38
CA ILE G 289 -45.35 -30.36 -10.01
C ILE G 289 -45.44 -29.03 -9.29
N PRO G 290 -46.38 -28.89 -8.34
CA PRO G 290 -46.37 -27.64 -7.56
C PRO G 290 -45.13 -27.59 -6.63
N PRO G 291 -44.46 -26.43 -6.57
CA PRO G 291 -43.15 -26.39 -5.87
C PRO G 291 -43.22 -26.82 -4.38
N ASN G 292 -44.40 -26.91 -3.75
CA ASN G 292 -44.45 -27.37 -2.37
C ASN G 292 -44.97 -28.82 -2.22
N GLY G 293 -45.01 -29.57 -3.32
CA GLY G 293 -45.48 -30.94 -3.23
C GLY G 293 -44.45 -31.93 -2.80
N TYR G 294 -44.93 -33.02 -2.24
CA TYR G 294 -43.99 -34.05 -1.77
C TYR G 294 -44.58 -35.48 -1.81
N PHE G 295 -43.75 -36.48 -1.48
CA PHE G 295 -44.11 -37.88 -1.64
C PHE G 295 -44.60 -38.42 -0.32
N ARG G 296 -45.74 -39.08 -0.33
CA ARG G 296 -46.29 -39.75 0.84
C ARG G 296 -46.45 -41.25 0.61
N PHE G 297 -45.97 -42.05 1.57
CA PHE G 297 -46.16 -43.48 1.46
C PHE G 297 -47.61 -43.79 1.80
N ASP G 298 -48.36 -44.45 0.89
CA ASP G 298 -49.74 -44.84 1.22
C ASP G 298 -50.04 -46.29 1.60
N SER G 299 -49.46 -47.27 0.92
CA SER G 299 -49.51 -48.64 1.47
C SER G 299 -48.71 -49.67 0.66
N TRP G 300 -48.60 -50.86 1.22
CA TRP G 300 -47.82 -51.90 0.61
C TRP G 300 -48.67 -52.67 -0.38
N VAL G 301 -48.17 -52.82 -1.60
CA VAL G 301 -48.93 -53.50 -2.64
C VAL G 301 -48.01 -54.49 -3.39
N ASN G 302 -48.55 -55.29 -4.31
CA ASN G 302 -47.72 -56.27 -5.00
C ASN G 302 -47.21 -55.71 -6.32
N GLN G 303 -46.39 -56.51 -6.99
CA GLN G 303 -45.88 -56.12 -8.31
C GLN G 303 -46.93 -56.04 -9.43
N PHE G 304 -48.15 -56.52 -9.17
CA PHE G 304 -49.25 -56.53 -10.16
C PHE G 304 -50.14 -55.28 -10.12
N TYR G 305 -50.16 -54.57 -9.00
CA TYR G 305 -50.87 -53.28 -8.92
C TYR G 305 -50.66 -52.42 -10.18
N THR G 306 -51.74 -51.77 -10.64
CA THR G 306 -51.73 -50.93 -11.85
C THR G 306 -51.83 -49.49 -11.44
N LEU G 307 -50.80 -48.71 -11.75
CA LEU G 307 -50.84 -47.28 -11.45
C LEU G 307 -51.84 -46.49 -12.33
N ALA G 308 -52.36 -45.39 -11.81
CA ALA G 308 -53.25 -44.54 -12.61
C ALA G 308 -52.30 -43.80 -13.56
N PRO G 309 -52.72 -43.59 -14.81
CA PRO G 309 -51.78 -42.92 -15.70
C PRO G 309 -51.30 -41.68 -15.00
N MET G 310 -50.01 -41.42 -15.01
CA MET G 310 -49.47 -40.16 -14.49
C MET G 310 -49.80 -39.01 -15.47
N GLY G 311 -50.35 -37.90 -14.97
CA GLY G 311 -50.82 -36.82 -15.87
C GLY G 311 -50.20 -37.03 -17.27
N GLU H 1 41.65 44.58 -1.55
CA GLU H 1 41.36 43.81 -2.79
C GLU H 1 40.35 42.62 -2.50
N SER H 2 39.69 42.18 -3.56
CA SER H 2 38.50 41.34 -3.51
C SER H 2 38.87 39.84 -3.43
N ARG H 3 38.23 39.04 -2.56
CA ARG H 3 38.60 37.59 -2.44
C ARG H 3 37.78 36.72 -3.39
N THR H 4 38.08 36.84 -4.67
CA THR H 4 37.44 36.15 -5.75
C THR H 4 38.51 35.33 -6.41
N LYS H 5 38.18 34.71 -7.54
CA LYS H 5 39.10 33.79 -8.14
C LYS H 5 40.07 34.56 -9.07
N PRO H 6 41.27 34.04 -9.27
CA PRO H 6 42.39 34.78 -9.93
C PRO H 6 42.11 35.03 -11.41
N PHE H 7 42.56 36.13 -12.00
CA PHE H 7 42.33 36.31 -13.42
C PHE H 7 43.49 35.63 -14.12
N THR H 8 43.30 35.10 -15.32
CA THR H 8 44.40 34.46 -16.03
C THR H 8 44.16 34.67 -17.52
N VAL H 9 45.22 34.57 -18.33
CA VAL H 9 45.10 34.60 -19.78
C VAL H 9 45.49 33.21 -20.21
N PRO H 10 44.95 32.72 -21.34
CA PRO H 10 45.38 31.46 -21.85
C PRO H 10 46.90 31.42 -22.02
N ILE H 11 47.42 30.21 -21.92
CA ILE H 11 48.79 29.86 -22.11
C ILE H 11 48.93 29.30 -23.54
N LEU H 12 48.78 30.07 -24.61
CA LEU H 12 48.99 29.51 -25.94
C LEU H 12 49.80 30.54 -26.61
N THR H 13 50.77 30.15 -27.42
CA THR H 13 51.61 31.06 -28.22
C THR H 13 50.71 31.65 -29.31
N VAL H 14 51.17 32.68 -30.01
CA VAL H 14 50.25 33.37 -30.96
C VAL H 14 49.97 32.52 -32.17
N GLU H 15 50.94 31.74 -32.58
CA GLU H 15 50.72 30.94 -33.78
C GLU H 15 49.84 29.76 -33.49
N GLU H 16 49.69 29.41 -32.21
CA GLU H 16 48.66 28.46 -31.83
C GLU H 16 47.26 29.05 -31.80
N MET H 17 47.11 30.37 -31.78
CA MET H 17 45.76 30.95 -31.62
C MET H 17 45.01 31.30 -32.90
N THR H 18 43.81 31.78 -32.76
CA THR H 18 42.96 32.06 -33.91
C THR H 18 42.55 33.54 -34.03
N ASN H 19 42.48 34.06 -35.24
CA ASN H 19 41.94 35.40 -35.47
C ASN H 19 40.47 35.45 -35.07
N SER H 20 40.05 36.46 -34.34
CA SER H 20 38.66 36.50 -33.92
C SER H 20 37.69 37.20 -34.87
N ARG H 21 38.14 37.73 -36.02
CA ARG H 21 37.26 38.43 -36.99
C ARG H 21 37.12 37.66 -38.29
N PHE H 22 37.92 36.61 -38.44
CA PHE H 22 37.87 35.73 -39.61
C PHE H 22 38.40 34.35 -39.22
N PRO H 23 37.74 33.29 -39.68
CA PRO H 23 38.19 31.97 -39.16
C PRO H 23 39.55 31.54 -39.74
N ILE H 24 40.66 32.10 -39.27
CA ILE H 24 42.00 31.66 -39.68
C ILE H 24 43.03 31.93 -38.58
N PRO H 25 44.19 31.31 -38.65
CA PRO H 25 45.17 31.45 -37.55
C PRO H 25 45.81 32.83 -37.39
N LEU H 26 46.16 33.20 -36.17
CA LEU H 26 46.98 34.40 -35.99
C LEU H 26 48.35 34.19 -36.59
N GLU H 27 48.89 35.22 -37.22
CA GLU H 27 50.21 35.06 -37.76
C GLU H 27 51.21 35.84 -36.99
N LYS H 28 50.88 37.04 -36.55
CA LYS H 28 51.88 37.87 -35.90
C LYS H 28 51.20 39.00 -35.11
N LEU H 29 52.02 39.72 -34.34
CA LEU H 29 51.62 40.85 -33.54
C LEU H 29 52.12 42.13 -34.21
N PHE H 30 51.26 43.13 -34.35
CA PHE H 30 51.61 44.36 -35.07
C PHE H 30 51.13 45.55 -34.26
N THR H 31 51.89 46.65 -34.22
CA THR H 31 51.39 47.85 -33.57
C THR H 31 51.57 49.07 -34.49
N GLY H 32 50.70 50.06 -34.40
CA GLY H 32 50.80 51.28 -35.20
C GLY H 32 49.90 52.39 -34.66
N PRO H 33 50.00 53.59 -35.25
CA PRO H 33 49.17 54.68 -34.74
C PRO H 33 47.74 54.48 -35.23
N SER H 34 46.75 55.13 -34.62
CA SER H 34 45.39 54.80 -34.99
C SER H 34 44.43 55.96 -34.79
N SER H 35 44.93 57.16 -34.55
CA SER H 35 44.02 58.32 -34.54
C SER H 35 43.49 58.64 -35.92
N ALA H 36 44.22 58.27 -36.97
CA ALA H 36 43.67 58.55 -38.28
C ALA H 36 42.42 57.75 -38.70
N PHE H 37 42.06 56.69 -37.98
CA PHE H 37 40.85 55.89 -38.35
C PHE H 37 40.13 55.36 -37.10
N VAL H 38 38.86 54.99 -37.23
CA VAL H 38 38.04 54.55 -36.09
C VAL H 38 38.23 53.04 -35.94
N VAL H 39 38.79 52.60 -34.82
CA VAL H 39 38.91 51.15 -34.52
C VAL H 39 37.67 50.67 -33.75
N GLN H 40 36.73 50.06 -34.46
CA GLN H 40 35.48 49.70 -33.79
C GLN H 40 34.89 48.34 -34.21
N PRO H 41 35.69 47.28 -34.15
CA PRO H 41 35.32 45.96 -34.66
C PRO H 41 34.25 45.40 -33.77
N GLN H 42 33.34 44.61 -34.32
CA GLN H 42 32.28 44.08 -33.51
C GLN H 42 32.45 42.57 -33.21
N ASN H 43 33.47 41.95 -33.83
CA ASN H 43 33.87 40.60 -33.44
C ASN H 43 35.16 40.62 -32.61
N GLY H 44 35.37 39.58 -31.80
CA GLY H 44 36.50 39.57 -30.88
C GLY H 44 36.39 40.67 -29.85
N ARG H 45 35.22 40.86 -29.30
CA ARG H 45 35.11 41.87 -28.28
C ARG H 45 34.47 41.20 -27.11
N CYS H 46 35.24 41.22 -26.03
CA CYS H 46 34.84 40.67 -24.75
C CYS H 46 35.61 41.32 -23.58
N THR H 47 34.92 41.59 -22.49
CA THR H 47 35.63 42.18 -21.33
C THR H 47 36.47 41.12 -20.59
N THR H 48 37.50 41.55 -19.85
CA THR H 48 38.32 40.56 -19.22
C THR H 48 37.46 39.74 -18.28
N ASP H 49 36.36 40.30 -17.83
CA ASP H 49 35.61 39.58 -16.82
C ASP H 49 34.39 38.95 -17.39
N GLY H 50 34.36 38.75 -18.70
CA GLY H 50 33.41 37.79 -19.27
C GLY H 50 32.20 38.28 -20.02
N ALA H 51 32.12 39.57 -20.35
CA ALA H 51 30.96 40.08 -21.10
C ALA H 51 31.27 40.07 -22.60
N LEU H 52 30.53 39.26 -23.36
CA LEU H 52 30.65 39.31 -24.80
C LEU H 52 30.05 40.62 -25.33
N LEU H 53 30.73 41.34 -26.22
CA LEU H 53 30.14 42.56 -26.81
C LEU H 53 29.89 42.50 -28.34
N GLY H 54 29.21 43.52 -28.85
CA GLY H 54 28.88 43.64 -30.27
C GLY H 54 28.18 42.40 -30.78
N THR H 55 28.78 41.81 -31.83
CA THR H 55 28.28 40.63 -32.50
C THR H 55 29.16 39.42 -32.20
N THR H 56 30.14 39.58 -31.34
CA THR H 56 31.09 38.51 -30.99
C THR H 56 30.42 37.28 -30.45
N GLN H 57 30.79 36.07 -30.89
CA GLN H 57 30.27 34.83 -30.24
C GLN H 57 31.40 33.83 -30.02
N LEU H 58 31.11 32.60 -29.58
CA LEU H 58 32.15 31.68 -29.02
C LEU H 58 32.83 30.76 -30.00
N SER H 59 32.14 30.39 -31.05
CA SER H 59 32.64 29.36 -31.89
C SER H 59 33.58 29.88 -32.98
N PRO H 60 34.80 29.33 -33.10
CA PRO H 60 35.65 29.87 -34.13
C PRO H 60 35.11 29.64 -35.51
N VAL H 61 34.19 28.71 -35.73
CA VAL H 61 33.85 28.46 -37.13
C VAL H 61 32.80 29.39 -37.60
N ASP H 62 32.07 29.94 -36.65
CA ASP H 62 30.92 30.77 -36.98
C ASP H 62 31.20 32.25 -37.21
N ILE H 63 32.48 32.64 -37.18
CA ILE H 63 32.88 33.97 -37.52
C ILE H 63 32.70 34.17 -39.00
N CYS H 64 32.19 35.35 -39.39
CA CYS H 64 31.71 35.63 -40.73
C CYS H 64 30.86 34.56 -41.36
N THR H 65 29.98 33.93 -40.60
CA THR H 65 29.10 32.99 -41.27
C THR H 65 27.65 33.50 -41.27
N PHE H 66 26.81 32.87 -42.08
CA PHE H 66 25.39 33.13 -42.10
C PHE H 66 24.66 31.82 -42.31
N ARG H 67 23.44 31.76 -41.80
CA ARG H 67 22.61 30.57 -41.77
C ARG H 67 21.19 30.99 -42.11
N GLY H 68 20.41 30.07 -42.69
CA GLY H 68 18.98 30.30 -42.85
C GLY H 68 18.43 29.58 -44.06
N ASP H 69 17.26 30.01 -44.55
CA ASP H 69 16.75 29.43 -45.77
C ASP H 69 16.99 30.41 -46.92
N VAL H 70 17.19 29.90 -48.13
CA VAL H 70 17.46 30.79 -49.24
C VAL H 70 16.39 30.79 -50.32
N THR H 71 16.52 31.72 -51.27
CA THR H 71 15.49 31.98 -52.24
C THR H 71 16.10 32.59 -53.46
N HIS H 72 15.79 31.99 -54.61
CA HIS H 72 16.28 32.46 -55.89
C HIS H 72 15.66 33.81 -56.29
N ILE H 73 16.48 34.71 -56.82
CA ILE H 73 16.00 35.98 -57.31
C ILE H 73 15.91 35.84 -58.83
N ALA H 74 14.68 35.96 -59.34
CA ALA H 74 14.36 35.54 -60.72
C ALA H 74 15.25 36.13 -61.81
N GLY H 75 15.74 35.25 -62.70
CA GLY H 75 16.50 35.72 -63.85
C GLY H 75 17.85 36.33 -63.48
N THR H 76 18.25 36.18 -62.21
CA THR H 76 19.65 36.42 -61.81
C THR H 76 20.27 35.11 -61.40
N GLN H 77 21.57 35.16 -61.10
CA GLN H 77 22.21 34.06 -60.37
C GLN H 77 22.34 34.36 -58.85
N ASN H 78 21.33 34.99 -58.25
CA ASN H 78 21.44 35.47 -56.87
C ASN H 78 20.36 34.95 -55.95
N TYR H 79 20.65 34.99 -54.64
CA TYR H 79 19.80 34.38 -53.61
C TYR H 79 19.68 35.26 -52.40
N THR H 80 18.47 35.42 -51.91
CA THR H 80 18.25 36.11 -50.66
C THR H 80 18.22 35.04 -49.61
N MET H 81 18.93 35.24 -48.52
CA MET H 81 18.86 34.33 -47.39
C MET H 81 18.18 34.94 -46.17
N ASN H 82 17.00 34.44 -45.77
CA ASN H 82 16.43 34.79 -44.45
C ASN H 82 17.25 34.23 -43.35
N LEU H 83 17.69 35.06 -42.41
CA LEU H 83 18.69 34.57 -41.49
C LEU H 83 18.09 33.87 -40.32
N ALA H 84 18.89 32.94 -39.80
CA ALA H 84 18.58 32.25 -38.56
C ALA H 84 19.77 32.33 -37.60
N SER H 85 19.47 32.24 -36.31
CA SER H 85 20.53 32.25 -35.32
C SER H 85 21.30 30.94 -35.28
N GLN H 86 22.28 30.87 -34.39
CA GLN H 86 23.19 29.73 -34.39
C GLN H 86 22.43 28.45 -34.10
N ASN H 87 21.26 28.61 -33.49
CA ASN H 87 20.46 27.47 -33.13
C ASN H 87 19.42 27.09 -34.16
N TRP H 88 19.41 27.81 -35.26
CA TRP H 88 18.56 27.52 -36.38
C TRP H 88 17.23 28.09 -36.14
N ASN H 89 17.03 28.59 -34.94
CA ASN H 89 15.84 29.45 -34.73
C ASN H 89 15.80 30.65 -35.65
N ASN H 90 14.60 31.15 -35.92
CA ASN H 90 14.53 32.36 -36.74
C ASN H 90 15.14 33.51 -35.98
N TYR H 91 15.86 34.39 -36.67
CA TYR H 91 16.63 35.43 -36.00
C TYR H 91 15.72 36.49 -35.41
N ASP H 92 16.02 37.00 -34.22
CA ASP H 92 15.19 38.07 -33.63
C ASP H 92 15.81 39.49 -33.70
N PRO H 93 15.37 40.29 -34.68
CA PRO H 93 15.90 41.62 -34.91
C PRO H 93 15.82 42.48 -33.68
N THR H 94 14.93 42.18 -32.73
CA THR H 94 14.79 43.03 -31.53
C THR H 94 15.73 42.71 -30.34
N GLU H 95 16.42 41.58 -30.40
CA GLU H 95 17.40 41.24 -29.41
C GLU H 95 18.39 42.35 -29.48
N GLU H 96 18.93 42.78 -28.38
CA GLU H 96 19.72 43.99 -28.46
C GLU H 96 21.16 43.79 -28.89
N ILE H 97 21.36 43.43 -30.15
CA ILE H 97 22.73 43.24 -30.67
C ILE H 97 22.78 43.85 -32.03
N PRO H 98 23.98 44.19 -32.51
CA PRO H 98 24.01 45.01 -33.71
C PRO H 98 23.47 44.26 -34.91
N ALA H 99 23.58 42.95 -34.88
CA ALA H 99 23.29 42.11 -36.05
C ALA H 99 23.45 40.70 -35.55
N PRO H 100 23.06 39.69 -36.36
CA PRO H 100 23.12 38.33 -35.84
C PRO H 100 24.55 38.02 -35.39
N LEU H 101 24.70 37.29 -34.27
CA LEU H 101 26.03 36.99 -33.71
C LEU H 101 26.94 36.45 -34.81
N GLY H 102 28.21 36.79 -34.81
CA GLY H 102 29.11 36.35 -35.89
C GLY H 102 29.01 37.06 -37.25
N THR H 103 28.01 37.90 -37.47
CA THR H 103 27.99 38.66 -38.72
C THR H 103 29.34 39.31 -39.05
N PRO H 104 29.65 39.49 -40.35
CA PRO H 104 30.97 40.15 -40.61
C PRO H 104 31.06 41.65 -40.18
N ASP H 105 32.25 42.14 -39.88
CA ASP H 105 32.36 43.47 -39.23
C ASP H 105 33.17 44.50 -39.99
N PHE H 106 33.25 44.30 -41.30
CA PHE H 106 33.93 45.19 -42.21
C PHE H 106 33.22 45.21 -43.55
N VAL H 107 33.61 46.19 -44.37
CA VAL H 107 33.07 46.39 -45.69
C VAL H 107 33.96 45.71 -46.73
N GLY H 108 33.39 44.76 -47.47
CA GLY H 108 34.18 43.94 -48.40
C GLY H 108 33.32 42.97 -49.21
N LYS H 109 33.88 42.44 -50.30
CA LYS H 109 33.21 41.43 -51.09
C LYS H 109 33.81 40.16 -50.53
N ILE H 110 33.05 39.45 -49.70
CA ILE H 110 33.48 38.20 -49.10
C ILE H 110 33.09 37.00 -49.98
N GLN H 111 34.07 36.17 -50.28
CA GLN H 111 33.83 34.99 -51.07
C GLN H 111 33.86 33.73 -50.23
N GLY H 112 32.93 32.83 -50.47
CA GLY H 112 32.95 31.60 -49.73
C GLY H 112 32.13 30.52 -50.41
N VAL H 113 31.57 29.65 -49.60
CA VAL H 113 30.79 28.55 -50.09
C VAL H 113 29.46 28.48 -49.41
N LEU H 114 28.43 28.23 -50.19
CA LEU H 114 27.09 28.09 -49.69
C LEU H 114 26.86 26.60 -49.75
N THR H 115 26.37 26.01 -48.68
CA THR H 115 26.18 24.61 -48.67
C THR H 115 24.94 24.22 -48.00
N GLN H 116 24.41 23.09 -48.41
CA GLN H 116 23.24 22.57 -47.80
C GLN H 116 23.57 21.12 -47.77
N THR H 117 22.50 20.39 -47.69
CA THR H 117 22.42 18.98 -47.58
C THR H 117 23.29 17.98 -48.31
N THR H 118 24.06 17.18 -47.59
CA THR H 118 24.88 16.16 -48.21
C THR H 118 24.37 15.32 -49.38
N ARG H 119 25.21 15.11 -50.39
CA ARG H 119 24.92 14.41 -51.63
C ARG H 119 25.01 12.90 -51.53
N ARG H 120 24.56 12.19 -52.54
CA ARG H 120 24.57 10.73 -52.50
C ARG H 120 25.92 10.06 -52.53
N ASP H 121 26.96 10.78 -52.90
CA ASP H 121 28.35 10.27 -52.82
C ASP H 121 28.97 10.62 -51.49
N GLY H 122 28.24 11.32 -50.63
CA GLY H 122 28.70 11.50 -49.27
C GLY H 122 29.38 12.82 -49.03
N SER H 123 29.40 13.65 -50.05
CA SER H 123 29.97 14.96 -49.99
C SER H 123 28.90 16.03 -50.03
N THR H 124 29.11 17.10 -49.30
CA THR H 124 28.26 18.27 -49.36
C THR H 124 28.33 19.12 -50.63
N ARG H 125 29.52 19.34 -51.13
CA ARG H 125 29.68 20.21 -52.27
C ARG H 125 29.27 21.63 -51.93
N GLY H 126 28.37 22.17 -52.72
CA GLY H 126 27.94 23.51 -52.51
C GLY H 126 28.73 24.46 -53.37
N HIS H 127 28.06 25.55 -53.70
CA HIS H 127 28.48 26.41 -54.73
C HIS H 127 29.11 27.65 -54.27
N LYS H 128 30.20 27.97 -54.91
CA LYS H 128 30.94 29.12 -54.59
C LYS H 128 30.04 30.31 -54.75
N ALA H 129 30.14 31.20 -53.80
CA ALA H 129 29.30 32.38 -53.73
C ALA H 129 29.92 33.57 -53.05
N THR H 130 29.20 34.66 -53.12
CA THR H 130 29.73 35.95 -52.70
C THR H 130 28.70 36.75 -51.93
N VAL H 131 29.16 37.36 -50.86
CA VAL H 131 28.33 38.29 -50.17
C VAL H 131 29.07 39.63 -50.05
N SER H 132 28.33 40.67 -50.38
CA SER H 132 28.91 41.96 -50.57
C SER H 132 28.54 42.92 -49.42
N THR H 133 29.37 43.02 -48.39
CA THR H 133 28.90 43.65 -47.14
C THR H 133 28.65 45.13 -47.25
N GLY H 134 29.20 45.79 -48.26
CA GLY H 134 28.91 47.18 -48.50
C GLY H 134 27.63 47.47 -49.27
N SER H 135 26.90 46.46 -49.73
CA SER H 135 25.81 46.77 -50.66
C SER H 135 24.42 47.11 -50.01
N VAL H 136 23.52 47.66 -50.83
CA VAL H 136 22.16 47.95 -50.39
C VAL H 136 21.49 46.74 -49.83
N HIS H 137 21.77 45.57 -50.42
CA HIS H 137 21.02 44.38 -50.08
C HIS H 137 21.58 43.70 -48.83
N PHE H 138 22.61 44.30 -48.24
CA PHE H 138 23.19 43.75 -47.03
C PHE H 138 22.50 44.30 -45.78
N THR H 139 21.50 43.61 -45.28
CA THR H 139 20.74 44.16 -44.16
C THR H 139 20.48 43.12 -43.09
N PRO H 140 21.55 42.48 -42.59
CA PRO H 140 21.44 41.47 -41.61
C PRO H 140 20.58 41.82 -40.41
N LYS H 141 20.62 43.05 -39.95
CA LYS H 141 19.90 43.34 -38.72
C LYS H 141 18.38 43.34 -38.94
N LEU H 142 17.98 43.43 -40.21
CA LEU H 142 16.58 43.34 -40.61
C LEU H 142 16.22 41.89 -40.80
N GLY H 143 17.21 41.02 -40.86
CA GLY H 143 16.98 39.59 -40.90
C GLY H 143 17.36 38.97 -42.23
N SER H 144 18.10 39.70 -43.04
CA SER H 144 18.11 39.33 -44.44
C SER H 144 19.41 39.74 -45.17
N VAL H 145 19.83 38.99 -46.18
CA VAL H 145 21.14 39.21 -46.80
C VAL H 145 21.14 38.58 -48.17
N GLN H 146 21.96 39.07 -49.11
CA GLN H 146 21.93 38.55 -50.51
C GLN H 146 23.27 38.01 -51.02
N PHE H 147 23.27 36.81 -51.64
CA PHE H 147 24.48 36.22 -52.20
C PHE H 147 24.42 36.23 -53.69
N SER H 148 25.55 36.42 -54.36
CA SER H 148 25.58 36.13 -55.78
C SER H 148 26.38 34.84 -55.99
N THR H 149 25.87 33.99 -56.87
CA THR H 149 26.50 32.70 -57.14
C THR H 149 26.82 32.57 -58.61
N ASP H 150 26.88 31.31 -59.07
CA ASP H 150 27.09 30.92 -60.48
C ASP H 150 26.18 29.75 -60.87
N THR H 151 24.88 29.80 -60.55
CA THR H 151 24.03 28.64 -60.87
C THR H 151 22.50 28.89 -61.02
N ASP H 154 20.02 25.61 -58.22
CA ASP H 154 19.97 24.23 -57.75
C ASP H 154 19.56 24.08 -56.29
N PHE H 155 19.78 25.11 -55.49
CA PHE H 155 19.48 25.02 -54.07
C PHE H 155 18.04 24.72 -53.75
N GLU H 156 17.77 23.62 -53.08
CA GLU H 156 16.41 23.39 -52.53
C GLU H 156 15.95 24.63 -51.75
N THR H 157 14.65 24.76 -51.53
CA THR H 157 14.12 25.91 -50.84
C THR H 157 13.52 25.52 -49.53
N GLY H 158 13.52 26.45 -48.57
CA GLY H 158 12.92 26.21 -47.27
C GLY H 158 13.76 25.27 -46.49
N GLN H 159 14.96 25.06 -46.99
CA GLN H 159 15.88 24.13 -46.39
C GLN H 159 17.14 24.76 -45.87
N ASN H 160 17.52 24.33 -44.71
CA ASN H 160 18.73 24.83 -44.08
C ASN H 160 19.91 25.06 -45.00
N THR H 161 20.47 26.25 -44.90
CA THR H 161 21.61 26.57 -45.72
C THR H 161 22.65 27.31 -44.92
N ARG H 162 23.90 27.14 -45.31
CA ARG H 162 25.01 27.73 -44.59
C ARG H 162 25.99 28.38 -45.49
N PHE H 163 26.53 29.52 -45.12
CA PHE H 163 27.58 30.14 -45.89
C PHE H 163 28.86 29.98 -45.11
N THR H 164 29.94 29.65 -45.80
CA THR H 164 31.24 29.53 -45.17
C THR H 164 32.24 30.49 -45.79
N PRO H 165 32.86 31.35 -45.00
CA PRO H 165 33.76 32.31 -45.60
C PRO H 165 35.10 31.65 -45.88
N VAL H 166 35.77 32.08 -46.94
CA VAL H 166 37.07 31.56 -47.37
C VAL H 166 38.03 32.73 -47.64
N GLY H 167 37.57 33.79 -48.33
CA GLY H 167 38.43 34.97 -48.53
C GLY H 167 37.71 36.27 -48.85
N VAL H 168 38.48 37.32 -49.16
CA VAL H 168 37.86 38.56 -49.69
C VAL H 168 38.45 39.07 -51.00
N VAL H 169 37.58 39.65 -51.82
CA VAL H 169 37.76 39.72 -53.26
C VAL H 169 38.08 41.09 -53.83
N GLU H 179 39.00 48.45 -51.11
CA GLU H 179 38.47 47.63 -50.02
C GLU H 179 38.76 46.17 -50.31
N PRO H 180 38.73 45.31 -49.30
CA PRO H 180 38.38 45.61 -47.91
C PRO H 180 38.82 46.99 -47.33
N GLN H 181 37.99 47.51 -46.44
CA GLN H 181 38.37 48.51 -45.47
C GLN H 181 38.04 47.78 -44.18
N GLN H 182 39.05 47.23 -43.52
CA GLN H 182 38.75 46.40 -42.37
C GLN H 182 38.28 47.22 -41.17
N TRP H 183 38.38 48.53 -41.26
CA TRP H 183 37.96 49.30 -40.12
C TRP H 183 36.66 49.99 -40.41
N VAL H 184 35.99 49.69 -41.50
CA VAL H 184 34.74 50.38 -41.69
C VAL H 184 33.61 49.42 -41.42
N LEU H 185 32.85 49.67 -40.35
CA LEU H 185 31.61 48.92 -40.19
C LEU H 185 30.67 48.90 -41.44
N PRO H 186 29.96 47.78 -41.70
CA PRO H 186 28.84 47.75 -42.66
C PRO H 186 27.65 48.50 -42.10
N ASP H 187 26.65 48.81 -42.93
CA ASP H 187 25.35 49.25 -42.37
C ASP H 187 24.55 48.02 -42.09
N TYR H 188 24.57 47.58 -40.85
CA TYR H 188 23.81 46.40 -40.49
C TYR H 188 22.33 46.41 -40.91
N SER H 189 21.67 47.56 -40.96
CA SER H 189 20.26 47.57 -41.29
C SER H 189 20.08 48.17 -42.66
N GLY H 190 21.18 48.35 -43.37
CA GLY H 190 21.09 48.83 -44.74
C GLY H 190 21.13 50.33 -44.81
N ARG H 191 20.70 50.88 -45.94
CA ARG H 191 20.87 52.32 -46.18
C ARG H 191 20.05 53.22 -45.28
N ASP H 192 20.67 54.29 -44.80
CA ASP H 192 19.96 55.19 -43.95
C ASP H 192 19.41 54.55 -42.70
N SER H 193 20.30 54.06 -41.89
CA SER H 193 19.92 53.36 -40.70
C SER H 193 21.03 53.58 -39.72
N HIS H 194 20.79 53.51 -38.45
CA HIS H 194 21.95 53.72 -37.64
C HIS H 194 22.31 52.37 -37.02
N ASN H 195 23.55 51.92 -37.15
CA ASN H 195 23.93 50.76 -36.40
C ASN H 195 23.62 50.99 -34.91
N VAL H 196 23.25 49.91 -34.20
CA VAL H 196 22.91 50.01 -32.79
C VAL H 196 23.67 49.00 -31.91
N HIS H 197 23.71 49.29 -30.61
CA HIS H 197 24.32 48.36 -29.68
C HIS H 197 25.79 48.01 -29.95
N LEU H 198 26.48 48.87 -30.67
CA LEU H 198 27.84 48.61 -31.00
C LEU H 198 28.71 48.45 -29.74
N ALA H 199 29.72 47.58 -29.85
CA ALA H 199 30.90 47.61 -29.01
C ALA H 199 31.62 48.91 -29.25
N PRO H 200 32.15 49.56 -28.19
CA PRO H 200 32.75 50.88 -28.24
C PRO H 200 33.94 50.95 -29.16
N ALA H 201 34.15 52.07 -29.82
CA ALA H 201 35.39 52.33 -30.50
C ALA H 201 36.58 52.40 -29.52
N VAL H 202 37.78 51.98 -29.88
CA VAL H 202 38.84 52.03 -28.86
C VAL H 202 40.08 52.83 -29.26
N ALA H 203 40.82 53.32 -28.29
CA ALA H 203 42.03 54.12 -28.55
C ALA H 203 43.03 54.07 -27.37
N PRO H 204 44.34 54.20 -27.64
CA PRO H 204 45.24 54.28 -26.48
C PRO H 204 44.93 55.57 -25.73
N THR H 205 45.17 55.63 -24.45
CA THR H 205 44.87 56.88 -23.77
C THR H 205 46.00 57.25 -22.80
N PHE H 206 47.23 57.16 -23.30
CA PHE H 206 48.34 57.23 -22.41
C PHE H 206 49.47 57.64 -23.29
N PRO H 207 50.23 58.64 -22.86
CA PRO H 207 51.39 59.13 -23.62
C PRO H 207 52.26 57.99 -24.21
N GLY H 208 52.49 58.01 -25.51
CA GLY H 208 53.40 57.06 -26.10
C GLY H 208 52.87 55.65 -26.33
N GLU H 209 51.62 55.34 -25.95
CA GLU H 209 51.13 53.97 -26.17
C GLU H 209 50.44 53.83 -27.50
N GLN H 210 50.37 52.62 -28.01
CA GLN H 210 49.56 52.35 -29.19
C GLN H 210 48.78 51.04 -28.94
N LEU H 211 47.78 50.76 -29.79
CA LEU H 211 47.03 49.54 -29.72
C LEU H 211 47.95 48.43 -30.20
N LEU H 212 47.80 47.24 -29.62
CA LEU H 212 48.50 46.06 -30.10
C LEU H 212 47.55 45.20 -30.86
N PHE H 213 47.78 45.01 -32.13
CA PHE H 213 46.87 44.21 -32.93
C PHE H 213 47.32 42.77 -33.07
N PHE H 214 46.37 41.85 -33.07
CA PHE H 214 46.68 40.44 -33.28
C PHE H 214 46.34 40.21 -34.74
N ARG H 215 47.35 39.90 -35.54
CA ARG H 215 47.26 40.04 -37.01
C ARG H 215 47.28 38.77 -37.87
N SER H 216 46.43 38.77 -38.89
CA SER H 216 46.44 37.73 -39.90
C SER H 216 46.39 38.37 -41.25
N THR H 217 46.62 37.57 -42.28
CA THR H 217 46.54 38.03 -43.65
C THR H 217 45.34 37.31 -44.24
N MET H 218 44.38 38.08 -44.77
CA MET H 218 43.17 37.50 -45.32
C MET H 218 43.36 37.00 -46.74
N PRO H 219 42.96 35.76 -46.99
CA PRO H 219 43.04 35.19 -48.33
C PRO H 219 41.94 35.76 -49.25
N MET H 227 43.94 42.59 -47.26
CA MET H 227 44.83 41.49 -46.92
C MET H 227 44.99 41.36 -45.41
N ASN H 228 45.53 42.40 -44.78
CA ASN H 228 45.73 42.39 -43.33
C ASN H 228 44.42 42.45 -42.57
N LEU H 229 44.28 41.60 -41.56
CA LEU H 229 43.10 41.56 -40.76
C LEU H 229 43.52 41.50 -39.31
N ASP H 230 43.15 42.52 -38.57
CA ASP H 230 43.60 42.69 -37.21
C ASP H 230 42.45 42.59 -36.24
N CYS H 231 42.70 41.97 -35.10
CA CYS H 231 41.68 41.86 -34.05
C CYS H 231 42.34 42.26 -32.75
N LEU H 232 41.49 42.53 -31.78
CA LEU H 232 41.96 43.12 -30.55
C LEU H 232 42.21 42.04 -29.56
N LEU H 233 41.49 40.93 -29.68
CA LEU H 233 41.72 39.78 -28.81
C LEU H 233 41.69 38.56 -29.65
N PRO H 234 42.57 37.60 -29.34
CA PRO H 234 42.52 36.28 -30.02
C PRO H 234 41.23 35.56 -29.66
N GLN H 235 40.64 34.81 -30.58
CA GLN H 235 39.39 34.10 -30.28
C GLN H 235 39.53 33.23 -29.04
N GLU H 236 40.70 32.65 -28.85
CA GLU H 236 40.86 31.82 -27.69
C GLU H 236 40.74 32.62 -26.40
N TRP H 237 41.17 33.90 -26.42
CA TRP H 237 41.05 34.77 -25.25
C TRP H 237 39.62 35.12 -25.02
N VAL H 238 38.86 35.27 -26.08
CA VAL H 238 37.46 35.56 -25.93
C VAL H 238 36.89 34.42 -25.13
N GLN H 239 37.10 33.21 -25.64
CA GLN H 239 36.54 32.02 -25.04
C GLN H 239 36.95 31.91 -23.60
N HIS H 240 38.20 32.25 -23.29
CA HIS H 240 38.71 32.01 -21.97
C HIS H 240 38.06 33.00 -21.02
N PHE H 241 37.88 34.26 -21.44
CA PHE H 241 37.27 35.22 -20.51
C PHE H 241 35.77 34.91 -20.25
N TYR H 242 35.05 34.61 -21.30
CA TYR H 242 33.70 34.28 -21.09
C TYR H 242 33.66 33.15 -20.10
N GLN H 243 34.41 32.09 -20.35
CA GLN H 243 34.34 30.89 -19.52
C GLN H 243 34.75 31.07 -18.08
N GLU H 244 35.79 31.85 -17.86
CA GLU H 244 36.28 32.01 -16.53
C GLU H 244 35.51 33.12 -15.80
N SER H 245 35.15 34.23 -16.47
CA SER H 245 34.62 35.45 -15.79
C SER H 245 35.31 35.79 -14.49
N ALA H 246 36.62 35.77 -14.47
CA ALA H 246 37.29 36.16 -13.29
C ALA H 246 37.07 37.66 -13.10
N PRO H 247 36.69 38.07 -11.89
CA PRO H 247 36.50 39.54 -11.62
C PRO H 247 37.75 40.39 -11.89
N ALA H 248 37.60 41.55 -12.51
CA ALA H 248 38.73 42.44 -12.73
C ALA H 248 38.91 43.19 -11.45
N GLN H 249 40.09 43.14 -10.87
CA GLN H 249 40.38 43.92 -9.68
C GLN H 249 40.80 45.35 -9.95
N SER H 250 40.89 45.77 -11.22
CA SER H 250 41.15 47.19 -11.56
C SER H 250 40.84 47.33 -13.02
N ASP H 251 41.20 48.42 -13.67
CA ASP H 251 40.82 48.51 -15.07
C ASP H 251 41.94 48.10 -16.04
N VAL H 252 43.10 47.73 -15.51
CA VAL H 252 44.21 47.40 -16.36
C VAL H 252 44.98 46.22 -15.80
N ALA H 253 45.10 45.16 -16.60
CA ALA H 253 45.88 43.99 -16.22
C ALA H 253 47.26 44.06 -16.90
N LEU H 254 48.33 44.03 -16.12
CA LEU H 254 49.62 44.08 -16.74
C LEU H 254 50.02 42.67 -17.21
N LEU H 255 50.43 42.54 -18.47
CA LEU H 255 50.84 41.27 -19.01
C LEU H 255 52.30 41.34 -19.40
N ARG H 256 53.11 40.33 -19.10
CA ARG H 256 54.44 40.26 -19.67
C ARG H 256 54.42 39.19 -20.75
N PHE H 257 55.05 39.48 -21.88
CA PHE H 257 55.25 38.48 -22.93
C PHE H 257 56.60 37.81 -22.66
N VAL H 258 56.54 36.52 -22.33
CA VAL H 258 57.74 35.78 -21.97
C VAL H 258 58.26 34.84 -23.09
N ASN H 259 59.61 34.82 -23.21
CA ASN H 259 60.34 33.78 -23.96
C ASN H 259 60.76 32.68 -23.01
N PRO H 260 60.09 31.49 -23.05
CA PRO H 260 60.34 30.46 -22.02
C PRO H 260 61.73 29.85 -22.14
N ASP H 261 62.30 29.93 -23.33
CA ASP H 261 63.64 29.47 -23.55
C ASP H 261 64.63 30.13 -22.59
N THR H 262 64.73 31.46 -22.63
CA THR H 262 65.59 32.14 -21.66
C THR H 262 64.88 32.53 -20.37
N GLY H 263 63.60 32.21 -20.21
CA GLY H 263 62.81 32.74 -19.09
C GLY H 263 62.74 34.28 -19.02
N ARG H 264 63.21 34.98 -20.06
CA ARG H 264 63.34 36.45 -20.03
C ARG H 264 62.11 37.20 -20.60
N VAL H 265 61.76 38.31 -19.98
CA VAL H 265 60.63 39.11 -20.46
C VAL H 265 60.96 39.87 -21.72
N LEU H 266 60.24 39.60 -22.79
CA LEU H 266 60.44 40.29 -24.06
C LEU H 266 59.97 41.76 -24.15
N PHE H 267 58.70 41.98 -23.76
CA PHE H 267 58.07 43.28 -23.60
C PHE H 267 56.86 43.09 -22.69
N GLU H 268 56.38 44.20 -22.12
CA GLU H 268 55.18 44.17 -21.25
C GLU H 268 54.06 45.01 -21.87
N CYS H 269 52.81 44.69 -21.61
CA CYS H 269 51.75 45.49 -22.22
C CYS H 269 50.56 45.57 -21.32
N LYS H 270 49.64 46.49 -21.59
CA LYS H 270 48.44 46.59 -20.79
C LYS H 270 47.29 45.86 -21.45
N LEU H 271 46.60 45.00 -20.72
CA LEU H 271 45.32 44.44 -21.19
C LEU H 271 44.21 45.17 -20.43
N HIS H 272 43.43 45.96 -21.16
CA HIS H 272 42.40 46.81 -20.54
C HIS H 272 41.17 46.02 -20.25
N LYS H 273 40.51 46.31 -19.18
CA LYS H 273 39.38 45.57 -18.72
C LYS H 273 38.33 45.44 -19.77
N SER H 274 38.17 46.43 -20.59
CA SER H 274 37.13 46.35 -21.57
C SER H 274 37.51 45.59 -22.86
N GLY H 275 38.74 45.08 -22.91
CA GLY H 275 39.04 44.06 -23.90
C GLY H 275 39.85 44.43 -25.10
N TYR H 276 41.05 44.97 -24.89
CA TYR H 276 41.93 45.31 -25.99
C TYR H 276 43.27 45.55 -25.33
N VAL H 277 44.37 45.66 -26.11
CA VAL H 277 45.73 45.69 -25.53
C VAL H 277 46.53 46.93 -25.98
N THR H 278 47.35 47.53 -25.10
CA THR H 278 48.20 48.62 -25.62
C THR H 278 49.67 48.39 -25.27
N VAL H 279 50.58 48.95 -26.06
CA VAL H 279 52.00 48.86 -25.77
C VAL H 279 52.65 50.24 -25.91
N ALA H 280 53.78 50.44 -25.25
CA ALA H 280 54.49 51.70 -25.39
C ALA H 280 55.36 51.67 -26.63
N HIS H 281 54.92 52.31 -27.70
CA HIS H 281 55.73 52.39 -28.90
C HIS H 281 55.20 53.49 -29.78
N THR H 282 56.06 54.14 -30.56
CA THR H 282 55.60 55.12 -31.57
C THR H 282 55.96 54.64 -32.94
N GLY H 283 54.98 54.46 -33.82
CA GLY H 283 55.24 54.02 -35.19
C GLY H 283 54.69 52.67 -35.60
N GLN H 284 54.69 52.38 -36.88
CA GLN H 284 54.27 51.07 -37.29
C GLN H 284 55.36 50.05 -37.03
N HIS H 285 54.98 48.85 -36.59
CA HIS H 285 55.95 47.82 -36.19
C HIS H 285 55.40 46.40 -36.15
N ASP H 286 55.95 45.59 -37.05
CA ASP H 286 55.88 44.15 -36.90
C ASP H 286 56.74 43.67 -35.75
N LEU H 287 56.10 43.18 -34.68
CA LEU H 287 56.84 42.61 -33.56
C LEU H 287 57.61 41.37 -34.04
N VAL H 288 58.81 41.17 -33.52
CA VAL H 288 59.44 39.92 -33.85
C VAL H 288 59.56 39.18 -32.55
N ILE H 289 59.08 37.94 -32.53
CA ILE H 289 58.98 37.22 -31.28
C ILE H 289 59.36 35.79 -31.54
N PRO H 290 59.87 35.09 -30.55
CA PRO H 290 60.15 33.66 -30.68
C PRO H 290 58.82 32.90 -30.71
N PRO H 291 58.71 31.83 -31.53
CA PRO H 291 57.39 31.22 -31.78
C PRO H 291 56.79 30.49 -30.57
N ASN H 292 57.56 30.27 -29.53
CA ASN H 292 56.99 29.66 -28.34
C ASN H 292 56.84 30.68 -27.18
N GLY H 293 57.06 31.95 -27.48
CA GLY H 293 56.74 32.99 -26.53
C GLY H 293 55.23 33.04 -26.29
N TYR H 294 54.88 33.49 -25.09
CA TYR H 294 53.49 33.55 -24.65
C TYR H 294 53.30 34.64 -23.63
N PHE H 295 52.02 34.98 -23.43
CA PHE H 295 51.56 36.02 -22.52
C PHE H 295 51.36 35.57 -21.06
N ARG H 296 51.74 36.41 -20.12
CA ARG H 296 51.57 36.06 -18.73
C ARG H 296 51.01 37.19 -17.86
N PHE H 297 49.89 36.96 -17.16
CA PHE H 297 49.31 38.02 -16.37
C PHE H 297 50.21 38.28 -15.16
N ASP H 298 50.73 39.47 -14.90
CA ASP H 298 51.51 39.62 -13.63
C ASP H 298 50.69 40.26 -12.55
N SER H 299 49.95 41.33 -12.86
CA SER H 299 49.16 42.01 -11.83
C SER H 299 48.18 43.06 -12.37
N TRP H 300 47.31 43.49 -11.47
CA TRP H 300 46.38 44.57 -11.70
C TRP H 300 47.11 45.86 -11.38
N VAL H 301 46.96 46.86 -12.26
CA VAL H 301 47.56 48.16 -12.07
C VAL H 301 46.51 49.18 -12.43
N ASN H 302 46.73 50.44 -12.08
CA ASN H 302 45.72 51.45 -12.39
C ASN H 302 45.94 52.11 -13.76
N GLN H 303 45.29 53.23 -14.06
CA GLN H 303 45.54 53.81 -15.40
C GLN H 303 46.84 54.59 -15.61
N PHE H 304 47.52 54.87 -14.50
CA PHE H 304 48.73 55.68 -14.50
C PHE H 304 50.04 54.87 -14.55
N TYR H 305 49.93 53.58 -14.85
CA TYR H 305 51.11 52.76 -14.93
C TYR H 305 51.82 53.01 -16.26
N THR H 306 53.09 53.34 -16.17
CA THR H 306 53.96 53.50 -17.33
C THR H 306 54.69 52.22 -17.73
N LEU H 307 54.28 51.65 -18.85
CA LEU H 307 54.96 50.51 -19.42
C LEU H 307 56.38 50.90 -19.77
N ALA H 308 57.27 49.92 -19.74
CA ALA H 308 58.62 50.07 -20.25
C ALA H 308 58.55 50.11 -21.79
N PRO H 309 59.31 50.99 -22.42
CA PRO H 309 59.19 50.94 -23.89
C PRO H 309 59.34 49.54 -24.50
N MET H 310 58.35 49.13 -25.29
CA MET H 310 58.45 47.92 -26.09
C MET H 310 59.48 48.22 -27.15
N GLY H 311 60.54 47.44 -27.21
CA GLY H 311 61.52 47.72 -28.23
C GLY H 311 60.79 47.47 -29.53
N GLU I 1 -66.28 -46.92 59.13
CA GLU I 1 -65.16 -46.29 58.39
C GLU I 1 -64.27 -47.33 57.64
N SER I 2 -64.06 -47.14 56.35
CA SER I 2 -63.47 -48.24 55.58
C SER I 2 -61.94 -48.17 55.58
N ARG I 3 -61.27 -49.30 55.50
CA ARG I 3 -59.81 -49.33 55.59
C ARG I 3 -59.21 -49.00 54.27
N THR I 4 -58.81 -47.77 54.21
CA THR I 4 -58.59 -47.06 52.98
C THR I 4 -57.43 -46.09 53.20
N LYS I 5 -56.91 -45.53 52.13
CA LYS I 5 -55.80 -44.60 52.28
C LYS I 5 -56.28 -43.25 52.86
N PRO I 6 -55.51 -42.64 53.75
CA PRO I 6 -56.02 -41.43 54.47
C PRO I 6 -56.18 -40.24 53.51
N PHE I 7 -57.24 -39.44 53.65
CA PHE I 7 -57.33 -38.16 52.94
C PHE I 7 -56.25 -37.16 53.46
N THR I 8 -55.75 -36.29 52.57
CA THR I 8 -54.81 -35.25 52.97
C THR I 8 -54.98 -34.03 52.07
N VAL I 9 -54.60 -32.86 52.56
CA VAL I 9 -54.60 -31.67 51.73
C VAL I 9 -53.12 -31.27 51.64
N PRO I 10 -52.70 -30.58 50.57
CA PRO I 10 -51.25 -30.23 50.44
C PRO I 10 -50.74 -29.33 51.58
N ILE I 11 -49.52 -29.54 52.08
CA ILE I 11 -48.95 -28.60 53.12
C ILE I 11 -48.31 -27.45 52.32
N LEU I 12 -49.10 -26.46 51.92
CA LEU I 12 -48.58 -25.39 51.06
C LEU I 12 -49.34 -24.16 51.51
N THR I 13 -48.64 -23.04 51.55
CA THR I 13 -49.23 -21.84 52.10
C THR I 13 -50.01 -21.18 50.98
N VAL I 14 -50.91 -20.24 51.32
CA VAL I 14 -51.75 -19.70 50.22
C VAL I 14 -50.88 -18.98 49.22
N GLU I 15 -49.92 -18.25 49.74
CA GLU I 15 -49.00 -17.51 48.90
C GLU I 15 -48.14 -18.38 48.03
N GLU I 16 -47.95 -19.63 48.41
CA GLU I 16 -47.18 -20.51 47.52
C GLU I 16 -48.15 -21.12 46.51
N MET I 17 -49.44 -20.78 46.57
CA MET I 17 -50.43 -21.46 45.71
C MET I 17 -50.95 -20.63 44.50
N THR I 18 -51.78 -21.26 43.65
CA THR I 18 -52.24 -20.66 42.38
C THR I 18 -53.74 -20.62 42.29
N ASN I 19 -54.28 -19.58 41.66
CA ASN I 19 -55.72 -19.49 41.41
C ASN I 19 -56.20 -20.57 40.43
N SER I 20 -57.40 -21.10 40.62
CA SER I 20 -57.77 -22.17 39.71
C SER I 20 -58.65 -21.68 38.54
N ARG I 21 -58.87 -20.39 38.46
CA ARG I 21 -59.67 -19.83 37.40
C ARG I 21 -58.94 -18.88 36.44
N PHE I 22 -57.70 -18.54 36.78
CA PHE I 22 -56.84 -17.73 35.94
C PHE I 22 -55.43 -18.10 36.34
N PRO I 23 -54.48 -18.11 35.41
CA PRO I 23 -53.12 -18.56 35.74
C PRO I 23 -52.40 -17.46 36.45
N ILE I 24 -52.74 -17.25 37.72
CA ILE I 24 -51.97 -16.33 38.57
C ILE I 24 -51.87 -16.79 40.03
N PRO I 25 -50.89 -16.24 40.77
CA PRO I 25 -50.75 -16.56 42.22
C PRO I 25 -52.00 -16.20 43.07
N LEU I 26 -52.29 -17.03 44.08
CA LEU I 26 -53.28 -16.72 45.14
C LEU I 26 -52.76 -15.64 46.08
N GLU I 27 -53.59 -14.67 46.44
CA GLU I 27 -53.08 -13.60 47.34
C GLU I 27 -53.64 -13.54 48.75
N LYS I 28 -54.92 -13.88 48.92
CA LYS I 28 -55.52 -13.81 50.27
C LYS I 28 -56.68 -14.84 50.41
N LEU I 29 -57.16 -15.06 51.63
CA LEU I 29 -58.45 -15.71 51.82
C LEU I 29 -59.49 -14.62 52.11
N PHE I 30 -60.75 -14.84 51.68
CA PHE I 30 -61.87 -13.87 51.79
C PHE I 30 -63.20 -14.58 52.01
N THR I 31 -64.01 -14.08 52.95
CA THR I 31 -65.34 -14.64 53.18
C THR I 31 -66.42 -13.54 53.04
N GLY I 32 -67.61 -13.92 52.56
CA GLY I 32 -68.67 -12.95 52.24
C GLY I 32 -70.03 -13.60 52.05
N PRO I 33 -71.10 -12.82 52.23
CA PRO I 33 -72.36 -13.50 51.95
C PRO I 33 -72.41 -13.73 50.42
N SER I 34 -73.26 -14.65 49.96
CA SER I 34 -73.21 -15.03 48.54
C SER I 34 -74.53 -15.55 48.05
N SER I 35 -75.59 -15.33 48.83
CA SER I 35 -76.90 -15.87 48.45
C SER I 35 -77.69 -14.88 47.58
N ALA I 36 -77.20 -13.64 47.54
CA ALA I 36 -77.65 -12.69 46.53
C ALA I 36 -77.46 -13.23 45.09
N PHE I 37 -76.29 -13.86 44.83
CA PHE I 37 -75.90 -14.39 43.50
C PHE I 37 -75.60 -15.88 43.43
N VAL I 38 -75.64 -16.40 42.20
CA VAL I 38 -75.40 -17.81 41.94
C VAL I 38 -73.92 -18.05 41.73
N VAL I 39 -73.28 -18.75 42.69
CA VAL I 39 -71.83 -19.03 42.64
C VAL I 39 -71.60 -20.40 41.96
N GLN I 40 -71.15 -20.36 40.71
CA GLN I 40 -71.17 -21.56 39.91
C GLN I 40 -70.02 -21.68 38.88
N PRO I 41 -68.77 -21.51 39.35
CA PRO I 41 -67.59 -21.52 38.45
C PRO I 41 -67.33 -22.88 37.75
N GLN I 42 -66.90 -22.88 36.49
CA GLN I 42 -66.60 -24.16 35.85
C GLN I 42 -65.11 -24.66 35.98
N ASN I 43 -64.19 -23.76 36.35
CA ASN I 43 -62.79 -24.14 36.62
C ASN I 43 -62.51 -24.09 38.12
N GLY I 44 -61.58 -24.89 38.59
CA GLY I 44 -61.33 -25.00 40.03
C GLY I 44 -62.39 -25.85 40.71
N ARG I 45 -62.95 -26.81 39.98
CA ARG I 45 -64.00 -27.72 40.52
C ARG I 45 -63.54 -29.20 40.50
N CYS I 46 -63.44 -29.80 41.69
CA CYS I 46 -62.97 -31.16 41.79
C CYS I 46 -63.46 -31.63 43.13
N THR I 47 -63.74 -32.93 43.25
CA THR I 47 -64.23 -33.55 44.51
C THR I 47 -63.03 -33.97 45.36
N THR I 48 -63.19 -34.02 46.66
CA THR I 48 -62.07 -34.36 47.53
C THR I 48 -61.56 -35.71 47.10
N ASP I 49 -62.49 -36.41 46.51
CA ASP I 49 -62.42 -37.73 45.92
C ASP I 49 -61.57 -37.89 44.67
N GLY I 50 -61.28 -36.82 43.96
CA GLY I 50 -60.56 -36.91 42.73
C GLY I 50 -61.32 -36.77 41.43
N ALA I 51 -62.59 -36.45 41.45
CA ALA I 51 -63.31 -36.26 40.21
C ALA I 51 -63.29 -34.78 39.75
N LEU I 52 -62.68 -34.56 38.57
CA LEU I 52 -62.75 -33.26 37.91
C LEU I 52 -64.20 -32.88 37.49
N LEU I 53 -64.54 -31.61 37.64
CA LEU I 53 -65.86 -31.13 37.19
C LEU I 53 -65.80 -29.86 36.33
N GLY I 54 -66.94 -29.56 35.70
CA GLY I 54 -67.05 -28.37 34.89
C GLY I 54 -66.13 -28.54 33.71
N THR I 55 -65.37 -27.48 33.41
CA THR I 55 -64.31 -27.48 32.39
C THR I 55 -62.90 -27.63 33.06
N THR I 56 -62.90 -28.10 34.32
CA THR I 56 -61.65 -28.17 35.12
C THR I 56 -60.58 -29.13 34.61
N GLN I 57 -59.32 -28.68 34.56
CA GLN I 57 -58.23 -29.53 34.06
C GLN I 57 -56.97 -29.40 34.95
N LEU I 58 -55.88 -30.12 34.68
CA LEU I 58 -54.86 -30.16 35.72
C LEU I 58 -53.79 -29.12 35.56
N SER I 59 -53.47 -28.78 34.34
CA SER I 59 -52.34 -27.89 34.11
C SER I 59 -52.59 -26.41 34.50
N PRO I 60 -51.79 -25.86 35.43
CA PRO I 60 -52.04 -24.42 35.76
C PRO I 60 -51.96 -23.44 34.57
N VAL I 61 -51.11 -23.73 33.58
CA VAL I 61 -50.92 -22.81 32.46
C VAL I 61 -52.12 -22.82 31.52
N ASP I 62 -52.86 -23.94 31.51
CA ASP I 62 -53.97 -24.15 30.55
C ASP I 62 -55.30 -23.53 30.99
N ILE I 63 -55.31 -22.90 32.16
CA ILE I 63 -56.51 -22.21 32.59
C ILE I 63 -56.64 -20.92 31.75
N CYS I 64 -57.81 -20.73 31.15
CA CYS I 64 -58.14 -19.59 30.27
C CYS I 64 -57.39 -19.53 28.95
N THR I 65 -57.10 -20.72 28.39
CA THR I 65 -56.42 -20.73 27.10
C THR I 65 -57.31 -21.35 26.01
N PHE I 66 -56.88 -21.22 24.76
CA PHE I 66 -57.48 -21.92 23.64
C PHE I 66 -56.33 -22.32 22.72
N ARG I 67 -56.60 -23.28 21.82
CA ARG I 67 -55.64 -23.82 20.85
C ARG I 67 -56.39 -24.26 19.60
N GLY I 68 -55.70 -24.20 18.46
CA GLY I 68 -56.18 -24.78 17.21
C GLY I 68 -55.54 -24.02 16.05
N ASP I 69 -56.17 -24.11 14.87
CA ASP I 69 -55.84 -23.27 13.70
C ASP I 69 -56.75 -22.02 13.62
N VAL I 70 -56.21 -20.89 13.15
CA VAL I 70 -57.02 -19.70 13.03
C VAL I 70 -57.35 -19.44 11.55
N THR I 71 -58.02 -18.31 11.30
CA THR I 71 -58.47 -17.86 9.97
C THR I 71 -58.60 -16.33 10.01
N HIS I 72 -58.33 -15.66 8.89
CA HIS I 72 -58.63 -14.23 8.82
C HIS I 72 -60.14 -14.10 8.61
N ILE I 73 -60.72 -13.04 9.14
CA ILE I 73 -62.06 -12.61 8.77
C ILE I 73 -61.82 -11.38 7.89
N ALA I 74 -61.90 -11.61 6.58
CA ALA I 74 -61.57 -10.63 5.53
C ALA I 74 -61.99 -9.17 5.83
N GLY I 75 -61.04 -8.25 5.69
CA GLY I 75 -61.30 -6.80 5.85
C GLY I 75 -61.57 -6.29 7.26
N THR I 76 -61.10 -7.05 8.26
CA THR I 76 -61.08 -6.65 9.68
C THR I 76 -59.76 -7.19 10.27
N GLN I 77 -59.42 -6.76 11.49
CA GLN I 77 -58.24 -7.30 12.21
C GLN I 77 -58.66 -8.42 13.23
N ASN I 78 -59.78 -9.08 12.93
CA ASN I 78 -60.28 -10.15 13.77
C ASN I 78 -59.92 -11.49 13.15
N TYR I 79 -59.85 -12.53 13.98
CA TYR I 79 -59.52 -13.90 13.52
C TYR I 79 -60.42 -14.96 14.25
N THR I 80 -60.81 -16.01 13.52
CA THR I 80 -61.55 -17.17 14.06
C THR I 80 -60.66 -18.38 14.39
N MET I 81 -60.90 -19.02 15.53
CA MET I 81 -60.18 -20.24 15.89
C MET I 81 -61.06 -21.52 15.95
N ASN I 82 -60.71 -22.53 15.13
CA ASN I 82 -61.18 -23.89 15.34
C ASN I 82 -60.46 -24.45 16.55
N LEU I 83 -61.23 -24.86 17.57
CA LEU I 83 -60.65 -25.28 18.84
C LEU I 83 -60.19 -26.73 18.79
N ALA I 84 -59.02 -26.97 19.40
CA ALA I 84 -58.49 -28.30 19.61
C ALA I 84 -58.34 -28.55 21.12
N SER I 85 -58.31 -29.81 21.51
CA SER I 85 -58.09 -30.12 22.90
C SER I 85 -56.66 -29.88 23.26
N GLN I 86 -56.32 -30.21 24.49
CA GLN I 86 -54.98 -30.09 24.99
C GLN I 86 -54.11 -31.06 24.21
N ASN I 87 -54.75 -32.12 23.72
CA ASN I 87 -54.13 -33.09 22.85
C ASN I 87 -53.64 -32.47 21.56
N TRP I 88 -54.42 -31.56 21.04
CA TRP I 88 -54.24 -31.03 19.72
C TRP I 88 -55.10 -31.84 18.79
N ASN I 89 -55.80 -32.80 19.35
CA ASN I 89 -56.89 -33.46 18.63
C ASN I 89 -57.98 -32.45 18.37
N ASN I 90 -58.59 -32.51 17.17
CA ASN I 90 -59.80 -31.74 16.88
C ASN I 90 -60.69 -31.80 18.13
N TYR I 91 -61.32 -30.69 18.50
CA TYR I 91 -62.12 -30.77 19.72
C TYR I 91 -63.41 -31.51 19.44
N ASP I 92 -63.87 -32.23 20.45
CA ASP I 92 -65.01 -33.10 20.27
C ASP I 92 -66.17 -32.54 21.08
N PRO I 93 -67.12 -31.90 20.40
CA PRO I 93 -68.25 -31.23 21.07
C PRO I 93 -69.27 -32.17 21.77
N THR I 94 -69.20 -33.46 21.52
CA THR I 94 -70.26 -34.33 22.02
C THR I 94 -69.82 -35.06 23.28
N GLU I 95 -68.51 -35.01 23.55
CA GLU I 95 -67.96 -35.29 24.86
C GLU I 95 -68.72 -34.51 25.98
N GLU I 96 -68.92 -35.12 27.15
CA GLU I 96 -69.85 -34.55 28.17
C GLU I 96 -69.31 -33.52 29.15
N ILE I 97 -68.89 -32.38 28.60
CA ILE I 97 -68.39 -31.26 29.37
C ILE I 97 -69.11 -29.99 28.90
N PRO I 98 -68.98 -28.88 29.67
CA PRO I 98 -69.62 -27.63 29.24
C PRO I 98 -68.98 -27.03 27.95
N ALA I 99 -67.68 -27.26 27.74
CA ALA I 99 -66.88 -26.59 26.70
C ALA I 99 -65.48 -27.21 26.72
N PRO I 100 -64.52 -26.71 25.92
CA PRO I 100 -63.20 -27.33 26.08
C PRO I 100 -62.61 -27.15 27.46
N LEU I 101 -61.89 -28.16 27.94
CA LEU I 101 -61.23 -28.01 29.22
C LEU I 101 -60.35 -26.74 29.27
N GLY I 102 -60.47 -25.96 30.34
CA GLY I 102 -59.67 -24.74 30.52
C GLY I 102 -60.34 -23.51 29.92
N THR I 103 -61.44 -23.72 29.21
CA THR I 103 -62.27 -22.61 28.76
C THR I 103 -62.57 -21.58 29.92
N PRO I 104 -62.55 -20.26 29.60
CA PRO I 104 -62.98 -19.28 30.61
C PRO I 104 -64.44 -19.54 31.12
N ASP I 105 -64.64 -19.35 32.44
CA ASP I 105 -65.94 -19.57 33.10
C ASP I 105 -66.60 -18.26 33.62
N PHE I 106 -66.12 -17.12 33.11
CA PHE I 106 -66.79 -15.87 33.43
C PHE I 106 -66.91 -14.98 32.19
N VAL I 107 -67.81 -14.00 32.27
CA VAL I 107 -68.07 -13.00 31.21
C VAL I 107 -67.09 -11.82 31.27
N GLY I 108 -66.44 -11.47 30.16
CA GLY I 108 -65.31 -10.50 30.23
C GLY I 108 -64.52 -10.29 28.94
N LYS I 109 -63.79 -9.18 28.85
CA LYS I 109 -62.88 -8.98 27.70
C LYS I 109 -61.56 -9.46 28.19
N ILE I 110 -61.12 -10.64 27.70
CA ILE I 110 -59.83 -11.22 28.13
C ILE I 110 -58.67 -10.94 27.17
N GLN I 111 -57.70 -10.19 27.69
CA GLN I 111 -56.56 -9.79 26.89
C GLN I 111 -55.40 -10.80 27.12
N GLY I 112 -54.61 -11.04 26.07
CA GLY I 112 -53.54 -12.06 26.08
C GLY I 112 -52.78 -12.06 24.74
N VAL I 113 -52.08 -13.14 24.43
CA VAL I 113 -51.36 -13.19 23.18
C VAL I 113 -51.74 -14.38 22.35
N LEU I 114 -51.61 -14.25 21.06
CA LEU I 114 -51.82 -15.34 20.16
C LEU I 114 -50.41 -15.65 19.73
N THR I 115 -50.02 -16.91 19.76
CA THR I 115 -48.67 -17.26 19.44
C THR I 115 -48.59 -18.34 18.41
N GLN I 116 -47.52 -18.24 17.65
CA GLN I 116 -47.12 -19.03 16.49
C GLN I 116 -45.68 -19.50 16.64
N THR I 117 -45.31 -20.59 15.96
CA THR I 117 -43.96 -21.11 16.02
C THR I 117 -43.00 -20.07 15.46
N THR I 118 -41.88 -20.41 16.20
CA THR I 118 -40.65 -19.67 16.36
C THR I 118 -40.09 -18.99 15.13
N ARG I 119 -39.70 -17.75 15.30
CA ARG I 119 -39.07 -16.95 14.28
C ARG I 119 -37.63 -17.30 14.10
N ARG I 120 -37.04 -16.88 13.00
CA ARG I 120 -35.63 -17.26 12.76
C ARG I 120 -34.60 -16.75 13.78
N ASP I 121 -35.03 -15.82 14.62
CA ASP I 121 -34.21 -15.23 15.66
C ASP I 121 -34.47 -15.87 17.02
N GLY I 122 -35.26 -16.93 17.07
CA GLY I 122 -35.45 -17.63 18.32
C GLY I 122 -36.76 -17.36 19.04
N SER I 123 -37.43 -16.26 18.75
CA SER I 123 -38.64 -15.92 19.52
C SER I 123 -39.94 -16.46 18.89
N THR I 124 -40.92 -16.82 19.72
CA THR I 124 -42.27 -17.01 19.24
C THR I 124 -42.70 -15.55 19.09
N ARG I 125 -43.36 -15.19 18.00
CA ARG I 125 -43.87 -13.84 17.84
C ARG I 125 -45.20 -13.81 18.57
N GLY I 126 -45.37 -12.88 19.50
CA GLY I 126 -46.61 -12.80 20.23
C GLY I 126 -47.48 -11.60 19.92
N HIS I 127 -48.72 -11.85 19.57
CA HIS I 127 -49.61 -10.76 19.19
C HIS I 127 -50.67 -10.38 20.17
N LYS I 128 -50.65 -9.13 20.56
CA LYS I 128 -51.66 -8.60 21.44
C LYS I 128 -53.03 -9.03 20.84
N ALA I 129 -53.89 -9.59 21.68
CA ALA I 129 -55.20 -10.04 21.23
C ALA I 129 -56.20 -10.05 22.34
N THR I 130 -57.46 -10.20 21.91
CA THR I 130 -58.61 -10.11 22.79
C THR I 130 -59.55 -11.24 22.48
N VAL I 131 -60.03 -11.89 23.55
CA VAL I 131 -61.26 -12.68 23.45
C VAL I 131 -62.32 -12.06 24.34
N SER I 132 -63.48 -11.86 23.74
CA SER I 132 -64.58 -11.24 24.45
C SER I 132 -65.69 -12.29 24.77
N THR I 133 -65.69 -12.78 26.00
CA THR I 133 -66.44 -14.00 26.25
C THR I 133 -67.94 -13.77 26.27
N GLY I 134 -68.35 -12.50 26.27
CA GLY I 134 -69.79 -12.15 26.28
C GLY I 134 -70.37 -11.85 24.88
N SER I 135 -69.50 -11.90 23.88
CA SER I 135 -69.84 -11.74 22.47
C SER I 135 -70.70 -12.94 21.90
N VAL I 136 -71.52 -12.67 20.87
CA VAL I 136 -72.30 -13.72 20.15
C VAL I 136 -71.35 -14.65 19.39
N HIS I 137 -70.08 -14.28 19.30
CA HIS I 137 -69.12 -15.06 18.54
C HIS I 137 -68.31 -15.99 19.43
N PHE I 138 -68.69 -16.02 20.71
CA PHE I 138 -67.98 -16.85 21.67
C PHE I 138 -68.66 -18.21 21.84
N THR I 139 -68.31 -19.18 21.01
CA THR I 139 -69.00 -20.48 21.02
C THR I 139 -68.05 -21.70 21.21
N PRO I 140 -67.28 -21.72 22.33
CA PRO I 140 -66.31 -22.81 22.56
C PRO I 140 -66.98 -24.21 22.51
N LYS I 141 -68.17 -24.32 23.09
CA LYS I 141 -68.85 -25.59 23.09
C LYS I 141 -69.08 -26.13 21.64
N LEU I 142 -69.22 -25.22 20.68
CA LEU I 142 -69.47 -25.59 19.30
C LEU I 142 -68.15 -25.74 18.54
N GLY I 143 -67.05 -25.51 19.24
CA GLY I 143 -65.70 -25.68 18.69
C GLY I 143 -65.05 -24.44 18.12
N SER I 144 -65.75 -23.30 18.18
CA SER I 144 -65.29 -22.08 17.50
C SER I 144 -65.34 -20.84 18.42
N VAL I 145 -64.25 -20.06 18.40
CA VAL I 145 -64.13 -18.81 19.20
C VAL I 145 -63.53 -17.64 18.36
N GLN I 146 -63.72 -16.39 18.78
CA GLN I 146 -63.21 -15.24 17.96
C GLN I 146 -62.23 -14.17 18.61
N PHE I 147 -61.08 -13.92 17.98
CA PHE I 147 -60.09 -12.97 18.54
C PHE I 147 -60.01 -11.60 17.83
N SER I 148 -59.91 -10.51 18.59
CA SER I 148 -59.52 -9.21 17.97
C SER I 148 -58.03 -8.85 18.22
N THR I 149 -57.31 -8.60 17.13
CA THR I 149 -55.90 -8.24 17.28
C THR I 149 -55.53 -6.81 16.88
N ASP I 154 -49.99 -10.89 9.12
CA ASP I 154 -49.01 -11.26 10.13
C ASP I 154 -49.14 -12.74 10.56
N PHE I 155 -50.37 -13.25 10.59
CA PHE I 155 -50.72 -14.63 11.09
C PHE I 155 -50.92 -15.66 10.00
N GLU I 156 -50.17 -16.76 10.03
CA GLU I 156 -50.32 -17.78 8.98
C GLU I 156 -51.36 -18.84 9.37
N THR I 157 -51.86 -19.59 8.38
CA THR I 157 -53.02 -20.49 8.58
C THR I 157 -52.65 -22.00 8.45
N GLY I 158 -53.53 -22.87 8.93
CA GLY I 158 -53.28 -24.32 8.97
C GLY I 158 -52.28 -24.75 10.05
N GLN I 159 -51.66 -23.77 10.72
CA GLN I 159 -50.70 -24.05 11.80
C GLN I 159 -51.34 -23.98 13.20
N ASN I 160 -50.79 -24.77 14.12
CA ASN I 160 -51.10 -24.62 15.54
C ASN I 160 -51.06 -23.14 15.99
N THR I 161 -52.10 -22.71 16.70
CA THR I 161 -52.07 -21.40 17.34
C THR I 161 -52.52 -21.47 18.81
N ARG I 162 -51.90 -20.61 19.62
CA ARG I 162 -52.04 -20.66 21.09
C ARG I 162 -52.40 -19.29 21.71
N PHE I 163 -53.42 -19.28 22.56
CA PHE I 163 -53.77 -18.08 23.29
C PHE I 163 -53.38 -18.21 24.76
N THR I 164 -52.56 -17.27 25.26
CA THR I 164 -52.25 -17.18 26.69
C THR I 164 -52.95 -15.93 27.24
N PRO I 165 -53.75 -16.12 28.29
CA PRO I 165 -54.47 -15.01 28.91
C PRO I 165 -53.53 -14.10 29.72
N VAL I 166 -53.58 -12.79 29.57
CA VAL I 166 -52.71 -11.97 30.39
C VAL I 166 -53.44 -11.14 31.46
N GLY I 167 -54.68 -10.78 31.17
CA GLY I 167 -55.53 -10.07 32.11
C GLY I 167 -56.88 -9.84 31.45
N VAL I 168 -57.58 -8.79 31.91
CA VAL I 168 -58.93 -8.48 31.42
C VAL I 168 -59.10 -7.09 30.78
N GLN I 182 -67.74 -11.70 37.67
CA GLN I 182 -66.98 -12.95 37.77
C GLN I 182 -67.85 -14.21 37.97
N TRP I 183 -69.14 -14.04 38.27
CA TRP I 183 -70.01 -15.18 38.57
C TRP I 183 -70.97 -15.42 37.45
N VAL I 184 -70.71 -14.74 36.34
CA VAL I 184 -71.60 -14.81 35.20
C VAL I 184 -70.99 -15.70 34.15
N LEU I 185 -71.52 -16.92 34.07
CA LEU I 185 -71.15 -17.90 33.01
C LEU I 185 -71.39 -17.37 31.62
N PRO I 186 -70.46 -17.70 30.70
CA PRO I 186 -70.64 -17.43 29.27
C PRO I 186 -71.69 -18.39 28.73
N ASP I 187 -72.29 -18.07 27.59
CA ASP I 187 -73.14 -19.07 26.93
C ASP I 187 -72.21 -19.85 26.03
N TYR I 188 -71.85 -21.06 26.45
CA TYR I 188 -70.75 -21.77 25.82
C TYR I 188 -71.05 -22.11 24.36
N SER I 189 -72.34 -22.32 24.06
CA SER I 189 -72.78 -22.60 22.70
C SER I 189 -73.36 -21.33 22.06
N GLY I 190 -73.05 -20.14 22.60
CA GLY I 190 -73.60 -18.90 22.05
C GLY I 190 -75.04 -18.58 22.46
N ARG I 191 -75.66 -17.66 21.72
CA ARG I 191 -77.05 -17.22 22.00
C ARG I 191 -78.11 -18.33 21.98
N ASP I 192 -78.90 -18.33 23.06
CA ASP I 192 -80.10 -19.16 23.22
C ASP I 192 -79.89 -20.67 23.17
N SER I 193 -78.73 -21.13 23.66
CA SER I 193 -78.52 -22.56 23.82
C SER I 193 -78.33 -22.71 25.31
N HIS I 194 -78.61 -23.89 25.85
CA HIS I 194 -78.39 -24.09 27.27
C HIS I 194 -76.95 -24.57 27.45
N ASN I 195 -76.25 -24.00 28.41
CA ASN I 195 -75.03 -24.61 28.88
C ASN I 195 -75.35 -26.02 29.39
N VAL I 196 -74.57 -27.01 29.00
CA VAL I 196 -74.77 -28.37 29.50
C VAL I 196 -73.67 -28.84 30.48
N HIS I 197 -73.95 -29.91 31.22
CA HIS I 197 -72.96 -30.62 32.06
C HIS I 197 -72.18 -29.78 33.02
N LEU I 198 -72.85 -28.84 33.67
CA LEU I 198 -72.20 -27.86 34.52
C LEU I 198 -71.87 -28.49 35.85
N ALA I 199 -70.68 -28.20 36.38
CA ALA I 199 -70.49 -28.24 37.82
C ALA I 199 -71.61 -27.41 38.48
N PRO I 200 -72.18 -27.94 39.58
CA PRO I 200 -73.34 -27.39 40.30
C PRO I 200 -73.09 -26.03 40.89
N ALA I 201 -74.14 -25.30 41.17
CA ALA I 201 -74.00 -24.05 41.94
C ALA I 201 -73.75 -24.46 43.37
N VAL I 202 -73.07 -23.61 44.16
CA VAL I 202 -72.69 -23.95 45.55
C VAL I 202 -73.14 -22.94 46.62
N ALA I 203 -73.81 -23.41 47.67
CA ALA I 203 -74.25 -22.52 48.75
C ALA I 203 -73.96 -23.10 50.14
N PRO I 204 -73.49 -22.25 51.09
CA PRO I 204 -73.42 -22.71 52.50
C PRO I 204 -74.83 -23.04 53.00
N THR I 205 -75.07 -24.28 53.42
CA THR I 205 -76.40 -24.61 53.90
C THR I 205 -76.32 -25.08 55.36
N PHE I 206 -75.41 -24.46 56.10
CA PHE I 206 -75.40 -24.52 57.55
C PHE I 206 -75.61 -23.09 58.04
N PRO I 207 -76.57 -22.89 58.96
CA PRO I 207 -76.85 -21.48 59.28
C PRO I 207 -75.65 -20.82 59.95
N GLY I 208 -75.31 -19.61 59.54
CA GLY I 208 -74.16 -18.90 60.06
C GLY I 208 -72.84 -19.23 59.39
N GLU I 209 -72.90 -20.00 58.29
CA GLU I 209 -71.73 -20.29 57.44
C GLU I 209 -71.77 -19.45 56.17
N GLN I 210 -70.61 -19.32 55.55
CA GLN I 210 -70.40 -18.58 54.32
C GLN I 210 -69.30 -19.33 53.55
N LEU I 211 -69.33 -19.23 52.22
CA LEU I 211 -68.21 -19.65 51.42
C LEU I 211 -66.93 -19.00 51.95
N LEU I 212 -65.84 -19.77 51.93
CA LEU I 212 -64.49 -19.22 52.11
C LEU I 212 -63.86 -19.23 50.72
N PHE I 213 -63.51 -18.06 50.19
CA PHE I 213 -62.94 -18.00 48.83
C PHE I 213 -61.41 -17.83 48.83
N PHE I 214 -60.75 -18.55 47.90
CA PHE I 214 -59.33 -18.33 47.52
C PHE I 214 -59.25 -17.22 46.49
N ARG I 215 -58.60 -16.11 46.86
CA ARG I 215 -58.75 -14.83 46.18
C ARG I 215 -57.47 -14.25 45.60
N SER I 216 -57.61 -13.72 44.39
CA SER I 216 -56.51 -13.06 43.68
C SER I 216 -56.94 -11.70 43.17
N THR I 217 -55.99 -10.92 42.68
CA THR I 217 -56.25 -9.66 41.98
C THR I 217 -55.97 -9.85 40.49
N MET I 218 -56.87 -9.43 39.62
CA MET I 218 -56.69 -9.75 38.20
C MET I 218 -56.22 -8.59 37.37
N PRO I 219 -55.09 -8.76 36.63
CA PRO I 219 -54.53 -7.55 35.98
C PRO I 219 -55.58 -6.80 35.11
N GLY I 220 -55.43 -5.49 35.00
CA GLY I 220 -56.35 -4.64 34.24
C GLY I 220 -55.65 -3.57 33.44
N ASN I 228 -61.03 -8.32 41.40
CA ASN I 228 -61.18 -9.55 42.19
C ASN I 228 -61.61 -10.83 41.49
N LEU I 229 -60.74 -11.85 41.54
CA LEU I 229 -61.07 -13.21 41.08
C LEU I 229 -61.00 -14.28 42.20
N ASP I 230 -62.17 -14.85 42.52
CA ASP I 230 -62.36 -15.81 43.60
C ASP I 230 -62.46 -17.27 43.06
N CYS I 231 -61.64 -18.18 43.55
CA CYS I 231 -61.90 -19.58 43.22
C CYS I 231 -62.26 -20.35 44.50
N LEU I 232 -62.83 -21.54 44.34
CA LEU I 232 -63.27 -22.27 45.53
C LEU I 232 -62.22 -23.23 46.06
N LEU I 233 -61.26 -23.61 45.22
CA LEU I 233 -60.17 -24.56 45.54
C LEU I 233 -58.91 -23.96 44.87
N PRO I 234 -57.77 -23.92 45.60
CA PRO I 234 -56.50 -23.62 44.89
C PRO I 234 -56.24 -24.68 43.81
N GLN I 235 -55.63 -24.29 42.70
CA GLN I 235 -55.24 -25.27 41.66
C GLN I 235 -54.46 -26.54 42.13
N GLU I 236 -53.63 -26.39 43.16
CA GLU I 236 -52.84 -27.50 43.72
C GLU I 236 -53.74 -28.49 44.51
N TRP I 237 -54.86 -28.00 45.05
CA TRP I 237 -55.84 -28.87 45.70
C TRP I 237 -56.46 -29.74 44.62
N VAL I 238 -56.89 -29.10 43.53
CA VAL I 238 -57.37 -29.86 42.38
C VAL I 238 -56.29 -30.91 42.06
N GLN I 239 -55.02 -30.47 41.89
CA GLN I 239 -54.02 -31.47 41.43
C GLN I 239 -53.90 -32.61 42.47
N HIS I 240 -53.77 -32.20 43.74
CA HIS I 240 -53.70 -33.12 44.87
C HIS I 240 -54.83 -34.16 44.82
N PHE I 241 -56.06 -33.67 44.75
CA PHE I 241 -57.21 -34.55 44.93
C PHE I 241 -57.29 -35.59 43.81
N TYR I 242 -57.10 -35.13 42.57
CA TYR I 242 -57.04 -36.00 41.40
C TYR I 242 -55.93 -37.08 41.48
N GLN I 243 -54.71 -36.66 41.82
CA GLN I 243 -53.61 -37.63 42.05
C GLN I 243 -53.90 -38.64 43.14
N GLU I 244 -54.32 -38.17 44.30
CA GLU I 244 -54.51 -39.07 45.43
C GLU I 244 -55.80 -39.95 45.34
N SER I 245 -56.92 -39.34 44.95
CA SER I 245 -58.26 -39.95 45.04
C SER I 245 -58.46 -40.67 46.34
N ALA I 246 -58.04 -40.11 47.47
CA ALA I 246 -58.35 -40.74 48.76
C ALA I 246 -59.89 -40.72 48.97
N PRO I 247 -60.51 -41.88 49.24
CA PRO I 247 -61.98 -42.01 49.44
C PRO I 247 -62.47 -41.05 50.53
N ALA I 248 -63.58 -40.35 50.30
CA ALA I 248 -64.17 -39.55 51.39
C ALA I 248 -64.85 -40.46 52.40
N GLN I 249 -64.60 -40.24 53.68
CA GLN I 249 -65.26 -41.07 54.68
C GLN I 249 -66.57 -40.47 55.17
N SER I 250 -66.84 -39.20 54.83
CA SER I 250 -68.13 -38.54 55.10
C SER I 250 -68.30 -37.47 54.01
N ASP I 251 -69.28 -36.59 54.14
CA ASP I 251 -69.37 -35.50 53.18
C ASP I 251 -68.58 -34.28 53.62
N VAL I 252 -67.92 -34.33 54.77
CA VAL I 252 -67.37 -33.09 55.31
C VAL I 252 -66.01 -33.30 55.97
N ALA I 253 -64.98 -32.61 55.43
CA ALA I 253 -63.62 -32.72 55.99
C ALA I 253 -63.25 -31.53 56.91
N LEU I 254 -63.15 -31.76 58.22
CA LEU I 254 -62.79 -30.66 59.11
C LEU I 254 -61.31 -30.27 58.88
N LEU I 255 -61.07 -29.01 58.50
CA LEU I 255 -59.70 -28.50 58.34
C LEU I 255 -59.35 -27.47 59.46
N ARG I 256 -58.11 -27.53 59.93
CA ARG I 256 -57.63 -26.45 60.77
C ARG I 256 -56.55 -25.72 60.05
N PHE I 257 -56.55 -24.40 60.21
CA PHE I 257 -55.56 -23.62 59.55
C PHE I 257 -54.67 -23.11 60.66
N VAL I 258 -53.40 -23.53 60.55
CA VAL I 258 -52.47 -23.49 61.70
C VAL I 258 -51.35 -22.49 61.48
N ASN I 259 -50.84 -21.89 62.55
CA ASN I 259 -49.69 -21.01 62.44
C ASN I 259 -48.45 -21.72 62.96
N PRO I 260 -47.53 -22.12 62.06
CA PRO I 260 -46.36 -23.00 62.38
C PRO I 260 -45.35 -22.44 63.41
N ASP I 261 -45.31 -21.12 63.58
CA ASP I 261 -44.44 -20.49 64.59
C ASP I 261 -44.90 -20.84 66.02
N THR I 262 -46.07 -20.27 66.38
CA THR I 262 -46.76 -20.51 67.64
C THR I 262 -47.37 -21.94 67.73
N GLY I 263 -47.33 -22.68 66.63
CA GLY I 263 -48.05 -23.95 66.50
C GLY I 263 -49.57 -23.95 66.71
N ARG I 264 -50.19 -22.82 67.08
CA ARG I 264 -51.64 -22.75 67.38
C ARG I 264 -52.67 -22.66 66.22
N VAL I 265 -53.93 -23.04 66.51
CA VAL I 265 -55.03 -22.95 65.54
C VAL I 265 -55.60 -21.52 65.41
N LEU I 266 -55.61 -20.98 64.18
CA LEU I 266 -56.16 -19.66 63.91
C LEU I 266 -57.69 -19.72 63.66
N PHE I 267 -58.12 -20.55 62.71
CA PHE I 267 -59.54 -20.74 62.46
C PHE I 267 -59.74 -22.15 61.92
N GLU I 268 -60.99 -22.64 61.91
CA GLU I 268 -61.26 -23.93 61.33
C GLU I 268 -62.29 -23.80 60.21
N CYS I 269 -62.41 -24.79 59.32
CA CYS I 269 -63.44 -24.73 58.28
C CYS I 269 -63.84 -26.11 57.74
N LYS I 270 -64.96 -26.17 57.01
CA LYS I 270 -65.42 -27.42 56.39
C LYS I 270 -65.02 -27.40 54.92
N LEU I 271 -64.42 -28.49 54.49
CA LEU I 271 -64.07 -28.68 53.08
C LEU I 271 -65.03 -29.77 52.72
N HIS I 272 -66.00 -29.43 51.88
CA HIS I 272 -67.04 -30.35 51.47
C HIS I 272 -66.55 -31.27 50.36
N LYS I 273 -66.91 -32.53 50.47
CA LYS I 273 -66.57 -33.58 49.49
C LYS I 273 -66.70 -33.16 47.99
N SER I 274 -67.78 -32.45 47.65
CA SER I 274 -68.05 -31.96 46.27
C SER I 274 -67.16 -30.78 45.83
N GLY I 275 -66.27 -30.32 46.72
CA GLY I 275 -65.14 -29.47 46.33
C GLY I 275 -65.29 -27.98 46.65
N TYR I 276 -65.45 -27.62 47.93
CA TYR I 276 -65.54 -26.20 48.30
C TYR I 276 -65.52 -25.97 49.82
N VAL I 277 -65.21 -24.74 50.24
CA VAL I 277 -64.92 -24.51 51.64
C VAL I 277 -65.88 -23.52 52.37
N THR I 278 -66.35 -23.89 53.56
CA THR I 278 -67.11 -22.96 54.39
C THR I 278 -66.51 -22.65 55.77
N VAL I 279 -66.72 -21.42 56.23
CA VAL I 279 -66.26 -20.97 57.53
C VAL I 279 -67.49 -20.40 58.29
N ALA I 280 -67.50 -20.50 59.63
CA ALA I 280 -68.59 -19.87 60.38
C ALA I 280 -68.33 -18.35 60.54
N HIS I 281 -69.01 -17.54 59.72
CA HIS I 281 -68.89 -16.06 59.84
C HIS I 281 -70.05 -15.35 59.09
N THR I 282 -70.40 -14.17 59.58
CA THR I 282 -71.42 -13.39 58.91
C THR I 282 -70.83 -12.06 58.49
N GLY I 283 -70.70 -11.85 57.19
CA GLY I 283 -70.29 -10.55 56.67
C GLY I 283 -68.99 -10.64 55.91
N GLN I 284 -68.62 -9.50 55.35
CA GLN I 284 -67.33 -9.38 54.66
C GLN I 284 -66.10 -9.47 55.59
N HIS I 285 -65.15 -10.33 55.24
CA HIS I 285 -63.88 -10.35 55.94
C HIS I 285 -62.73 -10.85 55.08
N ASP I 286 -61.70 -10.00 54.96
CA ASP I 286 -60.39 -10.40 54.45
C ASP I 286 -59.62 -11.04 55.62
N LEU I 287 -59.43 -12.37 55.59
CA LEU I 287 -58.77 -13.07 56.71
C LEU I 287 -57.34 -12.57 56.96
N VAL I 288 -56.99 -12.32 58.21
CA VAL I 288 -55.64 -11.88 58.49
C VAL I 288 -54.84 -13.12 58.83
N ILE I 289 -53.94 -13.54 57.92
CA ILE I 289 -53.14 -14.76 58.16
C ILE I 289 -51.62 -14.50 58.21
N PRO I 290 -50.91 -15.27 59.05
CA PRO I 290 -49.44 -15.36 58.96
C PRO I 290 -49.00 -15.96 57.61
N PRO I 291 -47.94 -15.39 56.99
CA PRO I 291 -47.57 -15.78 55.62
C PRO I 291 -47.24 -17.29 55.43
N ASN I 292 -46.83 -17.97 56.50
CA ASN I 292 -46.44 -19.37 56.36
C ASN I 292 -47.46 -20.29 57.11
N GLY I 293 -48.66 -19.76 57.31
CA GLY I 293 -49.80 -20.57 57.73
C GLY I 293 -50.27 -21.53 56.64
N TYR I 294 -50.83 -22.67 57.09
CA TYR I 294 -51.29 -23.73 56.19
C TYR I 294 -52.57 -24.44 56.65
N PHE I 295 -53.16 -25.20 55.74
CA PHE I 295 -54.31 -25.99 56.09
C PHE I 295 -53.90 -27.39 56.48
N ARG I 296 -54.60 -27.97 57.44
CA ARG I 296 -54.33 -29.34 57.89
C ARG I 296 -55.64 -30.11 58.09
N PHE I 297 -55.76 -31.30 57.47
CA PHE I 297 -56.95 -32.18 57.67
C PHE I 297 -57.04 -32.78 59.09
N ASP I 298 -58.11 -32.51 59.87
CA ASP I 298 -58.27 -33.16 61.21
C ASP I 298 -59.07 -34.45 61.23
N SER I 299 -60.34 -34.40 60.83
CA SER I 299 -61.07 -35.66 60.64
C SER I 299 -62.30 -35.42 59.80
N TRP I 300 -62.94 -36.53 59.43
CA TRP I 300 -64.26 -36.48 58.82
C TRP I 300 -65.34 -36.25 59.88
N VAL I 301 -66.34 -35.51 59.50
CA VAL I 301 -67.42 -35.17 60.37
C VAL I 301 -68.69 -35.27 59.58
N ASN I 302 -69.82 -35.18 60.25
CA ASN I 302 -71.10 -35.25 59.60
C ASN I 302 -71.65 -33.87 59.36
N GLN I 303 -72.77 -33.78 58.67
CA GLN I 303 -73.38 -32.52 58.33
C GLN I 303 -73.85 -31.70 59.52
N PHE I 304 -74.06 -32.36 60.64
CA PHE I 304 -74.50 -31.66 61.82
C PHE I 304 -73.49 -30.64 62.32
N TYR I 305 -72.23 -30.98 62.14
CA TYR I 305 -71.14 -30.31 62.82
C TYR I 305 -71.18 -28.80 62.89
N THR I 306 -70.92 -28.28 64.09
CA THR I 306 -70.81 -26.83 64.32
C THR I 306 -69.37 -26.29 64.43
N LEU I 307 -69.00 -25.49 63.44
CA LEU I 307 -67.69 -24.86 63.38
C LEU I 307 -67.52 -23.82 64.48
N ALA I 308 -66.35 -23.79 65.12
CA ALA I 308 -66.01 -22.66 66.01
C ALA I 308 -66.07 -21.38 65.19
N PRO I 309 -66.63 -20.30 65.77
CA PRO I 309 -66.54 -18.98 65.09
C PRO I 309 -65.14 -18.63 64.53
N MET I 310 -65.11 -18.19 63.28
CA MET I 310 -63.86 -17.92 62.56
C MET I 310 -63.01 -16.87 63.29
N LYS J 5 -45.02 -37.98 20.57
CA LYS J 5 -43.86 -38.22 19.63
C LYS J 5 -42.47 -38.19 20.34
N PRO J 6 -41.84 -39.36 20.63
CA PRO J 6 -40.58 -39.29 21.46
C PRO J 6 -39.40 -38.60 20.71
N PHE J 7 -38.65 -37.75 21.43
CA PHE J 7 -37.51 -37.09 20.84
C PHE J 7 -36.34 -38.05 20.57
N THR J 8 -35.60 -37.79 19.49
CA THR J 8 -34.41 -38.59 19.15
C THR J 8 -33.34 -37.80 18.40
N VAL J 9 -32.15 -38.38 18.33
CA VAL J 9 -31.12 -37.87 17.44
C VAL J 9 -30.70 -39.02 16.54
N PRO J 10 -30.32 -38.71 15.28
CA PRO J 10 -29.93 -39.68 14.24
C PRO J 10 -28.96 -40.69 14.83
N ILE J 11 -28.98 -41.93 14.39
CA ILE J 11 -27.92 -42.81 14.78
C ILE J 11 -26.82 -42.68 13.76
N LEU J 12 -25.97 -41.73 13.97
CA LEU J 12 -24.88 -41.52 13.07
C LEU J 12 -23.58 -41.28 13.85
N THR J 13 -22.45 -41.86 13.45
CA THR J 13 -21.16 -41.43 14.07
C THR J 13 -20.74 -40.03 13.58
N VAL J 14 -19.73 -39.51 14.24
CA VAL J 14 -19.36 -38.14 14.00
C VAL J 14 -18.89 -38.08 12.58
N GLU J 15 -18.12 -39.09 12.20
CA GLU J 15 -17.56 -39.12 10.85
C GLU J 15 -18.56 -39.42 9.73
N GLU J 16 -19.71 -40.02 10.07
CA GLU J 16 -20.73 -40.11 9.05
C GLU J 16 -21.53 -38.85 8.90
N MET J 17 -21.29 -37.80 9.69
CA MET J 17 -22.06 -36.56 9.55
C MET J 17 -21.34 -35.39 8.89
N THR J 18 -22.07 -34.30 8.69
CA THR J 18 -21.57 -33.26 7.86
C THR J 18 -21.64 -31.94 8.59
N ASN J 19 -20.68 -31.08 8.31
CA ASN J 19 -20.61 -29.81 9.01
C ASN J 19 -21.75 -28.95 8.49
N SER J 20 -22.37 -28.16 9.34
CA SER J 20 -23.46 -27.39 8.85
C SER J 20 -23.10 -25.98 8.46
N ARG J 21 -21.84 -25.61 8.59
CA ARG J 21 -21.44 -24.23 8.22
C ARG J 21 -20.62 -24.20 6.96
N PHE J 22 -20.25 -25.35 6.45
CA PHE J 22 -19.51 -25.43 5.18
C PHE J 22 -19.73 -26.86 4.67
N PRO J 23 -19.70 -27.05 3.35
CA PRO J 23 -20.13 -28.37 2.91
C PRO J 23 -18.99 -29.41 2.90
N ILE J 24 -18.62 -29.91 4.09
CA ILE J 24 -17.64 -31.00 4.14
C ILE J 24 -18.01 -31.82 5.36
N PRO J 25 -17.48 -33.05 5.48
CA PRO J 25 -17.82 -33.96 6.56
C PRO J 25 -17.28 -33.41 7.86
N LEU J 26 -17.93 -33.76 9.00
CA LEU J 26 -17.39 -33.56 10.36
C LEU J 26 -16.15 -34.42 10.56
N GLU J 27 -15.23 -34.05 11.45
CA GLU J 27 -14.04 -34.86 11.66
C GLU J 27 -13.93 -35.24 13.11
N LYS J 28 -14.42 -34.38 14.01
CA LYS J 28 -14.13 -34.66 15.39
C LYS J 28 -14.87 -33.71 16.31
N LEU J 29 -14.87 -34.02 17.60
CA LEU J 29 -15.47 -33.20 18.63
C LEU J 29 -14.39 -32.40 19.40
N PHE J 30 -14.69 -31.12 19.58
CA PHE J 30 -13.83 -30.26 20.33
C PHE J 30 -14.60 -29.50 21.40
N THR J 31 -13.99 -29.28 22.56
CA THR J 31 -14.59 -28.38 23.56
C THR J 31 -13.53 -27.40 24.06
N GLY J 32 -14.00 -26.20 24.42
CA GLY J 32 -13.10 -25.14 24.89
C GLY J 32 -13.91 -24.05 25.53
N PRO J 33 -13.28 -23.17 26.33
CA PRO J 33 -14.04 -22.06 26.94
C PRO J 33 -14.33 -21.05 25.84
N SER J 34 -15.40 -20.29 25.98
CA SER J 34 -15.82 -19.43 24.86
C SER J 34 -16.24 -18.01 25.30
N SER J 35 -15.80 -17.54 26.45
CA SER J 35 -16.21 -16.21 26.80
C SER J 35 -15.37 -15.16 26.09
N ALA J 36 -14.21 -15.55 25.59
CA ALA J 36 -13.36 -14.58 24.92
C ALA J 36 -13.81 -14.33 23.46
N PHE J 37 -14.81 -15.06 22.97
CA PHE J 37 -15.42 -14.77 21.65
C PHE J 37 -16.97 -14.95 21.64
N VAL J 38 -17.58 -14.41 20.62
CA VAL J 38 -19.01 -14.49 20.45
C VAL J 38 -19.40 -15.68 19.56
N VAL J 39 -20.23 -16.57 20.08
CA VAL J 39 -20.61 -17.74 19.35
C VAL J 39 -22.02 -17.57 18.82
N GLN J 40 -22.11 -16.96 17.64
CA GLN J 40 -23.40 -16.63 17.03
C GLN J 40 -23.43 -17.08 15.57
N PRO J 41 -23.11 -18.35 15.32
CA PRO J 41 -23.15 -18.79 13.92
C PRO J 41 -24.60 -18.72 13.39
N GLN J 42 -24.78 -18.63 12.10
CA GLN J 42 -26.15 -18.42 11.60
C GLN J 42 -26.63 -19.65 10.80
N ASN J 43 -25.65 -20.43 10.30
CA ASN J 43 -25.88 -21.77 9.74
C ASN J 43 -25.79 -22.88 10.82
N GLY J 44 -26.41 -24.04 10.58
CA GLY J 44 -26.41 -25.02 11.63
C GLY J 44 -27.15 -24.60 12.91
N ARG J 45 -28.27 -23.88 12.76
CA ARG J 45 -29.05 -23.45 13.91
C ARG J 45 -30.48 -23.87 13.71
N CYS J 46 -30.98 -24.58 14.73
CA CYS J 46 -32.30 -25.21 14.69
C CYS J 46 -32.76 -25.58 16.09
N THR J 47 -34.02 -25.38 16.43
CA THR J 47 -34.45 -25.81 17.77
C THR J 47 -34.62 -27.33 17.82
N THR J 48 -34.68 -27.92 19.00
CA THR J 48 -34.84 -29.36 18.96
C THR J 48 -36.21 -29.74 18.43
N ASP J 49 -37.20 -28.86 18.49
CA ASP J 49 -38.46 -29.27 17.83
C ASP J 49 -38.58 -28.82 16.36
N GLY J 50 -37.46 -28.48 15.74
CA GLY J 50 -37.45 -28.35 14.32
C GLY J 50 -37.80 -26.99 13.75
N ALA J 51 -37.67 -25.92 14.53
CA ALA J 51 -37.78 -24.57 14.01
C ALA J 51 -36.37 -24.16 13.58
N LEU J 52 -36.20 -23.82 12.31
CA LEU J 52 -34.91 -23.43 11.77
C LEU J 52 -34.57 -22.00 12.15
N LEU J 53 -33.30 -21.67 12.43
CA LEU J 53 -32.99 -20.30 12.79
C LEU J 53 -31.94 -19.61 11.90
N GLY J 54 -31.89 -18.27 11.98
CA GLY J 54 -30.83 -17.53 11.34
C GLY J 54 -30.89 -17.80 9.85
N THR J 55 -29.77 -18.18 9.23
CA THR J 55 -29.78 -18.41 7.77
C THR J 55 -29.81 -19.89 7.42
N THR J 56 -30.28 -20.71 8.37
CA THR J 56 -30.16 -22.16 8.20
C THR J 56 -31.14 -22.80 7.20
N GLN J 57 -30.66 -23.65 6.30
CA GLN J 57 -31.61 -24.35 5.44
C GLN J 57 -31.30 -25.85 5.33
N LEU J 58 -31.97 -26.61 4.48
CA LEU J 58 -31.88 -28.07 4.71
C LEU J 58 -30.73 -28.67 3.95
N SER J 59 -30.38 -28.01 2.85
CA SER J 59 -29.44 -28.61 1.89
C SER J 59 -28.02 -28.66 2.40
N PRO J 60 -27.45 -29.85 2.56
CA PRO J 60 -26.06 -29.82 2.98
C PRO J 60 -25.13 -29.29 1.92
N VAL J 61 -25.54 -29.25 0.66
CA VAL J 61 -24.60 -28.78 -0.37
C VAL J 61 -24.73 -27.29 -0.67
N ASP J 62 -25.91 -26.74 -0.47
CA ASP J 62 -26.06 -25.35 -0.73
C ASP J 62 -25.56 -24.39 0.35
N ILE J 63 -24.50 -24.72 1.07
CA ILE J 63 -23.97 -23.84 2.13
C ILE J 63 -22.74 -23.12 1.65
N CYS J 64 -22.74 -21.79 1.72
CA CYS J 64 -21.67 -21.01 1.09
C CYS J 64 -21.64 -21.11 -0.42
N THR J 65 -22.78 -21.42 -1.02
CA THR J 65 -23.00 -21.27 -2.48
C THR J 65 -23.72 -19.95 -2.76
N PHE J 66 -23.70 -19.49 -4.02
CA PHE J 66 -24.42 -18.30 -4.50
C PHE J 66 -24.90 -18.55 -5.96
N ARG J 67 -26.01 -17.95 -6.31
CA ARG J 67 -26.54 -18.01 -7.65
C ARG J 67 -27.04 -16.69 -8.10
N GLY J 68 -26.97 -16.40 -9.38
CA GLY J 68 -27.61 -15.20 -9.87
C GLY J 68 -27.08 -14.88 -11.22
N ASP J 69 -27.20 -13.63 -11.63
CA ASP J 69 -26.56 -13.22 -12.86
C ASP J 69 -25.42 -12.30 -12.48
N VAL J 70 -24.57 -12.01 -13.44
CA VAL J 70 -23.30 -11.46 -13.05
C VAL J 70 -22.94 -10.31 -13.99
N THR J 71 -22.09 -9.41 -13.57
CA THR J 71 -21.82 -8.18 -14.33
C THR J 71 -20.37 -7.80 -14.13
N HIS J 72 -19.61 -7.63 -15.20
CA HIS J 72 -18.18 -7.32 -15.07
C HIS J 72 -17.97 -5.92 -14.47
N ILE J 73 -16.84 -5.76 -13.81
CA ILE J 73 -16.49 -4.45 -13.31
C ILE J 73 -15.32 -3.91 -14.13
N ALA J 74 -15.64 -2.84 -14.85
CA ALA J 74 -14.75 -2.23 -15.83
C ALA J 74 -13.29 -2.18 -15.33
N GLY J 75 -12.38 -2.75 -16.15
CA GLY J 75 -10.95 -2.57 -15.97
C GLY J 75 -10.39 -3.17 -14.70
N THR J 76 -11.03 -4.25 -14.24
CA THR J 76 -10.61 -5.02 -13.09
C THR J 76 -10.80 -6.43 -13.56
N GLN J 77 -10.64 -7.38 -12.66
CA GLN J 77 -11.06 -8.75 -12.93
C GLN J 77 -12.17 -9.22 -11.98
N ASN J 78 -12.98 -8.27 -11.49
CA ASN J 78 -14.05 -8.61 -10.55
C ASN J 78 -15.46 -8.60 -11.15
N TYR J 79 -16.35 -9.46 -10.63
CA TYR J 79 -17.78 -9.34 -10.95
C TYR J 79 -18.66 -9.09 -9.73
N THR J 80 -19.82 -8.50 -10.00
CA THR J 80 -20.84 -8.31 -9.00
C THR J 80 -21.84 -9.34 -9.40
N MET J 81 -22.37 -10.12 -8.46
CA MET J 81 -23.43 -11.06 -8.78
C MET J 81 -24.70 -10.54 -8.14
N ASN J 82 -25.79 -10.40 -8.90
CA ASN J 82 -27.11 -10.15 -8.28
C ASN J 82 -27.70 -11.44 -7.86
N LEU J 83 -27.97 -11.59 -6.56
CA LEU J 83 -28.30 -12.94 -6.07
C LEU J 83 -29.71 -13.32 -6.40
N ALA J 84 -29.94 -14.60 -6.66
CA ALA J 84 -31.29 -15.10 -6.69
C ALA J 84 -31.37 -16.17 -5.63
N SER J 85 -32.54 -16.78 -5.49
CA SER J 85 -32.74 -17.81 -4.49
C SER J 85 -32.40 -19.20 -5.00
N GLN J 86 -32.43 -20.17 -4.11
CA GLN J 86 -31.90 -21.49 -4.46
C GLN J 86 -32.59 -22.14 -5.69
N ASN J 87 -33.82 -21.72 -5.97
CA ASN J 87 -34.54 -22.27 -7.11
C ASN J 87 -34.52 -21.29 -8.28
N TRP J 88 -33.58 -20.35 -8.25
CA TRP J 88 -33.48 -19.32 -9.29
C TRP J 88 -34.58 -18.27 -9.25
N ASN J 89 -35.38 -18.26 -8.20
CA ASN J 89 -36.35 -17.19 -8.03
C ASN J 89 -35.81 -15.93 -7.41
N ASN J 90 -36.55 -14.83 -7.51
CA ASN J 90 -35.98 -13.62 -6.96
C ASN J 90 -35.68 -13.74 -5.46
N TYR J 91 -34.55 -13.14 -5.08
CA TYR J 91 -34.20 -13.03 -3.69
C TYR J 91 -34.94 -11.82 -3.19
N ASP J 92 -35.77 -12.01 -2.17
CA ASP J 92 -36.54 -10.92 -1.60
C ASP J 92 -35.91 -10.35 -0.30
N PRO J 93 -35.26 -9.19 -0.38
CA PRO J 93 -34.46 -8.76 0.77
C PRO J 93 -35.29 -8.34 1.94
N THR J 94 -36.61 -8.42 1.80
CA THR J 94 -37.52 -7.95 2.87
C THR J 94 -37.99 -9.14 3.69
N GLU J 95 -37.75 -10.34 3.20
CA GLU J 95 -38.12 -11.49 3.98
C GLU J 95 -37.33 -11.49 5.29
N GLU J 96 -37.94 -11.91 6.38
CA GLU J 96 -37.30 -11.65 7.67
C GLU J 96 -36.19 -12.65 8.05
N ILE J 97 -35.12 -12.62 7.25
CA ILE J 97 -33.94 -13.43 7.51
C ILE J 97 -32.67 -12.56 7.42
N PRO J 98 -31.61 -12.98 8.14
CA PRO J 98 -30.39 -12.14 8.14
C PRO J 98 -29.87 -11.89 6.73
N ALA J 99 -30.03 -12.87 5.83
CA ALA J 99 -29.47 -12.86 4.46
C ALA J 99 -30.04 -14.10 3.80
N PRO J 100 -29.69 -14.35 2.53
CA PRO J 100 -30.19 -15.55 1.81
C PRO J 100 -29.79 -16.78 2.58
N LEU J 101 -30.68 -17.76 2.69
CA LEU J 101 -30.42 -18.92 3.48
C LEU J 101 -29.11 -19.49 2.94
N GLY J 102 -28.29 -20.10 3.78
CA GLY J 102 -27.04 -20.71 3.30
C GLY J 102 -25.85 -19.75 3.15
N THR J 103 -26.12 -18.42 3.20
CA THR J 103 -25.04 -17.44 3.22
C THR J 103 -23.95 -17.82 4.27
N PRO J 104 -22.67 -17.70 3.88
CA PRO J 104 -21.54 -17.82 4.83
C PRO J 104 -21.76 -16.95 6.08
N ASP J 105 -21.48 -17.52 7.26
CA ASP J 105 -21.63 -16.85 8.54
C ASP J 105 -20.28 -16.58 9.20
N PHE J 106 -19.27 -16.27 8.41
CA PHE J 106 -17.99 -15.91 9.00
C PHE J 106 -17.23 -14.97 8.07
N VAL J 107 -16.30 -14.20 8.62
CA VAL J 107 -15.55 -13.25 7.82
C VAL J 107 -14.31 -13.96 7.28
N GLY J 108 -14.18 -14.14 5.97
CA GLY J 108 -13.06 -14.91 5.46
C GLY J 108 -13.04 -14.83 3.93
N LYS J 109 -11.94 -15.26 3.33
CA LYS J 109 -11.94 -15.26 1.87
C LYS J 109 -12.15 -16.67 1.43
N ILE J 110 -13.34 -16.90 0.85
CA ILE J 110 -13.68 -18.23 0.38
C ILE J 110 -13.33 -18.43 -1.09
N GLN J 111 -12.45 -19.40 -1.38
CA GLN J 111 -12.08 -19.62 -2.76
C GLN J 111 -12.91 -20.75 -3.31
N GLY J 112 -13.42 -20.53 -4.51
CA GLY J 112 -14.07 -21.63 -5.26
C GLY J 112 -14.12 -21.42 -6.76
N VAL J 113 -15.22 -21.84 -7.37
CA VAL J 113 -15.31 -21.73 -8.80
C VAL J 113 -16.65 -21.14 -9.20
N LEU J 114 -16.59 -20.20 -10.11
CA LEU J 114 -17.75 -19.59 -10.73
C LEU J 114 -17.99 -20.21 -12.15
N THR J 115 -19.11 -20.91 -12.33
CA THR J 115 -19.43 -21.51 -13.59
C THR J 115 -20.69 -20.88 -14.15
N GLN J 116 -20.90 -21.07 -15.45
CA GLN J 116 -22.03 -20.44 -16.08
C GLN J 116 -22.42 -21.20 -17.34
N THR J 117 -23.71 -21.20 -17.65
CA THR J 117 -24.20 -21.81 -18.89
C THR J 117 -24.91 -20.73 -19.71
N THR J 118 -24.51 -20.55 -20.96
CA THR J 118 -25.34 -19.71 -21.84
C THR J 118 -26.60 -20.47 -22.29
N ARG J 119 -27.82 -20.01 -21.95
CA ARG J 119 -28.99 -20.88 -22.20
C ARG J 119 -29.17 -21.20 -23.70
N ARG J 120 -29.15 -20.16 -24.55
CA ARG J 120 -29.49 -20.38 -25.96
C ARG J 120 -28.73 -21.54 -26.62
N ASP J 121 -27.43 -21.68 -26.36
CA ASP J 121 -26.65 -22.69 -27.09
C ASP J 121 -25.94 -23.75 -26.25
N GLY J 122 -26.26 -23.83 -24.96
CA GLY J 122 -25.67 -24.84 -24.09
C GLY J 122 -24.15 -24.71 -23.79
N SER J 123 -23.52 -23.60 -24.14
CA SER J 123 -22.06 -23.51 -23.92
C SER J 123 -21.74 -23.12 -22.46
N THR J 124 -20.54 -23.47 -21.98
CA THR J 124 -20.20 -23.27 -20.55
C THR J 124 -18.77 -22.79 -20.27
N ARG J 125 -18.62 -22.19 -19.08
CA ARG J 125 -17.48 -21.39 -18.61
C ARG J 125 -17.31 -21.75 -17.13
N GLY J 126 -16.08 -22.10 -16.75
CA GLY J 126 -15.65 -22.22 -15.33
C GLY J 126 -14.43 -21.35 -15.05
N HIS J 127 -14.46 -20.60 -13.95
CA HIS J 127 -13.33 -19.73 -13.57
C HIS J 127 -13.10 -19.64 -12.08
N LYS J 128 -11.84 -19.78 -11.68
CA LYS J 128 -11.43 -19.60 -10.28
C LYS J 128 -11.94 -18.28 -9.66
N ALA J 129 -12.53 -18.34 -8.49
CA ALA J 129 -13.15 -17.12 -8.00
C ALA J 129 -13.06 -17.02 -6.47
N THR J 130 -12.95 -15.81 -5.95
CA THR J 130 -12.88 -15.69 -4.52
C THR J 130 -13.91 -14.67 -4.04
N VAL J 131 -14.53 -14.96 -2.89
CA VAL J 131 -15.44 -14.00 -2.30
C VAL J 131 -14.94 -13.70 -0.91
N SER J 132 -14.86 -12.40 -0.62
CA SER J 132 -14.24 -11.92 0.57
C SER J 132 -15.37 -11.41 1.49
N THR J 133 -15.76 -12.18 2.50
CA THR J 133 -17.01 -11.90 3.13
C THR J 133 -16.95 -10.71 4.05
N GLY J 134 -15.73 -10.21 4.32
CA GLY J 134 -15.56 -9.06 5.20
C GLY J 134 -15.49 -7.83 4.32
N SER J 135 -15.53 -7.98 3.02
CA SER J 135 -15.33 -6.82 2.15
C SER J 135 -16.53 -5.85 2.12
N VAL J 136 -16.24 -4.59 1.82
CA VAL J 136 -17.25 -3.57 1.80
C VAL J 136 -18.38 -3.92 0.79
N HIS J 137 -18.04 -4.65 -0.27
CA HIS J 137 -18.99 -5.08 -1.32
C HIS J 137 -19.72 -6.41 -1.06
N PHE J 138 -19.58 -6.92 0.15
CA PHE J 138 -20.27 -8.12 0.48
C PHE J 138 -21.62 -7.72 1.06
N THR J 139 -22.62 -7.53 0.22
CA THR J 139 -23.93 -7.17 0.78
C THR J 139 -25.07 -8.12 0.35
N PRO J 140 -24.91 -9.40 0.75
CA PRO J 140 -25.91 -10.40 0.37
C PRO J 140 -27.31 -10.03 0.88
N LYS J 141 -27.43 -9.49 2.08
CA LYS J 141 -28.77 -9.14 2.55
C LYS J 141 -29.44 -8.15 1.58
N LEU J 142 -28.62 -7.32 0.89
CA LEU J 142 -29.09 -6.32 -0.08
C LEU J 142 -29.36 -6.94 -1.44
N GLY J 143 -28.72 -8.05 -1.77
CA GLY J 143 -29.10 -8.76 -2.99
C GLY J 143 -27.89 -8.78 -3.88
N SER J 144 -26.74 -8.50 -3.28
CA SER J 144 -25.59 -8.34 -4.12
C SER J 144 -24.28 -8.73 -3.39
N VAL J 145 -23.37 -9.37 -4.11
CA VAL J 145 -22.16 -9.80 -3.52
C VAL J 145 -21.13 -9.63 -4.60
N GLN J 146 -19.86 -9.64 -4.24
CA GLN J 146 -18.83 -9.44 -5.26
C GLN J 146 -17.67 -10.46 -5.21
N PHE J 147 -17.27 -10.94 -6.39
CA PHE J 147 -16.24 -11.98 -6.55
C PHE J 147 -14.99 -11.44 -7.27
N SER J 148 -13.79 -11.85 -6.88
CA SER J 148 -12.65 -11.62 -7.77
C SER J 148 -12.31 -12.92 -8.51
N THR J 149 -11.83 -12.80 -9.75
CA THR J 149 -11.70 -13.95 -10.61
C THR J 149 -10.42 -13.81 -11.40
N ASP J 150 -10.29 -14.65 -12.43
CA ASP J 150 -9.12 -14.62 -13.37
C ASP J 150 -9.50 -14.42 -14.85
N THR J 151 -10.71 -13.92 -15.09
CA THR J 151 -11.16 -13.54 -16.41
C THR J 151 -11.56 -12.09 -16.32
N SER J 152 -11.37 -11.39 -17.43
CA SER J 152 -11.77 -10.00 -17.50
C SER J 152 -12.85 -9.83 -18.51
N ASN J 153 -12.97 -10.77 -19.43
CA ASN J 153 -13.98 -10.64 -20.46
C ASN J 153 -14.88 -11.82 -20.70
N ASP J 154 -14.60 -12.95 -20.05
CA ASP J 154 -15.32 -14.22 -20.26
C ASP J 154 -16.80 -14.42 -19.90
N PHE J 155 -17.25 -13.92 -18.76
CA PHE J 155 -18.60 -14.14 -18.28
C PHE J 155 -19.64 -13.29 -18.99
N GLU J 156 -20.82 -13.81 -19.21
CA GLU J 156 -21.87 -13.11 -19.96
C GLU J 156 -22.94 -12.56 -19.04
N THR J 157 -23.59 -11.48 -19.46
CA THR J 157 -24.62 -10.92 -18.60
C THR J 157 -25.89 -11.70 -18.88
N GLY J 158 -26.89 -11.53 -18.02
CA GLY J 158 -28.18 -12.19 -18.14
C GLY J 158 -28.16 -13.71 -18.24
N GLN J 159 -27.10 -14.34 -17.78
CA GLN J 159 -27.04 -15.79 -17.82
C GLN J 159 -26.76 -16.41 -16.46
N ASN J 160 -27.53 -17.46 -16.15
CA ASN J 160 -27.44 -18.20 -14.89
C ASN J 160 -26.01 -18.53 -14.47
N THR J 161 -25.55 -17.87 -13.40
CA THR J 161 -24.23 -18.16 -12.81
C THR J 161 -24.23 -18.72 -11.39
N ARG J 162 -23.26 -19.62 -11.13
CA ARG J 162 -23.22 -20.38 -9.90
C ARG J 162 -21.80 -20.32 -9.27
N PHE J 163 -21.71 -20.38 -7.94
CA PHE J 163 -20.42 -20.40 -7.27
C PHE J 163 -20.38 -21.62 -6.39
N THR J 164 -19.39 -22.48 -6.58
CA THR J 164 -19.24 -23.64 -5.70
C THR J 164 -18.08 -23.39 -4.76
N PRO J 165 -18.34 -23.41 -3.46
CA PRO J 165 -17.18 -23.07 -2.62
C PRO J 165 -16.17 -24.24 -2.56
N VAL J 166 -14.90 -24.01 -2.29
CA VAL J 166 -13.99 -25.15 -2.14
C VAL J 166 -13.18 -25.09 -0.86
N GLY J 167 -12.67 -23.90 -0.53
CA GLY J 167 -11.87 -23.76 0.69
C GLY J 167 -11.59 -22.32 1.02
N VAL J 168 -10.58 -22.11 1.85
CA VAL J 168 -10.28 -20.74 2.29
C VAL J 168 -8.82 -20.41 2.07
N VAL J 169 -8.51 -19.14 2.25
CA VAL J 169 -7.31 -18.57 1.72
C VAL J 169 -6.85 -17.57 2.77
N GLN J 170 -5.56 -17.29 2.86
CA GLN J 170 -5.08 -16.26 3.77
C GLN J 170 -3.81 -15.70 3.17
N ASP J 171 -3.38 -14.52 3.60
CA ASP J 171 -2.20 -13.86 3.04
C ASP J 171 -0.94 -14.22 3.83
N GLY J 172 -0.10 -15.06 3.22
CA GLY J 172 1.07 -15.63 3.88
C GLY J 172 2.17 -14.69 4.36
N SER J 173 2.18 -13.44 3.93
CA SER J 173 3.11 -12.41 4.47
C SER J 173 2.50 -11.71 5.70
N THR J 174 1.72 -12.43 6.48
CA THR J 174 0.89 -11.84 7.50
C THR J 174 0.80 -12.87 8.62
N THR J 175 0.43 -12.45 9.80
CA THR J 175 0.37 -13.41 10.86
C THR J 175 -0.37 -14.69 10.43
N HIS J 176 0.31 -15.81 10.59
CA HIS J 176 -0.28 -17.09 10.22
C HIS J 176 -1.62 -17.34 10.92
N GLN J 177 -2.53 -18.04 10.24
CA GLN J 177 -3.83 -18.37 10.85
C GLN J 177 -4.63 -17.14 11.32
N ASN J 178 -4.57 -16.01 10.63
CA ASN J 178 -5.32 -14.84 11.15
C ASN J 178 -6.67 -14.63 10.46
N GLU J 179 -6.87 -15.36 9.38
CA GLU J 179 -8.15 -15.43 8.78
C GLU J 179 -8.31 -16.87 8.26
N PRO J 180 -9.54 -17.33 8.01
CA PRO J 180 -10.77 -16.63 8.36
C PRO J 180 -10.96 -16.55 9.88
N GLN J 181 -12.02 -15.83 10.28
CA GLN J 181 -12.41 -15.64 11.66
C GLN J 181 -13.81 -16.19 11.87
N GLN J 182 -13.86 -17.46 12.18
CA GLN J 182 -15.07 -18.20 12.19
C GLN J 182 -16.06 -17.67 13.20
N TRP J 183 -15.63 -16.83 14.13
CA TRP J 183 -16.61 -16.39 15.11
C TRP J 183 -16.99 -14.97 14.88
N VAL J 184 -16.68 -14.40 13.75
CA VAL J 184 -17.15 -13.06 13.53
C VAL J 184 -18.17 -13.04 12.39
N LEU J 185 -19.43 -12.70 12.68
CA LEU J 185 -20.44 -12.58 11.61
C LEU J 185 -20.00 -11.52 10.62
N PRO J 186 -20.28 -11.74 9.32
CA PRO J 186 -20.19 -10.70 8.25
C PRO J 186 -21.23 -9.63 8.50
N ASP J 187 -21.01 -8.46 7.90
CA ASP J 187 -22.04 -7.41 7.84
C ASP J 187 -22.90 -7.67 6.61
N TYR J 188 -24.04 -8.34 6.85
CA TYR J 188 -24.85 -8.84 5.76
C TYR J 188 -25.37 -7.74 4.82
N SER J 189 -25.53 -6.52 5.34
CA SER J 189 -25.83 -5.35 4.48
C SER J 189 -24.65 -4.43 4.25
N GLY J 190 -23.46 -4.86 4.61
CA GLY J 190 -22.28 -4.03 4.37
C GLY J 190 -22.04 -3.03 5.49
N ARG J 191 -21.25 -2.02 5.21
CA ARG J 191 -20.78 -1.15 6.28
C ARG J 191 -21.90 -0.30 6.83
N ASP J 192 -21.88 -0.08 8.14
CA ASP J 192 -22.89 0.74 8.77
C ASP J 192 -24.33 0.31 8.44
N SER J 193 -24.69 -0.85 8.96
CA SER J 193 -26.03 -1.41 8.86
C SER J 193 -26.14 -2.36 10.01
N HIS J 194 -27.28 -2.55 10.64
CA HIS J 194 -27.26 -3.59 11.65
C HIS J 194 -27.72 -4.92 11.06
N ASN J 195 -27.01 -6.00 11.37
CA ASN J 195 -27.50 -7.32 11.03
C ASN J 195 -28.90 -7.56 11.69
N VAL J 196 -29.79 -8.33 11.08
CA VAL J 196 -31.15 -8.42 11.65
C VAL J 196 -31.59 -9.86 11.68
N HIS J 197 -32.61 -10.14 12.49
CA HIS J 197 -33.17 -11.49 12.60
C HIS J 197 -32.15 -12.60 12.93
N LEU J 198 -31.12 -12.30 13.70
CA LEU J 198 -30.07 -13.30 13.89
C LEU J 198 -30.49 -14.45 14.80
N ALA J 199 -30.05 -15.65 14.50
CA ALA J 199 -30.09 -16.66 15.53
C ALA J 199 -29.37 -16.09 16.79
N PRO J 200 -29.86 -16.37 18.01
CA PRO J 200 -29.20 -15.81 19.22
C PRO J 200 -27.76 -16.31 19.36
N ALA J 201 -26.90 -15.50 19.98
CA ALA J 201 -25.60 -15.93 20.53
C ALA J 201 -25.79 -17.00 21.63
N VAL J 202 -24.88 -17.94 21.81
CA VAL J 202 -25.12 -18.93 22.87
C VAL J 202 -23.91 -18.99 23.81
N ALA J 203 -24.12 -19.52 25.02
CA ALA J 203 -23.03 -19.69 26.01
C ALA J 203 -23.36 -20.73 27.02
N PRO J 204 -22.34 -21.30 27.65
CA PRO J 204 -22.67 -22.25 28.72
C PRO J 204 -23.31 -21.49 29.83
N THR J 205 -24.18 -22.08 30.60
CA THR J 205 -24.73 -21.28 31.66
C THR J 205 -24.85 -22.08 32.92
N PHE J 206 -23.84 -22.89 33.18
CA PHE J 206 -23.86 -23.81 34.29
C PHE J 206 -22.39 -24.03 34.73
N PRO J 207 -22.13 -24.05 36.05
CA PRO J 207 -20.77 -24.11 36.54
C PRO J 207 -20.04 -25.28 35.98
N GLY J 208 -18.93 -25.05 35.29
CA GLY J 208 -18.07 -26.16 34.87
C GLY J 208 -18.37 -26.62 33.46
N GLU J 209 -19.36 -26.00 32.80
CA GLU J 209 -19.80 -26.46 31.48
C GLU J 209 -19.14 -25.65 30.41
N GLN J 210 -18.80 -26.25 29.29
CA GLN J 210 -18.36 -25.53 28.11
C GLN J 210 -19.22 -26.03 26.94
N LEU J 211 -19.33 -25.24 25.88
CA LEU J 211 -19.90 -25.70 24.67
C LEU J 211 -19.13 -26.90 24.08
N LEU J 212 -19.88 -27.81 23.44
CA LEU J 212 -19.28 -28.88 22.64
C LEU J 212 -19.43 -28.58 21.17
N PHE J 213 -18.33 -28.60 20.45
CA PHE J 213 -18.33 -28.16 19.05
C PHE J 213 -18.05 -29.35 18.12
N PHE J 214 -18.78 -29.36 17.01
CA PHE J 214 -18.68 -30.31 15.91
C PHE J 214 -17.73 -29.64 14.95
N ARG J 215 -16.53 -30.20 14.92
CA ARG J 215 -15.43 -29.59 14.21
C ARG J 215 -15.06 -30.21 12.86
N SER J 216 -14.83 -29.35 11.87
CA SER J 216 -14.17 -29.77 10.62
C SER J 216 -12.95 -28.88 10.35
N THR J 217 -12.08 -29.35 9.45
CA THR J 217 -11.00 -28.58 8.90
C THR J 217 -11.32 -28.13 7.46
N MET J 218 -11.53 -26.86 7.18
CA MET J 218 -11.79 -26.52 5.82
C MET J 218 -10.55 -26.66 4.96
N PRO J 219 -10.69 -26.99 3.67
CA PRO J 219 -9.55 -26.94 2.75
C PRO J 219 -8.93 -25.54 2.64
N GLY J 220 -7.61 -25.49 2.55
CA GLY J 220 -6.95 -24.22 2.35
C GLY J 220 -6.39 -24.12 0.96
N CYS J 221 -6.67 -23.03 0.30
CA CYS J 221 -6.27 -22.86 -1.06
C CYS J 221 -5.04 -22.03 -1.25
N SER J 222 -4.66 -21.24 -0.27
CA SER J 222 -3.45 -20.48 -0.37
C SER J 222 -3.13 -19.92 0.98
N GLY J 223 -1.86 -19.61 1.23
CA GLY J 223 -1.45 -19.02 2.47
C GLY J 223 -1.41 -19.92 3.66
N TYR J 224 -1.59 -19.33 4.83
CA TYR J 224 -1.70 -20.09 6.07
C TYR J 224 -3.06 -19.82 6.76
N PRO J 225 -4.16 -20.22 6.14
CA PRO J 225 -5.46 -19.82 6.68
C PRO J 225 -5.70 -20.60 7.99
N ASN J 226 -6.53 -20.11 8.90
CA ASN J 226 -7.00 -20.92 10.04
C ASN J 226 -8.14 -21.81 9.57
N MET J 227 -7.97 -23.12 9.59
CA MET J 227 -8.92 -23.95 8.91
C MET J 227 -9.94 -24.61 9.80
N ASN J 228 -9.83 -24.42 11.13
CA ASN J 228 -10.86 -24.90 12.07
C ASN J 228 -12.21 -24.35 11.79
N LEU J 229 -13.21 -25.22 11.73
CA LEU J 229 -14.57 -24.75 11.50
C LEU J 229 -15.47 -25.57 12.34
N ASP J 230 -16.17 -24.90 13.28
CA ASP J 230 -16.97 -25.51 14.38
C ASP J 230 -18.45 -25.18 14.27
N CYS J 231 -19.31 -26.18 14.33
CA CYS J 231 -20.70 -25.84 14.30
C CYS J 231 -21.37 -26.38 15.54
N LEU J 232 -22.53 -25.83 15.87
CA LEU J 232 -23.22 -26.26 17.07
C LEU J 232 -24.06 -27.55 16.89
N LEU J 233 -24.50 -27.83 15.67
CA LEU J 233 -25.32 -28.99 15.32
C LEU J 233 -24.83 -29.53 13.99
N PRO J 234 -24.66 -30.85 13.88
CA PRO J 234 -24.43 -31.41 12.54
C PRO J 234 -25.61 -31.13 11.62
N GLN J 235 -25.35 -31.05 10.35
CA GLN J 235 -26.41 -30.73 9.41
C GLN J 235 -27.53 -31.78 9.50
N GLU J 236 -27.13 -33.05 9.56
CA GLU J 236 -28.07 -34.16 9.74
C GLU J 236 -28.96 -34.02 10.94
N TRP J 237 -28.49 -33.45 12.06
CA TRP J 237 -29.40 -33.28 13.22
C TRP J 237 -30.46 -32.20 12.95
N VAL J 238 -30.07 -31.17 12.17
CA VAL J 238 -30.95 -30.12 11.78
C VAL J 238 -32.02 -30.73 10.88
N GLN J 239 -31.56 -31.44 9.86
CA GLN J 239 -32.49 -32.21 9.04
C GLN J 239 -33.40 -33.08 9.89
N HIS J 240 -32.83 -33.80 10.85
CA HIS J 240 -33.63 -34.75 11.57
C HIS J 240 -34.68 -34.03 12.38
N PHE J 241 -34.31 -32.92 13.02
CA PHE J 241 -35.20 -32.26 13.97
C PHE J 241 -36.28 -31.65 13.13
N TYR J 242 -35.96 -31.14 11.97
CA TYR J 242 -36.98 -30.55 11.16
C TYR J 242 -38.06 -31.62 10.76
N GLN J 243 -37.67 -32.77 10.22
CA GLN J 243 -38.62 -33.87 9.97
C GLN J 243 -39.38 -34.27 11.20
N GLU J 244 -38.70 -34.59 12.30
CA GLU J 244 -39.44 -35.12 13.46
C GLU J 244 -40.33 -34.14 14.20
N SER J 245 -39.91 -32.89 14.27
CA SER J 245 -40.60 -31.89 15.12
C SER J 245 -41.08 -32.36 16.46
N ALA J 246 -40.26 -33.05 17.25
CA ALA J 246 -40.75 -33.56 18.53
C ALA J 246 -40.80 -32.46 19.59
N PRO J 247 -41.87 -32.42 20.38
CA PRO J 247 -41.98 -31.39 21.42
C PRO J 247 -40.93 -31.58 22.49
N ALA J 248 -40.30 -30.48 22.95
CA ALA J 248 -39.39 -30.52 24.06
C ALA J 248 -40.18 -30.66 25.34
N GLN J 249 -39.82 -31.60 26.19
CA GLN J 249 -40.52 -31.72 27.47
C GLN J 249 -39.81 -31.03 28.59
N SER J 250 -38.65 -30.43 28.35
CA SER J 250 -38.06 -29.59 29.33
C SER J 250 -37.07 -28.79 28.52
N ASP J 251 -36.07 -28.21 29.16
CA ASP J 251 -35.15 -27.28 28.51
C ASP J 251 -33.87 -27.98 28.03
N VAL J 252 -33.63 -29.19 28.52
CA VAL J 252 -32.40 -29.83 28.29
C VAL J 252 -32.67 -31.26 27.98
N ALA J 253 -32.07 -31.73 26.90
CA ALA J 253 -32.15 -33.11 26.50
C ALA J 253 -30.82 -33.82 26.86
N LEU J 254 -30.91 -34.82 27.74
CA LEU J 254 -29.70 -35.49 28.13
C LEU J 254 -29.20 -36.49 27.08
N LEU J 255 -28.07 -36.29 26.43
CA LEU J 255 -27.59 -37.31 25.51
C LEU J 255 -26.44 -38.10 26.07
N ARG J 256 -26.31 -39.35 25.70
CA ARG J 256 -25.16 -40.15 26.09
C ARG J 256 -24.44 -40.45 24.79
N PHE J 257 -23.12 -40.51 24.84
CA PHE J 257 -22.36 -40.88 23.69
C PHE J 257 -21.85 -42.30 23.93
N VAL J 258 -22.27 -43.22 23.07
CA VAL J 258 -22.22 -44.64 23.38
C VAL J 258 -21.37 -45.37 22.38
N ASN J 259 -20.61 -46.35 22.87
CA ASN J 259 -19.85 -47.22 22.01
C ASN J 259 -20.63 -48.49 21.63
N PRO J 260 -21.17 -48.56 20.40
CA PRO J 260 -22.11 -49.69 20.25
C PRO J 260 -21.46 -51.07 20.44
N ASP J 261 -20.13 -51.17 20.33
CA ASP J 261 -19.40 -52.43 20.56
C ASP J 261 -19.63 -52.95 21.96
N THR J 262 -19.06 -52.23 22.92
CA THR J 262 -19.06 -52.63 24.30
C THR J 262 -20.38 -52.26 25.02
N GLY J 263 -21.22 -51.45 24.39
CA GLY J 263 -22.32 -50.80 25.15
C GLY J 263 -21.95 -49.70 26.16
N ARG J 264 -20.67 -49.33 26.28
CA ARG J 264 -20.32 -48.35 27.30
C ARG J 264 -20.54 -46.94 26.87
N VAL J 265 -21.06 -46.16 27.79
CA VAL J 265 -21.18 -44.72 27.64
C VAL J 265 -19.87 -44.01 27.86
N LEU J 266 -19.42 -43.20 26.91
CA LEU J 266 -18.14 -42.47 27.03
C LEU J 266 -18.28 -41.16 27.83
N PHE J 267 -19.24 -40.32 27.49
CA PHE J 267 -19.51 -39.11 28.26
C PHE J 267 -20.97 -38.83 28.06
N GLU J 268 -21.49 -37.84 28.77
CA GLU J 268 -22.88 -37.49 28.62
C GLU J 268 -22.94 -36.01 28.37
N CYS J 269 -23.96 -35.46 27.72
CA CYS J 269 -23.92 -34.01 27.47
C CYS J 269 -25.34 -33.48 27.38
N LYS J 270 -25.46 -32.18 27.18
CA LYS J 270 -26.73 -31.54 27.26
C LYS J 270 -27.00 -30.96 25.88
N LEU J 271 -28.14 -31.36 25.31
CA LEU J 271 -28.58 -30.73 24.09
C LEU J 271 -29.70 -29.79 24.54
N HIS J 272 -29.38 -28.49 24.58
CA HIS J 272 -30.36 -27.49 25.02
C HIS J 272 -31.43 -27.37 23.92
N LYS J 273 -32.70 -27.20 24.31
CA LYS J 273 -33.75 -27.16 23.31
C LYS J 273 -33.60 -26.14 22.23
N SER J 274 -32.84 -25.11 22.44
CA SER J 274 -32.67 -24.13 21.41
C SER J 274 -31.61 -24.46 20.41
N GLY J 275 -30.91 -25.57 20.56
CA GLY J 275 -29.94 -25.94 19.57
C GLY J 275 -28.47 -26.19 19.76
N TYR J 276 -27.96 -26.18 20.96
CA TYR J 276 -26.54 -26.34 21.15
C TYR J 276 -26.25 -27.31 22.22
N VAL J 277 -25.00 -27.68 22.38
CA VAL J 277 -24.64 -28.70 23.34
C VAL J 277 -23.55 -28.25 24.32
N THR J 278 -23.62 -28.72 25.54
CA THR J 278 -22.57 -28.42 26.50
C THR J 278 -22.09 -29.71 27.22
N VAL J 279 -20.86 -29.70 27.74
CA VAL J 279 -20.29 -30.85 28.45
C VAL J 279 -19.62 -30.26 29.70
N ALA J 280 -19.42 -31.13 30.70
CA ALA J 280 -18.70 -30.79 31.90
C ALA J 280 -17.18 -30.98 31.71
N HIS J 281 -16.50 -29.90 31.32
CA HIS J 281 -15.07 -29.90 31.15
C HIS J 281 -14.53 -28.47 31.30
N THR J 282 -13.30 -28.36 31.80
CA THR J 282 -12.62 -27.06 31.89
C THR J 282 -11.29 -27.15 31.18
N GLY J 283 -11.18 -26.38 30.11
CA GLY J 283 -10.02 -26.39 29.26
C GLY J 283 -10.30 -26.80 27.82
N GLN J 284 -9.32 -26.56 26.96
CA GLN J 284 -9.47 -26.87 25.56
C GLN J 284 -9.18 -28.32 25.40
N HIS J 285 -9.99 -29.02 24.58
CA HIS J 285 -9.84 -30.43 24.47
C HIS J 285 -10.34 -31.03 23.18
N ASP J 286 -9.49 -31.83 22.55
CA ASP J 286 -9.86 -32.67 21.43
C ASP J 286 -10.27 -34.07 21.96
N LEU J 287 -11.57 -34.36 21.86
CA LEU J 287 -12.11 -35.60 22.40
C LEU J 287 -11.59 -36.76 21.62
N VAL J 288 -11.17 -37.79 22.35
CA VAL J 288 -10.78 -39.05 21.74
C VAL J 288 -11.97 -39.97 21.85
N ILE J 289 -12.46 -40.45 20.71
CA ILE J 289 -13.70 -41.21 20.69
C ILE J 289 -13.56 -42.43 19.82
N PRO J 290 -14.21 -43.51 20.20
CA PRO J 290 -14.22 -44.67 19.29
C PRO J 290 -14.85 -44.31 17.93
N PRO J 291 -14.27 -44.76 16.83
CA PRO J 291 -14.78 -44.30 15.52
C PRO J 291 -16.23 -44.74 15.24
N ASN J 292 -16.70 -45.72 15.97
CA ASN J 292 -18.05 -46.11 15.71
C ASN J 292 -19.02 -45.67 16.77
N GLY J 293 -18.64 -44.72 17.62
CA GLY J 293 -19.57 -44.24 18.67
C GLY J 293 -20.60 -43.26 18.14
N TYR J 294 -21.60 -42.92 18.95
CA TYR J 294 -22.64 -42.02 18.43
C TYR J 294 -23.50 -41.51 19.59
N PHE J 295 -24.37 -40.53 19.30
CA PHE J 295 -25.18 -39.88 20.32
C PHE J 295 -26.51 -40.57 20.44
N ARG J 296 -27.00 -40.68 21.68
CA ARG J 296 -28.28 -41.27 21.96
C ARG J 296 -29.02 -40.43 23.01
N PHE J 297 -30.19 -39.91 22.70
CA PHE J 297 -31.02 -39.21 23.68
C PHE J 297 -31.51 -40.19 24.72
N ASP J 298 -31.35 -39.93 26.03
CA ASP J 298 -31.94 -40.75 27.12
C ASP J 298 -33.10 -40.10 27.86
N SER J 299 -33.05 -38.83 28.22
CA SER J 299 -34.25 -38.30 28.83
C SER J 299 -34.22 -36.79 28.90
N TRP J 300 -35.39 -36.21 29.17
CA TRP J 300 -35.49 -34.78 29.36
C TRP J 300 -35.21 -34.42 30.82
N VAL J 301 -34.35 -33.44 31.08
CA VAL J 301 -33.98 -33.13 32.43
C VAL J 301 -34.07 -31.62 32.62
N ASN J 302 -33.90 -31.14 33.85
CA ASN J 302 -34.04 -29.73 34.05
C ASN J 302 -32.67 -29.03 34.05
N GLN J 303 -32.70 -27.70 34.09
CA GLN J 303 -31.43 -26.96 34.06
C GLN J 303 -30.42 -27.20 35.11
N PHE J 304 -30.85 -27.68 36.30
CA PHE J 304 -29.92 -28.05 37.36
C PHE J 304 -29.40 -29.49 37.41
N TYR J 305 -29.53 -30.23 36.33
CA TYR J 305 -28.92 -31.54 36.27
C TYR J 305 -27.34 -31.45 36.19
N THR J 306 -26.61 -32.12 37.07
CA THR J 306 -25.16 -32.13 36.93
C THR J 306 -24.57 -33.22 36.04
N LEU J 307 -23.84 -32.89 35.00
CA LEU J 307 -23.30 -33.96 34.16
C LEU J 307 -22.09 -34.57 34.80
N ALA J 308 -21.88 -35.86 34.60
CA ALA J 308 -20.62 -36.53 34.94
C ALA J 308 -19.52 -35.84 34.15
N PRO J 309 -18.37 -35.63 34.76
CA PRO J 309 -17.26 -35.01 34.02
C PRO J 309 -16.89 -35.77 32.74
N MET J 310 -16.91 -35.12 31.60
CA MET J 310 -16.34 -35.67 30.41
C MET J 310 -14.87 -36.11 30.64
N GLY J 311 -14.56 -37.39 30.56
CA GLY J 311 -13.14 -37.74 30.77
C GLY J 311 -12.30 -36.65 30.11
C1 GAL K . 25.77 16.77 33.99
C2 GAL K . 26.60 16.16 32.87
C3 GAL K . 27.94 15.70 33.42
C4 GAL K . 28.61 16.86 34.17
C5 GAL K . 27.66 17.48 35.20
C6 GAL K . 28.33 18.67 35.86
O1 GAL K . 24.50 17.18 33.48
O2 GAL K . 25.89 15.03 32.32
O3 GAL K . 28.77 15.28 32.34
O4 GAL K . 29.02 17.86 33.23
O5 GAL K . 26.46 17.92 34.53
O6 GAL K . 28.62 18.35 37.23
C1 FUC K . 25.72 15.21 30.91
C2 FUC K . 25.88 13.86 30.21
C3 FUC K . 24.79 12.89 30.65
C4 FUC K . 23.41 13.55 30.60
C5 FUC K . 23.43 14.92 31.27
C6 FUC K . 22.06 15.58 31.13
O2 FUC K . 27.17 13.31 30.50
O3 FUC K . 24.80 11.74 29.79
O4 FUC K . 23.00 13.70 29.23
O5 FUC K . 24.42 15.75 30.65
O5 A2G K . 29.95 13.85 33.78
C1 A2G K . 30.08 14.93 32.85
C2 A2G K . 30.98 14.51 31.69
N2 A2G K . 31.07 15.61 30.71
C3 A2G K . 30.44 13.25 31.01
O3 A2G K . 31.42 12.73 30.11
C4 A2G K . 30.07 12.18 32.03
O4 A2G K . 31.27 11.61 32.58
C5 A2G K . 29.23 12.78 33.17
C6 A2G K . 28.95 11.68 34.21
O6 A2G K . 28.85 10.41 33.56
C7 A2G K . 32.06 16.48 30.72
O7 A2G K . 32.98 16.46 31.54
C8 A2G K . 32.00 17.55 29.63
C1 GAL L . 0.69 34.10 24.60
C2 GAL L . 0.21 32.75 24.11
C3 GAL L . -0.48 32.92 22.76
C4 GAL L . -1.56 33.99 22.87
C5 GAL L . -1.01 35.27 23.49
C6 GAL L . -2.13 36.29 23.66
O1 GAL L . 1.35 33.93 25.86
O2 GAL L . 1.34 31.87 23.96
O3 GAL L . -1.07 31.67 22.36
O4 GAL L . -2.63 33.50 23.67
O5 GAL L . -0.43 34.98 24.77
O6 GAL L . -1.85 37.45 22.87
C1 FUC L . 1.08 30.63 24.64
C2 FUC L . 1.59 29.46 23.79
C3 FUC L . 3.10 29.53 23.62
C4 FUC L . 3.80 29.78 24.96
C5 FUC L . 3.13 30.93 25.72
C6 FUC L . 3.80 31.10 27.09
O2 FUC L . 0.96 29.49 22.51
O3 FUC L . 3.58 28.32 23.05
O4 FUC L . 3.75 28.59 25.75
O5 FUC L . 1.74 30.63 25.91
O5 A2G L . -1.44 31.69 20.05
C1 A2G L . -2.03 31.91 21.32
C2 A2G L . -3.22 30.96 21.51
N2 A2G L . -3.81 31.16 22.84
C3 A2G L . -2.78 29.50 21.35
O3 A2G L . -3.93 28.67 21.28
C4 A2G L . -1.92 29.32 20.10
O4 A2G L . -2.75 29.40 18.94
C5 A2G L . -0.83 30.38 20.02
C6 A2G L . -0.04 30.21 18.72
O6 A2G L . 0.36 28.85 18.58
C7 A2G L . -5.11 31.01 23.06
O7 A2G L . -5.93 30.71 22.19
C8 A2G L . -5.55 31.26 24.51
C1 GAL M . 51.69 4.69 24.67
C2 GAL M . 50.78 5.90 24.76
C3 GAL M . 50.07 5.91 26.11
C4 GAL M . 49.38 4.55 26.33
C5 GAL M . 50.36 3.40 26.10
C6 GAL M . 49.61 2.07 26.25
O1 GAL M . 52.37 4.69 23.40
O2 GAL M . 51.56 7.09 24.63
O3 GAL M . 49.09 6.95 26.13
O4 GAL M . 48.28 4.44 25.43
O5 GAL M . 50.91 3.49 24.77
O6 GAL M . 50.30 1.24 27.19
C1 FUC M . 51.07 7.87 23.53
C2 FUC M . 51.03 9.35 23.91
C3 FUC M . 52.43 9.87 24.22
C4 FUC M . 53.42 9.47 23.12
C5 FUC M . 53.29 7.98 22.78
C6 FUC M . 54.24 7.64 21.63
O2 FUC M . 50.21 9.52 25.07
O3 FUC M . 52.40 11.30 24.33
O4 FUC M . 53.16 10.26 21.95
O5 FUC M . 51.94 7.70 22.39
O5 A2G M . 48.87 7.27 28.44
C1 A2G M . 48.22 6.78 27.26
C2 A2G M . 46.92 7.54 27.02
N2 A2G M . 46.29 7.05 25.79
C3 A2G M . 47.17 9.04 26.92
O3 A2G M . 45.92 9.73 26.95
C4 A2G M . 48.06 9.52 28.06
O4 A2G M . 47.31 9.54 29.28
C5 A2G M . 49.29 8.63 28.22
C6 A2G M . 50.12 9.10 29.41
O6 A2G M . 50.90 10.23 29.03
C7 A2G M . 45.44 6.03 25.78
O7 A2G M . 45.10 5.40 26.78
C8 A2G M . 44.87 5.67 24.41
C1 GAL N . -5.77 -19.35 -68.06
C2 GAL N . -4.30 -19.09 -67.79
C3 GAL N . -3.48 -20.28 -68.25
C4 GAL N . -4.03 -21.55 -67.60
C5 GAL N . -5.54 -21.67 -67.83
C6 GAL N . -6.07 -22.91 -67.11
O1 GAL N . -6.54 -18.21 -67.66
O2 GAL N . -3.88 -17.92 -68.50
O3 GAL N . -2.11 -20.11 -67.86
O4 GAL N . -3.76 -21.54 -66.20
O5 GAL N . -6.20 -20.50 -67.32
O6 GAL N . -7.26 -23.38 -67.76
C1 FUC N . -3.35 -16.95 -67.58
C2 FUC N . -2.12 -16.27 -68.19
C3 FUC N . -2.50 -15.49 -69.45
C4 FUC N . -3.73 -14.61 -69.21
C5 FUC N . -4.84 -15.41 -68.51
C6 FUC N . -6.02 -14.48 -68.22
O2 FUC N . -1.14 -17.27 -68.52
O3 FUC N . -1.40 -14.67 -69.85
O4 FUC N . -3.36 -13.51 -68.38
O5 FUC N . -4.35 -15.96 -67.29
O5 A2G N . -1.31 -21.49 -69.58
C1 A2G N . -1.37 -21.29 -68.16
C2 A2G N . 0.05 -21.17 -67.60
N2 A2G N . -0.01 -20.92 -66.15
C3 A2G N . 0.80 -20.01 -68.28
O3 A2G N . 2.19 -20.08 -67.94
C4 A2G N . 0.65 -20.09 -69.80
O4 A2G N . 1.44 -21.16 -70.32
C5 A2G N . -0.81 -20.29 -70.20
C6 A2G N . -0.91 -20.43 -71.73
O6 A2G N . -0.29 -19.30 -72.35
C7 A2G N . 0.15 -21.91 -65.27
O7 A2G N . 0.35 -23.08 -65.57
C8 A2G N . 0.05 -21.48 -63.80
C1 GAL O . -21.45 17.74 13.26
C2 GAL O . -20.91 18.66 14.34
C3 GAL O . -20.17 19.82 13.69
C4 GAL O . -19.12 19.28 12.72
C5 GAL O . -19.74 18.27 11.75
C6 GAL O . -18.65 17.71 10.84
O1 GAL O . -22.16 16.66 13.86
O2 GAL O . -22.00 19.16 15.13
O3 GAL O . -19.52 20.60 14.72
O4 GAL O . -18.07 18.64 13.46
O5 GAL O . -20.36 17.21 12.49
O6 GAL O . -18.53 18.51 9.66
C1 FUC O . -21.81 18.77 16.50
C2 FUC O . -22.09 19.97 17.41
C3 FUC O . -23.55 20.43 17.28
C4 FUC O . -24.50 19.24 17.38
C5 FUC O . -24.06 18.10 16.47
C6 FUC O . -25.00 16.91 16.65
O2 FUC O . -21.22 21.04 17.06
O3 FUC O . -23.85 21.37 18.31
O4 FUC O . -24.57 18.79 18.73
O5 FUC O . -22.72 17.71 16.82
O5 A2G O . -19.02 22.69 13.78
C1 A2G O . -18.49 21.40 14.12
C2 A2G O . -17.34 21.57 15.11
N2 A2G O . -16.82 20.25 15.50
C3 A2G O . -17.80 22.31 16.37
O3 A2G O . -16.66 22.68 17.15
C4 A2G O . -18.59 23.58 15.99
O4 A2G O . -17.69 24.57 15.49
C5 A2G O . -19.65 23.27 14.93
C6 A2G O . -20.35 24.56 14.53
O6 A2G O . -21.25 24.96 15.57
C7 A2G O . -15.56 19.90 15.31
O7 A2G O . -14.71 20.64 14.80
C8 A2G O . -15.20 18.49 15.76
C1 GAL P . 22.75 -28.03 -61.65
C2 GAL P . 21.29 -27.92 -61.27
C3 GAL P . 20.42 -28.54 -62.36
C4 GAL P . 20.78 -27.92 -63.71
C5 GAL P . 22.28 -27.98 -63.95
C6 GAL P . 22.61 -27.27 -65.27
O1 GAL P . 23.56 -27.48 -60.62
O2 GAL P . 21.06 -28.61 -60.02
O3 GAL P . 19.03 -28.30 -62.06
O4 GAL P . 20.34 -26.56 -63.74
O5 GAL P . 22.98 -27.32 -62.88
O6 GAL P . 21.95 -27.94 -66.35
C1 FUC P . 20.66 -27.67 -59.02
C2 FUC P . 19.39 -28.18 -58.33
C3 FUC P . 19.67 -29.49 -57.59
C4 FUC P . 20.94 -29.39 -56.74
C5 FUC P . 22.10 -28.79 -57.55
C6 FUC P . 23.33 -28.64 -56.66
O2 FUC P . 18.36 -28.39 -59.29
O3 FUC P . 18.56 -29.82 -56.74
O4 FUC P . 20.69 -28.57 -55.60
O5 FUC P . 21.71 -27.51 -58.06
O5 A2G P . 17.74 -29.82 -63.29
C1 A2G P . 18.26 -28.48 -63.25
C2 A2G P . 17.10 -27.48 -63.26
N2 A2G P . 17.64 -26.11 -63.18
C3 A2G P . 16.15 -27.73 -62.09
O3 A2G P . 14.96 -26.95 -62.27
C4 A2G P . 15.79 -29.21 -61.99
O4 A2G P . 14.89 -29.56 -63.04
C5 A2G P . 17.04 -30.09 -62.06
C6 A2G P . 16.63 -31.56 -62.03
O6 A2G P . 17.16 -32.18 -60.86
C7 A2G P . 17.24 -25.15 -64.00
O7 A2G P . 16.40 -25.31 -64.89
C8 A2G P . 17.90 -23.79 -63.78
C1 GAL Q . 1.94 -17.17 -1.31
C2 GAL Q . 1.38 -18.22 -2.26
C3 GAL Q . 1.76 -17.86 -3.69
C4 GAL Q . 1.33 -16.42 -3.99
C5 GAL Q . 1.84 -15.46 -2.91
C6 GAL Q . 1.33 -14.05 -3.19
O1 GAL Q . 1.62 -17.52 0.04
O2 GAL Q . 1.91 -19.50 -1.93
O3 GAL Q . 1.09 -18.75 -4.59
O4 GAL Q . -0.10 -16.34 -4.04
O5 GAL Q . 1.38 -15.89 -1.62
O6 GAL Q . 2.37 -13.09 -2.91
C1 FUC Q . 0.86 -20.35 -1.45
C2 FUC Q . 0.94 -21.71 -2.15
C3 FUC Q . 2.25 -22.42 -1.79
C4 FUC Q . 2.50 -22.39 -0.27
C5 FUC Q . 2.31 -20.98 0.28
C6 FUC Q . 2.49 -20.99 1.79
O2 FUC Q . 0.86 -21.54 -3.56
O3 FUC Q . 2.19 -23.78 -2.23
O4 FUC Q . 1.61 -23.30 0.37
O5 FUC Q . 0.99 -20.52 -0.04
O5 A2G Q . 2.19 -18.49 -6.65
C1 A2G Q . 1.02 -18.14 -5.89
C2 A2G Q . -0.23 -18.64 -6.62
N2 A2G Q . -1.42 -18.33 -5.83
C3 A2G Q . -0.16 -20.16 -6.86
O3 A2G Q . -1.20 -20.54 -7.76
C4 A2G Q . 1.20 -20.55 -7.45
O4 A2G Q . 1.26 -20.13 -8.81
C5 A2G Q . 2.35 -19.92 -6.66
C6 A2G Q . 3.68 -20.28 -7.32
O6 A2G Q . 4.35 -21.27 -6.54
C7 A2G Q . -2.29 -17.38 -6.19
O7 A2G Q . -2.17 -16.71 -7.21
C8 A2G Q . -3.47 -17.19 -5.24
C1 GAL R . -13.34 -23.96 -25.80
C2 GAL R . -13.32 -23.17 -24.50
C3 GAL R . -12.03 -22.38 -24.41
C4 GAL R . -10.84 -23.31 -24.61
C5 GAL R . -11.01 -24.14 -25.88
C6 GAL R . -9.84 -25.13 -26.01
O1 GAL R . -14.57 -24.68 -25.91
O2 GAL R . -14.44 -22.28 -24.46
O3 GAL R . -11.94 -21.76 -23.12
O4 GAL R . -10.72 -24.19 -23.49
O5 GAL R . -12.24 -24.88 -25.82
O6 GAL R . -8.90 -24.63 -26.97
C1 FUC R . -15.18 -22.49 -23.25
C2 FUC R . -15.42 -21.15 -22.56
C3 FUC R . -16.28 -20.22 -23.43
C4 FUC R . -17.52 -20.96 -23.96
C5 FUC R . -17.13 -22.32 -24.55
C6 FUC R . -18.39 -23.06 -25.00
O2 FUC R . -14.16 -20.51 -22.30
O3 FUC R . -16.69 -19.08 -22.66
O4 FUC R . -18.44 -21.15 -22.89
O5 FUC R . -16.44 -23.09 -23.56
O5 A2G R . -10.15 -20.26 -23.03
C1 A2G R . -10.56 -21.60 -22.76
C2 A2G R . -10.38 -21.90 -21.27
N2 A2G R . -10.86 -23.26 -20.99
C3 A2G R . -11.17 -20.90 -20.42
O3 A2G R . -10.79 -21.05 -19.04
C4 A2G R . -10.91 -19.47 -20.87
O4 A2G R . -9.59 -19.07 -20.48
C5 A2G R . -11.04 -19.34 -22.39
C6 A2G R . -10.71 -17.91 -22.82
O6 A2G R . -11.73 -17.02 -22.36
C7 A2G R . -10.06 -24.19 -20.46
O7 A2G R . -8.89 -23.99 -20.17
C8 A2G R . -10.72 -25.55 -20.22
#